data_8RD4
#
_entry.id   8RD4
#
loop_
_entity.id
_entity.type
_entity.pdbx_description
1 polymer 'DNA-dependent protein kinase catalytic subunit'
2 polymer 'Telomeric repeat-binding factor 2-interacting protein 1'
3 polymer 'X-ray repair cross-complementing protein 6'
4 polymer 'X-ray repair cross-complementing protein 5'
5 polymer 'DNA (41-MER)'
6 polymer 'DNA (41-MER)'
#
loop_
_entity_poly.entity_id
_entity_poly.type
_entity_poly.pdbx_seq_one_letter_code
_entity_poly.pdbx_strand_id
1 'polypeptide(L)'
;MAGSGAGVRCSLLRLQETLSAADRCGAALAGHQLIRGLGQECVLSSSPAVLALQTSLVFSRDFGLLVFVRKSLNSIEFRE
CREEILKFLCIFLEKMGQKIAPYSVEIKNTCTSVYTKDRAAKCKIPALDLLIKLLQTFRSSRLMDEFKIGELFSKFYGEL
ALKKKIPDTVLEKVYELLGLLGEVHPSEMINNAENLFRAFLGELKTQMTSAVREPKLPVLAGCLKGLSSLLCNFTKSMEE
DPQTSREIFNFVLKAIRPQIDLKRYAVPSAGLRLFALHASQFSTCLLDNYVSLFEVLLKWCAHTNVELKKAALSALESFL
KQVSNMVAKNAEMHKNKLQYFMEQFYGIIRNVDSNNKELSIAIRGYGLFAGPCKVINAKDVDFMYVELIQRCKQMFLTQT
DTGDDRVYQMPSFLQSVASVLLYLDTVPEVYTPVLEHLVVMQIDSFPQYSPKMQLVCCRAIVKVFLALAAKGPVLRNCIS
TVVHQGLIRICSKPVVLPKGPESESEDHRASGEVRTGKWKVPTYKDYVDLFRHLLSSDQMMDSILADEAFFSVNSSSESL
NHLLYDEFVKSVLKIVEKLDLTLEIQTVGEQENGDEAPGVWMIPTSDPAANLHPAKPKDFSAFINLVEFCREILPEKQAE
FFEPWVYSFSYELILQSTRLPLISGFYKLLSITVRNAKKIKYFEGVSPKSLKHSPEDPEKYSCFALFVKFGKEVAVKMKQ
YKDELLASCLTFLLSLPHNIIELDVRAYVPALQMAFKLGLSYTPLAEVGLNALEEWSIYIDRHVMQPYYKDILPCLDGYL
KTSALSDETKNNWEVSALSRAAQKGFNKVVLKHLKKTKNLSSNEAISLEEIRIRVVQMLGSLGGQINKNLLTVTSSDEMM
KSYVAWDREKRLSFAVPFREMKPVIFLDVFLPRVTELALTASDRQTKVAACELLHSMVMFMLGKATQMPEGGQGAPPMYQ
LYKRTFPVLLRLACDVDQVTRQLYEPLVMQLIHWFTNNKKFESQDTVALLEAILDGIVDPVDSTLRDFCGRCIREFLKWS
IKQITPQQQEKSPVNTKSLFKRLYSLALHPNAFKRLGASLAFNNIYREFREEESLVEQFVFEALVIYMESLALAHADEKS
LGTIQQCCDAIDHLCRIIEKKHVSLNKAKKRRLPRGFPPSASLCLLDLVKWLLAHCGRPQTECRHKSIELFYKFVPLLPG
NRSPNLWLKDVLKEEGVSFLINTFEGGGCGQPSGILAQPTLLYLRGPFSLQATLCWLDLLLAALECYNTFIGERTVGALQ
VLGTEAQSSLLKAVAFFLESIAMHDIIAAEKCFGTGAAGNRTSPQEGERYNYSKCTVVVRIMEFTTTLLNTSPEGWKLLK
KDLCNTHLMRVLVQTLCEPASIGFNIGDVQVMAHLPDVCVNLMKALKMSPYKDILETHLREKITAQSIEELCAVNLYGPD
AQVDRSRLAAVVSACKQLHRAGLLHNILPSQSTDLHHSVGTELLSLVYKGIAPGDERQCLPSLDLSCKQLASGLLELAFA
FGGLCERLVSLLLNPAVLSTASLGSSQGSVIHFSHGEYFYSLFSETINTELLKNLDLAVLELMQSSVDNTKMVSAVLNGM
LDQSFRERANQKHQGLKLATTILQHWKKCDSWWAKDSPLETKMAVLALLAKILQIDSSVSFNTSHGSFPEVFTTYISLLA
DTKLDLHLKGQAVTLLPFFTSLTGGSLEELRRVLEQLIVAHFPMQSREFPPGTPRFNNYVDCMKKFLDALELSQSPMLLE
LMTEVLCREQQHVMEELFQSSFRRIARRGSCVTQVGLLESVYEMFRKDDPRLSFTRQSFVDRSLLTLLWHCSLDALREFF
STIVVDAIDVLKSRFTKLNESTFDTQITKKMGYYKILDVMYSRLPKDDVHAKESKINQVFHGSCITEGNELTKTLIKLCY
DAFTENMAGENQLLERRRLYHCAAYNCAISVICCVFNELKFYQGFLFSEKPEKNLLIFENLIDLKRRYNFPVEVEVPMER
KKKYIEIRKEAREAANGDSDGPSYMSSLSYLADSTLSEEMSQFDFSTGVQSYSYSSQDPRPATGRFRRREQRDPTVHDDV
LELEMDELNRHECMAPLTALVKHMHRSLGPPQGEEDSVPRDLPSWMKFLHGKLGNPIVPLNIRLFLAKLVINTEEVFRPY
AKHWLSPLLQLAASENNGGEGIHYMVVEIVATILSWTGLATPTGVPKDEVLANRLLNFLMKHVFHPKRAVFRHNLEIIKT
LVECWKDCLSIPYRLIFEKFSGKDPNSKDNSVGIQLLGIVMANDLPPYDPQCGIQSSEYFQALVNNMSFVRYKEVYAAAA
EVLGLILRYVMERKNILEESLCELVAKQLKQHQNTMEDKFIVCLNKVTKSFPPLADRFMNAVFFLLPKFHGVLKTLCLEV
VLCRVEGMTELYFQLKSKDFVQVMRHRDDERQKVCLDIIYKMMPKLKPVELRELLNPVVEFVSHPSTTCREQMYNILMWI
HDNYRDPESETDNDSQEIFKLAKDVLIQGLIDENPGLQLIIRNFWSHETRLPSNTLDRLLALNSLYSPKIEVHFLSLATN
FLLEMTSMSPDYPNPMFEHPLSECEFQEYTIDSDWRFRSTVLTPMFVETQASQGTLQTRTQEGSLSARWPVAGQIRATQQ
QHDFTLTQTADGRSSFDWLTGSSTDPLVDHTSPSSDSLLFAHKRSERLQRAPLKSVGPDFGKKRLGLPGDEVDNKVKGAA
GRTDLLRLRRRFMRDQEKLSLMYARKGVAEQKREKEIKSELKMKQDAQVVLYRSYRHGDLPDIQIKHSSLITPLQAVAQR
DPIIAKQLFSSLFSGILKEMDKFKTLSEKNNITQKLLQDFNRFLNTTFSFFPPFVSCIQDISCQHAALLSLDPAAVSAGC
LASLQQPVGIRLLEEALLRLLPAELPAKRVRGKARLPPDVLRWVELAKLYRSIGEYDVLRGIFTSEIGTKQITQSALLAE
ARSDYSEAAKQYDEALNKQDWVDGEPTEAEKDFWELASLDCYNHLAEWKSLEYCSTASIDSENPPDLNKIWSEPFYQETY
LPYMIRSKLKLLLQGEADQSLLTFIDKAMHGELQKAILELHYSQELSLLYLLQDDVDRAKYYIQNGIQSFMQNYSSIDVL
LHQSRLTKLQSVQALTEIQEFISFISKQGNLSSQVPLKRLLNTWTNRYPDAKMDPMNIWDDIITNRCFFLSKIEEKLTPL
PEDNSMNVDQDGDPSDRMEVQEQEEDISSLIRSCKFSMKMKMIDSARKQNNFSLAMKLLKELHKESKTRDDWLVSWVQSY
CRLSHCRSRSQGCSEQVLTVLKTVSLLDENNVSSYLSKNILAFRDQNILLGTTYRIIANALSSEPACLAEIEEDKARRIL
ELSGSSSEDSEKVIAGLYQRAFQHLSEAVQAAEEEAQPPSWSCGPAAGVIDAYMTLADFCDQQLRKEEENASVIDSAELQ
AYPALVVEKMLKALKLNSNEARLKFPRLLQIIERYPEETLSLMTKEISSVPCWQFISWISHMVALLDKDQAVAVQHSVEE
ITDNYPQAIVYPFIISSESYSFKDTSTGHKNKEFVARIKSKLDQGGVIQDFINALDQLSNPELLFKDWSNDVRAELAKTP
VNKKNIEKMYERMYAALGDPKAPGLGAFRRKFIQTFGKEFDKHFGKGGSKLLRMKLSDFNDITNMLLLKMNKDSKPPGNL
KECSPWMSDFKVEFLRNELEIPGQYDGRGKPLPEYHVRIAGFDERVTVMASLRRPKRIIIRGHDEREHPFLVKGGEDLRQ
DQRVEQLFQVMNGILAQDSACSQRALQLRTYSVVPMTSRLGLIEWLENTVTLKDLLLNTMSQEEKAAYLSDPRAPPCEYK
DWLTKMSGKHDVGAYMLMYKGANRTETVTSFRKRESKVPADLLKRAFVRMSTSPEAFLALRSHFASSHALICISHWILGI
GDRHLNNFMVAMETGGVIGIDFGHAFGSATQFLPVPELMPFRLTRQFINLMLPMKETGLMYSIMVHALRAFRSDPGLLTN
TMDVFVKEPSFDWKNFEQKMLKKGGSWIQEINVAEKNWYPRQKICYAKRKLAGANPAVITCDELLLGHEKAPAFRDYVAV
ARGSKDHNIRAQEPESGLSEETQVKCLMDQATDPNILGRTWEGWEPWM
;
A
2 'polypeptide(L)'
;MAEAMDLGKDPNGPTHSSTLFVRDDGSSMSFYVRPSPAKRRLSTLILHGGGTVCRVQEPGAVLLAQPGEALAEASGDFIS
TQYILDCVERNERLELEAYRLGPASAADTGSEAKPGALAEGAAEPEPQRHAGRIAFTDADDVAILTYVKENARSPSSVTG
NALWKAMEKSSLTQHSWQSLKDRYLKHLRGQEHKYLLGDAPVSPSSQKLKRKAEEDPEAADSGEPQNKRTPDLPEEEYVK
EEIQENEEAVKKMLVEATREFEEVVVDESPPDFEIHITMCDDDPPTPEEDSETQPDEEEEEEEEKVSQPEVGAAIKIIRQ
LMEKFNLDLSTVTQAFLKNSGELEATSAFLASGQRADGYPIWSRQDDIDLQKDDEDTREALVKKFGAQNVARRIEFRKK
;
D
3 'polypeptide(L)'
;MSGWESYYKTEGDEEAEEEQEENLEASGDYKYSGRDSLIFLVDASKAMFESQSEDELTPFDMSIQCIQSVYISKIISSDR
DLLAVVFYGTEKDKNSVNFKNIYVLQELDNPGAKRILELDQFKGQQGQKRFQDMMGHGSDYSLSEVLWVCANLFSDVQFK
MSHKRIMLFTNEDNPHGNDSAKASRARTKAGDLRDTGIFLDLMHLKKPGGFDISLFYRDIISIAEDEDLRVHFEESSKLE
DLLRKVRAKETRKRALSRLKLKLNKDIVISVGIYNLVQKALKPPPIKLYRETNEPVKTKTRTFNTSTGGLLLPSDTKRSQ
IYGSRQIILEKEETEELKRFDDPGLMLMGFKPLVLLKKHHYLRPSLFVYPEESLVIGSSTLFSALLIKCLEKEVAALCRY
TPRRNIPPYFVALVPQEEELDDQKIQVTPPGFQLVFLPFADDKRKMPFTEKIMATPEQVGKMKAIVEKLRFTYRSDSFEN
PVLQQHFRNLEALALDLMEPEQAVDLTLPKVEAMNKRLGSLVDEFKELVYPPDYNPEGKVTKRKHDNEGSGSKRPKVEYS
EEELKTHISKGTLGKFTVPMLKEACRAYGLKSGLKKQELLEALTKHFQD
;
E
4 'polypeptide(L)'
;MVRSGNKAAVVLCMDVGFTMSNSIPGIESPFEQAKKVITMFVQRQVFAENKDEIALVLFGTDGTDNPLSGGDQYQNITVH
RHLMLPDFDLLEDIESKIQPGSQQADFLDALIVSMDVIQHETIGKKFEKRHIEIFTDLSSRFSKSQLDIIIHSLKKCDIS
LQFFLPFSLGKEDGSGDRGDGPFRLGGHGPSFPLKGITEQQKEGLEIVKMVMISLEGEDGLDEIYSFSESLRKLCVFKKI
ERHSIHWPCRLTIGSNLSIRIAAYKSILQERVKKTWTVVDAKTLKKEDIQKETVYCLNDDDETEVLKEDIIQGFRYGSDI
VPFSKVDEEQMKYKSEGKCFSVLGFCKSSQVQRRFFMGNQVLKVFAARDDEAAAVALSSLIHALDDLDMVAIVRYAYDKR
ANPQVGVAFPHIKHNYECLVYVQLPFMEDLRQYMFSSLKNSKKYAPTEAQLNAVDALIDSMSLAKKDEKTDTLEDLFPTT
KIPNPRFQRLFQCLLHRALHPREPLPPIQQHIWNMLNPPAEVTTKSQIPLSKIKTLFPLIEAKKKDQVTAQEIFQDNHED
GPTAKKLKTEQGGAHFSVSSLAEGSVTSVGSVNPAENFRVLVKQKKASFEEASNQLINHIEQFLDTNETPYFMKSIDCIR
AFREEAIKFSEEQRFNNFLKALQEKVEIKQLNHFWEIVVQDGITLITKEEASGSSVTAEEAKKFLAPKDKPSGDTAAVFE
EGGDVDDLLDMI
;
F
5 'polydeoxyribonucleotide'
;(DC)(DG)(DT)(DC)(DT)(DA)(DT)(DA)(DT)(DT)(DC)(DT)(DA)(DT)(DT)(DG)(DT)(DC)(DT)(DC)
(DT)(DT)(DA)(DG)(DG)(DG)(DT)(DT)(DA)(DG)(DG)(DG)(DT)(DT)(DA)(DG)(DG)(DG)(DT)(DT)
(DA)(DG)(DG)(DG)(DT)(DT)(DA)(DG)(DG)(DG)(DT)(DT)(DA)(DG)(DG)(DG)(DT)(DT)(DA)(DG)
(DG)(DG)(DT)(DT)(DA)(DG)(DG)(DG)(DT)(DT)(DA)(DA)(DC)(DA)(DT)(DC)(DA)(DG)(DT)(DC)
(DT)(DC)(DA)(DC)(DA)(DT)(DA)(DG)(DA)(DT)(DT)(DA)(DG)(DC)(DT)(DC)(DA)(DC)(DG)(DC)
;
X
6 'polydeoxyribonucleotide'
;(DG)(DC)(DG)(DT)(DG)(DA)(DG)(DC)(DT)(DA)(DA)(DT)(DC)(DT)(DA)(DT)(DG)(DT)(DG)(DA)
(DG)(DA)(DC)(DT)(DG)(DA)(DT)(DG)(DT)(DT)(DA)(DA)(DC)(DC)(DC)(DT)(DA)(DA)(DC)(DC)
(DC)(DT)(DA)(DA)(DC)(DC)(DC)(DT)(DA)(DA)(DC)(DC)(DC)(DT)(DA)(DA)(DC)(DC)(DC)(DT)
(DA)(DA)(DC)(DC)(DC)(DT)(DA)(DA)(DC)(DC)(DC)(DT)(DA)(DA)(DC)(DC)(DC)(DT)(DA)(DA)
(DG)(DA)(DG)(DA)(DC)(DA)(DA)(DT)(DA)(DG)(DA)(DA)(DT)(DA)(DT)(DA)(DG)(DA)(DC)(DG)
;
Y
#
loop_
_chem_comp.id
_chem_comp.type
_chem_comp.name
_chem_comp.formula
DA DNA linking 2'-DEOXYADENOSINE-5'-MONOPHOSPHATE 'C10 H14 N5 O6 P'
DC DNA linking 2'-DEOXYCYTIDINE-5'-MONOPHOSPHATE 'C9 H14 N3 O7 P'
DG DNA linking 2'-DEOXYGUANOSINE-5'-MONOPHOSPHATE 'C10 H14 N5 O7 P'
DT DNA linking THYMIDINE-5'-MONOPHOSPHATE 'C10 H15 N2 O8 P'
#
# COMPACT_ATOMS: atom_id res chain seq x y z
N GLY A 7 6.65 3.04 -13.65
CA GLY A 7 7.11 3.65 -12.41
C GLY A 7 8.16 4.72 -12.63
N VAL A 8 9.27 4.33 -13.25
CA VAL A 8 10.34 5.28 -13.53
C VAL A 8 9.94 6.15 -14.71
N ARG A 9 10.25 7.45 -14.60
CA ARG A 9 9.91 8.39 -15.67
C ARG A 9 10.64 8.09 -16.97
N CYS A 10 11.76 7.37 -16.91
CA CYS A 10 12.54 7.04 -18.09
C CYS A 10 11.92 5.92 -18.91
N SER A 11 10.66 5.55 -18.64
CA SER A 11 10.01 4.49 -19.41
C SER A 11 9.92 4.87 -20.89
N LEU A 12 9.57 6.13 -21.17
CA LEU A 12 9.48 6.59 -22.55
C LEU A 12 10.81 6.41 -23.26
N LEU A 13 11.89 6.92 -22.66
CA LEU A 13 13.21 6.83 -23.28
C LEU A 13 13.63 5.38 -23.46
N ARG A 14 13.38 4.53 -22.47
CA ARG A 14 13.92 3.18 -22.52
C ARG A 14 13.16 2.28 -23.49
N LEU A 15 11.84 2.42 -23.60
CA LEU A 15 11.07 1.46 -24.38
C LEU A 15 10.40 2.02 -25.62
N GLN A 16 10.21 3.33 -25.74
CA GLN A 16 9.71 3.88 -27.00
C GLN A 16 10.77 3.84 -28.09
N GLU A 17 12.05 3.74 -27.72
CA GLU A 17 13.09 3.55 -28.71
C GLU A 17 12.99 2.18 -29.36
N THR A 18 12.47 1.20 -28.64
CA THR A 18 12.42 -0.18 -29.15
C THR A 18 11.63 -0.26 -30.45
N LEU A 19 10.46 0.36 -30.48
CA LEU A 19 9.64 0.35 -31.70
C LEU A 19 9.93 1.54 -32.59
N SER A 20 11.22 1.79 -32.84
CA SER A 20 11.63 2.86 -33.74
C SER A 20 12.70 2.36 -34.70
N ALA A 21 13.45 1.35 -34.29
CA ALA A 21 14.57 0.85 -35.07
C ALA A 21 14.15 -0.35 -35.92
N ALA A 22 14.98 -0.66 -36.91
CA ALA A 22 14.73 -1.81 -37.78
C ALA A 22 15.17 -3.09 -37.09
N ASP A 23 14.97 -4.21 -37.78
CA ASP A 23 15.30 -5.54 -37.27
C ASP A 23 14.60 -5.79 -35.93
N ARG A 24 13.26 -5.77 -35.98
CA ARG A 24 12.47 -6.01 -34.78
C ARG A 24 12.55 -7.45 -34.30
N CYS A 25 13.10 -8.36 -35.10
CA CYS A 25 13.42 -9.70 -34.62
C CYS A 25 14.54 -9.58 -33.58
N GLY A 26 14.20 -9.77 -32.32
CA GLY A 26 15.10 -9.47 -31.22
C GLY A 26 14.69 -8.20 -30.50
N ALA A 27 15.27 -8.03 -29.31
CA ALA A 27 14.99 -6.96 -28.36
C ALA A 27 13.57 -7.04 -27.80
N ALA A 28 12.77 -8.02 -28.22
CA ALA A 28 11.50 -8.26 -27.57
C ALA A 28 11.71 -8.69 -26.11
N LEU A 29 12.72 -9.52 -25.87
CA LEU A 29 13.09 -9.86 -24.50
C LEU A 29 13.60 -8.63 -23.75
N ALA A 30 14.28 -7.72 -24.45
CA ALA A 30 14.68 -6.46 -23.82
C ALA A 30 13.46 -5.65 -23.39
N GLY A 31 12.45 -5.57 -24.26
CA GLY A 31 11.22 -4.89 -23.88
C GLY A 31 10.52 -5.59 -22.73
N HIS A 32 10.58 -6.93 -22.71
CA HIS A 32 10.01 -7.68 -21.60
C HIS A 32 10.71 -7.34 -20.29
N GLN A 33 12.04 -7.25 -20.31
CA GLN A 33 12.78 -6.86 -19.13
C GLN A 33 12.42 -5.44 -18.69
N LEU A 34 12.27 -4.54 -19.66
CA LEU A 34 11.89 -3.16 -19.34
C LEU A 34 10.52 -3.11 -18.68
N ILE A 35 9.54 -3.85 -19.23
CA ILE A 35 8.19 -3.82 -18.69
C ILE A 35 8.09 -4.58 -17.38
N ARG A 36 8.99 -5.53 -17.12
CA ARG A 36 9.03 -6.16 -15.81
C ARG A 36 9.62 -5.22 -14.76
N GLY A 37 10.68 -4.49 -15.15
CA GLY A 37 11.25 -3.50 -14.24
C GLY A 37 10.27 -2.39 -13.92
N LEU A 38 9.57 -1.89 -14.94
CA LEU A 38 8.49 -0.92 -14.74
C LEU A 38 7.22 -1.71 -14.43
N GLY A 39 7.02 -2.01 -13.15
CA GLY A 39 5.96 -2.90 -12.74
C GLY A 39 6.35 -3.76 -11.56
N GLN A 40 7.66 -4.01 -11.41
CA GLN A 40 8.14 -4.51 -10.12
C GLN A 40 7.94 -3.48 -9.03
N GLU A 41 7.94 -2.19 -9.39
CA GLU A 41 7.66 -1.12 -8.45
C GLU A 41 6.19 -1.01 -8.09
N CYS A 42 5.30 -1.73 -8.79
CA CYS A 42 3.88 -1.66 -8.51
C CYS A 42 3.52 -2.22 -7.14
N VAL A 43 4.44 -2.94 -6.49
CA VAL A 43 4.17 -3.50 -5.16
C VAL A 43 3.93 -2.39 -4.15
N LEU A 44 4.58 -1.24 -4.32
CA LEU A 44 4.41 -0.14 -3.37
C LEU A 44 2.97 0.36 -3.42
N SER A 45 2.44 0.73 -2.26
CA SER A 45 1.07 1.20 -2.14
C SER A 45 0.94 2.53 -1.42
N SER A 46 2.05 3.11 -0.96
CA SER A 46 2.01 4.38 -0.22
C SER A 46 2.20 5.52 -1.21
N SER A 47 1.08 6.11 -1.63
CA SER A 47 1.06 7.24 -2.57
C SER A 47 1.85 6.92 -3.83
N PRO A 48 1.33 6.06 -4.71
CA PRO A 48 2.08 5.75 -5.94
C PRO A 48 2.37 6.96 -6.80
N ALA A 49 1.44 7.91 -6.87
CA ALA A 49 1.56 9.16 -7.62
C ALA A 49 1.83 8.92 -9.11
N VAL A 50 1.64 7.71 -9.60
CA VAL A 50 1.81 7.39 -11.01
C VAL A 50 0.52 6.92 -11.66
N LEU A 51 -0.59 6.92 -10.92
CA LEU A 51 -1.87 6.49 -11.48
C LEU A 51 -2.29 7.38 -12.65
N ALA A 52 -2.16 8.69 -12.47
CA ALA A 52 -2.43 9.62 -13.57
C ALA A 52 -1.26 9.77 -14.53
N LEU A 53 -0.07 9.28 -14.15
CA LEU A 53 1.09 9.39 -15.02
C LEU A 53 1.10 8.30 -16.08
N GLN A 54 0.73 7.08 -15.70
CA GLN A 54 0.82 5.96 -16.63
C GLN A 54 -0.09 6.15 -17.83
N THR A 55 -1.32 6.63 -17.61
CA THR A 55 -2.28 6.73 -18.70
C THR A 55 -1.79 7.67 -19.80
N SER A 56 -1.22 8.82 -19.42
CA SER A 56 -0.67 9.74 -20.39
C SER A 56 0.61 9.23 -21.04
N LEU A 57 1.17 8.14 -20.54
CA LEU A 57 2.42 7.59 -21.06
C LEU A 57 2.27 6.21 -21.68
N VAL A 58 1.46 5.32 -21.10
CA VAL A 58 1.34 3.96 -21.61
C VAL A 58 0.07 3.76 -22.43
N PHE A 59 -0.89 4.68 -22.35
CA PHE A 59 -2.16 4.54 -23.07
C PHE A 59 -2.46 5.72 -23.99
N SER A 60 -1.63 6.75 -24.00
CA SER A 60 -1.91 7.93 -24.80
C SER A 60 -1.81 7.60 -26.29
N ARG A 61 -2.56 8.36 -27.10
CA ARG A 61 -2.51 8.19 -28.53
C ARG A 61 -1.19 8.65 -29.15
N ASP A 62 -0.37 9.37 -28.38
CA ASP A 62 0.89 9.90 -28.89
C ASP A 62 2.02 8.89 -28.76
N PHE A 63 2.31 8.43 -27.54
CA PHE A 63 3.37 7.46 -27.31
C PHE A 63 2.93 6.38 -26.32
N GLY A 64 1.67 5.95 -26.44
CA GLY A 64 1.16 4.90 -25.57
C GLY A 64 1.59 3.52 -26.01
N LEU A 65 1.08 2.52 -25.29
CA LEU A 65 1.43 1.13 -25.56
C LEU A 65 0.25 0.29 -26.03
N LEU A 66 -0.98 0.62 -25.61
CA LEU A 66 -2.13 -0.03 -26.20
C LEU A 66 -2.35 0.45 -27.62
N VAL A 67 -1.97 1.69 -27.93
CA VAL A 67 -1.91 2.16 -29.31
C VAL A 67 -0.82 1.48 -30.11
N PHE A 68 0.10 0.76 -29.44
CA PHE A 68 1.13 0.01 -30.14
C PHE A 68 0.45 -1.31 -30.52
N VAL A 69 -0.72 -1.19 -31.14
CA VAL A 69 -1.34 -2.25 -31.93
C VAL A 69 -1.66 -1.65 -33.28
N ARG A 70 -2.21 -0.43 -33.28
CA ARG A 70 -2.28 0.35 -34.50
C ARG A 70 -0.88 0.68 -35.01
N LYS A 71 0.08 0.86 -34.10
CA LYS A 71 1.48 0.99 -34.51
C LYS A 71 2.21 -0.34 -34.57
N SER A 72 1.48 -1.46 -34.45
CA SER A 72 2.07 -2.79 -34.60
C SER A 72 1.48 -3.58 -35.75
N LEU A 73 0.42 -3.07 -36.39
CA LEU A 73 -0.24 -3.80 -37.47
C LEU A 73 0.75 -4.23 -38.56
N ASN A 74 1.56 -3.29 -39.04
CA ASN A 74 2.55 -3.62 -40.06
C ASN A 74 3.66 -4.49 -39.51
N SER A 75 3.84 -4.53 -38.18
CA SER A 75 4.91 -5.31 -37.55
C SER A 75 4.37 -6.69 -37.23
N ILE A 76 4.48 -7.60 -38.20
CA ILE A 76 4.08 -8.99 -37.98
C ILE A 76 5.06 -9.67 -37.02
N GLU A 77 6.36 -9.43 -37.19
CA GLU A 77 7.34 -9.98 -36.27
C GLU A 77 7.19 -9.39 -34.88
N PHE A 78 6.64 -8.17 -34.79
CA PHE A 78 6.32 -7.53 -33.52
C PHE A 78 4.82 -7.49 -33.29
N ARG A 79 4.13 -8.56 -33.66
CA ARG A 79 2.74 -8.76 -33.30
C ARG A 79 2.53 -9.91 -32.33
N GLU A 80 3.41 -10.91 -32.34
CA GLU A 80 3.43 -11.92 -31.29
C GLU A 80 4.39 -11.57 -30.17
N CYS A 81 5.51 -10.90 -30.49
CA CYS A 81 6.33 -10.30 -29.46
C CYS A 81 5.57 -9.19 -28.75
N ARG A 82 4.84 -8.37 -29.51
CA ARG A 82 3.94 -7.40 -28.91
C ARG A 82 2.90 -8.11 -28.04
N GLU A 83 2.40 -9.25 -28.51
CA GLU A 83 1.48 -10.04 -27.70
C GLU A 83 2.13 -10.45 -26.38
N GLU A 84 3.38 -10.88 -26.43
CA GLU A 84 4.02 -11.42 -25.23
C GLU A 84 4.33 -10.31 -24.23
N ILE A 85 4.71 -9.12 -24.71
CA ILE A 85 4.89 -8.00 -23.77
C ILE A 85 3.54 -7.50 -23.26
N LEU A 86 2.53 -7.40 -24.14
CA LEU A 86 1.24 -6.91 -23.68
C LEU A 86 0.53 -7.92 -22.80
N LYS A 87 0.99 -9.16 -22.73
CA LYS A 87 0.53 -10.07 -21.69
C LYS A 87 0.63 -9.38 -20.35
N PHE A 88 1.86 -9.02 -19.97
CA PHE A 88 2.08 -8.35 -18.69
C PHE A 88 1.52 -6.92 -18.73
N LEU A 89 1.60 -6.26 -19.88
CA LEU A 89 1.03 -4.90 -19.95
C LEU A 89 -0.46 -4.87 -19.67
N CYS A 90 -1.19 -5.95 -19.96
CA CYS A 90 -2.62 -6.02 -19.74
C CYS A 90 -2.99 -6.66 -18.42
N ILE A 91 -2.16 -7.56 -17.88
CA ILE A 91 -2.38 -7.97 -16.49
C ILE A 91 -1.86 -6.93 -15.51
N PHE A 92 -1.22 -5.86 -16.01
CA PHE A 92 -0.79 -4.77 -15.14
C PHE A 92 -1.94 -4.18 -14.33
N LEU A 93 -3.16 -4.22 -14.88
CA LEU A 93 -4.33 -3.68 -14.19
C LEU A 93 -4.69 -4.48 -12.94
N GLU A 94 -3.97 -5.55 -12.63
CA GLU A 94 -4.33 -6.39 -11.50
C GLU A 94 -4.01 -5.69 -10.19
N LYS A 95 -4.81 -4.68 -9.84
CA LYS A 95 -4.72 -4.06 -8.52
C LYS A 95 -6.14 -3.59 -8.16
N MET A 96 -6.88 -4.46 -7.48
CA MET A 96 -8.25 -4.18 -7.07
C MET A 96 -8.27 -3.70 -5.63
N GLY A 97 -7.65 -2.54 -5.43
CA GLY A 97 -7.62 -1.91 -4.12
C GLY A 97 -7.79 -0.42 -4.21
N GLN A 98 -8.26 0.06 -5.37
CA GLN A 98 -8.45 1.47 -5.61
C GLN A 98 -9.86 1.72 -6.13
N LYS A 99 -10.41 2.87 -5.73
CA LYS A 99 -11.70 3.32 -6.23
C LYS A 99 -11.55 4.34 -7.36
N ILE A 100 -10.31 4.73 -7.69
CA ILE A 100 -10.10 5.72 -8.73
C ILE A 100 -10.63 5.22 -10.07
N ALA A 101 -11.24 6.13 -10.82
CA ALA A 101 -11.68 5.85 -12.19
C ALA A 101 -11.31 7.01 -13.11
N PRO A 102 -10.03 7.29 -13.29
CA PRO A 102 -9.63 8.30 -14.27
C PRO A 102 -9.29 7.67 -15.61
N TYR A 103 -9.74 8.33 -16.68
CA TYR A 103 -9.41 7.93 -18.04
C TYR A 103 -9.82 6.48 -18.34
N SER A 104 -10.91 6.04 -17.71
CA SER A 104 -11.39 4.68 -17.97
C SER A 104 -12.29 4.65 -19.20
N VAL A 105 -12.93 5.78 -19.50
CA VAL A 105 -13.89 5.83 -20.61
C VAL A 105 -13.19 5.48 -21.93
N GLU A 106 -12.05 6.14 -22.19
CA GLU A 106 -11.35 5.88 -23.44
C GLU A 106 -10.60 4.55 -23.40
N ILE A 107 -10.17 4.12 -22.21
CA ILE A 107 -9.49 2.83 -22.12
C ILE A 107 -10.45 1.70 -22.44
N LYS A 108 -11.75 1.91 -22.21
CA LYS A 108 -12.74 0.89 -22.59
C LYS A 108 -12.72 0.65 -24.09
N ASN A 109 -12.85 1.70 -24.89
CA ASN A 109 -12.79 1.51 -26.34
C ASN A 109 -11.39 1.16 -26.81
N THR A 110 -10.35 1.51 -26.05
CA THR A 110 -9.02 1.03 -26.38
C THR A 110 -8.93 -0.48 -26.28
N CYS A 111 -9.50 -1.04 -25.20
CA CYS A 111 -9.57 -2.49 -25.09
C CYS A 111 -10.43 -3.09 -26.19
N THR A 112 -11.53 -2.42 -26.54
CA THR A 112 -12.36 -2.88 -27.65
C THR A 112 -11.56 -2.93 -28.94
N SER A 113 -10.73 -1.92 -29.19
CA SER A 113 -9.87 -1.93 -30.36
C SER A 113 -8.87 -3.07 -30.31
N VAL A 114 -8.29 -3.32 -29.13
CA VAL A 114 -7.37 -4.44 -28.98
C VAL A 114 -8.07 -5.76 -29.32
N TYR A 115 -9.33 -5.90 -28.94
CA TYR A 115 -10.10 -7.07 -29.33
C TYR A 115 -10.23 -7.16 -30.85
N THR A 116 -10.55 -6.04 -31.50
CA THR A 116 -10.83 -6.03 -32.94
C THR A 116 -9.60 -5.75 -33.77
N LYS A 117 -8.41 -6.09 -33.28
CA LYS A 117 -7.18 -5.83 -33.98
C LYS A 117 -6.42 -7.09 -34.36
N ASP A 118 -6.21 -8.00 -33.40
CA ASP A 118 -5.32 -9.13 -33.60
C ASP A 118 -6.07 -10.32 -34.18
N ARG A 119 -5.59 -10.84 -35.30
CA ARG A 119 -6.18 -11.99 -35.95
C ARG A 119 -5.77 -13.32 -35.33
N ALA A 120 -4.75 -13.32 -34.47
CA ALA A 120 -4.26 -14.54 -33.88
C ALA A 120 -4.05 -14.31 -32.38
N ALA A 121 -3.44 -15.28 -31.72
CA ALA A 121 -3.23 -15.24 -30.26
C ALA A 121 -4.56 -15.02 -29.54
N LYS A 122 -5.62 -15.63 -30.07
CA LYS A 122 -6.98 -15.32 -29.64
C LYS A 122 -7.25 -15.72 -28.18
N CYS A 123 -6.50 -16.66 -27.64
CA CYS A 123 -6.54 -16.92 -26.20
C CYS A 123 -5.36 -16.28 -25.49
N LYS A 124 -4.57 -15.47 -26.18
CA LYS A 124 -3.40 -14.85 -25.60
C LYS A 124 -3.52 -13.34 -25.50
N ILE A 125 -3.91 -12.65 -26.56
CA ILE A 125 -4.26 -11.25 -26.45
C ILE A 125 -5.71 -11.12 -25.98
N PRO A 126 -6.70 -11.75 -26.62
CA PRO A 126 -8.01 -11.89 -25.97
C PRO A 126 -7.97 -12.99 -24.92
N ALA A 127 -8.96 -12.94 -24.03
CA ALA A 127 -8.99 -13.72 -22.80
C ALA A 127 -7.91 -13.20 -21.85
N LEU A 128 -7.11 -12.26 -22.34
CA LEU A 128 -6.20 -11.46 -21.55
C LEU A 128 -6.63 -9.99 -21.49
N ASP A 129 -7.28 -9.51 -22.54
CA ASP A 129 -8.06 -8.29 -22.43
C ASP A 129 -9.47 -8.68 -21.99
N LEU A 130 -10.37 -7.70 -21.97
CA LEU A 130 -11.78 -7.85 -21.61
C LEU A 130 -11.99 -8.53 -20.26
N LEU A 131 -10.93 -8.66 -19.45
CA LEU A 131 -11.13 -8.73 -18.01
C LEU A 131 -11.09 -7.35 -17.37
N ILE A 132 -10.72 -6.32 -18.14
CA ILE A 132 -11.03 -4.95 -17.74
C ILE A 132 -12.52 -4.84 -17.47
N LYS A 133 -13.32 -5.41 -18.37
CA LYS A 133 -14.70 -5.73 -18.06
C LYS A 133 -14.73 -6.86 -17.04
N LEU A 134 -15.64 -6.74 -16.07
CA LEU A 134 -15.83 -7.72 -15.00
C LEU A 134 -14.66 -7.73 -14.00
N LEU A 135 -13.61 -6.95 -14.25
CA LEU A 135 -12.57 -6.75 -13.24
C LEU A 135 -12.39 -5.28 -12.90
N GLN A 136 -12.26 -4.42 -13.91
CA GLN A 136 -12.14 -2.98 -13.71
C GLN A 136 -13.46 -2.26 -13.92
N THR A 137 -14.11 -2.47 -15.06
CA THR A 137 -15.44 -1.93 -15.26
C THR A 137 -16.46 -2.78 -14.50
N PHE A 138 -17.69 -2.29 -14.46
CA PHE A 138 -18.74 -2.85 -13.61
C PHE A 138 -18.32 -2.83 -12.14
N ARG A 139 -17.41 -1.91 -11.83
CA ARG A 139 -17.09 -1.44 -10.49
C ARG A 139 -17.55 0.01 -10.51
N SER A 140 -18.75 0.21 -11.03
CA SER A 140 -19.19 1.46 -11.65
C SER A 140 -20.67 1.62 -11.36
N SER A 141 -21.35 2.39 -12.22
CA SER A 141 -22.70 2.95 -12.04
C SER A 141 -22.68 4.19 -11.15
N ARG A 142 -21.53 4.85 -11.08
CA ARG A 142 -21.43 6.16 -10.44
C ARG A 142 -21.23 7.29 -11.44
N LEU A 143 -20.54 7.03 -12.55
CA LEU A 143 -20.47 7.97 -13.66
C LEU A 143 -21.17 7.44 -14.90
N MET A 144 -20.75 6.28 -15.41
CA MET A 144 -21.45 5.51 -16.44
C MET A 144 -21.97 6.40 -17.57
N ASP A 145 -21.01 6.91 -18.34
CA ASP A 145 -21.34 7.80 -19.45
C ASP A 145 -21.51 7.09 -20.78
N GLU A 146 -20.69 6.07 -21.07
CA GLU A 146 -20.69 5.46 -22.41
C GLU A 146 -20.66 3.94 -22.42
N PHE A 147 -20.27 3.27 -21.33
CA PHE A 147 -19.89 1.86 -21.40
C PHE A 147 -21.05 0.98 -21.88
N LYS A 148 -22.25 1.19 -21.34
CA LYS A 148 -23.33 0.24 -21.56
C LYS A 148 -23.74 0.18 -23.03
N ILE A 149 -23.90 1.34 -23.67
CA ILE A 149 -24.45 1.36 -25.01
C ILE A 149 -23.46 0.78 -26.03
N GLY A 150 -22.18 1.12 -25.90
CA GLY A 150 -21.20 0.70 -26.88
C GLY A 150 -20.76 -0.75 -26.80
N GLU A 151 -21.13 -1.46 -25.73
CA GLU A 151 -20.73 -2.85 -25.56
C GLU A 151 -21.86 -3.83 -25.86
N LEU A 152 -23.10 -3.36 -26.00
CA LEU A 152 -24.17 -4.24 -26.43
C LEU A 152 -23.87 -4.79 -27.82
N PHE A 153 -23.39 -3.93 -28.72
CA PHE A 153 -22.80 -4.37 -29.98
C PHE A 153 -21.28 -4.32 -29.85
N SER A 154 -20.60 -4.66 -30.94
CA SER A 154 -19.14 -4.82 -31.03
C SER A 154 -18.66 -6.02 -30.22
N LYS A 155 -19.54 -6.67 -29.47
CA LYS A 155 -19.30 -7.99 -28.91
C LYS A 155 -20.42 -8.96 -29.22
N PHE A 156 -21.61 -8.48 -29.55
CA PHE A 156 -22.62 -9.23 -30.28
C PHE A 156 -22.34 -9.24 -31.77
N TYR A 157 -21.13 -8.86 -32.17
CA TYR A 157 -20.77 -8.66 -33.56
C TYR A 157 -20.47 -9.99 -34.24
N GLY A 158 -21.35 -10.96 -34.06
CA GLY A 158 -21.13 -12.28 -34.60
C GLY A 158 -20.58 -13.29 -33.63
N GLU A 159 -20.60 -13.01 -32.33
CA GLU A 159 -20.39 -14.09 -31.37
C GLU A 159 -21.49 -15.12 -31.47
N LEU A 160 -22.67 -14.68 -31.93
CA LEU A 160 -23.77 -15.55 -32.29
C LEU A 160 -23.89 -15.75 -33.79
N ALA A 161 -23.44 -14.77 -34.57
CA ALA A 161 -23.38 -14.87 -36.02
C ALA A 161 -22.01 -15.43 -36.40
N LEU A 162 -21.62 -15.27 -37.66
CA LEU A 162 -20.30 -15.65 -38.16
C LEU A 162 -20.19 -17.16 -38.32
N LYS A 163 -19.29 -17.60 -39.20
CA LYS A 163 -19.04 -19.02 -39.41
C LYS A 163 -17.64 -19.43 -38.98
N LYS A 164 -16.69 -18.50 -38.91
CA LYS A 164 -15.34 -18.82 -38.46
C LYS A 164 -15.37 -19.24 -37.00
N LYS A 165 -14.70 -20.34 -36.70
CA LYS A 165 -14.75 -20.91 -35.36
C LYS A 165 -14.09 -19.96 -34.36
N ILE A 166 -14.91 -19.36 -33.50
CA ILE A 166 -14.37 -18.57 -32.39
C ILE A 166 -13.64 -19.51 -31.43
N PRO A 167 -12.46 -19.16 -30.93
CA PRO A 167 -11.71 -20.08 -30.08
C PRO A 167 -12.45 -20.42 -28.79
N ASP A 168 -12.14 -21.61 -28.28
CA ASP A 168 -12.92 -22.24 -27.22
C ASP A 168 -13.11 -21.33 -26.02
N THR A 169 -12.03 -20.70 -25.55
CA THR A 169 -12.14 -19.84 -24.37
C THR A 169 -12.89 -18.54 -24.65
N VAL A 170 -13.22 -18.25 -25.91
CA VAL A 170 -13.93 -17.03 -26.24
C VAL A 170 -15.37 -17.42 -26.59
N LEU A 171 -15.84 -18.52 -26.02
CA LEU A 171 -17.27 -18.82 -25.94
C LEU A 171 -17.75 -18.95 -24.51
N GLU A 172 -16.94 -18.55 -23.53
CA GLU A 172 -17.37 -18.55 -22.14
C GLU A 172 -17.33 -17.15 -21.53
N LYS A 173 -16.20 -16.45 -21.61
CA LYS A 173 -16.08 -15.16 -20.96
C LYS A 173 -16.80 -14.06 -21.72
N VAL A 174 -16.95 -14.19 -23.03
CA VAL A 174 -17.75 -13.22 -23.77
C VAL A 174 -19.22 -13.31 -23.36
N TYR A 175 -19.75 -14.52 -23.24
CA TYR A 175 -21.11 -14.68 -22.72
C TYR A 175 -21.21 -14.25 -21.27
N GLU A 176 -20.17 -14.47 -20.48
CA GLU A 176 -20.15 -13.97 -19.11
C GLU A 176 -20.26 -12.44 -19.09
N LEU A 177 -19.51 -11.79 -19.97
CA LEU A 177 -19.59 -10.33 -20.09
C LEU A 177 -20.99 -9.89 -20.49
N LEU A 178 -21.58 -10.57 -21.48
CA LEU A 178 -22.91 -10.20 -21.94
C LEU A 178 -23.94 -10.36 -20.84
N GLY A 179 -23.87 -11.46 -20.08
CA GLY A 179 -24.80 -11.67 -19.00
C GLY A 179 -24.62 -10.67 -17.86
N LEU A 180 -23.37 -10.41 -17.47
CA LEU A 180 -23.12 -9.54 -16.34
C LEU A 180 -23.26 -8.06 -16.69
N LEU A 181 -23.31 -7.72 -17.98
CA LEU A 181 -23.64 -6.36 -18.36
C LEU A 181 -25.09 -6.00 -18.00
N GLY A 182 -25.95 -6.99 -17.82
CA GLY A 182 -27.35 -6.74 -17.53
C GLY A 182 -27.66 -6.32 -16.11
N GLU A 183 -26.70 -6.42 -15.19
CA GLU A 183 -26.92 -5.99 -13.82
C GLU A 183 -26.50 -4.55 -13.58
N VAL A 184 -26.11 -3.83 -14.64
CA VAL A 184 -25.65 -2.45 -14.53
C VAL A 184 -26.73 -1.58 -15.17
N HIS A 185 -27.56 -0.95 -14.33
CA HIS A 185 -28.61 -0.03 -14.77
C HIS A 185 -29.50 -0.66 -15.83
N PRO A 186 -30.41 -1.58 -15.45
CA PRO A 186 -31.27 -2.23 -16.44
C PRO A 186 -32.26 -1.30 -17.12
N SER A 187 -32.22 0.01 -16.85
CA SER A 187 -33.19 0.93 -17.43
C SER A 187 -33.14 0.90 -18.95
N GLU A 188 -31.95 1.07 -19.53
CA GLU A 188 -31.82 0.94 -20.98
C GLU A 188 -31.87 -0.52 -21.41
N MET A 189 -31.39 -1.43 -20.55
CA MET A 189 -31.35 -2.85 -20.89
C MET A 189 -32.74 -3.45 -21.04
N ILE A 190 -33.77 -2.79 -20.52
CA ILE A 190 -35.12 -3.34 -20.56
C ILE A 190 -35.68 -3.38 -21.98
N ASN A 191 -35.16 -2.55 -22.88
CA ASN A 191 -35.69 -2.46 -24.25
C ASN A 191 -34.71 -2.96 -25.29
N ASN A 192 -33.61 -3.61 -24.87
CA ASN A 192 -32.66 -4.12 -25.85
C ASN A 192 -33.29 -5.17 -26.73
N ALA A 193 -33.61 -6.33 -26.16
CA ALA A 193 -34.27 -7.44 -26.84
C ALA A 193 -34.42 -8.58 -25.85
N GLU A 194 -35.13 -9.61 -26.28
CA GLU A 194 -35.08 -10.91 -25.64
C GLU A 194 -33.98 -11.79 -26.23
N ASN A 195 -33.17 -11.24 -27.14
CA ASN A 195 -32.18 -12.02 -27.85
C ASN A 195 -31.13 -12.61 -26.92
N LEU A 196 -30.86 -11.94 -25.79
CA LEU A 196 -29.87 -12.48 -24.86
C LEU A 196 -30.32 -13.80 -24.27
N PHE A 197 -31.62 -13.93 -23.96
CA PHE A 197 -32.13 -15.20 -23.44
C PHE A 197 -31.93 -16.32 -24.45
N ARG A 198 -32.28 -16.06 -25.71
CA ARG A 198 -32.10 -17.08 -26.75
C ARG A 198 -30.62 -17.40 -26.96
N ALA A 199 -29.76 -16.39 -26.88
CA ALA A 199 -28.33 -16.62 -27.06
C ALA A 199 -27.75 -17.46 -25.94
N PHE A 200 -28.19 -17.21 -24.70
CA PHE A 200 -27.71 -18.01 -23.58
C PHE A 200 -28.27 -19.42 -23.64
N LEU A 201 -29.52 -19.56 -24.09
CA LEU A 201 -30.04 -20.86 -24.49
C LEU A 201 -29.54 -21.15 -25.90
N GLY A 202 -30.13 -22.13 -26.57
CA GLY A 202 -29.74 -22.40 -27.94
C GLY A 202 -28.39 -23.06 -28.02
N GLU A 203 -27.33 -22.33 -27.68
CA GLU A 203 -26.04 -22.98 -27.50
C GLU A 203 -26.10 -23.98 -26.35
N LEU A 204 -26.75 -23.60 -25.26
CA LEU A 204 -27.26 -24.59 -24.33
C LEU A 204 -28.41 -25.33 -25.00
N LYS A 205 -28.47 -26.65 -24.78
CA LYS A 205 -29.22 -27.65 -25.52
C LYS A 205 -28.52 -27.97 -26.84
N THR A 206 -27.45 -27.25 -27.19
CA THR A 206 -26.50 -27.66 -28.21
C THR A 206 -25.16 -28.03 -27.62
N GLN A 207 -24.65 -27.22 -26.69
CA GLN A 207 -23.49 -27.60 -25.91
C GLN A 207 -23.84 -28.65 -24.86
N MET A 208 -25.12 -28.81 -24.54
CA MET A 208 -25.57 -29.75 -23.53
C MET A 208 -26.22 -31.00 -24.10
N THR A 209 -26.86 -30.91 -25.27
CA THR A 209 -27.63 -32.01 -25.83
C THR A 209 -27.14 -32.32 -27.24
N SER A 210 -25.83 -32.46 -27.39
CA SER A 210 -25.22 -32.84 -28.65
C SER A 210 -24.85 -34.31 -28.62
N ALA A 211 -25.34 -35.07 -29.60
CA ALA A 211 -25.09 -36.49 -29.69
C ALA A 211 -24.00 -36.81 -30.70
N VAL A 212 -23.34 -35.81 -31.27
CA VAL A 212 -22.37 -36.05 -32.33
C VAL A 212 -21.02 -35.42 -31.96
N ARG A 213 -21.06 -34.36 -31.17
CA ARG A 213 -19.87 -33.58 -30.86
C ARG A 213 -19.52 -33.71 -29.39
N GLU A 214 -18.23 -33.83 -29.11
CA GLU A 214 -17.77 -33.84 -27.73
C GLU A 214 -18.05 -32.48 -27.08
N PRO A 215 -18.73 -32.45 -25.94
CA PRO A 215 -19.03 -31.16 -25.31
C PRO A 215 -17.76 -30.41 -24.94
N LYS A 216 -17.80 -29.08 -25.11
CA LYS A 216 -16.70 -28.20 -24.74
C LYS A 216 -17.00 -27.61 -23.37
N LEU A 217 -16.25 -28.05 -22.36
CA LEU A 217 -16.51 -27.61 -20.99
C LEU A 217 -16.35 -26.10 -20.82
N PRO A 218 -15.23 -25.45 -21.25
CA PRO A 218 -15.09 -24.00 -21.07
C PRO A 218 -15.90 -23.18 -22.08
N VAL A 219 -17.15 -23.59 -22.29
CA VAL A 219 -18.11 -22.79 -23.05
C VAL A 219 -19.29 -22.56 -22.12
N LEU A 220 -19.97 -23.64 -21.73
CA LEU A 220 -21.00 -23.51 -20.71
C LEU A 220 -20.38 -23.15 -19.36
N ALA A 221 -19.12 -23.53 -19.13
CA ALA A 221 -18.38 -23.07 -17.96
C ALA A 221 -17.96 -21.63 -18.21
N GLY A 222 -18.91 -20.73 -18.06
CA GLY A 222 -18.73 -19.34 -18.43
C GLY A 222 -20.00 -18.79 -19.07
N CYS A 223 -20.75 -19.66 -19.75
CA CYS A 223 -22.11 -19.30 -20.11
C CYS A 223 -23.04 -19.37 -18.91
N LEU A 224 -22.71 -20.21 -17.93
CA LEU A 224 -23.51 -20.28 -16.71
C LEU A 224 -23.46 -18.95 -15.96
N LYS A 225 -22.26 -18.36 -15.83
CA LYS A 225 -22.14 -17.03 -15.24
C LYS A 225 -22.47 -16.00 -16.31
N GLY A 226 -23.54 -16.28 -17.03
CA GLY A 226 -24.23 -15.42 -17.96
C GLY A 226 -25.58 -15.21 -17.33
N LEU A 227 -26.49 -16.13 -17.67
CA LEU A 227 -27.78 -16.30 -17.02
C LEU A 227 -27.68 -16.03 -15.52
N SER A 228 -26.61 -16.47 -14.86
CA SER A 228 -26.33 -16.01 -13.50
C SER A 228 -25.51 -14.73 -13.61
N SER A 229 -25.92 -13.71 -12.85
CA SER A 229 -25.54 -12.30 -12.93
C SER A 229 -26.29 -11.59 -14.05
N LEU A 230 -27.10 -12.30 -14.84
CA LEU A 230 -28.11 -11.65 -15.65
C LEU A 230 -29.51 -11.75 -15.06
N LEU A 231 -29.80 -12.84 -14.33
CA LEU A 231 -31.08 -13.00 -13.68
C LEU A 231 -31.25 -12.06 -12.50
N CYS A 232 -30.19 -11.38 -12.06
CA CYS A 232 -30.33 -10.38 -11.00
C CYS A 232 -31.26 -9.25 -11.41
N ASN A 233 -31.47 -9.06 -12.71
CA ASN A 233 -32.43 -8.10 -13.22
C ASN A 233 -33.49 -8.82 -14.05
N PHE A 234 -34.50 -8.06 -14.44
CA PHE A 234 -35.64 -8.53 -15.25
C PHE A 234 -36.52 -9.49 -14.46
N THR A 235 -36.09 -9.83 -13.25
CA THR A 235 -36.89 -10.54 -12.25
C THR A 235 -37.72 -11.68 -12.86
N LYS A 236 -37.04 -12.55 -13.58
CA LYS A 236 -37.70 -13.74 -14.11
C LYS A 236 -38.05 -14.69 -12.98
N SER A 237 -39.21 -15.34 -13.10
CA SER A 237 -39.69 -16.24 -12.06
C SER A 237 -40.67 -17.22 -12.70
N MET A 238 -41.38 -17.97 -11.86
CA MET A 238 -42.36 -18.94 -12.34
C MET A 238 -43.78 -18.41 -12.33
N GLU A 239 -44.12 -17.52 -11.40
CA GLU A 239 -45.49 -17.02 -11.33
C GLU A 239 -45.84 -16.16 -12.55
N GLU A 240 -44.92 -15.32 -13.00
CA GLU A 240 -45.20 -14.39 -14.06
C GLU A 240 -44.91 -14.97 -15.44
N ASP A 241 -44.06 -15.98 -15.53
CA ASP A 241 -43.78 -16.67 -16.79
C ASP A 241 -43.24 -18.06 -16.51
N PRO A 242 -44.11 -19.04 -16.35
CA PRO A 242 -43.68 -20.42 -16.12
C PRO A 242 -43.30 -21.15 -17.41
N GLN A 243 -42.50 -20.49 -18.24
CA GLN A 243 -42.06 -21.06 -19.51
C GLN A 243 -40.56 -21.30 -19.54
N THR A 244 -39.75 -20.25 -19.34
CA THR A 244 -38.30 -20.40 -19.41
C THR A 244 -37.71 -20.91 -18.10
N SER A 245 -38.41 -20.69 -16.98
CA SER A 245 -37.89 -21.12 -15.69
C SER A 245 -37.71 -22.63 -15.64
N ARG A 246 -38.63 -23.37 -16.26
CA ARG A 246 -38.55 -24.83 -16.23
C ARG A 246 -37.29 -25.33 -16.91
N GLU A 247 -37.02 -24.84 -18.14
CA GLU A 247 -35.80 -25.28 -18.82
C GLU A 247 -34.55 -24.76 -18.14
N ILE A 248 -34.60 -23.56 -17.56
CA ILE A 248 -33.45 -23.05 -16.83
C ILE A 248 -33.13 -23.97 -15.65
N PHE A 249 -34.16 -24.36 -14.91
CA PHE A 249 -33.96 -25.25 -13.77
C PHE A 249 -33.47 -26.62 -14.22
N ASN A 250 -34.03 -27.15 -15.30
CA ASN A 250 -33.56 -28.44 -15.80
C ASN A 250 -32.10 -28.37 -16.22
N PHE A 251 -31.71 -27.29 -16.89
CA PHE A 251 -30.34 -27.17 -17.37
C PHE A 251 -29.36 -27.01 -16.21
N VAL A 252 -29.73 -26.22 -15.19
CA VAL A 252 -28.82 -26.08 -14.06
C VAL A 252 -28.75 -27.37 -13.25
N LEU A 253 -29.86 -28.12 -13.19
CA LEU A 253 -29.82 -29.43 -12.53
C LEU A 253 -28.91 -30.38 -13.29
N LYS A 254 -28.95 -30.35 -14.62
CA LYS A 254 -28.01 -31.14 -15.41
C LYS A 254 -26.58 -30.70 -15.16
N ALA A 255 -26.36 -29.39 -15.05
CA ALA A 255 -25.01 -28.89 -14.80
C ALA A 255 -24.46 -29.35 -13.46
N ILE A 256 -25.30 -29.34 -12.43
CA ILE A 256 -24.85 -29.79 -11.11
C ILE A 256 -24.84 -31.31 -10.97
N ARG A 257 -25.36 -32.03 -11.96
CA ARG A 257 -25.34 -33.49 -11.95
C ARG A 257 -24.36 -33.98 -13.02
N PRO A 258 -23.14 -34.37 -12.64
CA PRO A 258 -22.14 -34.71 -13.66
C PRO A 258 -22.31 -36.11 -14.22
N GLN A 259 -22.85 -37.03 -13.42
CA GLN A 259 -23.05 -38.44 -13.73
C GLN A 259 -21.74 -39.19 -13.93
N ILE A 260 -20.60 -38.51 -13.84
CA ILE A 260 -19.29 -39.14 -13.98
C ILE A 260 -18.26 -38.21 -13.36
N ASP A 261 -17.37 -38.77 -12.53
CA ASP A 261 -16.32 -37.94 -11.92
C ASP A 261 -15.35 -37.43 -12.99
N LEU A 262 -14.80 -36.25 -12.73
CA LEU A 262 -13.91 -35.62 -13.69
C LEU A 262 -13.11 -34.54 -12.99
N LYS A 263 -11.95 -34.22 -13.57
CA LYS A 263 -11.15 -33.10 -13.10
C LYS A 263 -11.70 -31.81 -13.69
N ARG A 264 -11.06 -30.69 -13.34
CA ARG A 264 -11.44 -29.36 -13.81
C ARG A 264 -12.91 -29.06 -13.46
N TYR A 265 -13.15 -28.98 -12.15
CA TYR A 265 -14.48 -28.71 -11.62
C TYR A 265 -14.83 -27.25 -11.90
N ALA A 266 -15.33 -27.00 -13.11
CA ALA A 266 -15.71 -25.66 -13.53
C ALA A 266 -17.21 -25.49 -13.71
N VAL A 267 -17.85 -26.33 -14.52
CA VAL A 267 -19.30 -26.22 -14.70
C VAL A 267 -20.09 -26.49 -13.42
N PRO A 268 -19.80 -27.53 -12.62
CA PRO A 268 -20.66 -27.76 -11.45
C PRO A 268 -20.61 -26.62 -10.45
N SER A 269 -19.44 -26.01 -10.26
CA SER A 269 -19.33 -24.90 -9.32
C SER A 269 -20.18 -23.73 -9.77
N ALA A 270 -20.17 -23.42 -11.07
CA ALA A 270 -21.04 -22.38 -11.59
C ALA A 270 -22.51 -22.76 -11.41
N GLY A 271 -22.83 -24.04 -11.56
CA GLY A 271 -24.21 -24.47 -11.36
C GLY A 271 -24.70 -24.21 -9.95
N LEU A 272 -23.90 -24.62 -8.95
CA LEU A 272 -24.30 -24.35 -7.57
C LEU A 272 -24.29 -22.86 -7.27
N ARG A 273 -23.36 -22.10 -7.85
CA ARG A 273 -23.36 -20.66 -7.60
C ARG A 273 -24.63 -20.01 -8.13
N LEU A 274 -25.05 -20.39 -9.35
CA LEU A 274 -26.30 -19.86 -9.89
C LEU A 274 -27.48 -20.28 -9.04
N PHE A 275 -27.51 -21.53 -8.59
CA PHE A 275 -28.61 -22.00 -7.76
C PHE A 275 -28.68 -21.24 -6.45
N ALA A 276 -27.52 -20.95 -5.85
CA ALA A 276 -27.49 -20.27 -4.56
C ALA A 276 -27.85 -18.80 -4.70
N LEU A 277 -27.43 -18.16 -5.80
CA LEU A 277 -27.61 -16.71 -5.91
C LEU A 277 -29.07 -16.33 -5.85
N HIS A 278 -29.94 -17.03 -6.59
CA HIS A 278 -31.36 -16.74 -6.57
C HIS A 278 -32.11 -18.03 -6.88
N ALA A 279 -32.54 -18.73 -5.84
CA ALA A 279 -33.40 -19.89 -5.99
C ALA A 279 -34.87 -19.57 -5.81
N SER A 280 -35.20 -18.33 -5.40
CA SER A 280 -36.59 -17.97 -5.21
C SER A 280 -37.35 -17.90 -6.53
N GLN A 281 -36.64 -17.66 -7.64
CA GLN A 281 -37.29 -17.64 -8.94
C GLN A 281 -37.81 -19.00 -9.35
N PHE A 282 -37.29 -20.08 -8.76
CA PHE A 282 -37.80 -21.43 -8.98
C PHE A 282 -38.74 -21.77 -7.83
N SER A 283 -39.93 -21.18 -7.90
CA SER A 283 -40.86 -21.25 -6.77
C SER A 283 -41.47 -22.65 -6.63
N THR A 284 -41.91 -23.23 -7.74
CA THR A 284 -42.66 -24.49 -7.67
C THR A 284 -41.89 -25.71 -8.14
N CYS A 285 -40.78 -25.53 -8.85
CA CYS A 285 -39.98 -26.66 -9.31
C CYS A 285 -38.85 -27.00 -8.36
N LEU A 286 -38.77 -26.35 -7.21
CA LEU A 286 -37.76 -26.64 -6.21
C LEU A 286 -38.24 -27.62 -5.15
N LEU A 287 -39.52 -28.00 -5.16
CA LEU A 287 -40.08 -28.87 -4.13
C LEU A 287 -40.80 -30.07 -4.72
N ASP A 288 -40.56 -30.39 -5.99
CA ASP A 288 -41.15 -31.57 -6.61
C ASP A 288 -40.24 -32.79 -6.56
N ASN A 289 -38.93 -32.58 -6.65
CA ASN A 289 -37.93 -33.64 -6.55
C ASN A 289 -36.89 -33.28 -5.51
N TYR A 290 -37.36 -32.86 -4.33
CA TYR A 290 -36.47 -32.35 -3.31
C TYR A 290 -35.52 -33.41 -2.77
N VAL A 291 -35.93 -34.68 -2.78
CA VAL A 291 -35.10 -35.73 -2.20
C VAL A 291 -33.79 -35.86 -2.97
N SER A 292 -33.88 -35.99 -4.30
CA SER A 292 -32.68 -36.14 -5.11
C SER A 292 -31.80 -34.89 -5.05
N LEU A 293 -32.43 -33.71 -5.10
CA LEU A 293 -31.67 -32.47 -5.03
C LEU A 293 -30.91 -32.36 -3.72
N PHE A 294 -31.57 -32.65 -2.60
CA PHE A 294 -30.90 -32.62 -1.31
C PHE A 294 -29.77 -33.64 -1.26
N GLU A 295 -30.00 -34.83 -1.83
CA GLU A 295 -28.97 -35.86 -1.81
C GLU A 295 -27.73 -35.41 -2.57
N VAL A 296 -27.90 -34.86 -3.77
CA VAL A 296 -26.74 -34.47 -4.56
C VAL A 296 -26.05 -33.28 -3.93
N LEU A 297 -26.82 -32.34 -3.36
CA LEU A 297 -26.22 -31.19 -2.70
C LEU A 297 -25.38 -31.64 -1.50
N LEU A 298 -25.90 -32.57 -0.70
CA LEU A 298 -25.14 -33.08 0.43
C LEU A 298 -23.89 -33.82 -0.03
N LYS A 299 -24.01 -34.60 -1.12
CA LYS A 299 -22.84 -35.29 -1.65
C LYS A 299 -21.78 -34.31 -2.11
N TRP A 300 -22.19 -33.22 -2.76
CA TRP A 300 -21.25 -32.19 -3.15
C TRP A 300 -20.62 -31.52 -1.93
N CYS A 301 -21.40 -31.36 -0.85
CA CYS A 301 -20.88 -30.75 0.36
C CYS A 301 -19.73 -31.55 0.94
N ALA A 302 -19.72 -32.88 0.72
CA ALA A 302 -18.62 -33.72 1.16
C ALA A 302 -17.70 -33.95 -0.04
N HIS A 303 -16.79 -33.00 -0.23
CA HIS A 303 -15.88 -33.05 -1.38
C HIS A 303 -14.63 -32.24 -1.07
N THR A 304 -13.58 -32.50 -1.84
CA THR A 304 -12.34 -31.76 -1.75
C THR A 304 -12.44 -30.51 -2.62
N ASN A 305 -11.33 -29.82 -2.84
CA ASN A 305 -11.28 -28.59 -3.64
C ASN A 305 -12.22 -27.55 -3.02
N VAL A 306 -11.75 -27.03 -1.89
CA VAL A 306 -12.53 -26.24 -0.93
C VAL A 306 -13.39 -25.17 -1.58
N GLU A 307 -13.03 -24.73 -2.79
CA GLU A 307 -13.89 -23.79 -3.50
C GLU A 307 -15.24 -24.41 -3.82
N LEU A 308 -15.24 -25.62 -4.37
CA LEU A 308 -16.48 -26.33 -4.60
C LEU A 308 -17.20 -26.64 -3.29
N LYS A 309 -16.42 -26.87 -2.22
CA LYS A 309 -17.04 -27.09 -0.91
C LYS A 309 -17.82 -25.87 -0.46
N LYS A 310 -17.22 -24.69 -0.59
CA LYS A 310 -17.90 -23.46 -0.22
C LYS A 310 -19.13 -23.23 -1.08
N ALA A 311 -19.00 -23.45 -2.39
CA ALA A 311 -20.14 -23.28 -3.28
C ALA A 311 -21.27 -24.23 -2.91
N ALA A 312 -20.94 -25.50 -2.62
CA ALA A 312 -21.95 -26.48 -2.28
C ALA A 312 -22.64 -26.14 -0.96
N LEU A 313 -21.88 -25.72 0.05
CA LEU A 313 -22.51 -25.38 1.32
C LEU A 313 -23.39 -24.14 1.18
N SER A 314 -22.94 -23.14 0.41
CA SER A 314 -23.79 -21.98 0.18
C SER A 314 -25.06 -22.35 -0.55
N ALA A 315 -24.95 -23.21 -1.57
CA ALA A 315 -26.15 -23.65 -2.29
C ALA A 315 -27.09 -24.41 -1.37
N LEU A 316 -26.54 -25.26 -0.51
CA LEU A 316 -27.37 -26.04 0.40
C LEU A 316 -28.11 -25.11 1.37
N GLU A 317 -27.39 -24.13 1.93
CA GLU A 317 -28.03 -23.22 2.87
C GLU A 317 -29.11 -22.40 2.18
N SER A 318 -28.85 -21.96 0.94
CA SER A 318 -29.87 -21.23 0.19
C SER A 318 -31.08 -22.11 -0.11
N PHE A 319 -30.84 -23.39 -0.43
CA PHE A 319 -31.94 -24.28 -0.76
C PHE A 319 -32.82 -24.54 0.46
N LEU A 320 -32.22 -24.81 1.62
CA LEU A 320 -33.02 -24.97 2.83
C LEU A 320 -33.74 -23.69 3.20
N LYS A 321 -33.08 -22.53 3.08
CA LYS A 321 -33.74 -21.27 3.39
C LYS A 321 -34.96 -21.06 2.50
N GLN A 322 -34.79 -21.32 1.19
CA GLN A 322 -35.89 -21.12 0.26
C GLN A 322 -37.04 -22.08 0.56
N VAL A 323 -36.73 -23.37 0.73
CA VAL A 323 -37.78 -24.35 0.93
C VAL A 323 -38.52 -24.08 2.23
N SER A 324 -37.80 -23.63 3.26
CA SER A 324 -38.46 -23.18 4.48
C SER A 324 -39.37 -21.99 4.19
N ASN A 325 -38.92 -21.09 3.30
CA ASN A 325 -39.73 -19.92 2.99
C ASN A 325 -41.07 -20.33 2.37
N MET A 326 -41.05 -21.15 1.31
CA MET A 326 -42.36 -21.54 0.75
C MET A 326 -43.10 -22.49 1.66
N VAL A 327 -42.43 -23.21 2.56
CA VAL A 327 -43.17 -24.03 3.51
C VAL A 327 -43.97 -23.14 4.45
N ALA A 328 -43.34 -22.09 4.98
CA ALA A 328 -44.04 -21.17 5.87
C ALA A 328 -44.99 -20.25 5.14
N LYS A 329 -44.73 -19.95 3.87
CA LYS A 329 -45.51 -18.97 3.13
C LYS A 329 -46.94 -19.42 2.88
N ASN A 330 -47.25 -20.70 3.07
CA ASN A 330 -48.58 -21.22 2.82
C ASN A 330 -49.03 -22.08 4.00
N ALA A 331 -50.33 -22.35 4.04
CA ALA A 331 -50.86 -23.28 5.03
C ALA A 331 -50.23 -24.64 4.85
N GLU A 332 -49.90 -25.29 5.96
CA GLU A 332 -49.15 -26.53 5.93
C GLU A 332 -50.06 -27.68 5.50
N MET A 333 -49.86 -28.16 4.27
CA MET A 333 -50.56 -29.33 3.75
C MET A 333 -49.59 -30.31 3.11
N HIS A 334 -48.30 -30.18 3.39
CA HIS A 334 -47.25 -31.04 2.85
C HIS A 334 -46.35 -31.52 3.98
N LYS A 335 -46.97 -32.03 5.05
CA LYS A 335 -46.24 -32.43 6.24
C LYS A 335 -45.28 -33.57 5.98
N ASN A 336 -45.44 -34.31 4.88
CA ASN A 336 -44.52 -35.39 4.55
C ASN A 336 -43.11 -34.87 4.33
N LYS A 337 -42.99 -33.75 3.59
CA LYS A 337 -41.67 -33.17 3.35
C LYS A 337 -41.03 -32.71 4.66
N LEU A 338 -41.81 -32.08 5.54
CA LEU A 338 -41.28 -31.65 6.83
C LEU A 338 -40.82 -32.85 7.66
N GLN A 339 -41.60 -33.92 7.67
CA GLN A 339 -41.21 -35.11 8.42
C GLN A 339 -39.93 -35.70 7.86
N TYR A 340 -39.81 -35.78 6.53
CA TYR A 340 -38.58 -36.30 5.93
C TYR A 340 -37.38 -35.43 6.28
N PHE A 341 -37.56 -34.10 6.22
CA PHE A 341 -36.45 -33.21 6.54
C PHE A 341 -36.02 -33.34 7.99
N MET A 342 -36.99 -33.43 8.90
CA MET A 342 -36.66 -33.60 10.31
C MET A 342 -35.95 -34.93 10.56
N GLU A 343 -36.41 -36.00 9.91
CA GLU A 343 -35.76 -37.29 10.05
C GLU A 343 -34.32 -37.23 9.54
N GLN A 344 -34.11 -36.59 8.39
CA GLN A 344 -32.76 -36.46 7.85
C GLN A 344 -31.86 -35.66 8.79
N PHE A 345 -32.39 -34.56 9.34
CA PHE A 345 -31.60 -33.75 10.25
C PHE A 345 -31.23 -34.53 11.51
N TYR A 346 -32.19 -35.26 12.07
CA TYR A 346 -31.92 -36.06 13.26
C TYR A 346 -30.89 -37.14 12.97
N GLY A 347 -30.99 -37.79 11.81
CA GLY A 347 -29.99 -38.76 11.44
C GLY A 347 -28.60 -38.15 11.29
N ILE A 348 -28.53 -36.96 10.71
CA ILE A 348 -27.23 -36.29 10.55
C ILE A 348 -26.64 -35.95 11.91
N ILE A 349 -27.44 -35.40 12.82
CA ILE A 349 -26.91 -34.90 14.09
C ILE A 349 -26.72 -35.97 15.14
N ARG A 350 -27.31 -37.15 14.97
CA ARG A 350 -27.22 -38.23 15.97
C ARG A 350 -26.25 -39.31 15.53
N ASN A 351 -25.15 -38.91 14.88
CA ASN A 351 -24.12 -39.85 14.47
C ASN A 351 -22.81 -39.10 14.33
N VAL A 352 -21.71 -39.87 14.37
CA VAL A 352 -20.39 -39.28 14.18
C VAL A 352 -19.79 -39.81 12.88
N ASP A 353 -20.07 -39.10 11.79
CA ASP A 353 -19.46 -39.40 10.50
C ASP A 353 -19.13 -38.14 9.70
N SER A 354 -19.35 -36.95 10.28
CA SER A 354 -19.33 -35.71 9.54
C SER A 354 -18.36 -34.72 10.18
N ASN A 355 -17.94 -33.76 9.37
CA ASN A 355 -17.16 -32.63 9.85
C ASN A 355 -18.12 -31.54 10.34
N ASN A 356 -17.58 -30.35 10.60
CA ASN A 356 -18.40 -29.29 11.19
C ASN A 356 -19.41 -28.72 10.20
N LYS A 357 -19.11 -28.78 8.89
CA LYS A 357 -19.96 -28.12 7.91
C LYS A 357 -21.33 -28.77 7.82
N GLU A 358 -21.38 -30.09 7.69
CA GLU A 358 -22.67 -30.77 7.55
C GLU A 358 -23.49 -30.69 8.84
N LEU A 359 -22.84 -30.84 9.99
CA LEU A 359 -23.55 -30.67 11.25
C LEU A 359 -24.11 -29.25 11.38
N SER A 360 -23.31 -28.25 11.00
CA SER A 360 -23.76 -26.87 11.07
C SER A 360 -24.94 -26.62 10.15
N ILE A 361 -24.89 -27.15 8.93
CA ILE A 361 -26.01 -26.93 8.01
C ILE A 361 -27.26 -27.67 8.47
N ALA A 362 -27.09 -28.88 9.06
CA ALA A 362 -28.24 -29.57 9.62
C ALA A 362 -28.87 -28.78 10.75
N ILE A 363 -28.03 -28.21 11.61
CA ILE A 363 -28.54 -27.40 12.73
C ILE A 363 -29.25 -26.16 12.20
N ARG A 364 -28.67 -25.52 11.18
CA ARG A 364 -29.30 -24.34 10.59
C ARG A 364 -30.66 -24.68 10.01
N GLY A 365 -30.75 -25.79 9.27
CA GLY A 365 -32.04 -26.21 8.73
C GLY A 365 -33.04 -26.54 9.83
N TYR A 366 -32.58 -27.17 10.90
CA TYR A 366 -33.41 -27.38 12.08
C TYR A 366 -33.98 -26.05 12.55
N GLY A 367 -33.14 -25.03 12.63
CA GLY A 367 -33.60 -23.72 13.08
C GLY A 367 -34.63 -23.11 12.16
N LEU A 368 -34.36 -23.15 10.85
CA LEU A 368 -35.31 -22.56 9.90
C LEU A 368 -36.65 -23.28 9.94
N PHE A 369 -36.63 -24.61 10.02
CA PHE A 369 -37.88 -25.36 10.05
C PHE A 369 -38.54 -25.38 11.43
N ALA A 370 -37.86 -24.85 12.44
CA ALA A 370 -38.53 -24.66 13.73
C ALA A 370 -39.74 -23.74 13.60
N GLY A 371 -39.62 -22.68 12.79
CA GLY A 371 -40.68 -21.72 12.60
C GLY A 371 -42.00 -22.33 12.17
N PRO A 372 -42.05 -22.89 10.96
CA PRO A 372 -43.31 -23.47 10.46
C PRO A 372 -43.45 -24.94 10.82
N CYS A 373 -43.51 -25.22 12.12
CA CYS A 373 -43.74 -26.57 12.61
C CYS A 373 -44.90 -26.56 13.60
N LYS A 374 -45.13 -25.42 14.24
CA LYS A 374 -46.20 -25.28 15.21
C LYS A 374 -47.58 -25.18 14.56
N VAL A 375 -47.63 -24.97 13.24
CA VAL A 375 -48.93 -24.76 12.58
C VAL A 375 -49.78 -26.01 12.66
N ILE A 376 -49.19 -27.18 12.40
CA ILE A 376 -49.94 -28.43 12.42
C ILE A 376 -49.74 -29.13 13.75
N ASN A 377 -48.59 -28.95 14.38
CA ASN A 377 -48.25 -29.62 15.63
C ASN A 377 -48.02 -28.55 16.70
N ALA A 378 -49.09 -28.19 17.40
CA ALA A 378 -48.97 -27.27 18.53
C ALA A 378 -48.18 -27.94 19.64
N LYS A 379 -47.50 -27.10 20.43
CA LYS A 379 -46.69 -27.53 21.57
C LYS A 379 -45.45 -28.31 21.11
N ASP A 380 -45.32 -28.56 19.80
CA ASP A 380 -44.07 -29.11 19.29
C ASP A 380 -42.97 -28.07 19.35
N VAL A 381 -43.31 -26.79 19.13
CA VAL A 381 -42.35 -25.71 19.34
C VAL A 381 -41.94 -25.63 20.80
N ASP A 382 -42.85 -25.99 21.71
CA ASP A 382 -42.49 -26.04 23.12
C ASP A 382 -41.45 -27.11 23.38
N PHE A 383 -41.56 -28.26 22.69
CA PHE A 383 -40.46 -29.23 22.71
C PHE A 383 -39.20 -28.59 22.16
N MET A 384 -39.31 -27.85 21.06
CA MET A 384 -38.20 -27.08 20.54
C MET A 384 -37.83 -26.00 21.56
N TYR A 385 -36.71 -25.33 21.30
CA TYR A 385 -36.12 -24.36 22.24
C TYR A 385 -35.76 -24.98 23.58
N VAL A 386 -35.89 -26.29 23.72
CA VAL A 386 -35.51 -27.01 24.93
C VAL A 386 -34.45 -28.07 24.63
N GLU A 387 -34.65 -28.84 23.56
CA GLU A 387 -33.63 -29.80 23.15
C GLU A 387 -32.37 -29.09 22.70
N LEU A 388 -32.50 -27.99 21.96
CA LEU A 388 -31.33 -27.27 21.47
C LEU A 388 -30.51 -26.69 22.61
N ILE A 389 -31.18 -26.10 23.61
CA ILE A 389 -30.45 -25.49 24.71
C ILE A 389 -29.76 -26.55 25.56
N GLN A 390 -30.42 -27.69 25.77
CA GLN A 390 -29.77 -28.78 26.50
C GLN A 390 -28.59 -29.32 25.72
N ARG A 391 -28.71 -29.40 24.39
CA ARG A 391 -27.58 -29.80 23.55
C ARG A 391 -26.42 -28.84 23.72
N CYS A 392 -26.69 -27.54 23.70
CA CYS A 392 -25.64 -26.56 23.90
C CYS A 392 -25.00 -26.72 25.27
N LYS A 393 -25.83 -26.93 26.29
CA LYS A 393 -25.32 -27.04 27.66
C LYS A 393 -24.41 -28.25 27.82
N GLN A 394 -24.81 -29.39 27.26
CA GLN A 394 -23.96 -30.58 27.36
C GLN A 394 -22.76 -30.51 26.42
N MET A 395 -22.83 -29.70 25.37
CA MET A 395 -21.74 -29.63 24.41
C MET A 395 -20.64 -28.69 24.87
N PHE A 396 -20.96 -27.40 25.02
CA PHE A 396 -19.94 -26.38 25.27
C PHE A 396 -20.38 -25.40 26.35
N LEU A 397 -20.87 -25.92 27.47
CA LEU A 397 -21.14 -25.10 28.63
C LEU A 397 -20.24 -25.42 29.81
N THR A 398 -19.33 -26.40 29.67
CA THR A 398 -18.36 -26.68 30.70
C THR A 398 -17.18 -25.72 30.56
N GLN A 399 -16.81 -25.06 31.65
CA GLN A 399 -15.73 -24.07 31.58
C GLN A 399 -14.40 -24.77 31.34
N THR A 400 -13.43 -23.99 30.83
CA THR A 400 -12.15 -24.50 30.36
C THR A 400 -12.37 -25.57 29.29
N ASP A 401 -12.93 -25.09 28.18
CA ASP A 401 -13.44 -25.94 27.11
C ASP A 401 -12.41 -26.93 26.59
N THR A 402 -12.63 -28.21 26.85
CA THR A 402 -11.97 -29.30 26.14
C THR A 402 -12.84 -29.76 24.98
N GLY A 403 -13.21 -28.81 24.12
CA GLY A 403 -14.23 -29.08 23.11
C GLY A 403 -13.78 -30.08 22.06
N ASP A 404 -12.54 -29.95 21.57
CA ASP A 404 -12.05 -30.70 20.42
C ASP A 404 -12.91 -30.40 19.18
N ASP A 405 -12.77 -29.15 18.74
CA ASP A 405 -13.44 -28.63 17.53
C ASP A 405 -14.96 -28.68 17.70
N ARG A 406 -15.44 -27.84 18.62
CA ARG A 406 -16.86 -27.57 18.78
C ARG A 406 -17.23 -26.11 18.55
N VAL A 407 -16.27 -25.22 18.35
CA VAL A 407 -16.55 -23.79 18.23
C VAL A 407 -17.34 -23.51 16.95
N TYR A 408 -17.05 -24.27 15.88
CA TYR A 408 -17.62 -23.96 14.57
C TYR A 408 -19.14 -24.01 14.58
N GLN A 409 -19.72 -24.97 15.29
CA GLN A 409 -21.17 -25.16 15.25
C GLN A 409 -21.93 -24.09 16.03
N MET A 410 -21.26 -23.26 16.81
CA MET A 410 -21.94 -22.34 17.72
C MET A 410 -22.83 -21.31 17.02
N PRO A 411 -22.35 -20.56 16.01
CA PRO A 411 -23.23 -19.56 15.40
C PRO A 411 -24.48 -20.17 14.79
N SER A 412 -24.37 -21.39 14.27
CA SER A 412 -25.57 -22.10 13.83
C SER A 412 -26.54 -22.30 14.98
N PHE A 413 -26.02 -22.63 16.17
CA PHE A 413 -26.87 -22.77 17.34
C PHE A 413 -27.59 -21.46 17.65
N LEU A 414 -26.85 -20.35 17.65
CA LEU A 414 -27.51 -19.07 17.94
C LEU A 414 -28.57 -18.71 16.91
N GLN A 415 -28.28 -18.94 15.63
CA GLN A 415 -29.28 -18.64 14.61
C GLN A 415 -30.51 -19.53 14.78
N SER A 416 -30.30 -20.81 15.05
CA SER A 416 -31.40 -21.75 15.17
C SER A 416 -32.28 -21.41 16.37
N VAL A 417 -31.68 -21.17 17.53
CA VAL A 417 -32.48 -20.85 18.70
C VAL A 417 -33.21 -19.51 18.53
N ALA A 418 -32.58 -18.54 17.85
CA ALA A 418 -33.27 -17.29 17.58
C ALA A 418 -34.49 -17.52 16.69
N SER A 419 -34.34 -18.37 15.67
CA SER A 419 -35.43 -18.59 14.73
C SER A 419 -36.68 -19.13 15.42
N VAL A 420 -36.50 -20.11 16.32
CA VAL A 420 -37.63 -20.61 17.09
C VAL A 420 -38.07 -19.57 18.13
N LEU A 421 -37.13 -18.74 18.60
CA LEU A 421 -37.48 -17.72 19.59
C LEU A 421 -38.48 -16.71 19.04
N LEU A 422 -38.34 -16.34 17.77
CA LEU A 422 -39.24 -15.33 17.21
C LEU A 422 -40.69 -15.76 17.30
N TYR A 423 -40.98 -17.02 16.98
CA TYR A 423 -42.35 -17.54 16.96
C TYR A 423 -42.70 -18.31 18.22
N LEU A 424 -42.18 -17.87 19.37
CA LEU A 424 -42.40 -18.55 20.64
C LEU A 424 -43.21 -17.67 21.59
N ASP A 425 -44.13 -18.28 22.30
CA ASP A 425 -44.93 -17.61 23.32
C ASP A 425 -44.76 -18.33 24.65
N THR A 426 -44.86 -17.55 25.74
CA THR A 426 -44.73 -18.07 27.09
C THR A 426 -43.39 -18.78 27.29
N VAL A 427 -42.34 -17.97 27.24
CA VAL A 427 -40.97 -18.44 27.37
C VAL A 427 -40.83 -19.21 28.68
N PRO A 428 -40.17 -20.37 28.68
CA PRO A 428 -40.07 -21.17 29.92
C PRO A 428 -39.39 -20.47 31.08
N GLU A 429 -38.66 -19.38 30.82
CA GLU A 429 -38.10 -18.49 31.85
C GLU A 429 -37.10 -19.18 32.76
N VAL A 430 -36.82 -20.45 32.51
CA VAL A 430 -35.82 -21.19 33.28
C VAL A 430 -34.50 -21.29 32.53
N TYR A 431 -34.56 -21.45 31.21
CA TYR A 431 -33.37 -21.58 30.38
C TYR A 431 -32.83 -20.23 29.90
N THR A 432 -33.53 -19.13 30.18
CA THR A 432 -33.02 -17.82 29.79
C THR A 432 -31.62 -17.54 30.33
N PRO A 433 -31.26 -17.88 31.58
CA PRO A 433 -29.84 -17.76 31.96
C PRO A 433 -28.92 -18.56 31.08
N VAL A 434 -29.36 -19.73 30.62
CA VAL A 434 -28.54 -20.54 29.74
C VAL A 434 -28.36 -19.85 28.39
N LEU A 435 -29.43 -19.24 27.87
CA LEU A 435 -29.32 -18.51 26.62
C LEU A 435 -28.37 -17.32 26.74
N GLU A 436 -28.46 -16.58 27.85
CA GLU A 436 -27.55 -15.46 28.07
C GLU A 436 -26.12 -15.95 28.17
N HIS A 437 -25.89 -17.05 28.89
CA HIS A 437 -24.55 -17.62 28.95
C HIS A 437 -24.04 -18.02 27.58
N LEU A 438 -24.93 -18.58 26.76
CA LEU A 438 -24.55 -18.99 25.41
C LEU A 438 -24.13 -17.80 24.56
N VAL A 439 -24.90 -16.71 24.62
CA VAL A 439 -24.57 -15.52 23.83
C VAL A 439 -23.25 -14.94 24.32
N VAL A 440 -23.05 -14.89 25.63
CA VAL A 440 -21.79 -14.37 26.18
C VAL A 440 -20.62 -15.22 25.71
N MET A 441 -20.79 -16.55 25.73
CA MET A 441 -19.72 -17.44 25.30
C MET A 441 -19.40 -17.26 23.84
N GLN A 442 -20.42 -17.09 23.00
CA GLN A 442 -20.18 -16.86 21.58
C GLN A 442 -19.45 -15.54 21.35
N ILE A 443 -19.85 -14.49 22.08
CA ILE A 443 -19.15 -13.22 21.96
C ILE A 443 -17.69 -13.38 22.36
N ASP A 444 -17.44 -14.12 23.44
CA ASP A 444 -16.08 -14.33 23.90
C ASP A 444 -15.26 -15.12 22.88
N SER A 445 -15.88 -16.09 22.22
CA SER A 445 -15.19 -16.95 21.26
C SER A 445 -15.14 -16.38 19.85
N PHE A 446 -15.76 -15.22 19.62
CA PHE A 446 -15.69 -14.55 18.32
C PHE A 446 -14.28 -14.42 17.74
N PRO A 447 -13.26 -13.96 18.47
CA PRO A 447 -11.95 -13.74 17.82
C PRO A 447 -11.26 -15.01 17.37
N GLN A 448 -11.81 -16.19 17.66
CA GLN A 448 -11.24 -17.45 17.19
C GLN A 448 -11.91 -17.92 15.90
N TYR A 449 -12.31 -16.98 15.05
CA TYR A 449 -13.00 -17.26 13.79
C TYR A 449 -12.14 -16.81 12.63
N SER A 450 -12.71 -16.84 11.44
CA SER A 450 -12.03 -16.48 10.20
C SER A 450 -12.85 -15.44 9.46
N PRO A 451 -12.20 -14.64 8.60
CA PRO A 451 -12.95 -13.72 7.75
C PRO A 451 -13.92 -14.48 6.85
N LYS A 452 -15.01 -13.80 6.50
CA LYS A 452 -16.14 -14.36 5.75
C LYS A 452 -16.95 -15.28 6.64
N MET A 453 -16.43 -15.57 7.83
CA MET A 453 -17.17 -16.26 8.87
C MET A 453 -17.57 -15.34 10.02
N GLN A 454 -16.82 -14.27 10.25
CA GLN A 454 -17.22 -13.29 11.25
C GLN A 454 -18.24 -12.34 10.66
N LEU A 455 -19.25 -12.89 9.98
CA LEU A 455 -20.43 -12.14 9.58
C LEU A 455 -21.67 -12.96 9.95
N VAL A 456 -21.54 -14.29 9.86
CA VAL A 456 -22.64 -15.18 10.21
C VAL A 456 -22.93 -15.09 11.70
N CYS A 457 -21.88 -15.11 12.53
CA CYS A 457 -22.06 -15.00 13.96
C CYS A 457 -22.63 -13.64 14.36
N CYS A 458 -22.17 -12.57 13.69
CA CYS A 458 -22.72 -11.25 13.97
C CYS A 458 -24.20 -11.18 13.59
N ARG A 459 -24.56 -11.75 12.44
CA ARG A 459 -25.97 -11.78 12.05
C ARG A 459 -26.78 -12.59 13.05
N ALA A 460 -26.24 -13.71 13.53
CA ALA A 460 -26.95 -14.51 14.53
C ALA A 460 -27.14 -13.73 15.81
N ILE A 461 -26.12 -12.98 16.24
CA ILE A 461 -26.23 -12.17 17.45
C ILE A 461 -27.31 -11.12 17.29
N VAL A 462 -27.33 -10.44 16.14
CA VAL A 462 -28.33 -9.42 15.91
C VAL A 462 -29.73 -10.04 15.87
N LYS A 463 -29.85 -11.22 15.25
CA LYS A 463 -31.15 -11.87 15.17
C LYS A 463 -31.65 -12.29 16.54
N VAL A 464 -30.77 -12.84 17.38
CA VAL A 464 -31.20 -13.26 18.70
C VAL A 464 -31.51 -12.04 19.57
N PHE A 465 -30.80 -10.92 19.36
CA PHE A 465 -31.13 -9.70 20.08
C PHE A 465 -32.50 -9.17 19.67
N LEU A 466 -32.80 -9.23 18.37
CA LEU A 466 -34.12 -8.80 17.91
C LEU A 466 -35.21 -9.70 18.48
N ALA A 467 -34.96 -11.01 18.52
CA ALA A 467 -35.94 -11.93 19.09
C ALA A 467 -36.15 -11.67 20.58
N LEU A 468 -35.06 -11.41 21.30
CA LEU A 468 -35.16 -11.16 22.74
C LEU A 468 -35.98 -9.91 23.03
N ALA A 469 -35.77 -8.85 22.26
CA ALA A 469 -36.48 -7.60 22.44
C ALA A 469 -37.79 -7.54 21.66
N ALA A 470 -38.16 -8.62 20.97
CA ALA A 470 -39.39 -8.63 20.20
C ALA A 470 -40.64 -8.66 21.07
N LYS A 471 -40.49 -8.95 22.37
CA LYS A 471 -41.61 -9.05 23.28
C LYS A 471 -41.68 -7.81 24.16
N GLY A 472 -42.81 -7.64 24.83
CA GLY A 472 -42.98 -6.57 25.79
C GLY A 472 -41.97 -6.72 26.91
N PRO A 473 -41.61 -5.62 27.56
CA PRO A 473 -40.50 -5.68 28.50
C PRO A 473 -40.88 -6.38 29.80
N VAL A 474 -40.51 -7.65 29.88
CA VAL A 474 -40.41 -8.37 31.14
C VAL A 474 -39.10 -9.14 31.07
N LEU A 475 -38.56 -9.25 29.86
CA LEU A 475 -37.30 -9.93 29.63
C LEU A 475 -36.38 -9.16 28.68
N ARG A 476 -36.63 -7.86 28.48
CA ARG A 476 -35.64 -7.05 27.77
C ARG A 476 -34.40 -6.86 28.61
N ASN A 477 -34.51 -7.06 29.93
CA ASN A 477 -33.36 -6.96 30.83
C ASN A 477 -32.33 -8.05 30.57
N CYS A 478 -32.69 -9.13 29.88
CA CYS A 478 -31.67 -10.09 29.49
C CYS A 478 -30.67 -9.48 28.52
N ILE A 479 -31.12 -8.56 27.66
CA ILE A 479 -30.18 -7.82 26.83
C ILE A 479 -29.23 -7.02 27.71
N SER A 480 -29.78 -6.38 28.75
CA SER A 480 -28.95 -5.64 29.70
C SER A 480 -27.88 -6.52 30.30
N THR A 481 -28.28 -7.70 30.77
CA THR A 481 -27.32 -8.61 31.38
C THR A 481 -26.26 -9.06 30.36
N VAL A 482 -26.68 -9.42 29.15
CA VAL A 482 -25.76 -10.05 28.22
C VAL A 482 -24.73 -9.06 27.70
N VAL A 483 -25.16 -7.85 27.32
CA VAL A 483 -24.19 -6.89 26.78
C VAL A 483 -23.23 -6.45 27.87
N HIS A 484 -23.76 -6.24 29.08
CA HIS A 484 -22.92 -5.81 30.19
C HIS A 484 -21.91 -6.90 30.55
N GLN A 485 -22.32 -8.16 30.48
CA GLN A 485 -21.39 -9.25 30.77
C GLN A 485 -20.36 -9.42 29.65
N GLY A 486 -20.78 -9.21 28.40
CA GLY A 486 -19.83 -9.28 27.31
C GLY A 486 -18.77 -8.21 27.40
N LEU A 487 -19.16 -7.02 27.88
CA LEU A 487 -18.17 -5.98 28.12
C LEU A 487 -17.16 -6.41 29.17
N ILE A 488 -17.62 -7.06 30.24
CA ILE A 488 -16.70 -7.59 31.25
C ILE A 488 -15.75 -8.60 30.61
N ARG A 489 -16.30 -9.48 29.78
CA ARG A 489 -15.46 -10.51 29.16
C ARG A 489 -14.40 -9.89 28.28
N ILE A 490 -14.77 -8.86 27.50
CA ILE A 490 -13.81 -8.21 26.62
C ILE A 490 -12.75 -7.48 27.43
N CYS A 491 -13.16 -6.69 28.42
CA CYS A 491 -12.19 -5.95 29.21
C CYS A 491 -11.31 -6.85 30.06
N SER A 492 -11.73 -8.09 30.32
CA SER A 492 -10.92 -9.01 31.09
C SER A 492 -9.73 -9.56 30.33
N LYS A 493 -9.72 -9.44 29.01
CA LYS A 493 -8.60 -9.94 28.22
C LYS A 493 -7.33 -9.15 28.55
N PRO A 494 -6.17 -9.78 28.47
CA PRO A 494 -4.92 -9.06 28.74
C PRO A 494 -4.71 -7.92 27.76
N VAL A 495 -4.14 -6.84 28.25
CA VAL A 495 -3.92 -5.64 27.44
C VAL A 495 -2.66 -5.81 26.61
N VAL A 496 -2.75 -5.44 25.34
CA VAL A 496 -1.60 -5.52 24.44
C VAL A 496 -1.27 -4.14 23.89
N LYS A 520 -3.75 -18.35 18.98
CA LYS A 520 -4.04 -16.93 18.79
C LYS A 520 -4.63 -16.32 20.05
N VAL A 521 -3.81 -15.61 20.80
CA VAL A 521 -4.30 -14.92 22.00
C VAL A 521 -5.14 -13.72 21.58
N PRO A 522 -6.37 -13.58 22.07
CA PRO A 522 -7.24 -12.51 21.59
C PRO A 522 -7.15 -11.24 22.44
N THR A 523 -7.37 -10.10 21.78
CA THR A 523 -7.47 -8.81 22.42
C THR A 523 -8.72 -8.10 21.92
N TYR A 524 -9.00 -6.93 22.51
CA TYR A 524 -10.19 -6.17 22.14
C TYR A 524 -10.14 -5.74 20.68
N LYS A 525 -8.95 -5.61 20.11
CA LYS A 525 -8.81 -5.20 18.72
C LYS A 525 -9.51 -6.18 17.78
N ASP A 526 -9.69 -7.43 18.23
CA ASP A 526 -10.46 -8.38 17.44
C ASP A 526 -11.96 -8.14 17.57
N TYR A 527 -12.41 -7.70 18.75
CA TYR A 527 -13.83 -7.47 19.00
C TYR A 527 -14.32 -6.12 18.52
N VAL A 528 -13.42 -5.21 18.12
CA VAL A 528 -13.88 -3.89 17.72
C VAL A 528 -14.80 -3.99 16.51
N ASP A 529 -14.46 -4.83 15.53
CA ASP A 529 -15.32 -4.98 14.37
C ASP A 529 -16.65 -5.62 14.76
N LEU A 530 -16.61 -6.63 15.63
CA LEU A 530 -17.83 -7.29 16.08
C LEU A 530 -18.79 -6.26 16.66
N PHE A 531 -18.32 -5.46 17.62
CA PHE A 531 -19.24 -4.50 18.23
C PHE A 531 -19.65 -3.41 17.26
N ARG A 532 -18.68 -2.85 16.51
CA ARG A 532 -19.01 -1.81 15.56
C ARG A 532 -20.02 -2.26 14.52
N HIS A 533 -20.16 -3.57 14.32
CA HIS A 533 -21.14 -4.12 13.39
C HIS A 533 -22.57 -4.07 13.91
N LEU A 534 -22.82 -3.63 15.16
CA LEU A 534 -24.19 -3.61 15.63
C LEU A 534 -24.60 -2.40 16.46
N LEU A 535 -23.77 -1.36 16.59
CA LEU A 535 -24.30 -0.10 17.11
C LEU A 535 -25.33 0.47 16.15
N SER A 536 -24.92 0.80 14.94
CA SER A 536 -25.85 1.16 13.87
C SER A 536 -25.25 0.67 12.56
N SER A 537 -25.56 -0.57 12.21
CA SER A 537 -25.14 -1.17 10.95
C SER A 537 -26.24 -2.05 10.38
N ASP A 538 -27.50 -1.64 10.58
CA ASP A 538 -28.66 -2.50 10.36
C ASP A 538 -28.58 -3.26 9.05
N GLN A 539 -28.52 -4.58 9.15
CA GLN A 539 -28.44 -5.43 7.97
C GLN A 539 -29.79 -5.47 7.25
N MET A 540 -30.82 -5.97 7.94
CA MET A 540 -32.22 -5.86 7.54
C MET A 540 -32.56 -6.61 6.25
N MET A 541 -31.78 -7.60 5.85
CA MET A 541 -32.30 -8.55 4.87
C MET A 541 -32.98 -9.75 5.53
N ASP A 542 -32.82 -9.91 6.85
CA ASP A 542 -33.54 -10.96 7.56
C ASP A 542 -35.04 -10.69 7.56
N SER A 543 -35.43 -9.42 7.72
CA SER A 543 -36.83 -9.02 7.73
C SER A 543 -37.64 -9.75 8.80
N LEU A 560 -33.80 -0.92 17.01
CA LEU A 560 -32.90 -1.87 17.63
C LEU A 560 -31.51 -1.28 17.80
N ASN A 561 -31.10 -0.48 16.82
CA ASN A 561 -29.79 0.17 16.90
C ASN A 561 -29.73 1.13 18.09
N HIS A 562 -30.80 1.91 18.30
CA HIS A 562 -30.82 2.85 19.40
C HIS A 562 -30.76 2.13 20.74
N LEU A 563 -31.53 1.05 20.90
CA LEU A 563 -31.50 0.31 22.15
C LEU A 563 -30.12 -0.26 22.42
N LEU A 564 -29.50 -0.86 21.41
CA LEU A 564 -28.16 -1.43 21.60
C LEU A 564 -27.15 -0.34 21.95
N TYR A 565 -27.21 0.81 21.27
CA TYR A 565 -26.27 1.88 21.55
C TYR A 565 -26.42 2.39 22.98
N ASP A 566 -27.65 2.73 23.36
CA ASP A 566 -27.84 3.29 24.70
C ASP A 566 -27.56 2.25 25.78
N GLU A 567 -27.79 0.97 25.48
CA GLU A 567 -27.58 -0.06 26.49
C GLU A 567 -26.09 -0.33 26.65
N PHE A 568 -25.33 -0.27 25.55
CA PHE A 568 -23.87 -0.34 25.64
C PHE A 568 -23.32 0.83 26.42
N VAL A 569 -23.83 2.04 26.18
CA VAL A 569 -23.27 3.19 26.89
C VAL A 569 -23.62 3.12 28.39
N LYS A 570 -24.82 2.62 28.72
CA LYS A 570 -25.16 2.43 30.11
C LYS A 570 -24.27 1.37 30.76
N SER A 571 -23.93 0.32 30.01
CA SER A 571 -23.01 -0.68 30.52
C SER A 571 -21.62 -0.09 30.77
N VAL A 572 -21.16 0.80 29.87
CA VAL A 572 -19.89 1.48 30.12
C VAL A 572 -19.96 2.29 31.41
N LEU A 573 -21.08 2.99 31.61
CA LEU A 573 -21.22 3.79 32.83
C LEU A 573 -21.18 2.90 34.06
N LYS A 574 -21.89 1.76 34.01
CA LYS A 574 -21.90 0.84 35.15
C LYS A 574 -20.52 0.25 35.41
N ILE A 575 -19.78 -0.06 34.34
CA ILE A 575 -18.43 -0.58 34.49
C ILE A 575 -17.53 0.44 35.16
N VAL A 576 -17.53 1.67 34.65
CA VAL A 576 -16.64 2.68 35.20
C VAL A 576 -17.06 3.07 36.61
N GLU A 577 -18.31 2.79 37.00
CA GLU A 577 -18.73 3.06 38.36
C GLU A 577 -18.15 2.04 39.34
N LYS A 578 -18.12 0.76 38.95
CA LYS A 578 -17.77 -0.31 39.89
C LYS A 578 -16.27 -0.53 40.04
N LEU A 579 -15.47 -0.17 39.03
CA LEU A 579 -14.05 -0.46 39.08
C LEU A 579 -13.38 0.29 40.22
N ASP A 580 -12.43 -0.37 40.88
CA ASP A 580 -11.64 0.21 41.95
C ASP A 580 -10.29 0.63 41.37
N LEU A 581 -10.08 1.95 41.26
CA LEU A 581 -8.89 2.48 40.61
C LEU A 581 -8.02 3.29 41.57
N THR A 582 -8.18 3.09 42.87
CA THR A 582 -7.37 3.82 43.84
C THR A 582 -5.91 3.40 43.74
N LEU A 583 -5.02 4.33 44.07
CA LEU A 583 -3.58 4.11 43.97
C LEU A 583 -2.95 4.08 45.36
N GLU A 584 -1.89 3.29 45.48
CA GLU A 584 -1.18 3.13 46.73
C GLU A 584 0.30 3.42 46.53
N ILE A 585 0.93 3.95 47.57
CA ILE A 585 2.35 4.29 47.51
C ILE A 585 3.20 3.02 47.47
N MET A 602 13.52 10.12 46.92
CA MET A 602 12.88 9.46 48.05
C MET A 602 11.53 10.15 48.26
N ILE A 603 11.56 11.48 48.35
CA ILE A 603 10.34 12.27 48.41
C ILE A 603 10.18 13.05 47.10
N PRO A 604 9.28 12.64 46.21
CA PRO A 604 9.18 13.30 44.91
C PRO A 604 8.14 14.41 44.88
N THR A 605 8.10 15.14 43.76
CA THR A 605 7.06 16.14 43.52
C THR A 605 6.05 15.70 42.47
N SER A 606 6.47 14.92 41.48
CA SER A 606 5.54 14.39 40.50
C SER A 606 4.53 13.50 41.20
N ASP A 607 3.25 13.69 40.86
CA ASP A 607 2.19 12.89 41.48
C ASP A 607 2.33 11.41 41.17
N PRO A 608 2.47 10.95 39.90
CA PRO A 608 2.62 9.52 39.62
C PRO A 608 4.07 9.04 39.63
N ALA A 609 4.80 9.37 40.70
CA ALA A 609 6.20 8.97 40.80
C ALA A 609 6.35 7.63 41.53
N ALA A 610 5.92 7.59 42.79
CA ALA A 610 5.87 6.35 43.54
C ALA A 610 4.45 5.96 43.96
N ASN A 611 3.52 6.92 43.96
CA ASN A 611 2.14 6.62 44.28
C ASN A 611 1.47 5.79 43.20
N LEU A 612 2.01 5.79 41.98
CA LEU A 612 1.40 5.07 40.86
C LEU A 612 1.65 3.57 41.06
N HIS A 613 0.87 2.98 41.96
CA HIS A 613 0.83 1.53 42.16
C HIS A 613 -0.61 1.17 42.46
N PRO A 614 -1.37 0.73 41.46
CA PRO A 614 -2.80 0.47 41.68
C PRO A 614 -3.02 -0.61 42.72
N ALA A 615 -4.09 -0.44 43.50
CA ALA A 615 -4.44 -1.45 44.49
C ALA A 615 -4.79 -2.78 43.83
N LYS A 616 -5.55 -2.72 42.74
CA LYS A 616 -5.94 -3.92 41.99
C LYS A 616 -5.49 -3.77 40.54
N PRO A 617 -4.33 -4.29 40.18
CA PRO A 617 -3.85 -4.12 38.80
C PRO A 617 -4.79 -4.69 37.75
N LYS A 618 -5.54 -5.74 38.08
CA LYS A 618 -6.51 -6.26 37.11
C LYS A 618 -7.58 -5.23 36.80
N ASP A 619 -8.01 -4.47 37.81
CA ASP A 619 -8.97 -3.40 37.56
C ASP A 619 -8.40 -2.34 36.64
N PHE A 620 -7.13 -1.97 36.86
CA PHE A 620 -6.49 -0.97 35.99
C PHE A 620 -6.41 -1.47 34.55
N SER A 621 -6.02 -2.73 34.38
CA SER A 621 -5.95 -3.30 33.03
C SER A 621 -7.31 -3.32 32.37
N ALA A 622 -8.34 -3.69 33.13
CA ALA A 622 -9.69 -3.70 32.58
C ALA A 622 -10.12 -2.28 32.18
N PHE A 623 -9.78 -1.29 33.00
CA PHE A 623 -10.18 0.08 32.69
C PHE A 623 -9.47 0.60 31.44
N ILE A 624 -8.18 0.33 31.31
CA ILE A 624 -7.47 0.81 30.11
C ILE A 624 -7.98 0.07 28.87
N ASN A 625 -8.29 -1.22 29.02
CA ASN A 625 -8.91 -1.94 27.91
C ASN A 625 -10.23 -1.31 27.50
N LEU A 626 -11.06 -0.94 28.50
CA LEU A 626 -12.34 -0.32 28.20
C LEU A 626 -12.16 1.03 27.52
N VAL A 627 -11.19 1.83 27.99
CA VAL A 627 -11.03 3.16 27.42
C VAL A 627 -10.47 3.08 26.00
N GLU A 628 -9.64 2.07 25.72
CA GLU A 628 -9.16 1.91 24.35
C GLU A 628 -10.22 1.32 23.45
N PHE A 629 -11.09 0.46 23.98
CA PHE A 629 -12.16 -0.11 23.18
C PHE A 629 -13.21 0.94 22.84
N CYS A 630 -13.62 1.72 23.83
CA CYS A 630 -14.67 2.72 23.62
C CYS A 630 -14.22 3.85 22.70
N ARG A 631 -12.91 4.05 22.55
CA ARG A 631 -12.42 5.08 21.63
C ARG A 631 -12.73 4.74 20.19
N GLU A 632 -12.79 3.45 19.84
CA GLU A 632 -13.08 3.02 18.48
C GLU A 632 -14.53 2.65 18.27
N ILE A 633 -15.39 2.83 19.27
CA ILE A 633 -16.80 2.47 19.18
C ILE A 633 -17.70 3.70 19.15
N LEU A 634 -17.35 4.75 19.91
CA LEU A 634 -18.16 5.96 19.84
C LEU A 634 -17.40 7.21 19.40
N PRO A 635 -16.62 7.19 18.31
CA PRO A 635 -16.23 8.46 17.68
C PRO A 635 -17.13 8.85 16.52
N GLU A 636 -18.01 7.97 16.08
CA GLU A 636 -18.89 8.20 14.95
C GLU A 636 -20.32 7.78 15.29
N LYS A 637 -21.17 7.69 14.27
CA LYS A 637 -22.60 7.40 14.41
C LYS A 637 -23.20 8.16 15.58
N GLN A 638 -22.83 9.44 15.66
CA GLN A 638 -23.15 10.31 16.78
C GLN A 638 -24.34 11.22 16.49
N ALA A 639 -25.10 10.94 15.44
CA ALA A 639 -26.09 11.91 14.95
C ALA A 639 -27.14 12.21 16.01
N GLU A 640 -27.77 11.17 16.56
CA GLU A 640 -28.77 11.38 17.61
C GLU A 640 -28.66 10.42 18.77
N PHE A 641 -27.93 9.30 18.64
CA PHE A 641 -27.84 8.36 19.75
C PHE A 641 -27.13 8.97 20.94
N PHE A 642 -26.08 9.73 20.70
CA PHE A 642 -25.29 10.32 21.78
C PHE A 642 -25.90 11.62 22.31
N GLU A 643 -26.95 12.14 21.68
CA GLU A 643 -27.52 13.41 22.11
C GLU A 643 -28.04 13.38 23.54
N PRO A 644 -28.85 12.41 23.97
CA PRO A 644 -29.36 12.45 25.35
C PRO A 644 -28.34 12.05 26.40
N TRP A 645 -27.27 11.37 26.03
CA TRP A 645 -26.30 10.86 27.00
C TRP A 645 -25.20 11.86 27.32
N VAL A 646 -25.16 13.02 26.64
CA VAL A 646 -24.05 13.95 26.83
C VAL A 646 -23.99 14.41 28.28
N TYR A 647 -25.12 14.87 28.81
CA TYR A 647 -25.09 15.47 30.15
C TYR A 647 -24.73 14.46 31.21
N SER A 648 -25.42 13.32 31.25
CA SER A 648 -25.16 12.32 32.28
C SER A 648 -23.75 11.75 32.15
N PHE A 649 -23.33 11.45 30.91
CA PHE A 649 -21.99 10.92 30.69
C PHE A 649 -20.94 11.89 31.18
N SER A 650 -21.04 13.16 30.78
CA SER A 650 -20.06 14.15 31.20
C SER A 650 -20.07 14.31 32.71
N TYR A 651 -21.26 14.33 33.31
CA TYR A 651 -21.35 14.50 34.76
C TYR A 651 -20.63 13.37 35.49
N GLU A 652 -20.87 12.13 35.05
CA GLU A 652 -20.21 11.00 35.70
C GLU A 652 -18.70 11.04 35.49
N LEU A 653 -18.25 11.41 34.28
CA LEU A 653 -16.82 11.48 34.02
C LEU A 653 -16.13 12.52 34.91
N ILE A 654 -16.72 13.71 35.01
CA ILE A 654 -16.09 14.72 35.87
C ILE A 654 -16.16 14.31 37.33
N LEU A 655 -17.27 13.71 37.76
CA LEU A 655 -17.36 13.25 39.15
C LEU A 655 -16.28 12.24 39.47
N GLN A 656 -16.03 11.30 38.56
CA GLN A 656 -14.99 10.30 38.79
C GLN A 656 -13.60 10.92 38.71
N SER A 657 -13.38 11.81 37.75
CA SER A 657 -12.02 12.31 37.49
C SER A 657 -11.59 13.32 38.55
N THR A 658 -12.53 14.03 39.17
CA THR A 658 -12.15 14.97 40.21
C THR A 658 -11.54 14.25 41.41
N ARG A 659 -12.11 13.09 41.77
CA ARG A 659 -11.56 12.33 42.90
C ARG A 659 -10.18 11.77 42.56
N LEU A 660 -10.00 11.27 41.34
CA LEU A 660 -8.74 10.70 40.88
C LEU A 660 -8.27 11.52 39.68
N PRO A 661 -7.48 12.56 39.91
CA PRO A 661 -7.14 13.48 38.81
C PRO A 661 -6.09 12.92 37.87
N LEU A 662 -5.23 12.03 38.38
CA LEU A 662 -4.09 11.53 37.62
C LEU A 662 -4.36 10.16 37.00
N ILE A 663 -5.59 9.91 36.58
CA ILE A 663 -5.95 8.67 35.89
C ILE A 663 -6.19 9.04 34.43
N SER A 664 -5.22 8.72 33.58
CA SER A 664 -5.39 8.94 32.15
C SER A 664 -6.42 7.98 31.60
N GLY A 665 -7.35 8.51 30.82
CA GLY A 665 -8.42 7.71 30.27
C GLY A 665 -9.77 8.34 30.53
N PHE A 666 -9.94 8.91 31.73
CA PHE A 666 -11.10 9.76 31.96
C PHE A 666 -11.04 10.98 31.05
N TYR A 667 -9.85 11.55 30.87
CA TYR A 667 -9.68 12.61 29.89
C TYR A 667 -9.92 12.11 28.47
N LYS A 668 -9.56 10.87 28.18
CA LYS A 668 -9.81 10.33 26.85
C LYS A 668 -11.31 10.18 26.59
N LEU A 669 -12.04 9.65 27.57
CA LEU A 669 -13.49 9.53 27.41
C LEU A 669 -14.15 10.89 27.34
N LEU A 670 -13.66 11.85 28.13
CA LEU A 670 -14.19 13.20 28.07
C LEU A 670 -13.94 13.83 26.71
N SER A 671 -12.76 13.61 26.14
CA SER A 671 -12.48 14.11 24.81
C SER A 671 -13.41 13.46 23.79
N ILE A 672 -13.68 12.16 23.95
CA ILE A 672 -14.59 11.47 23.04
C ILE A 672 -15.98 12.09 23.11
N THR A 673 -16.49 12.31 24.32
CA THR A 673 -17.85 12.85 24.44
C THR A 673 -17.92 14.31 24.02
N VAL A 674 -16.87 15.11 24.26
CA VAL A 674 -16.91 16.49 23.83
C VAL A 674 -16.80 16.59 22.32
N ARG A 675 -16.02 15.70 21.69
CA ARG A 675 -15.99 15.67 20.24
C ARG A 675 -17.32 15.23 19.66
N ASN A 676 -17.99 14.28 20.33
CA ASN A 676 -19.31 13.87 19.88
C ASN A 676 -20.31 15.01 20.01
N ALA A 677 -20.25 15.77 21.10
CA ALA A 677 -21.11 16.93 21.25
C ALA A 677 -20.79 18.01 20.22
N LYS A 678 -19.53 18.13 19.83
CA LYS A 678 -19.15 19.10 18.82
C LYS A 678 -19.60 18.68 17.43
N LYS A 679 -19.66 17.37 17.17
CA LYS A 679 -20.07 16.91 15.84
C LYS A 679 -21.49 17.35 15.52
N ILE A 680 -22.40 17.22 16.48
CA ILE A 680 -23.74 17.80 16.35
C ILE A 680 -23.67 19.23 16.83
N LYS A 681 -24.70 20.02 16.53
CA LYS A 681 -24.77 21.37 17.07
C LYS A 681 -25.11 21.30 18.55
N TYR A 682 -24.30 21.96 19.37
CA TYR A 682 -24.48 21.88 20.81
C TYR A 682 -23.83 23.09 21.46
N PHE A 683 -24.19 23.31 22.73
CA PHE A 683 -23.66 24.39 23.56
C PHE A 683 -23.99 25.77 23.01
N GLU A 684 -25.01 25.89 22.18
CA GLU A 684 -25.36 27.19 21.61
C GLU A 684 -25.75 28.17 22.70
N GLY A 685 -25.21 29.37 22.63
CA GLY A 685 -25.47 30.39 23.63
C GLY A 685 -24.75 30.15 24.94
N LYS A 700 -29.52 22.48 29.39
CA LYS A 700 -28.16 22.10 28.99
C LYS A 700 -27.16 23.17 29.40
N TYR A 701 -27.67 24.34 29.78
CA TYR A 701 -26.78 25.43 30.21
C TYR A 701 -26.00 25.03 31.46
N SER A 702 -26.61 24.23 32.34
CA SER A 702 -25.87 23.73 33.49
C SER A 702 -24.71 22.86 33.05
N CYS A 703 -24.91 22.02 32.04
CA CYS A 703 -23.82 21.23 31.50
C CYS A 703 -22.72 22.11 30.93
N PHE A 704 -23.09 23.17 30.22
CA PHE A 704 -22.11 24.08 29.66
C PHE A 704 -21.29 24.76 30.76
N ALA A 705 -21.96 25.23 31.81
CA ALA A 705 -21.25 25.89 32.90
C ALA A 705 -20.32 24.93 33.62
N LEU A 706 -20.80 23.71 33.89
CA LEU A 706 -19.96 22.71 34.53
C LEU A 706 -18.75 22.37 33.66
N PHE A 707 -18.96 22.27 32.35
CA PHE A 707 -17.86 21.95 31.44
C PHE A 707 -16.84 23.07 31.42
N VAL A 708 -17.30 24.34 31.44
CA VAL A 708 -16.37 25.46 31.48
C VAL A 708 -15.56 25.43 32.77
N LYS A 709 -16.22 25.18 33.89
CA LYS A 709 -15.52 25.13 35.18
C LYS A 709 -14.47 24.04 35.19
N PHE A 710 -14.84 22.85 34.71
CA PHE A 710 -13.87 21.76 34.70
C PHE A 710 -12.75 22.00 33.70
N GLY A 711 -13.04 22.66 32.58
CA GLY A 711 -11.99 23.01 31.65
C GLY A 711 -10.97 23.94 32.26
N LYS A 712 -11.44 24.96 32.98
CA LYS A 712 -10.50 25.84 33.68
C LYS A 712 -9.69 25.07 34.71
N GLU A 713 -10.36 24.20 35.49
CA GLU A 713 -9.65 23.46 36.52
C GLU A 713 -8.58 22.55 35.94
N VAL A 714 -8.90 21.84 34.85
CA VAL A 714 -7.92 20.95 34.25
C VAL A 714 -6.81 21.74 33.57
N ALA A 715 -7.13 22.92 33.01
CA ALA A 715 -6.09 23.74 32.41
C ALA A 715 -5.08 24.19 33.45
N VAL A 716 -5.56 24.61 34.63
CA VAL A 716 -4.62 24.97 35.69
C VAL A 716 -4.04 23.75 36.38
N LYS A 717 -4.58 22.56 36.12
CA LYS A 717 -4.09 21.33 36.75
C LYS A 717 -2.95 20.67 35.98
N MET A 718 -3.03 20.65 34.65
CA MET A 718 -2.11 19.86 33.82
C MET A 718 -0.72 20.43 33.75
N LYS A 719 -0.34 21.43 34.55
CA LYS A 719 1.01 21.96 34.48
C LYS A 719 2.05 21.00 35.05
N GLN A 720 1.63 19.91 35.69
CA GLN A 720 2.56 19.02 36.37
C GLN A 720 2.59 17.60 35.82
N TYR A 721 1.71 17.26 34.89
CA TYR A 721 1.60 15.88 34.44
C TYR A 721 2.67 15.54 33.41
N LYS A 722 3.02 14.25 33.37
CA LYS A 722 4.09 13.76 32.51
C LYS A 722 3.51 13.35 31.15
N ASP A 723 4.31 12.64 30.36
CA ASP A 723 4.07 12.47 28.93
C ASP A 723 2.65 12.01 28.62
N GLU A 724 2.27 10.81 29.08
CA GLU A 724 1.00 10.23 28.67
C GLU A 724 -0.18 11.02 29.24
N LEU A 725 -0.12 11.36 30.53
CA LEU A 725 -1.20 12.12 31.15
C LEU A 725 -1.32 13.49 30.52
N LEU A 726 -0.20 14.16 30.26
CA LEU A 726 -0.24 15.48 29.65
C LEU A 726 -0.81 15.40 28.25
N ALA A 727 -0.46 14.34 27.50
CA ALA A 727 -1.00 14.17 26.16
C ALA A 727 -2.52 13.98 26.21
N SER A 728 -3.00 13.16 27.14
CA SER A 728 -4.45 12.97 27.26
C SER A 728 -5.14 14.28 27.65
N CYS A 729 -4.57 15.03 28.60
CA CYS A 729 -5.17 16.29 29.00
C CYS A 729 -5.22 17.27 27.84
N LEU A 730 -4.16 17.34 27.05
CA LEU A 730 -4.15 18.23 25.90
C LEU A 730 -5.16 17.80 24.85
N THR A 731 -5.25 16.50 24.58
CA THR A 731 -6.23 16.03 23.60
C THR A 731 -7.64 16.37 24.05
N PHE A 732 -7.89 16.37 25.36
CA PHE A 732 -9.20 16.80 25.84
C PHE A 732 -9.37 18.31 25.71
N LEU A 733 -8.35 19.07 26.11
CA LEU A 733 -8.49 20.52 26.22
C LEU A 733 -8.66 21.17 24.85
N LEU A 734 -7.80 20.81 23.90
CA LEU A 734 -7.89 21.42 22.58
C LEU A 734 -9.11 20.94 21.80
N SER A 735 -9.83 19.94 22.28
CA SER A 735 -11.04 19.47 21.63
C SER A 735 -12.28 20.26 22.02
N LEU A 736 -12.13 21.25 22.92
CA LEU A 736 -13.27 22.05 23.34
C LEU A 736 -13.82 22.86 22.17
N PRO A 737 -15.11 23.23 22.20
CA PRO A 737 -15.70 23.96 21.07
C PRO A 737 -14.97 25.26 20.78
N HIS A 738 -14.91 26.13 21.79
CA HIS A 738 -14.15 27.37 21.84
C HIS A 738 -14.65 28.41 20.85
N ASN A 739 -15.59 28.07 19.97
CA ASN A 739 -16.41 29.13 19.37
C ASN A 739 -17.36 29.71 20.40
N ILE A 740 -17.68 28.92 21.43
CA ILE A 740 -18.57 29.34 22.49
C ILE A 740 -17.83 29.47 23.81
N ILE A 741 -16.90 28.58 24.10
CA ILE A 741 -16.03 28.72 25.29
C ILE A 741 -14.81 29.49 24.82
N GLU A 742 -14.96 30.81 24.75
CA GLU A 742 -13.86 31.69 24.37
C GLU A 742 -13.52 32.71 25.45
N LEU A 743 -14.29 32.77 26.53
CA LEU A 743 -13.94 33.64 27.64
C LEU A 743 -12.61 33.20 28.24
N ASP A 744 -11.73 34.17 28.47
CA ASP A 744 -10.39 33.90 29.00
C ASP A 744 -9.64 32.93 28.08
N VAL A 745 -9.44 33.37 26.83
CA VAL A 745 -8.67 32.57 25.88
C VAL A 745 -7.21 32.51 26.29
N ARG A 746 -6.77 33.40 27.17
CA ARG A 746 -5.40 33.33 27.67
C ARG A 746 -5.17 32.05 28.48
N ALA A 747 -6.19 31.61 29.20
CA ALA A 747 -6.06 30.42 30.05
C ALA A 747 -5.83 29.15 29.25
N TYR A 748 -6.19 29.14 27.96
CA TYR A 748 -6.02 27.96 27.13
C TYR A 748 -4.83 28.05 26.19
N VAL A 749 -4.21 29.22 26.06
CA VAL A 749 -3.07 29.36 25.15
C VAL A 749 -1.90 28.45 25.55
N PRO A 750 -1.48 28.37 26.82
CA PRO A 750 -0.41 27.44 27.17
C PRO A 750 -0.74 26.00 26.87
N ALA A 751 -2.02 25.64 26.81
CA ALA A 751 -2.39 24.29 26.40
C ALA A 751 -2.20 24.06 24.91
N LEU A 752 -2.20 25.14 24.11
CA LEU A 752 -1.98 25.02 22.67
C LEU A 752 -0.52 25.19 22.29
N GLN A 753 0.17 26.18 22.84
CA GLN A 753 1.58 26.36 22.53
C GLN A 753 2.45 25.23 23.08
N MET A 754 1.91 24.40 23.98
CA MET A 754 2.61 23.20 24.41
C MET A 754 2.24 21.99 23.57
N ALA A 755 1.04 21.98 22.98
CA ALA A 755 0.66 20.91 22.08
C ALA A 755 1.52 20.88 20.82
N PHE A 756 2.19 21.99 20.51
CA PHE A 756 3.12 22.02 19.39
C PHE A 756 4.56 21.76 19.83
N LYS A 757 4.99 22.36 20.94
CA LYS A 757 6.34 22.11 21.44
C LYS A 757 6.52 20.64 21.81
N LEU A 758 5.51 20.04 22.45
CA LEU A 758 5.56 18.63 22.76
C LEU A 758 5.30 17.77 21.53
N GLY A 759 4.86 18.35 20.43
CA GLY A 759 4.73 17.65 19.17
C GLY A 759 6.09 17.32 18.58
N LEU A 760 6.13 17.10 17.26
CA LEU A 760 7.36 16.77 16.54
C LEU A 760 7.88 15.39 16.94
N SER A 761 7.25 14.78 17.91
CA SER A 761 7.51 13.41 18.33
C SER A 761 6.24 12.60 18.47
N TYR A 762 5.14 13.21 18.89
CA TYR A 762 3.83 12.59 18.98
C TYR A 762 2.95 13.28 17.94
N THR A 763 2.99 12.76 16.72
CA THR A 763 2.29 13.41 15.61
C THR A 763 0.80 13.62 15.84
N PRO A 764 0.03 12.69 16.44
CA PRO A 764 -1.38 13.00 16.71
C PRO A 764 -1.58 14.24 17.54
N LEU A 765 -0.67 14.53 18.47
CA LEU A 765 -0.77 15.78 19.23
C LEU A 765 -0.60 16.98 18.32
N ALA A 766 0.33 16.91 17.36
CA ALA A 766 0.47 17.99 16.39
C ALA A 766 -0.79 18.16 15.57
N GLU A 767 -1.40 17.05 15.15
CA GLU A 767 -2.63 17.14 14.36
C GLU A 767 -3.75 17.78 15.15
N VAL A 768 -3.92 17.40 16.42
CA VAL A 768 -4.99 17.98 17.23
C VAL A 768 -4.71 19.46 17.49
N GLY A 769 -3.44 19.82 17.67
CA GLY A 769 -3.11 21.23 17.84
C GLY A 769 -3.41 22.05 16.59
N LEU A 770 -3.07 21.51 15.42
CA LEU A 770 -3.37 22.21 14.18
C LEU A 770 -4.87 22.35 13.97
N ASN A 771 -5.63 21.30 14.26
CA ASN A 771 -7.08 21.37 14.11
C ASN A 771 -7.67 22.42 15.05
N ALA A 772 -7.20 22.44 16.31
CA ALA A 772 -7.69 23.44 17.24
C ALA A 772 -7.35 24.85 16.79
N LEU A 773 -6.12 25.05 16.30
CA LEU A 773 -5.73 26.39 15.85
C LEU A 773 -6.56 26.82 14.65
N GLU A 774 -6.80 25.90 13.71
CA GLU A 774 -7.63 26.24 12.56
C GLU A 774 -9.04 26.61 12.98
N GLU A 775 -9.63 25.83 13.89
CA GLU A 775 -10.97 26.14 14.36
C GLU A 775 -11.02 27.48 15.07
N TRP A 776 -10.02 27.76 15.92
CA TRP A 776 -9.98 29.04 16.61
C TRP A 776 -9.87 30.19 15.62
N SER A 777 -8.97 30.07 14.65
CA SER A 777 -8.75 31.17 13.71
C SER A 777 -9.98 31.42 12.85
N ILE A 778 -10.66 30.37 12.42
CA ILE A 778 -11.78 30.55 11.50
C ILE A 778 -13.03 30.97 12.25
N TYR A 779 -13.41 30.22 13.28
CA TYR A 779 -14.71 30.43 13.91
C TYR A 779 -14.73 31.67 14.79
N ILE A 780 -13.68 31.89 15.58
CA ILE A 780 -13.64 33.06 16.45
C ILE A 780 -13.38 34.30 15.61
N ASP A 781 -13.93 35.43 16.04
CA ASP A 781 -13.71 36.69 15.33
C ASP A 781 -12.25 37.14 15.44
N ARG A 782 -11.82 37.91 14.46
CA ARG A 782 -10.42 38.36 14.42
C ARG A 782 -10.25 39.69 15.15
N HIS A 783 -10.74 39.76 16.37
CA HIS A 783 -10.53 40.93 17.21
C HIS A 783 -9.94 40.59 18.56
N VAL A 784 -10.33 39.45 19.14
CA VAL A 784 -9.75 39.00 20.39
C VAL A 784 -8.57 38.07 20.16
N MET A 785 -8.56 37.34 19.04
CA MET A 785 -7.44 36.46 18.75
C MET A 785 -6.19 37.24 18.35
N GLN A 786 -6.36 38.37 17.67
CA GLN A 786 -5.23 39.10 17.10
C GLN A 786 -4.14 39.40 18.11
N PRO A 787 -4.42 39.89 19.32
CA PRO A 787 -3.32 40.06 20.30
C PRO A 787 -2.69 38.75 20.72
N TYR A 788 -3.35 37.62 20.52
CA TYR A 788 -2.88 36.33 20.98
C TYR A 788 -2.27 35.49 19.86
N TYR A 789 -1.79 36.12 18.79
CA TYR A 789 -1.11 35.40 17.74
C TYR A 789 0.40 35.39 17.90
N LYS A 790 0.97 36.35 18.63
CA LYS A 790 2.41 36.38 18.85
C LYS A 790 2.87 35.32 19.83
N ASP A 791 1.95 34.63 20.50
CA ASP A 791 2.31 33.57 21.42
C ASP A 791 2.12 32.18 20.85
N ILE A 792 1.34 32.04 19.79
CA ILE A 792 1.06 30.75 19.17
C ILE A 792 1.95 30.52 17.96
N LEU A 793 2.07 31.53 17.10
CA LEU A 793 2.79 31.36 15.84
C LEU A 793 4.26 31.00 16.00
N PRO A 794 5.04 31.64 16.88
CA PRO A 794 6.49 31.36 16.89
C PRO A 794 6.84 29.93 17.18
N CYS A 795 5.95 29.16 17.79
CA CYS A 795 6.20 27.73 18.01
C CYS A 795 5.84 26.88 16.80
N LEU A 796 5.29 27.49 15.74
CA LEU A 796 4.96 26.74 14.54
C LEU A 796 6.13 26.57 13.59
N ASP A 797 7.23 27.32 13.78
CA ASP A 797 8.32 27.28 12.82
C ASP A 797 9.13 25.99 12.90
N GLY A 798 9.10 25.31 14.05
CA GLY A 798 9.84 24.07 14.18
C GLY A 798 9.37 22.98 13.24
N TYR A 799 8.16 23.09 12.72
CA TYR A 799 7.63 22.10 11.79
C TYR A 799 8.12 22.32 10.36
N LEU A 800 8.73 23.47 10.08
CA LEU A 800 9.24 23.75 8.75
C LEU A 800 10.68 23.31 8.54
N LYS A 801 11.35 22.85 9.59
CA LYS A 801 12.73 22.37 9.47
C LYS A 801 12.76 20.89 9.12
N ALA A 817 5.60 -12.52 0.37
CA ALA A 817 4.34 -11.91 -0.04
C ALA A 817 4.37 -11.55 -1.53
N LEU A 818 3.92 -10.33 -1.84
CA LEU A 818 3.95 -9.87 -3.23
C LEU A 818 5.38 -9.77 -3.73
N SER A 819 6.30 -9.28 -2.90
CA SER A 819 7.69 -9.17 -3.30
C SER A 819 8.37 -10.53 -3.45
N ARG A 820 7.86 -11.57 -2.77
CA ARG A 820 8.45 -12.89 -2.89
C ARG A 820 8.26 -13.45 -4.29
N ALA A 821 7.03 -13.39 -4.81
CA ALA A 821 6.79 -13.81 -6.19
C ALA A 821 7.54 -12.93 -7.17
N ALA A 822 7.20 -11.64 -7.19
CA ALA A 822 7.88 -10.63 -8.01
C ALA A 822 7.98 -11.05 -9.47
N GLN A 823 9.16 -11.55 -9.86
CA GLN A 823 9.42 -11.92 -11.26
C GLN A 823 8.78 -13.27 -11.58
N LYS A 824 7.45 -13.31 -11.46
CA LYS A 824 6.68 -14.50 -11.80
C LYS A 824 5.39 -14.16 -12.53
N GLY A 825 5.22 -12.92 -13.00
CA GLY A 825 3.99 -12.52 -13.65
C GLY A 825 2.90 -12.19 -12.66
N PHE A 826 2.06 -11.21 -12.99
CA PHE A 826 0.99 -10.80 -12.10
C PHE A 826 -0.23 -11.72 -12.27
N ASN A 827 0.00 -13.03 -12.20
CA ASN A 827 -1.04 -14.02 -12.49
C ASN A 827 -1.94 -14.20 -11.27
N LYS A 828 -2.73 -15.27 -11.29
CA LYS A 828 -3.66 -15.56 -10.21
C LYS A 828 -2.94 -15.71 -8.88
N VAL A 829 -1.65 -16.06 -8.92
CA VAL A 829 -0.89 -16.31 -7.69
C VAL A 829 -0.90 -15.08 -6.78
N VAL A 830 -0.67 -13.90 -7.37
CA VAL A 830 -0.59 -12.67 -6.57
C VAL A 830 -1.94 -12.04 -6.31
N LEU A 831 -3.03 -12.63 -6.79
CA LEU A 831 -4.36 -12.10 -6.51
C LEU A 831 -4.69 -12.16 -5.02
N LYS A 832 -4.36 -13.29 -4.38
CA LYS A 832 -4.66 -13.44 -2.96
C LYS A 832 -3.83 -12.49 -2.11
N HIS A 833 -2.59 -12.22 -2.53
CA HIS A 833 -1.71 -11.38 -1.74
C HIS A 833 -2.20 -9.94 -1.62
N LEU A 834 -3.11 -9.52 -2.50
CA LEU A 834 -3.69 -8.18 -2.43
C LEU A 834 -4.93 -8.13 -1.54
N LYS A 835 -5.34 -9.27 -0.97
CA LYS A 835 -6.50 -9.40 -0.09
C LYS A 835 -7.71 -8.59 -0.57
N ALA A 845 -1.78 5.72 10.81
CA ALA A 845 -1.59 6.94 11.58
C ALA A 845 -1.38 8.14 10.65
N ILE A 846 -0.71 9.16 11.17
CA ILE A 846 -0.41 10.37 10.41
C ILE A 846 1.09 10.59 10.43
N SER A 847 1.67 10.79 9.25
CA SER A 847 3.10 11.01 9.14
C SER A 847 3.42 12.49 9.33
N LEU A 848 4.69 12.85 9.18
CA LEU A 848 5.14 14.19 9.51
C LEU A 848 5.08 15.15 8.32
N GLU A 849 5.35 14.67 7.11
CA GLU A 849 5.39 15.55 5.95
C GLU A 849 4.04 16.21 5.69
N GLU A 850 2.96 15.43 5.80
CA GLU A 850 1.62 16.01 5.63
C GLU A 850 1.36 17.11 6.65
N ILE A 851 1.88 16.95 7.87
CA ILE A 851 1.75 17.99 8.88
C ILE A 851 2.45 19.27 8.42
N ARG A 852 3.64 19.14 7.85
CA ARG A 852 4.35 20.32 7.36
C ARG A 852 3.60 20.98 6.21
N ILE A 853 3.04 20.18 5.30
CA ILE A 853 2.26 20.75 4.20
C ILE A 853 1.06 21.52 4.75
N ARG A 854 0.37 20.94 5.73
CA ARG A 854 -0.79 21.63 6.30
C ARG A 854 -0.35 22.88 7.04
N VAL A 855 0.82 22.85 7.69
CA VAL A 855 1.32 24.03 8.38
C VAL A 855 1.57 25.16 7.40
N VAL A 856 2.22 24.84 6.27
CA VAL A 856 2.48 25.87 5.26
C VAL A 856 1.17 26.39 4.69
N GLN A 857 0.23 25.50 4.41
CA GLN A 857 -1.05 25.91 3.85
C GLN A 857 -1.78 26.85 4.80
N MET A 858 -1.80 26.51 6.09
CA MET A 858 -2.46 27.35 7.08
C MET A 858 -1.72 28.68 7.28
N LEU A 859 -0.39 28.65 7.21
CA LEU A 859 0.37 29.89 7.30
C LEU A 859 0.01 30.83 6.16
N GLY A 860 -0.12 30.29 4.95
CA GLY A 860 -0.55 31.12 3.84
C GLY A 860 -1.98 31.61 4.00
N SER A 861 -2.88 30.72 4.44
CA SER A 861 -4.28 31.09 4.60
C SER A 861 -4.49 32.10 5.70
N LEU A 862 -3.55 32.19 6.66
CA LEU A 862 -3.72 33.14 7.75
C LEU A 862 -3.67 34.58 7.24
N GLY A 863 -2.96 34.83 6.16
CA GLY A 863 -2.82 36.17 5.62
C GLY A 863 -1.50 36.81 6.00
N GLY A 864 -1.10 37.80 5.21
CA GLY A 864 0.15 38.49 5.46
C GLY A 864 0.12 39.41 6.66
N GLN A 865 -1.08 39.76 7.15
CA GLN A 865 -1.16 40.64 8.31
C GLN A 865 -0.71 39.93 9.57
N ILE A 866 -1.00 38.64 9.70
CA ILE A 866 -0.71 37.91 10.93
C ILE A 866 0.23 36.75 10.63
N ASN A 867 1.07 36.91 9.61
CA ASN A 867 2.10 35.93 9.30
C ASN A 867 3.47 36.33 9.81
N LYS A 868 3.73 37.64 9.92
CA LYS A 868 5.04 38.10 10.35
C LYS A 868 5.33 37.68 11.79
N ASN A 869 4.29 37.45 12.58
CA ASN A 869 4.49 37.10 13.98
C ASN A 869 5.21 35.75 14.14
N LEU A 870 5.20 34.92 13.10
CA LEU A 870 5.85 33.62 13.20
C LEU A 870 7.36 33.76 13.43
N LEU A 871 7.98 34.72 12.77
CA LEU A 871 9.43 34.84 12.79
C LEU A 871 9.94 36.17 13.33
N THR A 872 9.09 37.18 13.48
CA THR A 872 9.56 38.47 13.95
C THR A 872 10.06 38.40 15.39
N VAL A 873 9.43 37.57 16.22
CA VAL A 873 9.77 37.51 17.64
C VAL A 873 10.88 36.52 17.94
N THR A 874 11.40 35.84 16.93
CA THR A 874 12.43 34.83 17.14
C THR A 874 13.81 35.50 17.26
N SER A 875 14.82 34.68 17.57
CA SER A 875 16.22 35.10 17.61
C SER A 875 16.46 36.19 18.65
N SER A 876 15.59 36.27 19.66
CA SER A 876 15.76 37.26 20.72
C SER A 876 15.51 36.73 22.11
N ASP A 877 15.10 35.47 22.27
CA ASP A 877 14.81 34.90 23.58
C ASP A 877 15.75 33.77 23.94
N GLU A 878 15.85 32.74 23.10
CA GLU A 878 16.72 31.60 23.39
C GLU A 878 17.58 31.26 22.18
N MET A 879 17.10 31.59 20.98
CA MET A 879 17.85 31.25 19.77
C MET A 879 19.18 31.99 19.73
N MET A 880 19.16 33.30 19.97
CA MET A 880 20.41 34.06 19.95
C MET A 880 21.24 33.78 21.21
N LYS A 881 20.59 33.40 22.31
CA LYS A 881 21.32 33.01 23.51
C LYS A 881 22.18 31.78 23.24
N SER A 882 21.63 30.80 22.53
CA SER A 882 22.40 29.61 22.20
C SER A 882 23.54 29.92 21.25
N TYR A 883 23.42 30.98 20.46
CA TYR A 883 24.48 31.40 19.54
C TYR A 883 25.49 32.30 20.23
N VAL A 884 26.00 31.86 21.38
CA VAL A 884 26.93 32.66 22.18
C VAL A 884 28.06 31.75 22.64
N ALA A 885 29.29 32.26 22.56
CA ALA A 885 30.44 31.50 23.01
C ALA A 885 30.33 31.20 24.50
N TRP A 886 30.56 29.93 24.85
CA TRP A 886 30.50 29.55 26.26
C TRP A 886 31.63 30.20 27.05
N ASP A 887 32.84 30.25 26.49
CA ASP A 887 33.97 30.87 27.14
C ASP A 887 34.65 31.82 26.17
N ARG A 888 35.15 32.93 26.70
CA ARG A 888 35.75 33.97 25.85
C ARG A 888 37.00 33.46 25.15
N GLU A 889 37.87 32.77 25.88
CA GLU A 889 39.08 32.19 25.31
C GLU A 889 38.96 30.68 25.33
N LYS A 890 39.33 30.05 24.21
CA LYS A 890 39.16 28.61 24.09
C LYS A 890 40.14 27.88 25.01
N ARG A 891 39.63 26.84 25.67
CA ARG A 891 40.43 26.01 26.56
C ARG A 891 40.31 24.56 26.14
N LEU A 892 40.78 23.63 26.99
CA LEU A 892 40.79 22.21 26.67
C LEU A 892 41.63 21.93 25.43
N SER A 893 42.90 22.29 25.53
CA SER A 893 43.85 22.09 24.43
C SER A 893 44.15 20.61 24.31
N PHE A 894 43.50 19.95 23.36
CA PHE A 894 43.71 18.53 23.13
C PHE A 894 44.80 18.35 22.07
N ALA A 895 45.89 17.70 22.45
CA ALA A 895 46.99 17.41 21.53
C ALA A 895 46.86 15.96 21.10
N VAL A 896 46.13 15.75 20.00
CA VAL A 896 45.92 14.38 19.51
C VAL A 896 47.26 13.79 19.08
N PRO A 897 47.64 12.61 19.59
CA PRO A 897 49.00 12.11 19.35
C PRO A 897 49.10 11.40 18.02
N PHE A 898 49.93 11.95 17.13
CA PHE A 898 50.29 11.30 15.88
C PHE A 898 51.71 10.76 16.00
N ARG A 899 52.23 10.23 14.89
CA ARG A 899 53.57 9.65 14.93
C ARG A 899 54.62 10.72 15.21
N GLU A 900 54.53 11.87 14.54
CA GLU A 900 55.55 12.90 14.70
C GLU A 900 55.01 14.32 14.88
N MET A 901 53.78 14.62 14.47
CA MET A 901 53.29 16.00 14.50
C MET A 901 52.70 16.37 15.86
N LYS A 902 51.71 15.61 16.32
CA LYS A 902 50.95 15.92 17.53
C LYS A 902 50.30 17.29 17.41
N PRO A 903 49.31 17.45 16.52
CA PRO A 903 48.65 18.75 16.38
C PRO A 903 47.75 19.03 17.58
N VAL A 904 47.32 20.28 17.68
CA VAL A 904 46.48 20.73 18.78
C VAL A 904 45.12 21.13 18.24
N ILE A 905 44.06 20.62 18.86
CA ILE A 905 42.69 21.01 18.55
C ILE A 905 42.02 21.37 19.87
N PHE A 906 41.02 22.25 19.78
CA PHE A 906 40.35 22.76 20.97
C PHE A 906 39.02 22.03 21.15
N LEU A 907 38.85 21.41 22.31
CA LEU A 907 37.71 20.54 22.54
C LEU A 907 36.41 21.30 22.78
N ASP A 908 36.47 22.48 23.41
CA ASP A 908 35.25 23.19 23.78
C ASP A 908 34.46 23.64 22.56
N VAL A 909 35.06 23.64 21.37
CA VAL A 909 34.30 23.94 20.16
C VAL A 909 33.23 22.90 19.94
N PHE A 910 33.52 21.65 20.27
CA PHE A 910 32.55 20.57 20.12
C PHE A 910 31.50 20.57 21.22
N LEU A 911 31.75 21.26 22.33
CA LEU A 911 30.85 21.17 23.48
C LEU A 911 29.43 21.62 23.20
N PRO A 912 29.18 22.79 22.59
CA PRO A 912 27.78 23.22 22.41
C PRO A 912 26.96 22.31 21.52
N ARG A 913 27.61 21.50 20.68
CA ARG A 913 26.88 20.56 19.83
C ARG A 913 26.78 19.18 20.47
N VAL A 914 27.86 18.72 21.10
CA VAL A 914 27.83 17.43 21.78
C VAL A 914 26.83 17.44 22.91
N THR A 915 26.77 18.55 23.66
CA THR A 915 25.79 18.67 24.74
C THR A 915 24.36 18.58 24.22
N GLU A 916 24.06 19.32 23.15
CA GLU A 916 22.72 19.28 22.59
C GLU A 916 22.38 17.90 22.06
N LEU A 917 23.36 17.23 21.45
CA LEU A 917 23.14 15.87 20.99
C LEU A 917 22.83 14.92 22.14
N ALA A 918 23.59 15.02 23.23
CA ALA A 918 23.40 14.12 24.36
C ALA A 918 22.06 14.36 25.03
N LEU A 919 21.66 15.62 25.19
CA LEU A 919 20.38 15.92 25.84
C LEU A 919 19.22 15.36 25.04
N THR A 920 19.26 15.51 23.72
CA THR A 920 18.22 14.96 22.85
C THR A 920 18.82 14.69 21.48
N ALA A 921 18.61 13.48 20.97
CA ALA A 921 19.16 13.11 19.68
C ALA A 921 18.18 12.38 18.77
N SER A 922 17.12 11.77 19.30
CA SER A 922 16.16 10.99 18.52
C SER A 922 16.84 9.85 17.76
N ASP A 923 18.01 9.42 18.24
CA ASP A 923 18.75 8.33 17.60
C ASP A 923 19.53 7.64 18.71
N ARG A 924 19.19 6.37 18.99
CA ARG A 924 19.76 5.70 20.14
C ARG A 924 21.28 5.59 20.02
N GLN A 925 21.77 5.20 18.85
CA GLN A 925 23.22 5.08 18.68
C GLN A 925 23.90 6.44 18.77
N THR A 926 23.35 7.45 18.11
CA THR A 926 23.93 8.79 18.20
C THR A 926 23.88 9.31 19.63
N LYS A 927 22.76 9.09 20.32
CA LYS A 927 22.62 9.57 21.69
C LYS A 927 23.65 8.91 22.60
N VAL A 928 23.82 7.59 22.49
CA VAL A 928 24.75 6.90 23.38
C VAL A 928 26.20 7.29 23.05
N ALA A 929 26.50 7.46 21.76
CA ALA A 929 27.84 7.90 21.39
C ALA A 929 28.13 9.29 21.93
N ALA A 930 27.15 10.21 21.82
CA ALA A 930 27.33 11.55 22.36
C ALA A 930 27.46 11.53 23.88
N CYS A 931 26.69 10.66 24.55
CA CYS A 931 26.80 10.55 25.99
C CYS A 931 28.18 10.09 26.42
N GLU A 932 28.70 9.06 25.75
CA GLU A 932 30.05 8.59 26.07
C GLU A 932 31.09 9.66 25.79
N LEU A 933 30.95 10.37 24.66
CA LEU A 933 31.90 11.43 24.34
C LEU A 933 31.85 12.53 25.39
N LEU A 934 30.65 12.93 25.81
CA LEU A 934 30.54 13.99 26.81
C LEU A 934 31.09 13.56 28.15
N HIS A 935 30.90 12.29 28.51
CA HIS A 935 31.54 11.76 29.71
C HIS A 935 33.06 11.88 29.62
N SER A 936 33.62 11.52 28.46
CA SER A 936 35.07 11.67 28.27
C SER A 936 35.49 13.13 28.35
N MET A 937 34.71 14.04 27.77
CA MET A 937 35.04 15.46 27.83
C MET A 937 35.01 15.95 29.27
N VAL A 938 34.04 15.49 30.05
CA VAL A 938 33.94 15.90 31.45
C VAL A 938 35.17 15.44 32.22
N MET A 939 35.57 14.18 32.01
CA MET A 939 36.79 13.70 32.65
C MET A 939 38.00 14.51 32.20
N PHE A 940 38.07 14.84 30.92
CA PHE A 940 39.21 15.59 30.41
C PHE A 940 39.29 16.98 31.04
N MET A 941 38.15 17.67 31.16
CA MET A 941 38.18 19.02 31.72
C MET A 941 38.46 18.97 33.22
N LEU A 942 37.94 17.94 33.90
CA LEU A 942 38.27 17.78 35.32
C LEU A 942 39.76 17.57 35.50
N GLY A 943 40.38 16.75 34.64
CA GLY A 943 41.82 16.55 34.74
C GLY A 943 42.61 17.80 34.41
N LYS A 944 42.21 18.51 33.36
CA LYS A 944 42.90 19.73 32.96
C LYS A 944 42.74 20.85 33.96
N ALA A 945 41.70 20.79 34.80
CA ALA A 945 41.52 21.82 35.82
C ALA A 945 42.71 21.84 36.78
N THR A 946 43.18 20.66 37.18
CA THR A 946 44.35 20.53 38.05
C THR A 946 45.47 19.92 37.20
N GLN A 947 46.26 20.77 36.56
CA GLN A 947 47.33 20.33 35.68
C GLN A 947 48.37 19.50 36.41
N PRO A 956 44.40 27.69 34.92
CA PRO A 956 43.35 27.73 33.89
C PRO A 956 41.95 27.81 34.48
N PRO A 957 41.44 29.02 34.68
CA PRO A 957 40.09 29.17 35.25
C PRO A 957 39.05 28.50 34.36
N MET A 958 38.07 27.87 35.00
CA MET A 958 37.07 27.10 34.27
C MET A 958 35.66 27.27 34.82
N TYR A 959 35.44 28.12 35.82
CA TYR A 959 34.11 28.25 36.40
C TYR A 959 33.11 28.77 35.38
N GLN A 960 33.57 29.58 34.42
CA GLN A 960 32.68 30.02 33.35
C GLN A 960 32.19 28.86 32.49
N LEU A 961 32.92 27.76 32.48
CA LEU A 961 32.54 26.58 31.71
C LEU A 961 31.69 25.60 32.51
N TYR A 962 31.92 25.52 33.83
CA TYR A 962 31.12 24.63 34.65
C TYR A 962 29.67 25.10 34.75
N LYS A 963 29.45 26.41 34.77
CA LYS A 963 28.09 26.94 34.89
C LYS A 963 27.22 26.49 33.72
N ARG A 964 27.82 26.31 32.54
CA ARG A 964 27.08 25.86 31.38
C ARG A 964 27.00 24.35 31.25
N THR A 965 27.79 23.62 32.04
CA THR A 965 27.88 22.16 31.92
C THR A 965 27.13 21.41 33.02
N PHE A 966 27.21 21.88 34.27
CA PHE A 966 26.55 21.18 35.36
C PHE A 966 25.05 21.04 35.18
N PRO A 967 24.29 22.06 34.74
CA PRO A 967 22.87 21.81 34.42
C PRO A 967 22.68 20.71 33.41
N VAL A 968 23.60 20.59 32.44
CA VAL A 968 23.50 19.51 31.46
C VAL A 968 23.65 18.16 32.13
N LEU A 969 24.64 18.03 33.03
CA LEU A 969 24.83 16.76 33.72
C LEU A 969 23.64 16.43 34.60
N LEU A 970 23.09 17.43 35.30
CA LEU A 970 21.93 17.18 36.15
C LEU A 970 20.72 16.74 35.32
N ARG A 971 20.50 17.39 34.18
CA ARG A 971 19.41 16.99 33.30
C ARG A 971 19.64 15.60 32.72
N LEU A 972 20.91 15.25 32.47
CA LEU A 972 21.22 13.98 31.83
C LEU A 972 21.12 12.81 32.81
N ALA A 973 21.45 13.04 34.08
CA ALA A 973 21.52 11.96 35.05
C ALA A 973 20.15 11.47 35.50
N CYS A 974 19.08 12.17 35.11
CA CYS A 974 17.73 11.77 35.54
C CYS A 974 16.78 11.66 34.37
N ASP A 975 17.29 11.44 33.15
CA ASP A 975 16.42 11.36 32.00
C ASP A 975 15.77 9.98 31.91
N VAL A 976 14.84 9.85 30.96
CA VAL A 976 14.06 8.62 30.83
C VAL A 976 14.94 7.45 30.40
N ASP A 977 16.01 7.72 29.65
CA ASP A 977 16.84 6.65 29.10
C ASP A 977 17.47 5.81 30.21
N GLN A 978 17.59 4.51 29.95
CA GLN A 978 18.11 3.58 30.94
C GLN A 978 19.64 3.53 30.94
N VAL A 979 20.25 3.31 29.78
CA VAL A 979 21.70 3.23 29.71
C VAL A 979 22.32 4.57 30.09
N THR A 980 21.74 5.67 29.63
CA THR A 980 22.25 6.99 29.99
C THR A 980 22.16 7.22 31.50
N ARG A 981 21.04 6.83 32.11
CA ARG A 981 20.90 7.02 33.56
C ARG A 981 21.91 6.17 34.32
N GLN A 982 22.29 5.01 33.77
CA GLN A 982 23.36 4.23 34.39
C GLN A 982 24.65 5.04 34.46
N LEU A 983 24.86 5.94 33.51
CA LEU A 983 25.95 6.89 33.57
C LEU A 983 25.46 8.21 34.17
N TYR A 984 26.41 9.06 34.52
CA TYR A 984 26.17 10.42 34.99
C TYR A 984 25.46 10.46 36.34
N GLU A 985 24.99 9.30 36.82
CA GLU A 985 24.57 9.23 38.21
C GLU A 985 25.81 9.03 39.08
N PRO A 986 26.62 7.99 38.85
CA PRO A 986 27.89 7.92 39.58
C PRO A 986 28.79 9.10 39.30
N LEU A 987 28.75 9.65 38.08
CA LEU A 987 29.58 10.81 37.78
C LEU A 987 29.13 12.02 38.60
N VAL A 988 27.83 12.26 38.71
CA VAL A 988 27.38 13.43 39.46
C VAL A 988 27.63 13.24 40.95
N MET A 989 27.45 12.02 41.47
CA MET A 989 27.80 11.77 42.87
C MET A 989 29.29 11.97 43.11
N GLN A 990 30.12 11.50 42.17
CA GLN A 990 31.56 11.69 42.29
C GLN A 990 31.92 13.17 42.23
N LEU A 991 31.25 13.93 41.38
CA LEU A 991 31.48 15.37 41.33
C LEU A 991 31.13 16.04 42.65
N ILE A 992 29.99 15.64 43.24
CA ILE A 992 29.62 16.19 44.54
C ILE A 992 30.67 15.87 45.58
N HIS A 993 31.14 14.61 45.59
CA HIS A 993 32.17 14.22 46.54
C HIS A 993 33.45 15.03 46.34
N TRP A 994 33.85 15.21 45.08
CA TRP A 994 35.12 15.90 44.80
C TRP A 994 35.04 17.38 45.16
N PHE A 995 33.95 18.05 44.77
CA PHE A 995 33.84 19.47 45.04
C PHE A 995 33.47 19.77 46.49
N THR A 996 33.01 18.77 47.23
CA THR A 996 32.82 18.94 48.67
C THR A 996 34.05 18.59 49.47
N ASN A 997 35.10 18.08 48.83
CA ASN A 997 36.31 17.71 49.53
C ASN A 997 37.07 18.95 50.00
N ASN A 998 37.93 18.75 51.00
CA ASN A 998 38.71 19.85 51.54
C ASN A 998 39.71 20.39 50.52
N LYS A 999 40.21 19.53 49.64
CA LYS A 999 41.19 19.98 48.64
C LYS A 999 40.59 21.02 47.72
N LYS A 1000 39.36 20.80 47.26
CA LYS A 1000 38.62 21.78 46.45
C LYS A 1000 37.45 22.26 47.28
N PHE A 1001 37.70 23.26 48.12
CA PHE A 1001 36.69 23.82 49.01
C PHE A 1001 36.73 25.33 48.93
N GLU A 1002 35.57 25.95 49.11
CA GLU A 1002 35.38 27.39 49.03
C GLU A 1002 35.77 27.96 47.68
N SER A 1003 35.93 27.12 46.67
CA SER A 1003 36.33 27.57 45.34
C SER A 1003 35.09 27.93 44.52
N GLN A 1004 35.34 28.64 43.41
CA GLN A 1004 34.24 29.05 42.55
C GLN A 1004 33.53 27.86 41.92
N ASP A 1005 34.26 26.78 41.66
CA ASP A 1005 33.62 25.61 41.06
C ASP A 1005 32.62 24.96 42.02
N THR A 1006 32.99 24.85 43.30
CA THR A 1006 32.08 24.24 44.27
C THR A 1006 30.83 25.09 44.45
N VAL A 1007 30.98 26.41 44.56
CA VAL A 1007 29.81 27.26 44.70
C VAL A 1007 28.98 27.25 43.42
N ALA A 1008 29.62 27.12 42.26
CA ALA A 1008 28.87 26.99 41.02
C ALA A 1008 28.04 25.72 41.00
N LEU A 1009 28.62 24.61 41.44
CA LEU A 1009 27.86 23.36 41.50
C LEU A 1009 26.70 23.48 42.48
N LEU A 1010 26.94 24.08 43.65
CA LEU A 1010 25.87 24.23 44.62
C LEU A 1010 24.74 25.11 44.08
N GLU A 1011 25.10 26.23 43.44
CA GLU A 1011 24.09 27.10 42.86
C GLU A 1011 23.30 26.39 41.77
N ALA A 1012 23.99 25.60 40.93
CA ALA A 1012 23.31 24.88 39.86
C ALA A 1012 22.33 23.86 40.41
N ILE A 1013 22.75 23.12 41.45
CA ILE A 1013 21.84 22.20 42.11
C ILE A 1013 20.65 22.97 42.68
N LEU A 1014 20.90 24.17 43.22
CA LEU A 1014 19.84 24.93 43.84
C LEU A 1014 18.78 25.37 42.83
N ASP A 1015 19.19 25.89 41.67
CA ASP A 1015 18.14 26.29 40.73
C ASP A 1015 17.65 25.12 39.91
N GLY A 1016 18.29 23.96 40.03
CA GLY A 1016 17.64 22.74 39.54
C GLY A 1016 16.58 22.25 40.48
N ILE A 1017 16.72 22.56 41.77
CA ILE A 1017 15.68 22.21 42.74
C ILE A 1017 14.37 22.92 42.39
N VAL A 1018 14.44 24.20 42.08
CA VAL A 1018 13.27 25.03 41.79
C VAL A 1018 13.34 25.53 40.36
N ASP A 1019 12.28 25.27 39.60
CA ASP A 1019 12.22 25.72 38.22
C ASP A 1019 10.79 25.63 37.70
N PRO A 1020 10.52 26.10 36.49
CA PRO A 1020 9.24 25.75 35.84
C PRO A 1020 9.14 24.25 35.63
N VAL A 1021 8.06 23.79 35.00
CA VAL A 1021 7.68 22.38 35.04
C VAL A 1021 8.84 21.47 34.65
N ASP A 1022 9.30 20.69 35.62
CA ASP A 1022 10.21 19.57 35.37
C ASP A 1022 10.04 18.64 36.57
N SER A 1023 9.23 17.60 36.42
CA SER A 1023 8.84 16.80 37.58
C SER A 1023 9.95 15.88 38.04
N THR A 1024 10.69 15.30 37.11
CA THR A 1024 11.69 14.29 37.44
C THR A 1024 13.06 14.87 37.74
N LEU A 1025 13.20 16.20 37.76
CA LEU A 1025 14.47 16.83 38.11
C LEU A 1025 14.52 17.34 39.53
N ARG A 1026 13.39 17.79 40.08
CA ARG A 1026 13.39 18.32 41.44
C ARG A 1026 13.77 17.24 42.45
N ASP A 1027 13.22 16.03 42.30
CA ASP A 1027 13.55 14.96 43.23
C ASP A 1027 15.02 14.57 43.13
N PHE A 1028 15.57 14.52 41.91
CA PHE A 1028 16.98 14.20 41.77
C PHE A 1028 17.85 15.29 42.38
N CYS A 1029 17.46 16.55 42.22
CA CYS A 1029 18.22 17.63 42.84
C CYS A 1029 18.11 17.57 44.36
N GLY A 1030 16.97 17.14 44.89
CA GLY A 1030 16.87 16.93 46.32
C GLY A 1030 17.79 15.83 46.81
N ARG A 1031 17.88 14.74 46.06
CA ARG A 1031 18.84 13.70 46.40
C ARG A 1031 20.26 14.23 46.35
N CYS A 1032 20.57 15.06 45.35
CA CYS A 1032 21.90 15.63 45.22
C CYS A 1032 22.22 16.53 46.41
N ILE A 1033 21.25 17.35 46.84
CA ILE A 1033 21.52 18.23 47.97
C ILE A 1033 21.63 17.43 49.27
N ARG A 1034 20.90 16.32 49.39
CA ARG A 1034 21.06 15.46 50.55
C ARG A 1034 22.47 14.87 50.60
N GLU A 1035 22.95 14.39 49.45
CA GLU A 1035 24.33 13.89 49.39
C GLU A 1035 25.33 15.01 49.67
N PHE A 1036 25.04 16.21 49.20
CA PHE A 1036 25.91 17.36 49.46
C PHE A 1036 26.01 17.63 50.95
N LEU A 1037 24.88 17.63 51.65
CA LEU A 1037 24.91 17.84 53.09
C LEU A 1037 25.62 16.70 53.80
N LYS A 1038 25.41 15.46 53.35
CA LYS A 1038 26.06 14.33 53.99
C LYS A 1038 27.58 14.41 53.85
N TRP A 1039 28.07 14.77 52.67
CA TRP A 1039 29.50 14.79 52.41
C TRP A 1039 30.18 16.12 52.72
N SER A 1040 29.40 17.17 53.01
CA SER A 1040 30.01 18.45 53.38
C SER A 1040 30.44 18.48 54.83
N ILE A 1041 29.98 17.54 55.65
CA ILE A 1041 30.41 17.42 57.03
C ILE A 1041 31.30 16.21 57.25
N LYS A 1042 31.13 15.15 56.46
CA LYS A 1042 32.02 14.00 56.56
C LYS A 1042 33.44 14.35 56.12
N GLN A 1043 33.58 15.13 55.06
CA GLN A 1043 34.87 15.47 54.49
C GLN A 1043 35.46 16.76 55.04
N ILE A 1044 34.72 17.52 55.85
CA ILE A 1044 35.17 18.80 56.37
C ILE A 1044 35.17 18.72 57.89
N THR A 1045 36.33 18.99 58.49
CA THR A 1045 36.44 18.97 59.94
C THR A 1045 35.98 20.31 60.52
N PRO A 1046 35.43 20.31 61.73
CA PRO A 1046 34.75 21.52 62.24
C PRO A 1046 35.64 22.75 62.36
N GLN A 1047 36.97 22.60 62.47
CA GLN A 1047 37.83 23.75 62.68
C GLN A 1047 37.79 24.75 61.52
N GLN A 1048 37.29 24.36 60.35
CA GLN A 1048 37.14 25.29 59.24
C GLN A 1048 35.68 25.57 58.89
N GLN A 1049 34.73 25.00 59.64
CA GLN A 1049 33.32 25.17 59.31
C GLN A 1049 32.68 26.39 59.96
N GLU A 1050 33.38 27.08 60.87
CA GLU A 1050 32.80 28.25 61.50
C GLU A 1050 32.80 29.45 60.54
N LYS A 1051 33.97 29.83 60.04
CA LYS A 1051 34.09 30.93 59.09
C LYS A 1051 34.48 30.32 57.74
N SER A 1052 33.48 30.09 56.89
CA SER A 1052 33.69 29.56 55.55
C SER A 1052 32.40 29.66 54.75
N PRO A 1053 32.47 30.10 53.49
CA PRO A 1053 31.29 30.04 52.63
C PRO A 1053 30.94 28.60 52.29
N VAL A 1054 29.67 28.40 51.94
CA VAL A 1054 29.15 27.09 51.57
C VAL A 1054 29.37 26.11 52.70
N ASN A 1055 28.78 26.39 53.86
CA ASN A 1055 28.77 25.48 54.99
C ASN A 1055 27.32 25.13 55.33
N THR A 1056 27.13 24.42 56.45
CA THR A 1056 25.79 23.98 56.81
C THR A 1056 24.87 25.17 57.09
N LYS A 1057 25.33 26.12 57.90
CA LYS A 1057 24.47 27.26 58.26
C LYS A 1057 24.22 28.16 57.06
N SER A 1058 25.19 28.33 56.17
CA SER A 1058 24.95 29.10 54.96
C SER A 1058 23.90 28.44 54.08
N LEU A 1059 23.96 27.12 53.94
CA LEU A 1059 22.95 26.41 53.17
C LEU A 1059 21.58 26.55 53.82
N PHE A 1060 21.52 26.48 55.15
CA PHE A 1060 20.24 26.65 55.82
C PHE A 1060 19.68 28.06 55.65
N LYS A 1061 20.56 29.06 55.69
CA LYS A 1061 20.12 30.43 55.44
C LYS A 1061 19.60 30.58 54.03
N ARG A 1062 20.27 29.96 53.05
CA ARG A 1062 19.77 29.99 51.68
C ARG A 1062 18.40 29.33 51.57
N LEU A 1063 18.23 28.19 52.25
CA LEU A 1063 16.94 27.51 52.22
C LEU A 1063 15.85 28.38 52.82
N TYR A 1064 16.17 29.08 53.92
CA TYR A 1064 15.20 30.01 54.50
C TYR A 1064 14.87 31.13 53.53
N SER A 1065 15.87 31.63 52.82
CA SER A 1065 15.63 32.70 51.85
C SER A 1065 14.70 32.24 50.75
N LEU A 1066 14.91 31.03 50.23
CA LEU A 1066 13.98 30.49 49.24
C LEU A 1066 12.62 30.20 49.85
N ALA A 1067 12.55 29.95 51.16
CA ALA A 1067 11.28 29.60 51.78
C ALA A 1067 10.29 30.74 51.72
N LEU A 1068 10.74 31.97 51.91
CA LEU A 1068 9.86 33.13 51.95
C LEU A 1068 9.69 33.82 50.60
N HIS A 1069 10.27 33.26 49.54
CA HIS A 1069 10.13 33.86 48.23
C HIS A 1069 8.66 33.82 47.82
N PRO A 1070 8.09 34.93 47.34
CA PRO A 1070 6.69 34.96 46.93
C PRO A 1070 6.45 34.31 45.57
N ASN A 1071 7.05 33.13 45.38
CA ASN A 1071 6.89 32.34 44.18
C ASN A 1071 6.59 30.91 44.60
N ALA A 1072 5.69 30.26 43.87
CA ALA A 1072 5.22 28.93 44.25
C ALA A 1072 6.38 27.94 44.30
N PHE A 1073 7.04 27.73 43.16
CA PHE A 1073 8.10 26.74 43.11
C PHE A 1073 9.29 27.15 43.96
N LYS A 1074 9.55 28.46 44.08
CA LYS A 1074 10.71 28.92 44.84
C LYS A 1074 10.65 28.50 46.30
N ARG A 1075 9.44 28.31 46.86
CA ARG A 1075 9.29 27.78 48.19
C ARG A 1075 8.94 26.30 48.23
N LEU A 1076 8.33 25.78 47.17
CA LEU A 1076 8.14 24.33 47.09
C LEU A 1076 9.48 23.61 47.13
N GLY A 1077 10.44 24.07 46.34
CA GLY A 1077 11.77 23.48 46.38
C GLY A 1077 12.46 23.69 47.70
N ALA A 1078 12.25 24.86 48.32
CA ALA A 1078 12.85 25.13 49.62
C ALA A 1078 12.37 24.14 50.66
N SER A 1079 11.06 23.88 50.67
CA SER A 1079 10.51 22.90 51.61
C SER A 1079 10.97 21.49 51.26
N LEU A 1080 11.06 21.18 49.97
CA LEU A 1080 11.52 19.86 49.57
C LEU A 1080 12.95 19.61 50.00
N ALA A 1081 13.76 20.66 50.04
CA ALA A 1081 15.14 20.51 50.49
C ALA A 1081 15.19 19.97 51.91
N PHE A 1082 14.41 20.57 52.82
CA PHE A 1082 14.32 20.03 54.17
C PHE A 1082 13.67 18.66 54.19
N ASN A 1083 12.67 18.44 53.33
CA ASN A 1083 12.06 17.13 53.23
C ASN A 1083 13.10 16.06 52.92
N ASN A 1084 14.16 16.42 52.20
CA ASN A 1084 15.20 15.45 51.85
C ASN A 1084 16.36 15.44 52.84
N ILE A 1085 16.53 16.47 53.65
CA ILE A 1085 17.64 16.52 54.59
C ILE A 1085 17.17 16.32 56.03
N TYR A 1086 15.95 15.80 56.23
CA TYR A 1086 15.48 15.54 57.58
C TYR A 1086 16.11 14.28 58.15
N ARG A 1087 16.38 13.27 57.32
CA ARG A 1087 17.08 12.08 57.80
C ARG A 1087 18.47 12.44 58.29
N GLU A 1088 19.18 13.28 57.54
CA GLU A 1088 20.40 13.88 58.06
C GLU A 1088 20.05 15.03 58.99
N PHE A 1089 21.07 15.54 59.68
CA PHE A 1089 20.94 16.70 60.55
C PHE A 1089 20.09 16.35 61.78
N ARG A 1090 19.48 15.17 61.77
CA ARG A 1090 18.74 14.67 62.92
C ARG A 1090 19.52 13.65 63.72
N GLU A 1091 20.45 12.93 63.08
CA GLU A 1091 21.35 12.04 63.80
C GLU A 1091 22.55 12.79 64.37
N GLU A 1092 22.79 14.02 63.92
CA GLU A 1092 23.87 14.85 64.45
C GLU A 1092 23.27 15.89 65.39
N GLU A 1093 23.77 15.94 66.62
CA GLU A 1093 23.30 16.92 67.60
C GLU A 1093 24.07 18.23 67.40
N SER A 1094 23.88 19.16 68.33
CA SER A 1094 24.52 20.47 68.33
C SER A 1094 24.02 21.36 67.21
N LEU A 1095 23.17 20.82 66.33
CA LEU A 1095 22.40 21.63 65.39
C LEU A 1095 20.91 21.52 65.63
N VAL A 1096 20.42 20.35 66.04
CA VAL A 1096 19.03 20.23 66.47
C VAL A 1096 18.78 21.13 67.67
N GLU A 1097 19.73 21.18 68.60
CA GLU A 1097 19.58 22.04 69.77
C GLU A 1097 19.72 23.52 69.42
N GLN A 1098 20.10 23.85 68.20
CA GLN A 1098 20.41 25.23 67.83
C GLN A 1098 19.26 25.93 67.09
N PHE A 1099 18.84 25.39 65.96
CA PHE A 1099 17.92 26.10 65.08
C PHE A 1099 16.79 25.20 64.59
N VAL A 1100 16.14 24.49 65.50
CA VAL A 1100 14.90 23.81 65.13
C VAL A 1100 13.70 24.73 65.29
N PHE A 1101 13.71 25.59 66.32
CA PHE A 1101 12.61 26.52 66.51
C PHE A 1101 12.52 27.53 65.37
N GLU A 1102 13.66 28.06 64.92
CA GLU A 1102 13.64 28.98 63.80
C GLU A 1102 13.20 28.27 62.53
N ALA A 1103 13.59 27.00 62.36
CA ALA A 1103 13.12 26.24 61.21
C ALA A 1103 11.61 26.04 61.25
N LEU A 1104 11.07 25.73 62.43
CA LEU A 1104 9.63 25.57 62.56
C LEU A 1104 8.91 26.87 62.23
N VAL A 1105 9.41 27.99 62.76
CA VAL A 1105 8.76 29.27 62.51
C VAL A 1105 8.81 29.62 61.03
N ILE A 1106 9.97 29.44 60.40
CA ILE A 1106 10.11 29.85 59.01
C ILE A 1106 9.24 28.97 58.12
N TYR A 1107 9.11 27.68 58.45
CA TYR A 1107 8.28 26.82 57.63
C TYR A 1107 6.78 27.06 57.88
N MET A 1108 6.39 27.43 59.10
CA MET A 1108 5.02 27.86 59.32
C MET A 1108 4.71 29.10 58.48
N GLU A 1109 5.64 30.05 58.45
CA GLU A 1109 5.44 31.25 57.64
C GLU A 1109 5.36 30.91 56.15
N SER A 1110 6.19 29.97 55.70
CA SER A 1110 6.12 29.53 54.31
C SER A 1110 4.78 28.89 54.00
N LEU A 1111 4.28 28.06 54.92
CA LEU A 1111 2.97 27.44 54.73
C LEU A 1111 1.88 28.49 54.66
N ALA A 1112 1.96 29.51 55.51
CA ALA A 1112 0.98 30.60 55.45
C ALA A 1112 1.07 31.33 54.12
N LEU A 1113 2.28 31.59 53.64
CA LEU A 1113 2.45 32.26 52.35
C LEU A 1113 1.89 31.42 51.22
N ALA A 1114 1.97 30.10 51.33
CA ALA A 1114 1.48 29.20 50.29
C ALA A 1114 -0.02 29.00 50.34
N HIS A 1115 -0.76 29.88 51.02
CA HIS A 1115 -2.21 29.76 51.06
C HIS A 1115 -2.86 30.23 49.78
N ALA A 1116 -2.26 31.20 49.08
CA ALA A 1116 -2.92 31.81 47.93
C ALA A 1116 -2.92 30.89 46.71
N ASP A 1117 -1.81 30.21 46.44
CA ASP A 1117 -1.66 29.49 45.19
C ASP A 1117 -2.52 28.23 45.17
N GLU A 1118 -2.52 27.58 44.02
CA GLU A 1118 -3.43 26.46 43.78
C GLU A 1118 -3.07 25.24 44.63
N LYS A 1119 -4.09 24.51 45.05
CA LYS A 1119 -3.88 23.27 45.77
C LYS A 1119 -3.22 22.21 44.89
N SER A 1120 -3.64 22.14 43.62
CA SER A 1120 -3.12 21.11 42.72
C SER A 1120 -1.62 21.22 42.50
N LEU A 1121 -1.04 22.39 42.78
CA LEU A 1121 0.41 22.54 42.63
C LEU A 1121 1.17 21.68 43.64
N GLY A 1122 0.53 21.33 44.75
CA GLY A 1122 1.18 20.53 45.77
C GLY A 1122 2.32 21.24 46.46
N THR A 1123 2.18 22.55 46.69
CA THR A 1123 3.20 23.30 47.42
C THR A 1123 2.99 23.24 48.92
N ILE A 1124 1.76 23.06 49.39
CA ILE A 1124 1.50 22.95 50.81
C ILE A 1124 1.66 21.53 51.32
N GLN A 1125 1.57 20.52 50.45
CA GLN A 1125 1.80 19.15 50.87
C GLN A 1125 3.24 18.96 51.32
N GLN A 1126 4.19 19.47 50.56
CA GLN A 1126 5.59 19.34 50.92
C GLN A 1126 5.91 20.11 52.21
N CYS A 1127 5.38 21.32 52.34
CA CYS A 1127 5.61 22.08 53.57
C CYS A 1127 5.00 21.38 54.77
N CYS A 1128 3.81 20.80 54.59
CA CYS A 1128 3.17 20.06 55.67
C CYS A 1128 4.01 18.85 56.07
N ASP A 1129 4.56 18.14 55.08
CA ASP A 1129 5.42 17.00 55.39
C ASP A 1129 6.68 17.43 56.13
N ALA A 1130 7.28 18.55 55.71
CA ALA A 1130 8.46 19.04 56.39
C ALA A 1130 8.15 19.43 57.84
N ILE A 1131 7.02 20.12 58.05
CA ILE A 1131 6.63 20.50 59.40
C ILE A 1131 6.36 19.28 60.24
N ASP A 1132 5.74 18.24 59.65
CA ASP A 1132 5.50 17.01 60.37
C ASP A 1132 6.80 16.34 60.78
N HIS A 1133 7.77 16.27 59.86
CA HIS A 1133 9.07 15.67 60.19
C HIS A 1133 9.75 16.43 61.32
N LEU A 1134 9.72 17.77 61.25
CA LEU A 1134 10.44 18.56 62.25
C LEU A 1134 9.71 18.54 63.59
N CYS A 1135 8.38 18.45 63.58
CA CYS A 1135 7.64 18.26 64.82
C CYS A 1135 7.96 16.89 65.44
N ARG A 1136 8.06 15.86 64.62
CA ARG A 1136 8.44 14.55 65.13
C ARG A 1136 9.87 14.54 65.66
N ILE A 1137 10.72 15.42 65.12
CA ILE A 1137 12.09 15.49 65.62
C ILE A 1137 12.24 16.43 66.83
N ILE A 1138 11.27 17.31 67.07
CA ILE A 1138 11.36 18.17 68.25
C ILE A 1138 10.71 17.53 69.47
N GLU A 1139 9.76 16.61 69.27
CA GLU A 1139 9.07 16.00 70.38
C GLU A 1139 9.94 15.01 71.16
N LYS A 1140 11.09 14.64 70.62
CA LYS A 1140 11.98 13.68 71.28
C LYS A 1140 13.23 14.31 71.88
N LYS A 1141 13.79 15.32 71.24
CA LYS A 1141 15.02 15.95 71.71
C LYS A 1141 14.77 17.13 72.64
N HIS A 1142 13.51 17.48 72.89
CA HIS A 1142 13.18 18.54 73.82
C HIS A 1142 12.25 18.10 74.95
N VAL A 1143 11.63 16.93 74.85
CA VAL A 1143 10.83 16.40 75.95
C VAL A 1143 11.72 16.13 77.15
N SER A 1144 12.99 15.78 76.92
CA SER A 1144 13.94 15.52 77.99
C SER A 1144 15.06 16.55 78.07
N LEU A 1145 15.19 17.43 77.08
CA LEU A 1145 16.26 18.42 77.03
C LEU A 1145 15.69 19.81 76.81
N ASN A 1146 14.65 20.15 77.55
CA ASN A 1146 14.06 21.48 77.47
C ASN A 1146 14.88 22.41 78.36
N LYS A 1147 15.57 23.37 77.73
CA LYS A 1147 16.44 24.29 78.46
C LYS A 1147 16.07 25.73 78.13
N ALA A 1148 16.90 26.67 78.59
CA ALA A 1148 16.67 28.09 78.31
C ALA A 1148 17.94 28.78 77.85
N LYS A 1149 18.81 28.06 77.15
CA LYS A 1149 20.06 28.62 76.68
C LYS A 1149 19.83 29.53 75.48
N LYS A 1150 20.92 30.08 74.95
CA LYS A 1150 20.82 30.94 73.78
C LYS A 1150 20.42 30.13 72.55
N ARG A 1151 19.49 30.69 71.77
CA ARG A 1151 19.03 30.05 70.55
C ARG A 1151 18.80 31.10 69.49
N ARG A 1152 18.81 30.66 68.23
CA ARG A 1152 18.61 31.58 67.12
C ARG A 1152 17.23 32.21 67.20
N LEU A 1153 17.15 33.48 66.81
CA LEU A 1153 15.91 34.24 66.91
C LEU A 1153 15.09 34.01 65.64
N PRO A 1154 13.94 33.35 65.71
CA PRO A 1154 13.12 33.16 64.52
C PRO A 1154 12.48 34.46 64.07
N ARG A 1155 12.13 34.49 62.79
CA ARG A 1155 11.50 35.68 62.21
C ARG A 1155 10.12 35.90 62.81
N GLY A 1156 9.75 37.17 62.97
CA GLY A 1156 8.45 37.50 63.52
C GLY A 1156 8.32 37.25 65.01
N PHE A 1157 9.43 37.20 65.73
CA PHE A 1157 9.42 36.98 67.16
C PHE A 1157 9.86 38.23 67.89
N PRO A 1158 9.35 38.46 69.11
CA PRO A 1158 9.84 39.59 69.89
C PRO A 1158 11.29 39.41 70.27
N PRO A 1159 12.06 40.48 70.39
CA PRO A 1159 13.48 40.34 70.79
C PRO A 1159 13.62 39.78 72.19
N SER A 1160 14.17 38.58 72.30
CA SER A 1160 14.32 37.89 73.57
C SER A 1160 15.74 37.38 73.73
N ALA A 1161 16.21 37.33 74.96
CA ALA A 1161 17.55 36.84 75.25
C ALA A 1161 17.64 35.33 75.29
N SER A 1162 16.51 34.63 75.37
CA SER A 1162 16.51 33.17 75.40
C SER A 1162 15.20 32.67 74.82
N LEU A 1163 15.22 31.41 74.39
CA LEU A 1163 14.04 30.77 73.81
C LEU A 1163 13.98 29.33 74.29
N CYS A 1164 12.76 28.82 74.40
CA CYS A 1164 12.53 27.46 74.87
C CYS A 1164 11.26 26.95 74.22
N LEU A 1165 10.69 25.88 74.77
CA LEU A 1165 9.43 25.37 74.26
C LEU A 1165 8.23 26.20 74.71
N LEU A 1166 8.29 26.77 75.92
CA LEU A 1166 7.13 27.46 76.47
C LEU A 1166 6.76 28.69 75.65
N ASP A 1167 7.76 29.52 75.30
CA ASP A 1167 7.46 30.70 74.50
C ASP A 1167 7.05 30.32 73.08
N LEU A 1168 7.58 29.21 72.55
CA LEU A 1168 7.10 28.75 71.24
C LEU A 1168 5.64 28.35 71.31
N VAL A 1169 5.23 27.66 72.38
CA VAL A 1169 3.82 27.29 72.54
C VAL A 1169 2.96 28.53 72.70
N LYS A 1170 3.47 29.53 73.44
CA LYS A 1170 2.74 30.78 73.58
C LYS A 1170 2.57 31.48 72.25
N TRP A 1171 3.61 31.47 71.41
CA TRP A 1171 3.51 32.05 70.08
C TRP A 1171 2.50 31.30 69.22
N LEU A 1172 2.50 29.96 69.32
CA LEU A 1172 1.53 29.17 68.59
C LEU A 1172 0.11 29.51 69.03
N LEU A 1173 -0.10 29.68 70.33
CA LEU A 1173 -1.41 30.06 70.84
C LEU A 1173 -1.81 31.43 70.34
N ALA A 1174 -0.88 32.39 70.36
CA ALA A 1174 -1.18 33.74 69.90
C ALA A 1174 -1.38 33.82 68.40
N HIS A 1175 -0.88 32.84 67.64
CA HIS A 1175 -1.04 32.80 66.20
C HIS A 1175 -1.98 31.68 65.76
N CYS A 1176 -2.92 31.32 66.64
CA CYS A 1176 -3.88 30.27 66.29
C CYS A 1176 -4.92 30.76 65.31
N GLY A 1177 -5.35 32.02 65.44
CA GLY A 1177 -6.32 32.58 64.53
C GLY A 1177 -5.70 33.43 63.44
N ARG A 1178 -5.53 32.86 62.26
CA ARG A 1178 -4.98 33.58 61.11
C ARG A 1178 -5.85 33.32 59.89
N PRO A 1179 -5.93 34.28 58.98
CA PRO A 1179 -6.68 34.09 57.73
C PRO A 1179 -5.93 33.24 56.71
N GLN A 1180 -5.37 32.12 57.17
CA GLN A 1180 -4.70 31.15 56.32
C GLN A 1180 -5.08 29.77 56.81
N THR A 1181 -5.84 29.04 56.00
CA THR A 1181 -6.48 27.81 56.47
C THR A 1181 -5.43 26.77 56.88
N GLU A 1182 -4.49 26.47 56.01
CA GLU A 1182 -3.52 25.42 56.30
C GLU A 1182 -2.59 25.81 57.44
N CYS A 1183 -2.13 27.06 57.47
CA CYS A 1183 -1.25 27.50 58.55
C CYS A 1183 -1.97 27.46 59.88
N ARG A 1184 -3.22 27.91 59.92
CA ARG A 1184 -3.98 27.88 61.17
C ARG A 1184 -4.22 26.45 61.63
N HIS A 1185 -4.57 25.55 60.70
CA HIS A 1185 -4.77 24.16 61.05
C HIS A 1185 -3.51 23.55 61.64
N LYS A 1186 -2.37 23.76 60.97
CA LYS A 1186 -1.13 23.20 61.45
C LYS A 1186 -0.73 23.80 62.79
N SER A 1187 -0.94 25.11 62.97
CA SER A 1187 -0.59 25.74 64.24
C SER A 1187 -1.43 25.19 65.39
N ILE A 1188 -2.73 25.03 65.17
CA ILE A 1188 -3.60 24.52 66.22
C ILE A 1188 -3.21 23.09 66.57
N GLU A 1189 -2.98 22.26 65.55
CA GLU A 1189 -2.58 20.87 65.81
C GLU A 1189 -1.26 20.81 66.54
N LEU A 1190 -0.30 21.66 66.15
CA LEU A 1190 1.00 21.67 66.79
C LEU A 1190 0.91 22.13 68.23
N PHE A 1191 0.05 23.13 68.51
CA PHE A 1191 -0.16 23.58 69.87
C PHE A 1191 -0.76 22.46 70.73
N TYR A 1192 -1.76 21.75 70.19
CA TYR A 1192 -2.35 20.66 70.93
C TYR A 1192 -1.36 19.53 71.16
N LYS A 1193 -0.42 19.34 70.24
CA LYS A 1193 0.61 18.33 70.44
C LYS A 1193 1.69 18.80 71.41
N PHE A 1194 1.88 20.11 71.56
CA PHE A 1194 2.95 20.64 72.38
C PHE A 1194 2.57 20.89 73.83
N VAL A 1195 1.31 21.22 74.13
CA VAL A 1195 0.91 21.41 75.52
C VAL A 1195 1.25 20.19 76.39
N PRO A 1196 0.95 18.96 75.98
CA PRO A 1196 1.40 17.81 76.79
C PRO A 1196 2.91 17.67 76.86
N LEU A 1197 3.64 18.29 75.94
CA LEU A 1197 5.10 18.14 75.90
C LEU A 1197 5.81 19.00 76.95
N LEU A 1198 5.08 19.85 77.65
CA LEU A 1198 5.68 20.67 78.70
C LEU A 1198 6.17 19.79 79.85
N PRO A 1199 7.12 20.27 80.64
CA PRO A 1199 7.66 19.44 81.73
C PRO A 1199 6.62 19.02 82.75
N GLY A 1200 5.52 19.75 82.88
CA GLY A 1200 4.47 19.36 83.81
C GLY A 1200 3.66 18.18 83.35
N ASN A 1201 3.72 17.83 82.06
CA ASN A 1201 2.97 16.71 81.50
C ASN A 1201 1.48 16.84 81.80
N ARG A 1202 0.97 18.06 81.65
CA ARG A 1202 -0.40 18.37 82.02
C ARG A 1202 -1.31 18.38 80.80
N SER A 1203 -2.56 18.02 81.00
CA SER A 1203 -3.55 18.08 79.95
C SER A 1203 -3.84 19.54 79.58
N PRO A 1204 -4.25 19.81 78.34
CA PRO A 1204 -4.45 21.21 77.93
C PRO A 1204 -5.46 21.97 78.76
N ASN A 1205 -6.49 21.30 79.30
CA ASN A 1205 -7.56 22.02 80.00
C ASN A 1205 -7.03 22.73 81.24
N LEU A 1206 -6.29 22.01 82.08
CA LEU A 1206 -5.81 22.61 83.33
C LEU A 1206 -4.75 23.66 83.07
N TRP A 1207 -3.90 23.45 82.06
CA TRP A 1207 -2.92 24.46 81.70
C TRP A 1207 -3.60 25.73 81.20
N LEU A 1208 -4.63 25.58 80.37
CA LEU A 1208 -5.37 26.74 79.90
C LEU A 1208 -6.06 27.46 81.05
N LYS A 1209 -6.62 26.71 82.00
CA LYS A 1209 -7.24 27.32 83.16
C LYS A 1209 -6.22 28.10 83.98
N ASP A 1210 -5.04 27.53 84.18
CA ASP A 1210 -4.01 28.20 84.97
C ASP A 1210 -3.51 29.45 84.28
N VAL A 1211 -3.41 29.42 82.95
CA VAL A 1211 -3.01 30.62 82.22
C VAL A 1211 -4.10 31.69 82.31
N LEU A 1212 -5.35 31.30 82.11
CA LEU A 1212 -6.44 32.26 82.07
C LEU A 1212 -6.73 32.87 83.43
N LYS A 1213 -6.49 32.13 84.52
CA LYS A 1213 -6.86 32.61 85.84
C LYS A 1213 -6.03 33.81 86.28
N GLU A 1214 -4.86 34.02 85.68
CA GLU A 1214 -4.00 35.13 86.05
C GLU A 1214 -3.59 36.03 84.88
N GLU A 1215 -3.74 35.58 83.63
CA GLU A 1215 -3.59 36.50 82.51
C GLU A 1215 -4.85 37.27 82.21
N GLY A 1216 -5.99 36.84 82.74
CA GLY A 1216 -7.26 37.49 82.47
C GLY A 1216 -8.05 36.77 81.40
N VAL A 1217 -9.36 36.82 81.51
CA VAL A 1217 -10.23 36.15 80.56
C VAL A 1217 -10.15 36.81 79.19
N SER A 1218 -10.03 38.14 79.16
CA SER A 1218 -9.96 38.88 77.91
C SER A 1218 -8.72 38.56 77.09
N PHE A 1219 -7.70 37.95 77.69
CA PHE A 1219 -6.52 37.56 76.95
C PHE A 1219 -6.80 36.46 75.94
N LEU A 1220 -7.87 35.70 76.12
CA LEU A 1220 -8.19 34.58 75.24
C LEU A 1220 -9.12 34.97 74.08
N ILE A 1221 -10.08 35.86 74.32
CA ILE A 1221 -11.03 36.23 73.27
C ILE A 1221 -10.30 36.91 72.12
N ASN A 1222 -9.44 37.88 72.43
CA ASN A 1222 -8.68 38.55 71.38
C ASN A 1222 -7.64 37.61 70.76
N THR A 1223 -7.17 36.63 71.52
CA THR A 1223 -6.24 35.65 70.97
C THR A 1223 -6.89 34.86 69.84
N PHE A 1224 -8.13 34.44 70.04
CA PHE A 1224 -8.88 33.79 68.97
C PHE A 1224 -9.29 34.76 67.87
N GLU A 1225 -9.09 36.08 68.09
CA GLU A 1225 -9.42 37.09 67.11
C GLU A 1225 -8.22 37.98 66.78
N GLY A 1226 -7.01 37.48 67.01
CA GLY A 1226 -5.81 38.26 66.75
C GLY A 1226 -4.96 37.73 65.61
N GLY A 1227 -3.89 37.01 65.96
CA GLY A 1227 -2.97 36.51 64.95
C GLY A 1227 -1.86 37.50 64.66
N GLY A 1228 -2.23 38.60 64.01
CA GLY A 1228 -1.31 39.70 63.79
C GLY A 1228 -1.84 40.98 64.41
N CYS A 1229 -2.09 41.98 63.58
CA CYS A 1229 -2.76 43.20 64.01
C CYS A 1229 -4.18 43.31 63.47
N GLY A 1230 -4.49 42.65 62.35
CA GLY A 1230 -5.84 42.67 61.83
C GLY A 1230 -6.74 41.70 62.55
N GLN A 1231 -8.04 42.07 62.68
CA GLN A 1231 -8.95 41.49 63.77
C GLN A 1231 -10.42 41.51 63.35
N PRO A 1232 -11.20 40.49 63.72
CA PRO A 1232 -12.66 40.68 63.77
C PRO A 1232 -13.09 41.52 64.96
N SER A 1233 -12.20 41.73 65.92
CA SER A 1233 -12.30 42.86 66.84
C SER A 1233 -11.80 44.09 66.10
N GLY A 1234 -11.56 45.19 66.81
CA GLY A 1234 -11.25 46.40 66.09
C GLY A 1234 -12.49 46.81 65.32
N ILE A 1235 -12.52 46.54 64.02
CA ILE A 1235 -13.80 46.58 63.32
C ILE A 1235 -14.58 45.35 63.78
N LEU A 1236 -15.45 45.57 64.75
CA LEU A 1236 -16.16 44.48 65.42
C LEU A 1236 -17.51 44.20 64.78
N ALA A 1237 -17.50 43.99 63.47
CA ALA A 1237 -18.75 43.80 62.72
C ALA A 1237 -18.40 43.23 61.36
N GLN A 1238 -19.40 43.18 60.50
CA GLN A 1238 -19.36 42.63 59.15
C GLN A 1238 -18.90 43.72 58.18
N PRO A 1239 -18.81 43.46 56.87
CA PRO A 1239 -18.34 44.53 55.97
C PRO A 1239 -19.31 45.70 55.89
N THR A 1240 -19.55 46.33 57.03
CA THR A 1240 -20.29 47.59 57.14
C THR A 1240 -19.44 48.68 57.76
N LEU A 1241 -18.65 48.36 58.78
CA LEU A 1241 -17.71 49.31 59.38
C LEU A 1241 -16.43 49.35 58.54
N LEU A 1242 -16.56 49.94 57.36
CA LEU A 1242 -15.44 50.06 56.44
C LEU A 1242 -15.56 51.39 55.69
N TYR A 1243 -14.61 51.63 54.79
CA TYR A 1243 -14.53 52.93 54.13
C TYR A 1243 -15.66 53.14 53.13
N LEU A 1244 -16.08 52.07 52.45
CA LEU A 1244 -17.13 52.18 51.43
C LEU A 1244 -17.97 50.92 51.48
N ARG A 1245 -19.29 51.08 51.52
CA ARG A 1245 -20.24 49.98 51.68
C ARG A 1245 -21.26 50.09 50.55
N GLY A 1246 -22.15 49.10 50.45
CA GLY A 1246 -23.11 48.99 49.37
C GLY A 1246 -22.61 48.16 48.22
N PRO A 1247 -21.73 48.73 47.39
CA PRO A 1247 -20.89 47.91 46.52
C PRO A 1247 -19.53 47.66 47.16
N PHE A 1248 -19.00 46.45 46.97
CA PHE A 1248 -17.74 46.08 47.57
C PHE A 1248 -16.80 45.52 46.50
N SER A 1249 -15.50 45.68 46.76
CA SER A 1249 -14.48 45.02 45.96
C SER A 1249 -14.23 43.60 46.47
N LEU A 1250 -13.69 42.76 45.60
CA LEU A 1250 -13.47 41.36 45.96
C LEU A 1250 -12.47 41.19 47.09
N GLN A 1251 -11.62 42.18 47.32
CA GLN A 1251 -10.60 42.04 48.35
C GLN A 1251 -11.22 42.05 49.75
N ALA A 1252 -11.84 43.16 50.12
CA ALA A 1252 -12.27 43.36 51.51
C ALA A 1252 -13.26 42.29 51.96
N THR A 1253 -14.17 41.89 51.07
CA THR A 1253 -15.09 40.81 51.41
C THR A 1253 -14.32 39.53 51.73
N LEU A 1254 -13.29 39.22 50.94
CA LEU A 1254 -12.50 38.03 51.19
C LEU A 1254 -11.75 38.14 52.51
N CYS A 1255 -11.20 39.32 52.82
CA CYS A 1255 -10.52 39.50 54.10
C CYS A 1255 -11.47 39.24 55.26
N TRP A 1256 -12.64 39.87 55.25
CA TRP A 1256 -13.58 39.68 56.34
C TRP A 1256 -14.04 38.23 56.44
N LEU A 1257 -14.31 37.61 55.29
CA LEU A 1257 -14.76 36.22 55.31
C LEU A 1257 -13.70 35.30 55.89
N ASP A 1258 -12.44 35.49 55.48
CA ASP A 1258 -11.38 34.64 55.99
C ASP A 1258 -11.14 34.86 57.48
N LEU A 1259 -11.21 36.12 57.93
CA LEU A 1259 -11.04 36.38 59.37
C LEU A 1259 -12.14 35.73 60.17
N LEU A 1260 -13.39 35.87 59.71
CA LEU A 1260 -14.50 35.23 60.40
C LEU A 1260 -14.34 33.72 60.39
N LEU A 1261 -13.89 33.16 59.28
CA LEU A 1261 -13.68 31.71 59.18
C LEU A 1261 -12.65 31.24 60.19
N ALA A 1262 -11.53 31.96 60.30
CA ALA A 1262 -10.50 31.59 61.28
C ALA A 1262 -11.03 31.68 62.70
N ALA A 1263 -11.77 32.74 63.01
CA ALA A 1263 -12.33 32.88 64.35
C ALA A 1263 -13.27 31.73 64.66
N LEU A 1264 -14.14 31.37 63.72
CA LEU A 1264 -15.08 30.28 63.93
C LEU A 1264 -14.36 28.95 64.11
N GLU A 1265 -13.32 28.71 63.30
CA GLU A 1265 -12.59 27.45 63.42
C GLU A 1265 -11.91 27.35 64.78
N CYS A 1266 -11.28 28.44 65.23
CA CYS A 1266 -10.66 28.41 66.56
C CYS A 1266 -11.68 28.19 67.65
N TYR A 1267 -12.83 28.88 67.55
CA TYR A 1267 -13.89 28.69 68.56
C TYR A 1267 -14.37 27.24 68.58
N ASN A 1268 -14.61 26.66 67.41
CA ASN A 1268 -15.08 25.29 67.34
C ASN A 1268 -14.06 24.32 67.92
N THR A 1269 -12.79 24.49 67.56
CA THR A 1269 -11.78 23.54 68.01
C THR A 1269 -11.44 23.72 69.49
N PHE A 1270 -11.71 24.88 70.07
CA PHE A 1270 -11.46 25.07 71.50
C PHE A 1270 -12.71 24.87 72.35
N ILE A 1271 -13.89 24.78 71.74
CA ILE A 1271 -15.12 24.50 72.46
C ILE A 1271 -15.48 23.01 72.42
N GLY A 1272 -15.42 22.41 71.24
CA GLY A 1272 -15.74 21.00 71.13
C GLY A 1272 -14.80 20.13 71.93
N GLU A 1273 -13.50 20.42 71.87
CA GLU A 1273 -12.56 19.75 72.75
C GLU A 1273 -12.71 20.28 74.17
N ARG A 1274 -12.62 19.37 75.14
CA ARG A 1274 -12.87 19.70 76.55
C ARG A 1274 -11.62 20.33 77.16
N THR A 1275 -11.37 21.58 76.76
CA THR A 1275 -10.30 22.38 77.33
C THR A 1275 -10.82 23.59 78.09
N VAL A 1276 -11.71 24.37 77.50
CA VAL A 1276 -12.34 25.51 78.15
C VAL A 1276 -13.85 25.36 78.06
N GLY A 1277 -14.55 25.98 79.01
CA GLY A 1277 -15.99 25.93 79.01
C GLY A 1277 -16.59 26.84 77.94
N ALA A 1278 -17.79 26.46 77.49
CA ALA A 1278 -18.49 27.25 76.48
C ALA A 1278 -18.89 28.62 77.00
N LEU A 1279 -19.05 28.77 78.32
CA LEU A 1279 -19.42 30.05 78.91
C LEU A 1279 -18.22 30.95 79.17
N GLN A 1280 -17.00 30.43 79.05
CA GLN A 1280 -15.81 31.23 79.31
C GLN A 1280 -15.43 32.11 78.12
N VAL A 1281 -16.09 31.96 76.98
CA VAL A 1281 -15.78 32.74 75.79
C VAL A 1281 -16.94 33.63 75.35
N LEU A 1282 -18.13 33.43 75.88
CA LEU A 1282 -19.30 34.22 75.47
C LEU A 1282 -20.15 34.60 76.68
N LEU A 1291 -18.74 35.34 67.44
CA LEU A 1291 -19.04 36.28 68.50
C LEU A 1291 -20.29 37.11 68.17
N LYS A 1292 -20.10 38.13 67.34
CA LYS A 1292 -21.19 39.01 66.93
C LYS A 1292 -21.24 39.25 65.43
N ALA A 1293 -20.13 39.08 64.71
CA ALA A 1293 -20.07 39.33 63.27
C ALA A 1293 -20.90 38.33 62.47
N VAL A 1294 -21.61 37.41 63.13
CA VAL A 1294 -22.49 36.48 62.43
C VAL A 1294 -23.82 37.11 62.07
N ALA A 1295 -24.10 38.32 62.54
CA ALA A 1295 -25.43 38.91 62.38
C ALA A 1295 -25.76 39.16 60.91
N PHE A 1296 -24.96 40.00 60.24
CA PHE A 1296 -25.25 40.33 58.85
C PHE A 1296 -25.13 39.08 57.97
N PHE A 1297 -24.12 38.25 58.22
CA PHE A 1297 -23.82 37.14 57.32
C PHE A 1297 -25.02 36.22 57.12
N LEU A 1298 -25.99 36.23 58.04
CA LEU A 1298 -27.26 35.57 57.78
C LEU A 1298 -27.95 36.18 56.57
N GLU A 1299 -27.90 37.51 56.43
CA GLU A 1299 -28.45 38.22 55.28
C GLU A 1299 -27.49 38.27 54.10
N SER A 1300 -26.22 37.91 54.29
CA SER A 1300 -25.28 37.86 53.18
C SER A 1300 -25.54 36.70 52.24
N ILE A 1301 -26.41 35.77 52.60
CA ILE A 1301 -26.76 34.66 51.72
C ILE A 1301 -27.52 35.11 50.48
N ALA A 1302 -28.02 36.35 50.47
CA ALA A 1302 -28.75 36.88 49.33
C ALA A 1302 -27.84 37.52 48.29
N MET A 1303 -26.55 37.16 48.29
CA MET A 1303 -25.55 37.71 47.37
C MET A 1303 -25.40 39.22 47.54
N SER A 1323 -18.94 41.33 36.31
CA SER A 1323 -18.30 40.30 37.13
C SER A 1323 -18.79 38.91 36.71
N PRO A 1324 -18.13 38.32 35.72
CA PRO A 1324 -18.55 37.00 35.24
C PRO A 1324 -17.97 35.85 36.06
N GLN A 1325 -16.82 36.08 36.71
CA GLN A 1325 -16.18 35.05 37.51
C GLN A 1325 -15.95 35.46 38.96
N GLU A 1326 -16.04 36.75 39.28
CA GLU A 1326 -15.90 37.17 40.67
C GLU A 1326 -17.01 36.60 41.54
N GLY A 1327 -18.23 36.52 40.99
CA GLY A 1327 -19.33 35.98 41.75
C GLY A 1327 -19.10 34.55 42.18
N GLU A 1328 -18.49 33.75 41.31
CA GLU A 1328 -18.20 32.36 41.66
C GLU A 1328 -17.24 32.28 42.84
N ARG A 1329 -16.18 33.10 42.82
CA ARG A 1329 -15.23 33.10 43.92
C ARG A 1329 -15.88 33.56 45.22
N TYR A 1330 -16.71 34.60 45.15
CA TYR A 1330 -17.41 35.07 46.34
C TYR A 1330 -18.36 34.00 46.88
N ASN A 1331 -19.06 33.30 45.98
CA ASN A 1331 -19.96 32.24 46.40
C ASN A 1331 -19.20 31.12 47.08
N TYR A 1332 -18.05 30.74 46.53
CA TYR A 1332 -17.24 29.70 47.15
C TYR A 1332 -16.75 30.13 48.52
N SER A 1333 -16.28 31.37 48.64
CA SER A 1333 -15.75 31.85 49.92
C SER A 1333 -16.83 32.04 50.96
N LYS A 1334 -18.08 32.23 50.55
CA LYS A 1334 -19.19 32.29 51.51
C LYS A 1334 -19.70 30.89 51.84
N CYS A 1335 -19.61 29.96 50.89
CA CYS A 1335 -20.07 28.60 51.14
C CYS A 1335 -19.10 27.83 52.03
N THR A 1336 -17.81 28.16 51.98
CA THR A 1336 -16.91 27.54 52.94
C THR A 1336 -17.10 28.09 54.34
N VAL A 1337 -17.89 29.15 54.50
CA VAL A 1337 -18.14 29.75 55.80
C VAL A 1337 -19.49 29.32 56.38
N VAL A 1338 -20.51 29.17 55.52
CA VAL A 1338 -21.82 28.77 56.01
C VAL A 1338 -21.73 27.38 56.67
N VAL A 1339 -21.01 26.46 56.03
CA VAL A 1339 -20.88 25.11 56.58
C VAL A 1339 -20.15 25.14 57.91
N ARG A 1340 -19.12 25.99 58.02
CA ARG A 1340 -18.42 26.12 59.29
C ARG A 1340 -19.33 26.66 60.37
N ILE A 1341 -20.22 27.60 60.03
CA ILE A 1341 -21.20 28.09 60.99
C ILE A 1341 -22.10 26.95 61.44
N MET A 1342 -22.59 26.15 60.50
CA MET A 1342 -23.50 25.05 60.84
C MET A 1342 -22.82 24.07 61.77
N GLU A 1343 -21.58 23.69 61.46
CA GLU A 1343 -20.88 22.71 62.29
C GLU A 1343 -20.49 23.29 63.64
N PHE A 1344 -20.17 24.59 63.69
CA PHE A 1344 -19.89 25.22 64.97
C PHE A 1344 -21.11 25.20 65.87
N THR A 1345 -22.28 25.53 65.31
CA THR A 1345 -23.51 25.45 66.09
C THR A 1345 -23.77 24.02 66.54
N THR A 1346 -23.55 23.05 65.65
CA THR A 1346 -23.77 21.65 66.00
C THR A 1346 -22.89 21.23 67.18
N THR A 1347 -21.59 21.52 67.09
CA THR A 1347 -20.69 21.09 68.16
C THR A 1347 -20.95 21.85 69.44
N LEU A 1348 -21.33 23.13 69.36
CA LEU A 1348 -21.65 23.90 70.56
C LEU A 1348 -22.85 23.32 71.27
N LEU A 1349 -23.89 22.95 70.51
CA LEU A 1349 -25.06 22.34 71.13
C LEU A 1349 -24.72 20.97 71.70
N ASN A 1350 -23.84 20.23 71.03
CA ASN A 1350 -23.57 18.86 71.46
C ASN A 1350 -22.71 18.82 72.72
N THR A 1351 -21.72 19.71 72.84
CA THR A 1351 -20.76 19.58 73.93
C THR A 1351 -21.40 19.87 75.28
N SER A 1352 -22.29 20.85 75.33
CA SER A 1352 -22.84 21.34 76.59
C SER A 1352 -24.26 21.85 76.36
N PRO A 1353 -25.28 21.04 76.67
CA PRO A 1353 -26.65 21.55 76.56
C PRO A 1353 -26.94 22.71 77.48
N GLU A 1354 -26.26 22.80 78.62
CA GLU A 1354 -26.49 23.89 79.56
C GLU A 1354 -26.00 25.23 79.05
N GLY A 1355 -25.26 25.25 77.93
CA GLY A 1355 -24.84 26.49 77.33
C GLY A 1355 -25.83 27.01 76.31
N TRP A 1356 -27.06 26.48 76.34
CA TRP A 1356 -28.05 26.89 75.35
C TRP A 1356 -28.57 28.29 75.62
N LYS A 1357 -28.54 28.74 76.87
CA LYS A 1357 -29.10 30.04 77.21
C LYS A 1357 -28.25 31.18 76.65
N LEU A 1358 -26.92 31.03 76.65
CA LEU A 1358 -26.06 32.06 76.10
C LEU A 1358 -26.22 32.21 74.59
N LEU A 1359 -26.89 31.27 73.94
CA LEU A 1359 -27.15 31.36 72.51
C LEU A 1359 -28.06 32.54 72.23
N LYS A 1360 -27.51 33.61 71.66
CA LYS A 1360 -28.22 34.88 71.48
C LYS A 1360 -29.23 34.73 70.35
N LYS A 1361 -30.41 34.22 70.71
CA LYS A 1361 -31.55 34.02 69.81
C LYS A 1361 -31.10 33.56 68.42
N ASP A 1362 -30.47 32.39 68.41
CA ASP A 1362 -29.94 31.91 67.12
C ASP A 1362 -31.02 31.41 66.19
N LEU A 1363 -32.31 31.63 66.47
CA LEU A 1363 -33.29 31.56 65.40
C LEU A 1363 -32.96 32.57 64.30
N CYS A 1364 -32.19 33.60 64.63
CA CYS A 1364 -31.55 34.48 63.65
C CYS A 1364 -32.59 35.23 62.82
N ASN A 1365 -33.69 35.61 63.46
CA ASN A 1365 -34.83 36.22 62.77
C ASN A 1365 -35.28 35.34 61.61
N THR A 1366 -35.37 34.04 61.91
CA THR A 1366 -35.72 33.02 60.91
C THR A 1366 -34.80 33.08 59.70
N HIS A 1367 -33.50 33.12 59.97
CA HIS A 1367 -32.48 33.06 58.93
C HIS A 1367 -31.58 31.86 59.03
N LEU A 1368 -31.08 31.53 60.23
CA LEU A 1368 -30.35 30.28 60.39
C LEU A 1368 -31.25 29.10 60.05
N MET A 1369 -32.50 29.15 60.50
CA MET A 1369 -33.49 28.18 60.04
C MET A 1369 -33.70 28.32 58.54
N ARG A 1370 -33.67 29.55 58.02
CA ARG A 1370 -33.86 29.75 56.59
C ARG A 1370 -32.69 29.19 55.78
N VAL A 1371 -31.46 29.44 56.22
CA VAL A 1371 -30.32 28.87 55.50
C VAL A 1371 -30.30 27.36 55.66
N LEU A 1372 -30.75 26.84 56.80
CA LEU A 1372 -30.82 25.40 56.98
C LEU A 1372 -31.82 24.77 56.02
N VAL A 1373 -33.00 25.36 55.88
CA VAL A 1373 -34.00 24.78 55.00
C VAL A 1373 -33.57 24.97 53.55
N GLN A 1374 -32.88 26.07 53.22
CA GLN A 1374 -32.37 26.23 51.88
C GLN A 1374 -31.28 25.20 51.55
N THR A 1375 -30.46 24.83 52.54
CA THR A 1375 -29.43 23.84 52.31
C THR A 1375 -30.02 22.48 51.97
N LEU A 1376 -31.06 22.06 52.71
CA LEU A 1376 -31.62 20.73 52.47
C LEU A 1376 -32.38 20.68 51.15
N CYS A 1377 -33.16 21.71 50.83
CA CYS A 1377 -33.92 21.75 49.59
C CYS A 1377 -33.51 22.96 48.77
N GLU A 1378 -33.12 22.71 47.51
CA GLU A 1378 -32.65 23.71 46.58
C GLU A 1378 -31.51 24.53 47.18
N PRO A 1379 -30.33 23.93 47.45
CA PRO A 1379 -29.18 24.68 47.96
C PRO A 1379 -28.35 25.30 46.85
N ALA A 1380 -29.02 25.93 45.88
CA ALA A 1380 -28.34 26.58 44.78
C ALA A 1380 -28.53 28.08 44.75
N SER A 1381 -29.49 28.62 45.49
CA SER A 1381 -29.72 30.05 45.54
C SER A 1381 -28.96 30.73 46.67
N ILE A 1382 -28.19 29.98 47.45
CA ILE A 1382 -27.42 30.54 48.56
C ILE A 1382 -25.93 30.55 48.28
N GLY A 1383 -25.49 30.06 47.13
CA GLY A 1383 -24.09 30.16 46.78
C GLY A 1383 -23.47 28.91 46.19
N PHE A 1384 -23.94 27.74 46.62
CA PHE A 1384 -23.40 26.49 46.10
C PHE A 1384 -23.65 26.40 44.59
N ASN A 1385 -22.61 26.03 43.85
CA ASN A 1385 -22.69 25.91 42.40
C ASN A 1385 -22.33 24.48 42.00
N ILE A 1386 -23.03 23.98 40.99
CA ILE A 1386 -22.77 22.62 40.51
C ILE A 1386 -21.38 22.55 39.91
N GLY A 1387 -20.62 21.52 40.29
CA GLY A 1387 -19.27 21.35 39.79
C GLY A 1387 -18.27 21.11 40.90
N ASP A 1388 -18.46 21.79 42.03
CA ASP A 1388 -17.61 21.60 43.19
C ASP A 1388 -18.09 20.35 43.93
N VAL A 1389 -17.63 19.19 43.43
CA VAL A 1389 -18.12 17.92 43.94
C VAL A 1389 -17.59 17.61 45.34
N GLN A 1390 -16.55 18.29 45.78
CA GLN A 1390 -15.97 17.98 47.09
C GLN A 1390 -16.85 18.50 48.22
N VAL A 1391 -17.51 19.63 48.04
CA VAL A 1391 -18.29 20.21 49.13
C VAL A 1391 -19.68 19.61 49.18
N MET A 1392 -20.29 19.34 48.02
CA MET A 1392 -21.65 18.80 48.00
C MET A 1392 -21.72 17.42 48.63
N ALA A 1393 -20.64 16.65 48.55
CA ALA A 1393 -20.62 15.35 49.20
C ALA A 1393 -20.57 15.46 50.72
N HIS A 1394 -20.32 16.65 51.26
CA HIS A 1394 -20.24 16.85 52.70
C HIS A 1394 -21.43 17.59 53.28
N LEU A 1395 -22.22 18.27 52.45
CA LEU A 1395 -23.36 19.04 52.96
C LEU A 1395 -24.37 18.19 53.72
N PRO A 1396 -24.82 17.03 53.20
CA PRO A 1396 -25.80 16.24 53.99
C PRO A 1396 -25.27 15.82 55.34
N ASP A 1397 -23.97 15.54 55.46
CA ASP A 1397 -23.43 15.09 56.74
C ASP A 1397 -23.57 16.17 57.81
N VAL A 1398 -23.11 17.39 57.52
CA VAL A 1398 -23.21 18.47 58.50
C VAL A 1398 -24.67 18.85 58.72
N CYS A 1399 -25.48 18.79 57.66
CA CYS A 1399 -26.90 19.10 57.81
C CYS A 1399 -27.57 18.15 58.80
N VAL A 1400 -27.35 16.84 58.62
CA VAL A 1400 -27.95 15.85 59.49
C VAL A 1400 -27.39 15.96 60.90
N ASN A 1401 -26.10 16.27 61.03
CA ASN A 1401 -25.52 16.47 62.35
C ASN A 1401 -26.20 17.63 63.06
N LEU A 1402 -26.46 18.72 62.34
CA LEU A 1402 -27.17 19.85 62.94
C LEU A 1402 -28.59 19.49 63.32
N MET A 1403 -29.28 18.72 62.48
CA MET A 1403 -30.63 18.27 62.84
C MET A 1403 -30.60 17.46 64.12
N LYS A 1404 -29.65 16.53 64.24
CA LYS A 1404 -29.59 15.68 65.42
C LYS A 1404 -29.24 16.49 66.67
N ALA A 1405 -28.33 17.47 66.53
CA ALA A 1405 -27.99 18.31 67.68
C ALA A 1405 -29.15 19.18 68.11
N LEU A 1406 -29.88 19.75 67.15
CA LEU A 1406 -30.95 20.68 67.47
C LEU A 1406 -32.11 19.97 68.17
N LYS A 1407 -32.41 18.73 67.77
CA LYS A 1407 -33.60 18.05 68.28
C LYS A 1407 -33.53 17.86 69.78
N MET A 1408 -32.38 17.42 70.29
CA MET A 1408 -32.25 17.18 71.72
C MET A 1408 -32.35 18.49 72.52
N SER A 1409 -31.70 19.54 72.03
CA SER A 1409 -31.72 20.82 72.73
C SER A 1409 -33.10 21.45 72.63
N PRO A 1410 -33.48 22.30 73.61
CA PRO A 1410 -34.81 22.92 73.56
C PRO A 1410 -34.94 23.95 72.45
N TYR A 1411 -34.61 23.54 71.22
CA TYR A 1411 -34.85 24.35 70.04
C TYR A 1411 -35.59 23.58 68.96
N LYS A 1412 -36.06 22.36 69.26
CA LYS A 1412 -36.71 21.54 68.26
C LYS A 1412 -37.98 22.19 67.74
N ASP A 1413 -38.69 22.91 68.62
CA ASP A 1413 -39.98 23.48 68.24
C ASP A 1413 -39.82 24.50 67.12
N ILE A 1414 -38.86 25.43 67.27
CA ILE A 1414 -38.64 26.44 66.25
C ILE A 1414 -38.21 25.80 64.95
N LEU A 1415 -37.31 24.81 65.03
CA LEU A 1415 -36.82 24.15 63.82
C LEU A 1415 -37.94 23.47 63.07
N GLU A 1416 -38.77 22.69 63.79
CA GLU A 1416 -39.83 21.95 63.12
C GLU A 1416 -40.93 22.89 62.61
N THR A 1417 -41.21 23.96 63.33
CA THR A 1417 -42.21 24.92 62.86
C THR A 1417 -41.74 25.62 61.59
N HIS A 1418 -40.46 25.99 61.54
CA HIS A 1418 -39.97 26.65 60.33
C HIS A 1418 -39.87 25.67 59.17
N LEU A 1419 -39.49 24.42 59.46
CA LEU A 1419 -39.44 23.42 58.40
C LEU A 1419 -40.83 23.11 57.85
N ARG A 1420 -41.85 23.14 58.71
CA ARG A 1420 -43.21 22.93 58.25
C ARG A 1420 -43.64 24.02 57.27
N GLU A 1421 -43.05 25.21 57.37
CA GLU A 1421 -43.38 26.28 56.45
C GLU A 1421 -42.88 26.03 55.03
N LYS A 1422 -42.02 25.02 54.83
CA LYS A 1422 -41.50 24.71 53.51
C LYS A 1422 -41.79 23.29 53.05
N ILE A 1423 -41.89 22.33 53.96
CA ILE A 1423 -42.16 20.94 53.61
C ILE A 1423 -43.42 20.50 54.34
N THR A 1424 -44.47 20.20 53.56
CA THR A 1424 -45.71 19.65 54.09
C THR A 1424 -46.12 18.47 53.22
N ALA A 1425 -47.07 17.68 53.75
CA ALA A 1425 -47.59 16.55 52.98
C ALA A 1425 -48.27 17.03 51.70
N GLN A 1426 -49.07 18.10 51.80
CA GLN A 1426 -49.70 18.65 50.61
C GLN A 1426 -48.67 19.31 49.69
N SER A 1427 -47.58 19.85 50.26
CA SER A 1427 -46.53 20.42 49.43
C SER A 1427 -45.90 19.36 48.54
N ILE A 1428 -45.63 18.18 49.09
CA ILE A 1428 -45.17 17.06 48.28
C ILE A 1428 -46.26 16.63 47.30
N GLU A 1429 -47.50 16.56 47.78
CA GLU A 1429 -48.61 16.18 46.90
C GLU A 1429 -48.77 17.18 45.77
N GLU A 1430 -48.73 18.48 46.08
CA GLU A 1430 -48.84 19.49 45.03
C GLU A 1430 -47.58 19.61 44.19
N LEU A 1431 -46.48 18.98 44.59
CA LEU A 1431 -45.27 18.97 43.79
C LEU A 1431 -45.22 17.78 42.84
N CYS A 1432 -45.76 16.64 43.26
CA CYS A 1432 -45.79 15.47 42.39
C CYS A 1432 -46.99 15.54 41.45
N ALA A 1433 -46.74 15.33 40.16
CA ALA A 1433 -47.77 15.35 39.14
C ALA A 1433 -47.66 14.10 38.30
N VAL A 1434 -48.54 13.97 37.31
CA VAL A 1434 -48.54 12.83 36.41
C VAL A 1434 -47.74 13.10 35.14
N ASN A 1435 -47.01 14.22 35.09
CA ASN A 1435 -46.23 14.59 33.91
C ASN A 1435 -44.75 14.24 34.05
N LEU A 1436 -44.39 13.46 35.07
CA LEU A 1436 -43.00 13.04 35.23
C LEU A 1436 -42.54 12.12 34.11
N TYR A 1437 -43.47 11.52 33.37
CA TYR A 1437 -43.15 10.68 32.23
C TYR A 1437 -42.74 11.49 31.00
N GLY A 1438 -42.92 12.81 31.03
CA GLY A 1438 -42.66 13.65 29.87
C GLY A 1438 -41.20 13.95 29.70
N PRO A 1439 -40.86 14.51 28.54
CA PRO A 1439 -39.46 14.85 28.26
C PRO A 1439 -38.89 15.90 29.19
N ASP A 1440 -39.71 16.83 29.69
CA ASP A 1440 -39.22 17.89 30.56
C ASP A 1440 -38.73 17.31 31.88
N ALA A 1441 -37.48 17.60 32.22
CA ALA A 1441 -36.89 17.11 33.45
C ALA A 1441 -36.24 18.20 34.29
N GLN A 1442 -35.60 19.19 33.66
CA GLN A 1442 -34.87 20.21 34.39
C GLN A 1442 -35.76 21.14 35.19
N VAL A 1443 -37.07 21.14 34.93
CA VAL A 1443 -38.01 22.04 35.59
C VAL A 1443 -38.87 21.32 36.61
N ASP A 1444 -39.39 20.14 36.26
CA ASP A 1444 -40.31 19.43 37.14
C ASP A 1444 -39.59 18.43 38.04
N ARG A 1445 -38.73 17.60 37.45
CA ARG A 1445 -38.04 16.57 38.23
C ARG A 1445 -37.01 17.15 39.19
N SER A 1446 -36.53 18.37 38.94
CA SER A 1446 -35.51 18.94 39.81
C SER A 1446 -36.07 19.20 41.21
N ARG A 1447 -37.25 19.80 41.30
CA ARG A 1447 -37.85 20.05 42.61
C ARG A 1447 -38.18 18.75 43.33
N LEU A 1448 -38.67 17.75 42.59
CA LEU A 1448 -38.94 16.45 43.20
C LEU A 1448 -37.68 15.81 43.73
N ALA A 1449 -36.58 15.88 42.98
CA ALA A 1449 -35.31 15.35 43.45
C ALA A 1449 -34.84 16.09 44.69
N ALA A 1450 -34.98 17.42 44.69
CA ALA A 1450 -34.57 18.20 45.84
C ALA A 1450 -35.35 17.80 47.09
N VAL A 1451 -36.67 17.70 46.96
CA VAL A 1451 -37.49 17.39 48.13
C VAL A 1451 -37.26 15.96 48.60
N VAL A 1452 -37.05 15.01 47.67
CA VAL A 1452 -36.81 13.64 48.08
C VAL A 1452 -35.46 13.50 48.77
N SER A 1453 -34.43 14.21 48.27
CA SER A 1453 -33.14 14.20 48.95
C SER A 1453 -33.25 14.86 50.32
N ALA A 1454 -33.99 15.95 50.43
CA ALA A 1454 -34.18 16.59 51.71
C ALA A 1454 -34.88 15.66 52.70
N CYS A 1455 -35.92 14.96 52.24
CA CYS A 1455 -36.64 14.04 53.10
C CYS A 1455 -35.74 12.86 53.52
N LYS A 1456 -34.92 12.37 52.61
CA LYS A 1456 -34.00 11.28 52.96
C LYS A 1456 -33.00 11.74 54.01
N GLN A 1457 -32.43 12.93 53.83
CA GLN A 1457 -31.49 13.45 54.82
C GLN A 1457 -32.17 13.67 56.16
N LEU A 1458 -33.40 14.17 56.14
CA LEU A 1458 -34.14 14.39 57.38
C LEU A 1458 -34.43 13.07 58.08
N HIS A 1459 -34.74 12.03 57.32
CA HIS A 1459 -34.94 10.70 57.89
C HIS A 1459 -33.65 10.16 58.49
N ARG A 1460 -32.52 10.43 57.84
CA ARG A 1460 -31.24 9.99 58.38
C ARG A 1460 -30.94 10.62 59.74
N ALA A 1461 -31.58 11.74 60.05
CA ALA A 1461 -31.40 12.41 61.35
C ALA A 1461 -32.29 11.85 62.43
N GLY A 1462 -33.07 10.81 62.13
CA GLY A 1462 -33.96 10.25 63.12
C GLY A 1462 -35.16 11.11 63.43
N LEU A 1463 -35.55 11.98 62.51
CA LEU A 1463 -36.68 12.89 62.72
C LEU A 1463 -37.41 13.05 61.39
N LEU A 1464 -38.45 12.26 61.18
CA LEU A 1464 -39.27 12.40 59.98
C LEU A 1464 -40.75 12.43 60.33
N HIS A 1465 -41.13 11.81 61.45
CA HIS A 1465 -42.52 11.75 61.86
C HIS A 1465 -43.03 13.07 62.43
N ASN A 1466 -42.13 13.98 62.81
CA ASN A 1466 -42.55 15.27 63.36
C ASN A 1466 -42.67 16.32 62.28
N ILE A 1467 -41.62 16.52 61.48
CA ILE A 1467 -41.69 17.47 60.38
C ILE A 1467 -42.75 17.04 59.37
N LEU A 1468 -42.76 15.77 59.02
CA LEU A 1468 -43.85 15.22 58.22
C LEU A 1468 -44.79 14.46 59.14
N PRO A 1469 -46.01 14.93 59.35
CA PRO A 1469 -46.88 14.28 60.32
C PRO A 1469 -47.26 12.87 59.89
N SER A 1470 -47.50 12.02 60.88
CA SER A 1470 -47.88 10.64 60.60
C SER A 1470 -49.32 10.58 60.14
N GLN A 1471 -49.62 11.12 58.96
CA GLN A 1471 -50.95 11.04 58.39
C GLN A 1471 -51.30 9.58 58.16
N SER A 1472 -52.21 9.04 58.96
CA SER A 1472 -52.50 7.62 58.94
C SER A 1472 -54.00 7.38 58.93
N THR A 1473 -54.41 6.33 58.22
CA THR A 1473 -55.78 5.86 58.24
C THR A 1473 -55.98 4.70 59.21
N ASP A 1474 -55.22 3.63 59.04
CA ASP A 1474 -55.23 2.53 59.99
C ASP A 1474 -53.90 2.34 60.70
N LEU A 1475 -52.81 2.11 59.97
CA LEU A 1475 -51.52 1.91 60.62
C LEU A 1475 -50.38 2.72 59.99
N HIS A 1476 -50.37 2.87 58.68
CA HIS A 1476 -49.20 3.37 57.96
C HIS A 1476 -49.37 4.84 57.58
N HIS A 1477 -48.24 5.46 57.24
CA HIS A 1477 -48.26 6.83 56.76
C HIS A 1477 -48.99 6.91 55.42
N SER A 1478 -49.85 7.92 55.28
CA SER A 1478 -50.52 8.15 54.01
C SER A 1478 -49.53 8.58 52.94
N VAL A 1479 -48.48 9.32 53.34
CA VAL A 1479 -47.51 9.81 52.37
C VAL A 1479 -46.76 8.65 51.71
N GLY A 1480 -46.34 7.66 52.50
CA GLY A 1480 -45.65 6.53 51.94
C GLY A 1480 -46.52 5.69 51.02
N THR A 1481 -47.77 5.46 51.42
CA THR A 1481 -48.69 4.71 50.56
C THR A 1481 -48.94 5.47 49.26
N GLU A 1482 -49.10 6.78 49.34
CA GLU A 1482 -49.31 7.57 48.12
C GLU A 1482 -48.08 7.52 47.23
N LEU A 1483 -46.89 7.58 47.81
CA LEU A 1483 -45.67 7.49 47.01
C LEU A 1483 -45.56 6.13 46.33
N LEU A 1484 -45.86 5.05 47.06
CA LEU A 1484 -45.84 3.72 46.46
C LEU A 1484 -46.85 3.62 45.33
N SER A 1485 -48.06 4.14 45.54
CA SER A 1485 -49.07 4.10 44.48
C SER A 1485 -48.61 4.89 43.27
N LEU A 1486 -48.01 6.07 43.49
CA LEU A 1486 -47.54 6.89 42.37
C LEU A 1486 -46.47 6.17 41.58
N VAL A 1487 -45.50 5.55 42.27
CA VAL A 1487 -44.44 4.83 41.57
C VAL A 1487 -45.01 3.66 40.80
N TYR A 1488 -45.93 2.90 41.41
CA TYR A 1488 -46.51 1.75 40.72
C TYR A 1488 -47.31 2.18 39.50
N LYS A 1489 -48.05 3.29 39.60
CA LYS A 1489 -48.83 3.76 38.46
C LYS A 1489 -47.98 4.46 37.41
N GLY A 1490 -46.76 4.86 37.76
CA GLY A 1490 -45.93 5.58 36.80
C GLY A 1490 -45.58 4.75 35.58
N ILE A 1491 -45.22 3.48 35.78
CA ILE A 1491 -44.84 2.63 34.67
C ILE A 1491 -46.04 2.31 33.79
N ALA A 1492 -47.20 2.12 34.40
CA ALA A 1492 -48.39 1.74 33.66
C ALA A 1492 -48.80 2.87 32.72
N PRO A 1493 -49.29 2.55 31.51
CA PRO A 1493 -49.75 3.56 30.55
C PRO A 1493 -51.05 4.23 30.98
N SER A 1502 -40.96 4.69 28.54
CA SER A 1502 -39.74 5.46 28.71
C SER A 1502 -38.81 4.81 29.72
N LEU A 1503 -37.53 4.73 29.38
CA LEU A 1503 -36.50 4.10 30.19
C LEU A 1503 -35.31 5.03 30.39
N ASP A 1504 -35.59 6.32 30.58
CA ASP A 1504 -34.51 7.28 30.78
C ASP A 1504 -33.80 7.01 32.11
N LEU A 1505 -32.49 7.29 32.12
CA LEU A 1505 -31.71 7.07 33.34
C LEU A 1505 -32.16 8.01 34.46
N SER A 1506 -32.37 9.29 34.15
CA SER A 1506 -32.73 10.25 35.18
C SER A 1506 -34.08 9.92 35.78
N CYS A 1507 -35.07 9.59 34.95
CA CYS A 1507 -36.40 9.28 35.46
C CYS A 1507 -36.37 8.03 36.33
N LYS A 1508 -35.63 7.01 35.90
CA LYS A 1508 -35.53 5.79 36.70
C LYS A 1508 -34.84 6.06 38.03
N GLN A 1509 -33.78 6.88 38.02
CA GLN A 1509 -33.11 7.22 39.27
C GLN A 1509 -34.05 7.97 40.21
N LEU A 1510 -34.82 8.92 39.67
CA LEU A 1510 -35.78 9.65 40.49
C LEU A 1510 -36.83 8.72 41.08
N ALA A 1511 -37.34 7.79 40.27
CA ALA A 1511 -38.33 6.85 40.76
C ALA A 1511 -37.75 5.96 41.85
N SER A 1512 -36.51 5.52 41.68
CA SER A 1512 -35.86 4.70 42.70
C SER A 1512 -35.69 5.48 44.00
N GLY A 1513 -35.28 6.75 43.90
CA GLY A 1513 -35.18 7.56 45.10
C GLY A 1513 -36.51 7.76 45.79
N LEU A 1514 -37.57 7.98 45.02
CA LEU A 1514 -38.90 8.10 45.58
C LEU A 1514 -39.30 6.82 46.32
N LEU A 1515 -39.05 5.67 45.70
CA LEU A 1515 -39.36 4.40 46.35
C LEU A 1515 -38.55 4.22 47.63
N GLU A 1516 -37.27 4.59 47.61
CA GLU A 1516 -36.45 4.47 48.80
C GLU A 1516 -36.99 5.33 49.93
N LEU A 1517 -37.38 6.57 49.63
CA LEU A 1517 -37.96 7.42 50.65
C LEU A 1517 -39.26 6.84 51.18
N ALA A 1518 -40.11 6.36 50.28
CA ALA A 1518 -41.39 5.80 50.71
C ALA A 1518 -41.19 4.61 51.64
N PHE A 1519 -40.24 3.74 51.32
CA PHE A 1519 -39.94 2.62 52.20
C PHE A 1519 -39.38 3.11 53.53
N ALA A 1520 -38.52 4.12 53.50
CA ALA A 1520 -37.94 4.66 54.72
C ALA A 1520 -38.97 5.34 55.61
N PHE A 1521 -40.12 5.72 55.05
CA PHE A 1521 -41.16 6.37 55.86
C PHE A 1521 -41.70 5.46 56.95
N GLY A 1522 -41.57 4.14 56.80
CA GLY A 1522 -42.16 3.22 57.75
C GLY A 1522 -42.00 1.77 57.38
N GLY A 1523 -43.10 1.02 57.41
CA GLY A 1523 -43.06 -0.40 57.12
C GLY A 1523 -43.50 -0.72 55.70
N LEU A 1524 -44.76 -1.11 55.54
CA LEU A 1524 -45.34 -1.44 54.24
C LEU A 1524 -44.60 -2.59 53.56
N CYS A 1525 -44.03 -3.51 54.35
CA CYS A 1525 -43.43 -4.70 53.78
C CYS A 1525 -44.49 -5.64 53.24
N GLU A 1526 -45.55 -5.88 54.02
CA GLU A 1526 -46.63 -6.74 53.56
C GLU A 1526 -47.34 -6.13 52.36
N ARG A 1527 -47.53 -4.82 52.36
CA ARG A 1527 -48.07 -4.16 51.18
C ARG A 1527 -47.14 -4.31 49.99
N LEU A 1528 -45.82 -4.24 50.23
CA LEU A 1528 -44.86 -4.40 49.15
C LEU A 1528 -44.95 -5.78 48.52
N VAL A 1529 -44.99 -6.83 49.34
CA VAL A 1529 -45.08 -8.18 48.79
C VAL A 1529 -46.43 -8.41 48.13
N SER A 1530 -47.49 -7.83 48.68
CA SER A 1530 -48.81 -7.95 48.05
C SER A 1530 -48.81 -7.30 46.67
N LEU A 1531 -48.19 -6.13 46.56
CA LEU A 1531 -48.11 -5.47 45.26
C LEU A 1531 -47.26 -6.28 44.29
N LEU A 1532 -46.17 -6.89 44.78
CA LEU A 1532 -45.34 -7.72 43.91
C LEU A 1532 -46.12 -8.92 43.39
N LEU A 1533 -46.91 -9.56 44.26
CA LEU A 1533 -47.61 -10.79 43.91
C LEU A 1533 -48.94 -10.56 43.21
N ASN A 1534 -49.33 -9.32 42.97
CA ASN A 1534 -50.63 -9.03 42.38
C ASN A 1534 -50.69 -9.57 40.96
N PRO A 1535 -51.64 -10.45 40.63
CA PRO A 1535 -51.71 -10.98 39.26
C PRO A 1535 -52.49 -10.08 38.32
N ALA A 1536 -52.23 -8.78 38.37
CA ALA A 1536 -52.85 -7.84 37.46
C ALA A 1536 -52.21 -7.94 36.08
N VAL A 1537 -53.03 -7.81 35.04
CA VAL A 1537 -52.57 -7.90 33.66
C VAL A 1537 -52.85 -6.56 32.99
N LEU A 1538 -51.81 -5.94 32.45
CA LEU A 1538 -51.95 -4.68 31.72
C LEU A 1538 -50.75 -4.55 30.82
N SER A 1539 -50.98 -4.62 29.51
CA SER A 1539 -49.87 -4.56 28.56
C SER A 1539 -50.39 -4.13 27.20
N THR A 1540 -49.50 -3.52 26.42
CA THR A 1540 -49.78 -3.14 25.04
C THR A 1540 -48.65 -3.65 24.16
N ALA A 1541 -49.01 -4.32 23.07
CA ALA A 1541 -48.01 -4.88 22.16
C ALA A 1541 -47.24 -3.78 21.45
N HIS A 1552 -46.78 -9.03 25.91
CA HIS A 1552 -47.80 -8.85 26.93
C HIS A 1552 -47.34 -9.38 28.28
N PHE A 1553 -46.62 -8.55 29.04
CA PHE A 1553 -46.17 -8.94 30.36
C PHE A 1553 -47.32 -8.88 31.35
N SER A 1554 -47.01 -9.12 32.63
CA SER A 1554 -47.99 -9.09 33.69
C SER A 1554 -47.64 -7.96 34.65
N HIS A 1555 -48.63 -7.11 34.93
CA HIS A 1555 -48.44 -6.05 35.90
C HIS A 1555 -48.15 -6.65 37.28
N GLY A 1556 -47.30 -5.98 38.04
CA GLY A 1556 -46.80 -6.52 39.28
C GLY A 1556 -45.53 -7.34 39.13
N GLU A 1557 -45.19 -7.72 37.90
CA GLU A 1557 -43.91 -8.35 37.59
C GLU A 1557 -42.94 -7.40 36.92
N TYR A 1558 -43.45 -6.56 36.01
CA TYR A 1558 -42.65 -5.47 35.47
C TYR A 1558 -42.16 -4.56 36.59
N PHE A 1559 -42.93 -4.44 37.67
CA PHE A 1559 -42.48 -3.64 38.81
C PHE A 1559 -41.18 -4.18 39.37
N TYR A 1560 -41.06 -5.49 39.55
CA TYR A 1560 -39.83 -6.05 40.08
C TYR A 1560 -38.73 -6.09 39.03
N SER A 1561 -39.09 -6.39 37.78
CA SER A 1561 -38.08 -6.46 36.73
C SER A 1561 -37.40 -5.11 36.52
N LEU A 1562 -38.18 -4.04 36.51
CA LEU A 1562 -37.62 -2.71 36.38
C LEU A 1562 -36.86 -2.31 37.64
N PHE A 1563 -37.47 -2.49 38.81
CA PHE A 1563 -36.87 -2.16 40.09
C PHE A 1563 -36.51 -3.47 40.78
N SER A 1564 -35.24 -3.87 40.69
CA SER A 1564 -34.78 -5.10 41.31
C SER A 1564 -33.61 -4.86 42.26
N GLU A 1565 -33.35 -3.62 42.64
CA GLU A 1565 -32.27 -3.30 43.58
C GLU A 1565 -32.81 -2.73 44.88
N THR A 1566 -33.60 -1.66 44.83
CA THR A 1566 -34.17 -1.10 46.05
C THR A 1566 -35.13 -2.07 46.72
N ILE A 1567 -35.94 -2.77 45.92
CA ILE A 1567 -36.91 -3.70 46.46
C ILE A 1567 -36.21 -4.77 47.28
N ASN A 1568 -35.12 -5.34 46.74
CA ASN A 1568 -34.41 -6.41 47.43
C ASN A 1568 -33.76 -5.90 48.72
N THR A 1569 -33.03 -4.78 48.62
CA THR A 1569 -32.33 -4.29 49.81
C THR A 1569 -33.28 -3.80 50.90
N GLU A 1570 -34.51 -3.40 50.54
CA GLU A 1570 -35.50 -3.16 51.57
C GLU A 1570 -36.05 -4.46 52.13
N LEU A 1571 -36.26 -5.46 51.27
CA LEU A 1571 -36.80 -6.73 51.73
C LEU A 1571 -35.82 -7.43 52.67
N LEU A 1572 -34.52 -7.25 52.46
CA LEU A 1572 -33.54 -7.90 53.32
C LEU A 1572 -33.59 -7.35 54.74
N LYS A 1573 -33.71 -6.03 54.89
CA LYS A 1573 -33.57 -5.41 56.20
C LYS A 1573 -34.78 -5.67 57.09
N ASN A 1574 -35.93 -5.98 56.53
CA ASN A 1574 -37.15 -6.25 57.30
C ASN A 1574 -37.57 -7.70 57.14
N LEU A 1575 -36.61 -8.62 57.12
CA LEU A 1575 -36.90 -10.03 56.95
C LEU A 1575 -37.44 -10.61 58.26
N ASP A 1576 -37.66 -11.92 58.30
CA ASP A 1576 -38.43 -12.66 59.30
C ASP A 1576 -39.92 -12.36 59.23
N LEU A 1577 -40.35 -11.38 58.41
CA LEU A 1577 -41.76 -11.15 58.19
C LEU A 1577 -42.05 -11.08 56.70
N ALA A 1578 -41.06 -10.63 55.93
CA ALA A 1578 -41.20 -10.63 54.48
C ALA A 1578 -41.24 -12.04 53.92
N VAL A 1579 -40.40 -12.92 54.45
CA VAL A 1579 -40.36 -14.30 53.96
C VAL A 1579 -41.67 -15.02 54.28
N LEU A 1580 -42.23 -14.77 55.47
CA LEU A 1580 -43.47 -15.43 55.84
C LEU A 1580 -44.57 -15.12 54.84
N GLU A 1581 -44.80 -13.84 54.56
CA GLU A 1581 -45.81 -13.47 53.58
C GLU A 1581 -45.41 -13.86 52.17
N LEU A 1582 -44.11 -14.00 51.91
CA LEU A 1582 -43.66 -14.37 50.58
C LEU A 1582 -44.04 -15.81 50.25
N MET A 1583 -43.79 -16.73 51.18
CA MET A 1583 -44.19 -18.12 50.98
C MET A 1583 -45.55 -18.47 51.57
N GLN A 1584 -46.31 -17.51 52.08
CA GLN A 1584 -47.70 -17.80 52.44
C GLN A 1584 -48.51 -18.19 51.21
N SER A 1585 -48.35 -17.45 50.12
CA SER A 1585 -49.06 -17.71 48.88
C SER A 1585 -48.05 -18.13 47.82
N SER A 1586 -47.77 -19.44 47.77
CA SER A 1586 -46.81 -19.98 46.82
C SER A 1586 -47.40 -21.01 45.87
N VAL A 1587 -48.47 -21.70 46.26
CA VAL A 1587 -49.07 -22.71 45.39
C VAL A 1587 -49.63 -22.06 44.13
N ASP A 1588 -50.31 -20.93 44.28
CA ASP A 1588 -50.90 -20.22 43.15
C ASP A 1588 -49.96 -19.21 42.51
N ASN A 1589 -48.79 -18.97 43.11
CA ASN A 1589 -47.84 -17.98 42.61
C ASN A 1589 -46.43 -18.57 42.60
N THR A 1590 -46.30 -19.78 42.06
CA THR A 1590 -45.00 -20.45 42.05
C THR A 1590 -43.95 -19.64 41.30
N LYS A 1591 -44.31 -19.15 40.11
CA LYS A 1591 -43.33 -18.46 39.28
C LYS A 1591 -42.86 -17.16 39.91
N MET A 1592 -43.81 -16.36 40.41
CA MET A 1592 -43.44 -15.08 41.00
C MET A 1592 -42.63 -15.25 42.27
N VAL A 1593 -43.07 -16.16 43.14
CA VAL A 1593 -42.33 -16.40 44.39
C VAL A 1593 -40.93 -16.91 44.08
N SER A 1594 -40.81 -17.84 43.13
CA SER A 1594 -39.50 -18.37 42.78
C SER A 1594 -38.59 -17.28 42.22
N ALA A 1595 -39.11 -16.44 41.32
CA ALA A 1595 -38.29 -15.39 40.74
C ALA A 1595 -37.86 -14.38 41.80
N VAL A 1596 -38.78 -13.98 42.68
CA VAL A 1596 -38.45 -13.01 43.71
C VAL A 1596 -37.42 -13.60 44.68
N LEU A 1597 -37.58 -14.86 45.05
CA LEU A 1597 -36.63 -15.50 45.95
C LEU A 1597 -35.25 -15.61 45.30
N ASN A 1598 -35.21 -15.95 44.01
CA ASN A 1598 -33.92 -16.02 43.31
C ASN A 1598 -33.26 -14.65 43.27
N GLY A 1599 -34.03 -13.60 42.97
CA GLY A 1599 -33.45 -12.27 42.96
C GLY A 1599 -32.94 -11.84 44.32
N MET A 1600 -33.72 -12.12 45.36
CA MET A 1600 -33.30 -11.79 46.72
C MET A 1600 -32.04 -12.55 47.10
N LEU A 1601 -31.96 -13.83 46.75
CA LEU A 1601 -30.78 -14.62 47.05
C LEU A 1601 -29.56 -14.10 46.32
N ASP A 1602 -29.72 -13.72 45.04
CA ASP A 1602 -28.61 -13.16 44.29
C ASP A 1602 -28.14 -11.86 44.90
N GLN A 1603 -29.08 -11.01 45.32
CA GLN A 1603 -28.71 -9.74 45.94
C GLN A 1603 -27.96 -9.98 47.26
N SER A 1604 -28.42 -10.93 48.06
CA SER A 1604 -27.71 -11.25 49.30
C SER A 1604 -26.32 -11.82 49.01
N PHE A 1605 -26.22 -12.66 47.98
CA PHE A 1605 -24.93 -13.23 47.60
C PHE A 1605 -23.95 -12.15 47.18
N ARG A 1606 -24.44 -11.16 46.42
CA ARG A 1606 -23.57 -10.04 46.03
C ARG A 1606 -23.10 -9.27 47.25
N GLU A 1607 -23.98 -9.04 48.21
CA GLU A 1607 -23.65 -8.28 49.41
C GLU A 1607 -22.77 -9.04 50.39
N ARG A 1608 -22.24 -10.21 50.04
CA ARG A 1608 -21.36 -10.92 50.96
C ARG A 1608 -20.06 -10.13 51.15
N ALA A 1609 -19.31 -10.54 52.17
CA ALA A 1609 -18.06 -9.91 52.59
C ALA A 1609 -18.26 -8.48 53.08
N ASN A 1610 -19.50 -8.04 53.23
CA ASN A 1610 -19.81 -6.74 53.81
C ASN A 1610 -20.68 -6.85 55.05
N GLN A 1611 -21.71 -7.70 55.01
CA GLN A 1611 -22.53 -7.98 56.17
C GLN A 1611 -22.18 -9.32 56.81
N LYS A 1612 -22.02 -10.37 56.00
CA LYS A 1612 -21.56 -11.69 56.40
C LYS A 1612 -22.48 -12.35 57.42
N HIS A 1613 -23.64 -11.79 57.68
CA HIS A 1613 -24.57 -12.40 58.63
C HIS A 1613 -25.99 -12.54 58.07
N GLN A 1614 -26.45 -11.58 57.26
CA GLN A 1614 -27.83 -11.63 56.79
C GLN A 1614 -28.04 -12.72 55.76
N GLY A 1615 -26.98 -13.12 55.05
CA GLY A 1615 -27.12 -14.22 54.10
C GLY A 1615 -27.45 -15.53 54.77
N LEU A 1616 -26.73 -15.85 55.85
CA LEU A 1616 -27.02 -17.06 56.60
C LEU A 1616 -28.38 -16.96 57.28
N LYS A 1617 -28.76 -15.77 57.73
CA LYS A 1617 -30.09 -15.60 58.33
C LYS A 1617 -31.18 -15.90 57.31
N LEU A 1618 -31.04 -15.37 56.09
CA LEU A 1618 -32.03 -15.65 55.05
C LEU A 1618 -32.04 -17.13 54.71
N ALA A 1619 -30.86 -17.75 54.61
CA ALA A 1619 -30.81 -19.17 54.31
C ALA A 1619 -31.55 -19.99 55.36
N THR A 1620 -31.21 -19.81 56.64
CA THR A 1620 -31.83 -20.60 57.68
C THR A 1620 -33.31 -20.28 57.81
N THR A 1621 -33.72 -19.06 57.45
CA THR A 1621 -35.14 -18.75 57.41
C THR A 1621 -35.85 -19.53 56.31
N ILE A 1622 -35.19 -19.69 55.16
CA ILE A 1622 -35.76 -20.50 54.09
C ILE A 1622 -35.89 -21.95 54.52
N LEU A 1623 -34.86 -22.50 55.15
CA LEU A 1623 -34.96 -23.86 55.65
C LEU A 1623 -36.06 -24.01 56.70
N GLN A 1624 -36.16 -23.08 57.64
CA GLN A 1624 -37.19 -23.25 58.66
C GLN A 1624 -38.59 -22.99 58.12
N HIS A 1625 -38.74 -22.70 56.83
CA HIS A 1625 -40.04 -22.61 56.17
C HIS A 1625 -39.97 -23.44 54.89
N TRP A 1626 -40.21 -24.74 55.00
CA TRP A 1626 -40.17 -25.62 53.84
C TRP A 1626 -41.47 -26.39 53.67
N LYS A 1627 -42.17 -26.66 54.78
CA LYS A 1627 -43.42 -27.38 54.70
C LYS A 1627 -44.47 -26.58 53.93
N LYS A 1628 -44.39 -25.26 53.95
CA LYS A 1628 -45.36 -24.43 53.25
C LYS A 1628 -45.19 -24.53 51.74
N CYS A 1629 -43.97 -24.78 51.25
CA CYS A 1629 -43.72 -24.97 49.84
C CYS A 1629 -43.66 -26.44 49.46
N ASP A 1630 -44.38 -27.30 50.18
CA ASP A 1630 -44.40 -28.72 49.92
C ASP A 1630 -45.34 -29.04 48.77
N SER A 1631 -45.16 -28.37 47.63
CA SER A 1631 -45.99 -28.61 46.46
C SER A 1631 -45.18 -28.58 45.16
N TRP A 1632 -43.86 -28.47 45.24
CA TRP A 1632 -43.03 -28.33 44.05
C TRP A 1632 -42.38 -29.64 43.61
N TRP A 1633 -42.00 -30.50 44.56
CA TRP A 1633 -41.44 -31.81 44.24
C TRP A 1633 -42.51 -32.87 44.54
N ALA A 1634 -43.10 -33.42 43.49
CA ALA A 1634 -44.16 -34.41 43.59
C ALA A 1634 -44.41 -34.99 42.20
N LYS A 1635 -45.47 -35.78 42.08
CA LYS A 1635 -45.90 -36.29 40.78
C LYS A 1635 -46.62 -35.24 39.94
N ASP A 1636 -46.50 -33.97 40.33
CA ASP A 1636 -47.07 -32.85 39.59
C ASP A 1636 -46.01 -31.76 39.62
N SER A 1637 -46.41 -30.52 39.33
CA SER A 1637 -45.46 -29.42 39.24
C SER A 1637 -44.45 -29.75 38.15
N PRO A 1638 -44.83 -29.62 36.88
CA PRO A 1638 -44.06 -30.22 35.78
C PRO A 1638 -42.61 -29.75 35.68
N LEU A 1639 -41.91 -30.34 34.71
CA LEU A 1639 -40.44 -30.30 34.63
C LEU A 1639 -39.84 -28.97 35.07
N GLU A 1640 -40.38 -27.86 34.58
CA GLU A 1640 -39.80 -26.56 34.92
C GLU A 1640 -40.33 -26.08 36.28
N THR A 1641 -40.30 -26.95 37.28
CA THR A 1641 -40.52 -26.52 38.66
C THR A 1641 -39.49 -27.20 39.56
N LYS A 1642 -39.05 -28.40 39.18
CA LYS A 1642 -38.03 -29.10 39.94
C LYS A 1642 -36.65 -28.52 39.68
N MET A 1643 -36.38 -28.09 38.45
CA MET A 1643 -35.14 -27.38 38.17
C MET A 1643 -35.06 -26.10 38.99
N ALA A 1644 -36.19 -25.41 39.14
CA ALA A 1644 -36.21 -24.24 40.02
C ALA A 1644 -35.88 -24.63 41.46
N VAL A 1645 -36.42 -25.76 41.92
CA VAL A 1645 -36.17 -26.20 43.29
C VAL A 1645 -34.69 -26.48 43.50
N LEU A 1646 -34.07 -27.21 42.58
CA LEU A 1646 -32.66 -27.55 42.78
C LEU A 1646 -31.77 -26.33 42.59
N ALA A 1647 -32.16 -25.40 41.71
CA ALA A 1647 -31.41 -24.15 41.62
C ALA A 1647 -31.48 -23.36 42.92
N LEU A 1648 -32.67 -23.30 43.52
CA LEU A 1648 -32.82 -22.61 44.79
C LEU A 1648 -32.00 -23.28 45.88
N LEU A 1649 -32.02 -24.62 45.92
CA LEU A 1649 -31.26 -25.35 46.93
C LEU A 1649 -29.77 -25.10 46.75
N ALA A 1650 -29.29 -25.10 45.51
CA ALA A 1650 -27.88 -24.80 45.26
C ALA A 1650 -27.54 -23.39 45.69
N LYS A 1651 -28.44 -22.44 45.42
CA LYS A 1651 -28.18 -21.05 45.80
C LYS A 1651 -28.08 -20.89 47.31
N ILE A 1652 -28.99 -21.51 48.06
CA ILE A 1652 -28.96 -21.37 49.51
C ILE A 1652 -27.77 -22.12 50.11
N LEU A 1653 -27.44 -23.29 49.56
CA LEU A 1653 -26.40 -24.09 50.18
C LEU A 1653 -25.02 -23.48 50.00
N GLN A 1654 -24.82 -22.72 48.93
CA GLN A 1654 -23.54 -22.06 48.73
C GLN A 1654 -23.32 -20.90 49.70
N ILE A 1655 -24.35 -20.48 50.42
CA ILE A 1655 -24.22 -19.46 51.46
C ILE A 1655 -24.27 -20.06 52.86
N ASP A 1656 -24.55 -21.35 52.98
CA ASP A 1656 -24.72 -22.00 54.27
C ASP A 1656 -23.86 -23.26 54.37
N SER A 1657 -24.12 -24.08 55.39
CA SER A 1657 -23.46 -25.34 55.72
C SER A 1657 -22.13 -25.12 56.42
N SER A 1658 -21.65 -23.88 56.54
CA SER A 1658 -20.47 -23.62 57.36
C SER A 1658 -20.82 -23.71 58.84
N VAL A 1659 -22.02 -23.28 59.21
CA VAL A 1659 -22.46 -23.29 60.59
C VAL A 1659 -23.58 -24.29 60.83
N SER A 1660 -24.48 -24.50 59.87
CA SER A 1660 -25.63 -25.36 60.06
C SER A 1660 -25.69 -26.45 58.99
N PHE A 1661 -26.82 -27.13 58.89
CA PHE A 1661 -27.15 -28.07 57.82
C PHE A 1661 -26.44 -29.42 57.97
N ASN A 1662 -25.92 -29.74 59.15
CA ASN A 1662 -25.22 -31.01 59.37
C ASN A 1662 -25.96 -31.80 60.45
N THR A 1663 -27.01 -32.52 60.04
CA THR A 1663 -27.71 -33.51 60.86
C THR A 1663 -28.29 -32.93 62.15
N SER A 1664 -28.14 -31.62 62.37
CA SER A 1664 -28.64 -31.00 63.59
C SER A 1664 -29.25 -29.63 63.35
N HIS A 1665 -29.47 -29.23 62.10
CA HIS A 1665 -30.01 -27.90 61.83
C HIS A 1665 -31.42 -27.75 62.35
N GLY A 1666 -32.24 -28.81 62.23
CA GLY A 1666 -33.59 -28.77 62.73
C GLY A 1666 -34.63 -29.08 61.66
N SER A 1667 -34.41 -28.54 60.46
CA SER A 1667 -35.22 -28.87 59.29
C SER A 1667 -34.47 -29.78 58.32
N PHE A 1668 -33.39 -30.39 58.79
CA PHE A 1668 -32.60 -31.28 57.94
C PHE A 1668 -33.41 -32.43 57.33
N PRO A 1669 -34.30 -33.12 58.05
CA PRO A 1669 -35.04 -34.21 57.40
C PRO A 1669 -35.82 -33.77 56.17
N GLU A 1670 -36.44 -32.59 56.21
CA GLU A 1670 -37.25 -32.16 55.07
C GLU A 1670 -36.39 -31.93 53.83
N VAL A 1671 -35.31 -31.18 53.97
CA VAL A 1671 -34.45 -30.90 52.83
C VAL A 1671 -33.77 -32.17 52.34
N PHE A 1672 -33.41 -33.07 53.26
CA PHE A 1672 -32.83 -34.34 52.85
C PHE A 1672 -33.82 -35.17 52.05
N THR A 1673 -35.09 -35.18 52.47
CA THR A 1673 -36.11 -35.90 51.71
C THR A 1673 -36.32 -35.28 50.34
N THR A 1674 -36.27 -33.95 50.25
CA THR A 1674 -36.35 -33.30 48.95
C THR A 1674 -35.20 -33.72 48.05
N TYR A 1675 -33.99 -33.75 48.60
CA TYR A 1675 -32.82 -34.15 47.84
C TYR A 1675 -32.95 -35.59 47.35
N ILE A 1676 -33.39 -36.49 48.23
CA ILE A 1676 -33.54 -37.89 47.86
C ILE A 1676 -34.60 -38.05 46.79
N SER A 1677 -35.73 -37.38 46.95
CA SER A 1677 -36.81 -37.48 45.96
C SER A 1677 -36.36 -36.95 44.61
N LEU A 1678 -35.61 -35.84 44.60
CA LEU A 1678 -35.09 -35.32 43.35
C LEU A 1678 -34.13 -36.30 42.70
N LEU A 1679 -33.26 -36.92 43.49
CA LEU A 1679 -32.30 -37.89 42.97
C LEU A 1679 -32.86 -39.32 43.07
N ALA A 1680 -34.00 -39.53 42.42
CA ALA A 1680 -34.66 -40.82 42.52
C ALA A 1680 -35.39 -41.14 41.23
N ASP A 1681 -35.65 -42.43 41.04
CA ASP A 1681 -36.47 -43.03 39.98
C ASP A 1681 -36.06 -42.48 38.62
N THR A 1682 -37.01 -42.39 37.70
CA THR A 1682 -36.75 -42.04 36.30
C THR A 1682 -37.49 -40.77 35.91
N LYS A 1683 -37.37 -39.73 36.75
CA LYS A 1683 -38.09 -38.48 36.51
C LYS A 1683 -37.88 -37.98 35.09
N LEU A 1684 -36.64 -37.64 34.75
CA LEU A 1684 -36.34 -37.14 33.41
C LEU A 1684 -34.84 -37.29 33.15
N ASP A 1685 -34.35 -36.58 32.14
CA ASP A 1685 -32.94 -36.63 31.75
C ASP A 1685 -32.02 -36.43 32.95
N LEU A 1686 -30.82 -36.97 32.84
CA LEU A 1686 -29.86 -36.98 33.93
C LEU A 1686 -29.08 -35.67 34.06
N HIS A 1687 -29.33 -34.68 33.19
CA HIS A 1687 -28.54 -33.47 33.25
C HIS A 1687 -28.81 -32.69 34.53
N LEU A 1688 -30.07 -32.58 34.96
CA LEU A 1688 -30.33 -31.99 36.26
C LEU A 1688 -29.82 -32.90 37.38
N LYS A 1689 -29.91 -34.21 37.19
CA LYS A 1689 -29.20 -35.12 38.09
C LYS A 1689 -27.70 -34.84 38.06
N GLY A 1690 -27.17 -34.44 36.91
CA GLY A 1690 -25.83 -33.92 36.87
C GLY A 1690 -25.66 -32.64 37.68
N GLN A 1691 -26.69 -31.80 37.70
CA GLN A 1691 -26.69 -30.66 38.59
C GLN A 1691 -26.99 -31.05 40.03
N ALA A 1692 -27.83 -32.06 40.23
CA ALA A 1692 -28.15 -32.51 41.59
C ALA A 1692 -26.92 -33.06 42.29
N VAL A 1693 -26.11 -33.85 41.58
CA VAL A 1693 -24.92 -34.42 42.20
C VAL A 1693 -23.87 -33.36 42.48
N THR A 1694 -23.99 -32.18 41.89
CA THR A 1694 -23.09 -31.09 42.26
C THR A 1694 -23.31 -30.67 43.71
N LEU A 1695 -24.49 -30.92 44.25
CA LEU A 1695 -24.80 -30.66 45.64
C LEU A 1695 -24.42 -31.80 46.56
N LEU A 1696 -23.91 -32.92 46.01
CA LEU A 1696 -23.53 -34.05 46.84
C LEU A 1696 -22.53 -33.71 47.94
N PRO A 1697 -21.49 -32.89 47.70
CA PRO A 1697 -20.56 -32.59 48.81
C PRO A 1697 -21.22 -31.99 50.03
N PHE A 1698 -22.31 -31.24 49.86
CA PHE A 1698 -23.04 -30.72 51.00
C PHE A 1698 -23.77 -31.79 51.77
N PHE A 1699 -23.91 -33.00 51.21
CA PHE A 1699 -24.60 -34.10 51.86
C PHE A 1699 -23.69 -35.28 52.16
N THR A 1700 -22.38 -35.12 52.02
CA THR A 1700 -21.45 -36.22 52.25
C THR A 1700 -20.89 -36.25 53.66
N SER A 1701 -21.23 -35.30 54.50
CA SER A 1701 -20.70 -35.22 55.86
C SER A 1701 -21.67 -35.74 56.91
N LEU A 1702 -22.74 -36.42 56.48
CA LEU A 1702 -23.73 -36.92 57.43
C LEU A 1702 -23.22 -38.18 58.10
N THR A 1703 -24.00 -38.67 59.07
CA THR A 1703 -23.66 -39.88 59.83
C THR A 1703 -24.94 -40.57 60.25
N GLY A 1704 -24.81 -41.85 60.61
CA GLY A 1704 -25.88 -42.57 61.26
C GLY A 1704 -27.08 -42.89 60.41
N GLY A 1705 -26.93 -43.75 59.42
CA GLY A 1705 -28.03 -44.22 58.61
C GLY A 1705 -28.38 -43.33 57.43
N SER A 1706 -28.17 -42.02 57.57
CA SER A 1706 -28.38 -41.13 56.42
C SER A 1706 -27.44 -41.49 55.29
N LEU A 1707 -26.18 -41.82 55.62
CA LEU A 1707 -25.26 -42.31 54.61
C LEU A 1707 -25.76 -43.60 53.98
N GLU A 1708 -26.37 -44.48 54.78
CA GLU A 1708 -26.92 -45.71 54.24
C GLU A 1708 -27.98 -45.41 53.18
N GLU A 1709 -28.93 -44.53 53.51
CA GLU A 1709 -29.99 -44.20 52.56
C GLU A 1709 -29.43 -43.51 51.32
N LEU A 1710 -28.49 -42.57 51.50
CA LEU A 1710 -27.92 -41.87 50.36
C LEU A 1710 -27.16 -42.84 49.45
N ARG A 1711 -26.39 -43.75 50.04
CA ARG A 1711 -25.65 -44.72 49.24
C ARG A 1711 -26.60 -45.66 48.51
N ARG A 1712 -27.66 -46.10 49.17
CA ARG A 1712 -28.62 -46.98 48.51
C ARG A 1712 -29.29 -46.27 47.34
N VAL A 1713 -29.67 -45.01 47.52
CA VAL A 1713 -30.30 -44.25 46.44
C VAL A 1713 -29.32 -44.05 45.29
N LEU A 1714 -28.08 -43.70 45.61
CA LEU A 1714 -27.07 -43.49 44.58
C LEU A 1714 -26.81 -44.77 43.79
N GLU A 1715 -26.72 -45.91 44.50
CA GLU A 1715 -26.53 -47.19 43.82
C GLU A 1715 -27.72 -47.52 42.95
N GLN A 1716 -28.93 -47.26 43.43
CA GLN A 1716 -30.13 -47.53 42.64
C GLN A 1716 -30.12 -46.73 41.34
N LEU A 1717 -29.80 -45.43 41.44
CA LEU A 1717 -29.80 -44.62 40.23
C LEU A 1717 -28.65 -45.00 39.30
N ILE A 1718 -27.49 -45.33 39.86
CA ILE A 1718 -26.35 -45.67 39.02
C ILE A 1718 -26.53 -47.03 38.38
N VAL A 1719 -27.39 -47.88 38.94
CA VAL A 1719 -27.64 -49.17 38.31
C VAL A 1719 -28.83 -49.08 37.36
N ALA A 1720 -29.71 -48.10 37.54
CA ALA A 1720 -30.85 -47.92 36.65
C ALA A 1720 -30.57 -46.93 35.52
N HIS A 1721 -29.41 -46.28 35.52
CA HIS A 1721 -29.11 -45.27 34.51
C HIS A 1721 -27.76 -45.46 33.84
N PHE A 1722 -27.10 -46.61 34.03
CA PHE A 1722 -25.79 -46.81 33.44
C PHE A 1722 -25.79 -48.01 32.49
N PRO A 1723 -24.91 -48.01 31.48
CA PRO A 1723 -24.95 -49.08 30.48
C PRO A 1723 -24.28 -50.38 30.91
N MET A 1724 -23.53 -50.38 32.01
CA MET A 1724 -22.75 -51.55 32.43
C MET A 1724 -21.74 -51.96 31.38
N GLN A 1725 -21.27 -50.99 30.59
CA GLN A 1725 -20.32 -51.24 29.50
C GLN A 1725 -19.53 -49.98 29.22
N SER A 1726 -18.29 -50.16 28.80
CA SER A 1726 -17.42 -49.02 28.53
C SER A 1726 -17.89 -48.20 27.34
N ARG A 1727 -18.29 -48.87 26.26
CA ARG A 1727 -18.66 -48.21 25.01
C ARG A 1727 -19.97 -48.76 24.47
N GLU A 1728 -20.97 -48.90 25.36
CA GLU A 1728 -22.29 -49.33 24.90
C GLU A 1728 -22.92 -48.29 23.98
N PHE A 1729 -22.83 -47.01 24.35
CA PHE A 1729 -23.24 -45.94 23.45
C PHE A 1729 -22.10 -45.59 22.52
N PRO A 1730 -22.30 -45.62 21.20
CA PRO A 1730 -21.25 -45.17 20.30
C PRO A 1730 -20.98 -43.70 20.47
N PRO A 1731 -19.77 -43.23 20.16
CA PRO A 1731 -19.45 -41.80 20.31
C PRO A 1731 -20.31 -40.93 19.40
N GLY A 1732 -20.14 -39.61 19.49
CA GLY A 1732 -20.98 -38.72 18.71
C GLY A 1732 -22.21 -38.26 19.46
N THR A 1733 -23.32 -38.97 19.25
CA THR A 1733 -24.64 -38.67 19.81
C THR A 1733 -24.55 -38.27 21.28
N PRO A 1734 -25.32 -37.24 21.68
CA PRO A 1734 -25.37 -36.81 23.06
C PRO A 1734 -25.38 -37.92 24.12
N ARG A 1735 -25.88 -39.10 23.76
CA ARG A 1735 -25.91 -40.22 24.70
C ARG A 1735 -24.51 -40.47 25.26
N PHE A 1736 -23.49 -40.42 24.41
CA PHE A 1736 -22.11 -40.44 24.90
C PHE A 1736 -21.76 -39.15 25.61
N ASN A 1737 -22.21 -38.01 25.05
CA ASN A 1737 -21.94 -36.72 25.68
C ASN A 1737 -22.65 -36.59 27.02
N ASN A 1738 -23.89 -37.06 27.11
CA ASN A 1738 -24.60 -37.04 28.39
C ASN A 1738 -23.89 -37.92 29.41
N TYR A 1739 -23.43 -39.10 28.99
CA TYR A 1739 -22.71 -39.98 29.90
C TYR A 1739 -21.42 -39.35 30.38
N VAL A 1740 -20.65 -38.73 29.49
CA VAL A 1740 -19.41 -38.11 29.91
C VAL A 1740 -19.67 -36.89 30.79
N ASP A 1741 -20.77 -36.17 30.54
CA ASP A 1741 -21.13 -35.05 31.40
C ASP A 1741 -21.48 -35.53 32.80
N CYS A 1742 -22.26 -36.61 32.90
CA CYS A 1742 -22.60 -37.15 34.21
C CYS A 1742 -21.35 -37.66 34.92
N MET A 1743 -20.45 -38.30 34.17
CA MET A 1743 -19.19 -38.76 34.74
C MET A 1743 -18.37 -37.60 35.28
N LYS A 1744 -18.29 -36.51 34.51
CA LYS A 1744 -17.54 -35.34 34.96
C LYS A 1744 -18.18 -34.72 36.19
N LYS A 1745 -19.50 -34.67 36.24
CA LYS A 1745 -20.18 -34.13 37.42
C LYS A 1745 -19.90 -34.98 38.65
N PHE A 1746 -20.01 -36.31 38.51
CA PHE A 1746 -19.70 -37.20 39.62
C PHE A 1746 -18.26 -37.03 40.07
N LEU A 1747 -17.34 -36.93 39.11
CA LEU A 1747 -15.92 -36.84 39.46
C LEU A 1747 -15.61 -35.51 40.13
N ASP A 1748 -16.25 -34.43 39.68
CA ASP A 1748 -16.06 -33.13 40.32
C ASP A 1748 -16.59 -33.16 41.75
N ALA A 1749 -17.79 -33.74 41.94
CA ALA A 1749 -18.33 -33.87 43.29
C ALA A 1749 -17.42 -34.72 44.16
N LEU A 1750 -16.73 -35.69 43.57
CA LEU A 1750 -15.80 -36.51 44.35
C LEU A 1750 -14.55 -35.72 44.71
N GLU A 1751 -13.98 -34.98 43.76
CA GLU A 1751 -12.68 -34.34 44.02
C GLU A 1751 -12.82 -33.13 44.91
N LEU A 1752 -13.93 -32.38 44.81
CA LEU A 1752 -14.06 -31.18 45.62
C LEU A 1752 -14.13 -31.54 47.11
N SER A 1753 -14.85 -32.60 47.44
CA SER A 1753 -14.91 -33.13 48.79
C SER A 1753 -13.91 -34.28 48.94
N GLN A 1754 -14.00 -34.99 50.06
CA GLN A 1754 -13.23 -36.22 50.29
C GLN A 1754 -14.23 -37.27 50.76
N SER A 1755 -14.85 -37.96 49.81
CA SER A 1755 -15.96 -38.87 50.13
C SER A 1755 -15.58 -40.30 49.83
N PRO A 1756 -15.25 -41.12 50.83
CA PRO A 1756 -14.97 -42.53 50.56
C PRO A 1756 -16.16 -43.26 49.96
N MET A 1757 -17.38 -42.89 50.38
CA MET A 1757 -18.56 -43.53 49.81
C MET A 1757 -18.67 -43.25 48.33
N LEU A 1758 -18.36 -42.01 47.91
CA LEU A 1758 -18.31 -41.70 46.49
C LEU A 1758 -17.12 -42.39 45.83
N LEU A 1759 -16.00 -42.50 46.54
CA LEU A 1759 -14.79 -43.05 45.94
C LEU A 1759 -14.96 -44.52 45.57
N GLU A 1760 -15.56 -45.31 46.48
CA GLU A 1760 -15.74 -46.72 46.18
C GLU A 1760 -16.67 -46.93 45.00
N LEU A 1761 -17.76 -46.17 44.93
CA LEU A 1761 -18.67 -46.29 43.80
C LEU A 1761 -18.00 -45.87 42.50
N MET A 1762 -17.22 -44.79 42.54
CA MET A 1762 -16.54 -44.33 41.33
C MET A 1762 -15.52 -45.36 40.84
N THR A 1763 -14.75 -45.94 41.76
CA THR A 1763 -13.76 -46.93 41.35
C THR A 1763 -14.43 -48.25 40.95
N GLU A 1764 -15.62 -48.53 41.47
CA GLU A 1764 -16.35 -49.71 41.02
C GLU A 1764 -16.85 -49.53 39.60
N VAL A 1765 -17.34 -48.33 39.27
CA VAL A 1765 -17.83 -48.08 37.92
C VAL A 1765 -16.70 -47.81 36.94
N LEU A 1766 -15.49 -47.50 37.43
CA LEU A 1766 -14.36 -47.23 36.56
C LEU A 1766 -13.55 -48.51 36.29
N CYS A 1767 -13.04 -49.12 37.36
CA CYS A 1767 -12.05 -50.18 37.23
C CYS A 1767 -12.69 -51.54 36.98
N ARG A 1768 -13.60 -51.59 36.01
CA ARG A 1768 -14.28 -52.83 35.67
C ARG A 1768 -14.34 -53.09 34.18
N GLU A 1769 -13.83 -52.17 33.36
CA GLU A 1769 -13.69 -52.37 31.93
C GLU A 1769 -12.21 -52.41 31.58
N GLN A 1770 -11.91 -53.08 30.46
CA GLN A 1770 -10.52 -53.25 30.05
C GLN A 1770 -9.86 -51.89 29.81
N GLN A 1771 -10.59 -50.97 29.16
CA GLN A 1771 -10.07 -49.62 28.95
C GLN A 1771 -11.25 -48.67 28.86
N HIS A 1772 -11.39 -47.79 29.85
CA HIS A 1772 -12.46 -46.81 29.84
C HIS A 1772 -12.18 -45.73 28.80
N VAL A 1773 -13.26 -45.08 28.35
CA VAL A 1773 -13.15 -44.07 27.30
C VAL A 1773 -12.37 -42.85 27.78
N MET A 1774 -12.47 -42.52 29.07
CA MET A 1774 -11.89 -41.28 29.57
C MET A 1774 -10.94 -41.55 30.74
N GLU A 1775 -10.03 -42.50 30.57
CA GLU A 1775 -9.14 -42.87 31.67
C GLU A 1775 -7.98 -41.90 31.80
N GLU A 1776 -8.28 -40.62 31.82
CA GLU A 1776 -7.34 -39.59 32.25
C GLU A 1776 -7.96 -38.64 33.26
N LEU A 1777 -9.26 -38.34 33.13
CA LEU A 1777 -9.95 -37.56 34.14
C LEU A 1777 -9.93 -38.28 35.49
N PHE A 1778 -10.08 -39.61 35.46
CA PHE A 1778 -10.03 -40.37 36.71
C PHE A 1778 -8.67 -40.24 37.38
N GLN A 1779 -7.60 -40.34 36.60
CA GLN A 1779 -6.26 -40.20 37.18
C GLN A 1779 -6.04 -38.79 37.71
N SER A 1780 -6.50 -37.78 36.97
CA SER A 1780 -6.36 -36.41 37.45
C SER A 1780 -7.13 -36.18 38.75
N SER A 1781 -8.34 -36.74 38.85
CA SER A 1781 -9.12 -36.57 40.06
C SER A 1781 -8.54 -37.36 41.22
N PHE A 1782 -7.97 -38.52 40.97
CA PHE A 1782 -7.28 -39.25 42.03
C PHE A 1782 -6.07 -38.48 42.52
N ARG A 1783 -5.33 -37.86 41.59
CA ARG A 1783 -4.27 -36.93 41.98
C ARG A 1783 -4.81 -35.83 42.88
N ARG A 1784 -5.95 -35.23 42.48
CA ARG A 1784 -6.51 -34.11 43.21
C ARG A 1784 -6.92 -34.53 44.62
N ILE A 1785 -7.58 -35.67 44.76
CA ILE A 1785 -8.04 -36.12 46.06
C ILE A 1785 -6.89 -36.67 46.90
N ALA A 1786 -5.76 -36.98 46.28
CA ALA A 1786 -4.61 -37.46 47.04
C ALA A 1786 -3.79 -36.32 47.64
N ARG A 1787 -4.15 -35.08 47.40
CA ARG A 1787 -3.38 -33.93 47.88
C ARG A 1787 -4.30 -32.87 48.48
N ARG A 1788 -5.29 -33.30 49.27
CA ARG A 1788 -6.25 -32.38 49.87
C ARG A 1788 -6.07 -32.27 51.38
N GLY A 1789 -4.89 -32.61 51.90
CA GLY A 1789 -4.69 -32.54 53.33
C GLY A 1789 -5.53 -33.59 54.06
N SER A 1790 -5.85 -33.29 55.31
CA SER A 1790 -6.72 -34.12 56.14
C SER A 1790 -6.17 -35.55 56.22
N CYS A 1791 -5.01 -35.65 56.88
CA CYS A 1791 -4.30 -36.92 56.97
C CYS A 1791 -5.16 -38.03 57.54
N VAL A 1792 -6.13 -37.69 58.38
CA VAL A 1792 -7.04 -38.69 58.93
C VAL A 1792 -8.07 -39.15 57.90
N THR A 1793 -8.21 -38.43 56.78
CA THR A 1793 -9.17 -38.77 55.75
C THR A 1793 -8.54 -39.55 54.59
N GLN A 1794 -7.31 -39.21 54.21
CA GLN A 1794 -6.64 -39.97 53.17
C GLN A 1794 -6.45 -41.42 53.59
N VAL A 1795 -6.07 -41.64 54.85
CA VAL A 1795 -5.96 -43.00 55.36
C VAL A 1795 -7.32 -43.68 55.35
N GLY A 1796 -8.40 -42.93 55.59
CA GLY A 1796 -9.73 -43.52 55.52
C GLY A 1796 -10.08 -43.99 54.13
N LEU A 1797 -9.80 -43.16 53.12
CA LEU A 1797 -10.06 -43.57 51.75
C LEU A 1797 -9.24 -44.79 51.36
N LEU A 1798 -7.94 -44.78 51.72
CA LEU A 1798 -7.08 -45.91 51.40
C LEU A 1798 -7.57 -47.17 52.09
N GLU A 1799 -7.98 -47.07 53.36
CA GLU A 1799 -8.50 -48.22 54.08
C GLU A 1799 -9.78 -48.74 53.43
N SER A 1800 -10.66 -47.84 53.01
CA SER A 1800 -11.91 -48.26 52.37
C SER A 1800 -11.63 -49.03 51.09
N VAL A 1801 -10.77 -48.48 50.23
CA VAL A 1801 -10.50 -49.14 48.95
C VAL A 1801 -9.75 -50.46 49.16
N TYR A 1802 -8.83 -50.49 50.13
CA TYR A 1802 -8.11 -51.73 50.41
C TYR A 1802 -9.03 -52.80 50.97
N GLU A 1803 -9.95 -52.42 51.87
CA GLU A 1803 -10.92 -53.36 52.38
C GLU A 1803 -11.83 -53.89 51.27
N MET A 1804 -12.20 -53.02 50.33
CA MET A 1804 -13.05 -53.48 49.23
C MET A 1804 -12.27 -54.47 48.36
N PHE A 1805 -11.01 -54.14 48.04
CA PHE A 1805 -10.20 -55.03 47.20
C PHE A 1805 -9.95 -56.37 47.87
N ARG A 1806 -9.67 -56.37 49.18
CA ARG A 1806 -9.39 -57.61 49.90
C ARG A 1806 -10.65 -58.40 50.21
N LYS A 1807 -11.82 -57.85 49.95
CA LYS A 1807 -13.06 -58.58 50.18
C LYS A 1807 -13.15 -59.79 49.27
N ASP A 1808 -13.60 -60.90 49.82
CA ASP A 1808 -13.70 -62.16 49.08
C ASP A 1808 -15.09 -62.26 48.49
N ASP A 1809 -15.20 -61.98 47.19
CA ASP A 1809 -16.46 -62.09 46.48
C ASP A 1809 -16.22 -62.76 45.13
N PRO A 1810 -17.20 -63.50 44.62
CA PRO A 1810 -17.02 -64.13 43.30
C PRO A 1810 -16.94 -63.10 42.20
N ARG A 1811 -15.85 -63.14 41.45
CA ARG A 1811 -15.63 -62.19 40.37
C ARG A 1811 -14.68 -62.79 39.34
N LEU A 1812 -14.64 -62.17 38.17
CA LEU A 1812 -13.74 -62.61 37.11
C LEU A 1812 -12.28 -62.28 37.41
N SER A 1813 -12.02 -61.51 38.47
CA SER A 1813 -10.69 -61.21 38.99
C SER A 1813 -9.91 -60.23 38.12
N PHE A 1814 -10.43 -59.93 36.93
CA PHE A 1814 -9.89 -58.80 36.17
C PHE A 1814 -10.18 -57.49 36.90
N THR A 1815 -11.41 -57.35 37.41
CA THR A 1815 -11.74 -56.22 38.26
C THR A 1815 -10.91 -56.24 39.54
N ARG A 1816 -10.69 -57.42 40.11
CA ARG A 1816 -9.87 -57.51 41.31
C ARG A 1816 -8.47 -56.97 41.06
N GLN A 1817 -7.88 -57.33 39.92
CA GLN A 1817 -6.56 -56.80 39.59
C GLN A 1817 -6.62 -55.29 39.32
N SER A 1818 -7.62 -54.85 38.55
CA SER A 1818 -7.68 -53.43 38.18
C SER A 1818 -7.91 -52.53 39.38
N PHE A 1819 -8.58 -53.04 40.42
CA PHE A 1819 -8.90 -52.22 41.58
C PHE A 1819 -7.63 -51.71 42.26
N VAL A 1820 -6.50 -52.38 42.05
CA VAL A 1820 -5.22 -51.89 42.54
C VAL A 1820 -4.30 -51.44 41.42
N ASP A 1821 -4.47 -51.94 40.19
CA ASP A 1821 -3.56 -51.56 39.11
C ASP A 1821 -3.62 -50.07 38.82
N ARG A 1822 -4.82 -49.49 38.75
CA ARG A 1822 -4.97 -48.12 38.32
C ARG A 1822 -5.79 -47.25 39.27
N SER A 1823 -6.24 -47.77 40.40
CA SER A 1823 -7.02 -47.00 41.35
C SER A 1823 -6.30 -46.79 42.67
N LEU A 1824 -5.93 -47.87 43.36
CA LEU A 1824 -5.25 -47.73 44.64
C LEU A 1824 -3.80 -47.31 44.45
N LEU A 1825 -3.10 -47.92 43.49
CA LEU A 1825 -1.71 -47.55 43.23
C LEU A 1825 -1.59 -46.09 42.81
N THR A 1826 -2.59 -45.56 42.11
CA THR A 1826 -2.56 -44.15 41.74
C THR A 1826 -2.54 -43.27 42.98
N LEU A 1827 -3.41 -43.57 43.95
CA LEU A 1827 -3.42 -42.79 45.19
C LEU A 1827 -2.13 -42.97 45.97
N LEU A 1828 -1.63 -44.22 46.06
CA LEU A 1828 -0.43 -44.46 46.84
C LEU A 1828 0.79 -43.78 46.24
N TRP A 1829 0.86 -43.71 44.90
CA TRP A 1829 2.03 -43.19 44.22
C TRP A 1829 1.99 -41.67 44.07
N HIS A 1830 0.89 -41.15 43.53
CA HIS A 1830 0.93 -39.79 43.00
C HIS A 1830 1.00 -38.75 44.11
N CYS A 1831 0.31 -39.00 45.24
CA CYS A 1831 0.43 -38.10 46.37
C CYS A 1831 -0.13 -38.79 47.62
N SER A 1832 0.50 -38.54 48.76
CA SER A 1832 0.04 -39.04 50.04
C SER A 1832 0.84 -38.33 51.13
N LEU A 1833 0.14 -37.91 52.18
CA LEU A 1833 0.83 -37.25 53.29
C LEU A 1833 1.66 -38.28 54.06
N ASP A 1834 2.72 -37.80 54.71
CA ASP A 1834 3.69 -38.69 55.35
C ASP A 1834 3.06 -39.57 56.41
N ALA A 1835 1.90 -39.20 56.95
CA ALA A 1835 1.20 -40.02 57.92
C ALA A 1835 0.52 -41.23 57.29
N LEU A 1836 0.80 -41.51 56.01
CA LEU A 1836 0.26 -42.70 55.37
C LEU A 1836 0.81 -44.00 55.94
N ARG A 1837 1.85 -43.93 56.76
CA ARG A 1837 2.41 -45.13 57.38
C ARG A 1837 1.39 -45.84 58.26
N GLU A 1838 0.34 -45.13 58.70
CA GLU A 1838 -0.72 -45.78 59.46
C GLU A 1838 -1.39 -46.87 58.62
N PHE A 1839 -1.62 -46.59 57.34
CA PHE A 1839 -2.12 -47.63 56.44
C PHE A 1839 -1.12 -48.77 56.33
N PHE A 1840 0.17 -48.44 56.23
CA PHE A 1840 1.21 -49.48 56.19
C PHE A 1840 1.24 -50.26 57.50
N SER A 1841 1.07 -49.57 58.63
CA SER A 1841 1.06 -50.25 59.92
C SER A 1841 -0.14 -51.16 60.08
N THR A 1842 -1.22 -50.95 59.33
CA THR A 1842 -2.43 -51.74 59.44
C THR A 1842 -2.48 -52.90 58.45
N ILE A 1843 -1.47 -53.06 57.60
CA ILE A 1843 -1.48 -54.12 56.60
C ILE A 1843 -0.33 -55.10 56.77
N VAL A 1844 0.77 -54.71 57.41
CA VAL A 1844 1.91 -55.62 57.55
C VAL A 1844 1.52 -56.84 58.36
N VAL A 1845 0.63 -56.68 59.34
CA VAL A 1845 0.19 -57.81 60.14
C VAL A 1845 -0.66 -58.79 59.36
N ASP A 1846 -1.11 -58.42 58.17
CA ASP A 1846 -1.95 -59.29 57.35
C ASP A 1846 -1.37 -59.58 55.98
N ALA A 1847 -0.68 -58.61 55.37
CA ALA A 1847 -0.17 -58.82 54.03
C ALA A 1847 0.87 -59.94 53.99
N ILE A 1848 1.75 -59.99 54.99
CA ILE A 1848 2.77 -61.03 55.05
C ILE A 1848 2.12 -62.39 55.23
N ASP A 1849 1.01 -62.44 55.99
CA ASP A 1849 0.35 -63.72 56.23
C ASP A 1849 -0.19 -64.33 54.94
N VAL A 1850 -0.80 -63.50 54.09
CA VAL A 1850 -1.34 -64.02 52.83
C VAL A 1850 -0.22 -64.51 51.92
N LEU A 1851 0.89 -63.75 51.86
CA LEU A 1851 2.03 -64.18 51.05
C LEU A 1851 2.60 -65.49 51.55
N LYS A 1852 2.70 -65.65 52.87
CA LYS A 1852 3.19 -66.90 53.45
C LYS A 1852 2.28 -68.08 53.11
N SER A 1853 0.98 -67.82 53.01
CA SER A 1853 0.03 -68.89 52.70
C SER A 1853 0.35 -69.52 51.35
N ARG A 1854 0.33 -70.85 51.30
CA ARG A 1854 0.66 -71.56 50.08
C ARG A 1854 -0.53 -71.60 49.12
N PHE A 1855 -0.22 -71.72 47.84
CA PHE A 1855 -1.27 -71.79 46.83
C PHE A 1855 -1.99 -73.13 46.88
N THR A 1856 -3.28 -73.09 46.57
CA THR A 1856 -4.10 -74.29 46.42
C THR A 1856 -4.57 -74.36 44.98
N LYS A 1857 -3.86 -75.13 44.16
CA LYS A 1857 -4.09 -75.19 42.73
C LYS A 1857 -5.11 -76.25 42.34
N LEU A 1858 -6.00 -76.64 43.25
CA LEU A 1858 -6.99 -77.66 42.93
C LEU A 1858 -8.04 -77.14 41.94
N ASN A 1859 -8.24 -75.83 41.88
CA ASN A 1859 -9.19 -75.23 40.96
C ASN A 1859 -8.72 -73.84 40.58
N GLU A 1860 -8.78 -73.53 39.28
CA GLU A 1860 -8.36 -72.21 38.82
C GLU A 1860 -9.36 -71.13 39.19
N SER A 1861 -10.61 -71.49 39.52
CA SER A 1861 -11.58 -70.48 39.93
C SER A 1861 -11.16 -69.81 41.22
N THR A 1862 -10.63 -70.57 42.17
CA THR A 1862 -10.11 -70.01 43.41
C THR A 1862 -8.61 -69.71 43.36
N PHE A 1863 -7.92 -70.13 42.30
CA PHE A 1863 -6.49 -69.90 42.21
C PHE A 1863 -6.16 -68.50 41.72
N ASP A 1864 -6.88 -68.03 40.70
CA ASP A 1864 -6.60 -66.70 40.15
C ASP A 1864 -6.90 -65.61 41.18
N THR A 1865 -7.91 -65.82 42.03
CA THR A 1865 -8.20 -64.84 43.08
C THR A 1865 -7.03 -64.68 44.03
N GLN A 1866 -6.48 -65.81 44.49
CA GLN A 1866 -5.32 -65.74 45.38
C GLN A 1866 -4.11 -65.16 44.66
N ILE A 1867 -3.92 -65.51 43.39
CA ILE A 1867 -2.80 -64.95 42.63
C ILE A 1867 -2.92 -63.44 42.57
N THR A 1868 -4.11 -62.94 42.21
CA THR A 1868 -4.31 -61.50 42.08
C THR A 1868 -4.18 -60.79 43.42
N LYS A 1869 -4.64 -61.44 44.51
CA LYS A 1869 -4.41 -60.87 45.83
C LYS A 1869 -2.92 -60.75 46.11
N LYS A 1870 -2.14 -61.76 45.73
CA LYS A 1870 -0.70 -61.69 45.92
C LYS A 1870 -0.09 -60.55 45.11
N MET A 1871 -0.52 -60.37 43.85
CA MET A 1871 -0.01 -59.26 43.07
C MET A 1871 -0.34 -57.93 43.73
N GLY A 1872 -1.57 -57.79 44.23
CA GLY A 1872 -1.94 -56.55 44.90
C GLY A 1872 -1.08 -56.29 46.11
N TYR A 1873 -0.81 -57.33 46.90
CA TYR A 1873 0.02 -57.17 48.09
C TYR A 1873 1.45 -56.79 47.71
N TYR A 1874 2.02 -57.45 46.70
CA TYR A 1874 3.36 -57.08 46.26
C TYR A 1874 3.40 -55.64 45.76
N LYS A 1875 2.39 -55.24 45.00
CA LYS A 1875 2.37 -53.89 44.44
C LYS A 1875 2.29 -52.84 45.54
N ILE A 1876 1.39 -53.05 46.51
CA ILE A 1876 1.27 -52.08 47.59
C ILE A 1876 2.54 -52.04 48.42
N LEU A 1877 3.13 -53.21 48.70
CA LEU A 1877 4.35 -53.23 49.48
C LEU A 1877 5.47 -52.49 48.78
N ASP A 1878 5.59 -52.68 47.45
CA ASP A 1878 6.68 -52.02 46.74
C ASP A 1878 6.46 -50.51 46.66
N VAL A 1879 5.19 -50.07 46.55
CA VAL A 1879 4.97 -48.63 46.47
C VAL A 1879 5.21 -47.98 47.84
N MET A 1880 4.84 -48.64 48.94
CA MET A 1880 5.23 -48.09 50.24
C MET A 1880 6.74 -48.04 50.40
N TYR A 1881 7.44 -49.12 50.01
CA TYR A 1881 8.88 -49.14 50.20
C TYR A 1881 9.59 -48.10 49.35
N SER A 1882 9.17 -47.95 48.09
CA SER A 1882 9.82 -46.97 47.21
C SER A 1882 9.54 -45.55 47.68
N ARG A 1883 8.28 -45.25 48.01
CA ARG A 1883 7.92 -43.89 48.37
C ARG A 1883 8.49 -43.52 49.75
N LEU A 1884 8.33 -44.40 50.73
CA LEU A 1884 8.80 -44.09 52.07
C LEU A 1884 10.32 -44.17 52.13
N PRO A 1885 10.97 -43.19 52.77
CA PRO A 1885 12.42 -43.23 52.88
C PRO A 1885 12.89 -44.30 53.87
N LYS A 1886 14.20 -44.40 54.07
CA LYS A 1886 14.78 -45.41 54.96
C LYS A 1886 14.93 -44.86 56.37
N ASP A 1887 13.81 -44.35 56.91
CA ASP A 1887 13.80 -43.81 58.27
C ASP A 1887 12.66 -44.42 59.08
N ASP A 1888 11.58 -44.79 58.41
CA ASP A 1888 10.41 -45.36 59.08
C ASP A 1888 10.43 -46.88 59.09
N VAL A 1889 10.98 -47.52 58.07
CA VAL A 1889 11.11 -48.96 58.06
C VAL A 1889 12.46 -49.42 58.60
N HIS A 1890 13.49 -48.58 58.54
CA HIS A 1890 14.79 -48.89 59.13
C HIS A 1890 14.89 -48.49 60.59
N ALA A 1891 13.83 -47.91 61.15
CA ALA A 1891 13.77 -47.60 62.57
C ALA A 1891 12.42 -48.03 63.12
N LYS A 1892 12.41 -48.48 64.37
CA LYS A 1892 11.21 -49.02 65.00
C LYS A 1892 10.42 -47.89 65.62
N GLU A 1893 9.41 -47.40 64.91
CA GLU A 1893 8.48 -46.41 65.47
C GLU A 1893 7.06 -46.91 65.54
N SER A 1894 6.49 -47.39 64.44
CA SER A 1894 5.17 -48.00 64.49
C SER A 1894 5.09 -49.35 63.79
N LYS A 1895 5.76 -49.50 62.64
CA LYS A 1895 5.57 -50.70 61.83
C LYS A 1895 6.18 -51.92 62.52
N ILE A 1896 7.41 -51.79 63.00
CA ILE A 1896 8.06 -52.90 63.71
C ILE A 1896 7.24 -53.29 64.93
N ASN A 1897 6.57 -52.33 65.56
CA ASN A 1897 5.70 -52.66 66.69
C ASN A 1897 4.56 -53.57 66.26
N GLN A 1898 3.94 -53.28 65.12
CA GLN A 1898 2.89 -54.16 64.61
C GLN A 1898 3.45 -55.53 64.22
N VAL A 1899 4.63 -55.55 63.61
CA VAL A 1899 5.21 -56.81 63.15
C VAL A 1899 5.70 -57.61 64.35
N PHE A 1900 5.52 -58.92 64.28
CA PHE A 1900 6.07 -59.87 65.24
C PHE A 1900 5.49 -59.64 66.65
N HIS A 1901 6.24 -58.96 67.50
CA HIS A 1901 5.88 -58.80 68.91
C HIS A 1901 5.66 -57.36 69.32
N GLY A 1902 6.48 -56.44 68.83
CA GLY A 1902 6.38 -55.07 69.29
C GLY A 1902 7.72 -54.49 69.70
N SER A 1903 7.86 -54.17 70.98
CA SER A 1903 9.08 -53.53 71.49
C SER A 1903 10.18 -54.56 71.73
N CYS A 1904 10.51 -55.31 70.69
CA CYS A 1904 11.67 -56.18 70.69
C CYS A 1904 12.89 -55.38 70.24
N ILE A 1905 14.02 -56.04 69.98
CA ILE A 1905 15.21 -55.31 69.57
C ILE A 1905 14.98 -54.75 68.18
N THR A 1906 14.91 -55.65 67.18
CA THR A 1906 14.29 -55.42 65.87
C THR A 1906 14.44 -53.98 65.39
N GLU A 1907 15.68 -53.48 65.30
CA GLU A 1907 15.88 -52.04 65.10
C GLU A 1907 15.30 -51.58 63.76
N GLY A 1908 15.68 -52.23 62.67
CA GLY A 1908 15.20 -51.81 61.38
C GLY A 1908 14.94 -52.93 60.39
N ASN A 1909 15.13 -54.17 60.83
CA ASN A 1909 15.07 -55.32 59.94
C ASN A 1909 14.56 -56.52 60.73
N GLU A 1910 14.81 -57.72 60.20
CA GLU A 1910 14.37 -59.03 60.69
C GLU A 1910 12.92 -59.29 60.33
N LEU A 1911 12.22 -58.33 59.72
CA LEU A 1911 10.94 -58.58 59.08
C LEU A 1911 11.00 -58.42 57.57
N THR A 1912 11.88 -57.55 57.08
CA THR A 1912 12.09 -57.45 55.64
C THR A 1912 12.66 -58.75 55.08
N LYS A 1913 13.59 -59.37 55.82
CA LYS A 1913 14.14 -60.66 55.40
C LYS A 1913 13.05 -61.70 55.29
N THR A 1914 12.07 -61.66 56.20
CA THR A 1914 10.95 -62.60 56.13
C THR A 1914 10.18 -62.44 54.83
N LEU A 1915 9.91 -61.20 54.43
CA LEU A 1915 9.21 -60.96 53.18
C LEU A 1915 10.13 -61.14 51.96
N ILE A 1916 11.42 -60.79 52.10
CA ILE A 1916 12.34 -60.93 50.99
C ILE A 1916 12.54 -62.40 50.63
N LYS A 1917 12.57 -63.27 51.64
CA LYS A 1917 12.76 -64.69 51.37
C LYS A 1917 11.62 -65.26 50.53
N LEU A 1918 10.38 -64.91 50.87
CA LEU A 1918 9.25 -65.41 50.10
C LEU A 1918 9.11 -64.69 48.75
N CYS A 1919 9.55 -63.43 48.68
CA CYS A 1919 9.54 -62.74 47.38
C CYS A 1919 10.53 -63.37 46.43
N TYR A 1920 11.74 -63.69 46.91
CA TYR A 1920 12.70 -64.41 46.08
C TYR A 1920 12.23 -65.82 45.78
N ASP A 1921 11.44 -66.41 46.67
CA ASP A 1921 10.78 -67.67 46.35
C ASP A 1921 9.86 -67.50 45.16
N ALA A 1922 9.16 -66.38 45.08
CA ALA A 1922 8.42 -66.03 43.89
C ALA A 1922 9.38 -65.63 42.77
N PHE A 1923 8.86 -65.60 41.55
CA PHE A 1923 9.59 -65.26 40.32
C PHE A 1923 10.82 -66.14 40.13
N THR A 1924 10.98 -67.16 40.97
CA THR A 1924 12.04 -68.14 40.84
C THR A 1924 11.50 -69.56 40.97
N GLU A 1925 10.19 -69.74 40.95
CA GLU A 1925 9.60 -71.05 41.15
C GLU A 1925 9.87 -71.95 39.96
N ASN A 1926 9.67 -73.25 40.17
CA ASN A 1926 9.87 -74.26 39.14
C ASN A 1926 8.58 -74.42 38.35
N MET A 1927 8.54 -73.84 37.15
CA MET A 1927 7.39 -74.06 36.28
C MET A 1927 7.27 -75.54 35.91
N ALA A 1928 8.40 -76.18 35.59
CA ALA A 1928 8.44 -77.60 35.24
C ALA A 1928 7.46 -77.90 34.11
N GLY A 1929 6.28 -78.40 34.46
CA GLY A 1929 5.26 -78.69 33.48
C GLY A 1929 3.92 -78.08 33.85
N GLU A 1930 3.94 -76.90 34.45
CA GLU A 1930 2.71 -76.23 34.85
C GLU A 1930 1.89 -75.85 33.63
N ASN A 1931 0.59 -76.09 33.70
CA ASN A 1931 -0.31 -75.84 32.58
C ASN A 1931 -1.59 -75.11 32.95
N GLN A 1932 -1.91 -74.98 34.25
CA GLN A 1932 -3.15 -74.35 34.68
C GLN A 1932 -3.22 -72.89 34.25
N LEU A 1933 -2.32 -72.07 34.79
CA LEU A 1933 -2.28 -70.65 34.47
C LEU A 1933 -0.86 -70.28 34.05
N LEU A 1934 -0.73 -69.56 32.94
CA LEU A 1934 0.57 -69.16 32.44
C LEU A 1934 0.75 -67.64 32.46
N GLU A 1935 -0.15 -66.89 31.82
CA GLU A 1935 0.00 -65.43 31.80
C GLU A 1935 -0.15 -64.84 33.19
N ARG A 1936 -1.10 -65.34 33.97
CA ARG A 1936 -1.27 -64.85 35.33
C ARG A 1936 -0.03 -65.13 36.17
N ARG A 1937 0.55 -66.32 36.02
CA ARG A 1937 1.77 -66.65 36.75
C ARG A 1937 2.91 -65.74 36.34
N ARG A 1938 3.03 -65.46 35.04
CA ARG A 1938 4.09 -64.56 34.56
C ARG A 1938 3.91 -63.16 35.13
N LEU A 1939 2.68 -62.65 35.14
CA LEU A 1939 2.44 -61.33 35.71
C LEU A 1939 2.73 -61.33 37.21
N TYR A 1940 2.39 -62.40 37.90
CA TYR A 1940 2.69 -62.51 39.33
C TYR A 1940 4.19 -62.49 39.57
N HIS A 1941 4.94 -63.22 38.74
CA HIS A 1941 6.40 -63.21 38.86
C HIS A 1941 6.96 -61.82 38.61
N CYS A 1942 6.43 -61.11 37.61
CA CYS A 1942 6.90 -59.75 37.34
C CYS A 1942 6.61 -58.82 38.50
N ALA A 1943 5.42 -58.95 39.10
CA ALA A 1943 5.09 -58.13 40.26
C ALA A 1943 6.03 -58.43 41.43
N ALA A 1944 6.33 -59.72 41.62
CA ALA A 1944 7.29 -60.10 42.66
C ALA A 1944 8.66 -59.49 42.39
N TYR A 1945 9.08 -59.47 41.13
CA TYR A 1945 10.35 -58.85 40.77
C TYR A 1945 10.34 -57.36 41.09
N ASN A 1946 9.22 -56.69 40.79
CA ASN A 1946 9.12 -55.26 41.12
C ASN A 1946 9.21 -55.04 42.61
N CYS A 1947 8.54 -55.90 43.40
CA CYS A 1947 8.64 -55.80 44.85
C CYS A 1947 10.08 -56.00 45.31
N ALA A 1948 10.78 -56.96 44.71
CA ALA A 1948 12.18 -57.19 45.07
C ALA A 1948 13.04 -55.98 44.74
N ILE A 1949 12.79 -55.36 43.58
CA ILE A 1949 13.54 -54.15 43.21
C ILE A 1949 13.30 -53.05 44.24
N SER A 1950 12.04 -52.87 44.63
CA SER A 1950 11.73 -51.82 45.60
C SER A 1950 12.38 -52.08 46.95
N VAL A 1951 12.32 -53.32 47.44
CA VAL A 1951 12.91 -53.61 48.75
C VAL A 1951 14.43 -53.52 48.69
N ILE A 1952 15.04 -53.84 47.56
CA ILE A 1952 16.48 -53.66 47.43
C ILE A 1952 16.83 -52.17 47.40
N CYS A 1953 16.00 -51.37 46.73
CA CYS A 1953 16.25 -49.93 46.71
C CYS A 1953 16.14 -49.34 48.11
N CYS A 1954 15.16 -49.78 48.90
CA CYS A 1954 14.99 -49.25 50.24
C CYS A 1954 16.01 -49.82 51.23
N VAL A 1955 16.56 -51.00 50.96
CA VAL A 1955 17.53 -51.63 51.86
C VAL A 1955 18.84 -50.85 51.78
N PHE A 1956 19.77 -51.16 52.69
CA PHE A 1956 21.05 -50.47 52.77
C PHE A 1956 21.68 -50.28 51.39
N ASN A 1957 21.85 -51.38 50.65
CA ASN A 1957 22.34 -51.35 49.26
C ASN A 1957 23.69 -50.64 49.16
N GLU A 1958 24.54 -50.84 50.17
CA GLU A 1958 25.90 -50.33 50.12
C GLU A 1958 26.92 -51.39 49.75
N LEU A 1959 26.53 -52.66 49.76
CA LEU A 1959 27.36 -53.76 49.32
C LEU A 1959 26.57 -54.62 48.36
N LYS A 1960 27.28 -55.32 47.46
CA LYS A 1960 26.61 -56.17 46.49
C LYS A 1960 25.83 -57.28 47.17
N PHE A 1961 24.51 -57.20 47.11
CA PHE A 1961 23.64 -58.25 47.63
C PHE A 1961 22.90 -58.98 46.53
N TYR A 1962 23.18 -58.67 45.26
CA TYR A 1962 22.45 -59.24 44.14
C TYR A 1962 22.99 -60.60 43.72
N GLN A 1963 24.06 -61.08 44.35
CA GLN A 1963 24.57 -62.40 44.00
C GLN A 1963 23.54 -63.48 44.29
N GLY A 1964 22.84 -63.38 45.42
CA GLY A 1964 21.80 -64.34 45.73
C GLY A 1964 20.40 -63.77 45.57
N PHE A 1965 20.31 -62.47 45.30
CA PHE A 1965 19.03 -61.79 45.19
C PHE A 1965 18.81 -61.35 43.74
N LEU A 1966 17.75 -61.88 43.13
CA LEU A 1966 17.18 -61.43 41.85
C LEU A 1966 18.17 -61.47 40.69
N PHE A 1967 19.40 -61.92 40.94
CA PHE A 1967 20.46 -62.03 39.96
C PHE A 1967 21.29 -63.27 40.29
N SER A 1968 21.88 -63.87 39.25
CA SER A 1968 22.80 -64.99 39.40
C SER A 1968 22.18 -66.11 40.23
N GLU A 1969 21.11 -66.68 39.68
CA GLU A 1969 20.39 -67.77 40.32
C GLU A 1969 21.17 -69.08 40.13
N LYS A 1970 20.52 -70.21 40.44
CA LYS A 1970 21.12 -71.53 40.28
C LYS A 1970 20.35 -72.28 39.20
N PRO A 1971 20.79 -72.23 37.95
CA PRO A 1971 20.05 -72.93 36.88
C PRO A 1971 20.06 -74.44 37.02
N GLU A 1972 21.01 -75.02 37.77
CA GLU A 1972 21.05 -76.46 37.91
C GLU A 1972 19.85 -77.01 38.66
N LYS A 1973 19.19 -76.20 39.47
CA LYS A 1973 17.98 -76.59 40.18
C LYS A 1973 16.71 -76.10 39.48
N ASN A 1974 16.82 -75.73 38.20
CA ASN A 1974 15.70 -75.18 37.44
C ASN A 1974 15.13 -73.93 38.13
N LEU A 1975 16.02 -73.07 38.60
CA LEU A 1975 15.66 -71.80 39.24
C LEU A 1975 15.72 -70.65 38.27
N LEU A 1976 15.35 -70.91 37.01
CA LEU A 1976 15.39 -69.92 35.95
C LEU A 1976 14.60 -68.67 36.34
N ILE A 1977 15.19 -67.51 36.08
CA ILE A 1977 14.60 -66.23 36.49
C ILE A 1977 14.05 -65.49 35.28
N PHE A 1978 14.92 -65.15 34.34
CA PHE A 1978 14.51 -64.35 33.20
C PHE A 1978 13.81 -65.17 32.12
N GLU A 1979 13.84 -66.50 32.21
CA GLU A 1979 13.25 -67.36 31.21
C GLU A 1979 11.79 -67.71 31.50
N ASN A 1980 11.21 -67.17 32.57
CA ASN A 1980 9.83 -67.42 32.92
C ASN A 1980 8.95 -66.18 32.84
N LEU A 1981 9.45 -65.02 33.29
CA LEU A 1981 8.67 -63.79 33.21
C LEU A 1981 8.67 -63.16 31.83
N ILE A 1982 9.55 -63.60 30.95
CA ILE A 1982 9.51 -63.22 29.54
C ILE A 1982 8.61 -64.20 28.81
N ASP A 1983 7.72 -63.68 27.96
CA ASP A 1983 6.75 -64.53 27.29
C ASP A 1983 7.43 -65.60 26.44
N LEU A 1984 8.42 -65.19 25.64
CA LEU A 1984 9.20 -66.06 24.75
C LEU A 1984 8.32 -67.06 24.00
N LYS A 1985 7.07 -66.68 23.72
CA LYS A 1985 6.15 -67.51 22.96
C LYS A 1985 5.41 -66.75 21.89
N ARG A 1986 5.34 -65.42 21.96
CA ARG A 1986 4.68 -64.59 20.96
C ARG A 1986 5.74 -63.80 20.20
N ARG A 1987 5.55 -63.69 18.88
CA ARG A 1987 6.46 -62.97 18.01
C ARG A 1987 5.90 -61.57 17.74
N TYR A 1988 6.68 -60.55 18.08
CA TYR A 1988 6.26 -59.17 17.87
C TYR A 1988 6.60 -58.73 16.44
N ASN A 1989 5.63 -58.15 15.76
CA ASN A 1989 5.81 -57.87 14.33
C ASN A 1989 6.64 -56.62 14.09
N PHE A 1990 6.59 -55.63 15.02
CA PHE A 1990 7.60 -54.58 15.08
C PHE A 1990 7.85 -53.80 13.81
N PRO A 1991 6.97 -52.88 13.41
CA PRO A 1991 7.24 -52.07 12.22
C PRO A 1991 8.56 -51.33 12.31
N VAL A 1992 9.05 -50.90 11.15
CA VAL A 1992 10.10 -49.89 11.10
C VAL A 1992 9.55 -48.56 11.58
N GLU A 1993 8.33 -48.22 11.16
CA GLU A 1993 7.69 -46.95 11.50
C GLU A 1993 6.20 -47.14 11.75
N ASP A 2086 5.52 -48.37 20.64
CA ASP A 2086 6.46 -49.40 21.07
C ASP A 2086 5.75 -50.51 21.83
N GLU A 2087 6.31 -51.71 21.82
CA GLU A 2087 5.75 -52.85 22.51
C GLU A 2087 6.69 -53.41 23.58
N LEU A 2088 7.97 -53.58 23.26
CA LEU A 2088 8.90 -54.15 24.22
C LEU A 2088 9.21 -53.18 25.36
N ASN A 2089 9.15 -51.87 25.10
CA ASN A 2089 9.42 -50.89 26.14
C ASN A 2089 8.31 -50.82 27.18
N ARG A 2090 7.17 -51.45 26.92
CA ARG A 2090 6.03 -51.47 27.84
C ARG A 2090 5.85 -52.85 28.46
N HIS A 2091 6.95 -53.51 28.80
CA HIS A 2091 6.95 -54.85 29.36
C HIS A 2091 6.75 -54.86 30.88
N GLU A 2092 6.17 -53.78 31.43
CA GLU A 2092 5.89 -53.60 32.85
C GLU A 2092 7.11 -53.90 33.72
N CYS A 2093 8.28 -53.98 33.11
CA CYS A 2093 9.53 -54.16 33.83
C CYS A 2093 10.66 -53.28 33.30
N MET A 2094 10.49 -52.63 32.16
CA MET A 2094 11.54 -51.78 31.60
C MET A 2094 11.87 -50.62 32.54
N ALA A 2095 10.85 -49.86 32.94
CA ALA A 2095 11.09 -48.73 33.82
C ALA A 2095 11.65 -49.14 35.17
N PRO A 2096 11.10 -50.13 35.89
CA PRO A 2096 11.73 -50.52 37.16
C PRO A 2096 13.15 -51.01 37.00
N LEU A 2097 13.43 -51.78 35.95
CA LEU A 2097 14.78 -52.30 35.76
C LEU A 2097 15.77 -51.18 35.45
N THR A 2098 15.37 -50.24 34.59
CA THR A 2098 16.26 -49.12 34.27
C THR A 2098 16.47 -48.24 35.49
N ALA A 2099 15.42 -48.00 36.28
CA ALA A 2099 15.58 -47.22 37.51
C ALA A 2099 16.53 -47.92 38.48
N LEU A 2100 16.39 -49.25 38.62
CA LEU A 2100 17.31 -50.01 39.45
C LEU A 2100 18.74 -49.87 38.95
N VAL A 2101 18.93 -49.99 37.64
CA VAL A 2101 20.28 -49.92 37.08
C VAL A 2101 20.91 -48.57 37.36
N LYS A 2102 20.14 -47.50 37.12
CA LYS A 2102 20.67 -46.15 37.38
C LYS A 2102 20.96 -45.94 38.85
N HIS A 2103 20.04 -46.36 39.72
CA HIS A 2103 20.22 -46.18 41.16
C HIS A 2103 21.46 -46.90 41.66
N MET A 2104 21.64 -48.15 41.24
CA MET A 2104 22.79 -48.93 41.69
C MET A 2104 24.07 -48.53 40.99
N HIS A 2105 23.98 -47.89 39.82
CA HIS A 2105 25.16 -47.27 39.23
C HIS A 2105 25.58 -46.05 40.04
N ARG A 2106 24.62 -45.31 40.57
CA ARG A 2106 24.91 -44.21 41.48
C ARG A 2106 25.09 -44.66 42.92
N SER A 2107 24.92 -45.95 43.21
CA SER A 2107 25.11 -46.48 44.55
C SER A 2107 26.50 -47.04 44.78
N LEU A 2108 27.39 -46.93 43.80
CA LEU A 2108 28.75 -47.42 43.94
C LEU A 2108 29.65 -46.37 44.58
N ARG A 2120 36.98 -54.35 35.82
CA ARG A 2120 36.30 -54.52 34.54
C ARG A 2120 34.80 -54.69 34.73
N ASP A 2121 34.22 -55.66 34.04
CA ASP A 2121 32.80 -55.92 34.15
C ASP A 2121 32.48 -56.51 35.52
N LEU A 2122 31.46 -55.95 36.17
CA LEU A 2122 31.05 -56.47 37.47
C LEU A 2122 30.43 -57.86 37.30
N PRO A 2123 30.73 -58.79 38.19
CA PRO A 2123 30.29 -60.18 37.99
C PRO A 2123 28.81 -60.39 38.31
N SER A 2124 28.30 -59.63 39.27
CA SER A 2124 26.92 -59.82 39.71
C SER A 2124 25.93 -59.50 38.59
N TRP A 2125 26.11 -58.35 37.95
CA TRP A 2125 25.14 -57.88 36.95
C TRP A 2125 25.74 -57.74 35.57
N MET A 2126 26.85 -57.00 35.43
CA MET A 2126 27.40 -56.72 34.11
C MET A 2126 27.99 -57.94 33.43
N LYS A 2127 28.26 -59.01 34.17
CA LYS A 2127 28.76 -60.24 33.58
C LYS A 2127 27.67 -61.29 33.39
N PHE A 2128 26.73 -61.39 34.33
CA PHE A 2128 25.62 -62.33 34.16
C PHE A 2128 24.77 -61.97 32.96
N LEU A 2129 24.43 -60.69 32.80
CA LEU A 2129 23.62 -60.27 31.66
C LEU A 2129 24.36 -60.47 30.35
N HIS A 2130 25.66 -60.16 30.32
CA HIS A 2130 26.43 -60.34 29.10
C HIS A 2130 26.48 -61.81 28.70
N GLY A 2131 26.70 -62.69 29.67
CA GLY A 2131 26.69 -64.12 29.37
C GLY A 2131 25.32 -64.61 28.92
N LYS A 2132 24.26 -64.07 29.52
CA LYS A 2132 22.91 -64.44 29.11
C LYS A 2132 22.60 -63.98 27.69
N LEU A 2133 23.15 -62.84 27.29
CA LEU A 2133 22.87 -62.28 25.96
C LEU A 2133 23.82 -62.79 24.89
N GLY A 2134 25.09 -63.06 25.24
CA GLY A 2134 26.07 -63.45 24.25
C GLY A 2134 25.94 -64.87 23.73
N ASN A 2135 25.08 -65.69 24.35
CA ASN A 2135 24.90 -67.06 23.91
C ASN A 2135 23.64 -67.15 23.07
N PRO A 2136 23.72 -67.56 21.80
CA PRO A 2136 22.50 -67.68 20.97
C PRO A 2136 21.60 -68.84 21.37
N ILE A 2137 22.00 -69.67 22.32
CA ILE A 2137 21.19 -70.81 22.71
C ILE A 2137 19.91 -70.35 23.41
N VAL A 2138 19.99 -69.30 24.21
CA VAL A 2138 18.86 -68.78 24.96
C VAL A 2138 17.81 -68.29 23.96
N PRO A 2139 16.51 -68.40 24.26
CA PRO A 2139 15.49 -67.94 23.31
C PRO A 2139 15.59 -66.46 22.95
N LEU A 2140 14.74 -66.02 22.02
CA LEU A 2140 14.91 -64.71 21.41
C LEU A 2140 14.36 -63.59 22.28
N ASN A 2141 13.11 -63.71 22.71
CA ASN A 2141 12.42 -62.60 23.36
C ASN A 2141 13.22 -62.06 24.53
N ILE A 2142 13.85 -62.95 25.31
CA ILE A 2142 14.72 -62.50 26.39
C ILE A 2142 15.91 -61.73 25.84
N ARG A 2143 16.43 -62.15 24.68
CA ARG A 2143 17.57 -61.46 24.09
C ARG A 2143 17.20 -60.04 23.66
N LEU A 2144 16.07 -59.88 22.98
CA LEU A 2144 15.63 -58.53 22.64
C LEU A 2144 15.28 -57.71 23.87
N PHE A 2145 14.76 -58.35 24.92
CA PHE A 2145 14.48 -57.64 26.15
C PHE A 2145 15.77 -57.09 26.76
N LEU A 2146 16.82 -57.91 26.79
CA LEU A 2146 18.11 -57.47 27.32
C LEU A 2146 18.73 -56.39 26.44
N ALA A 2147 18.54 -56.50 25.12
CA ALA A 2147 19.03 -55.46 24.22
C ALA A 2147 18.33 -54.14 24.49
N LYS A 2148 17.00 -54.17 24.68
CA LYS A 2148 16.28 -52.96 25.03
C LYS A 2148 16.78 -52.40 26.35
N LEU A 2149 17.06 -53.28 27.31
CA LEU A 2149 17.60 -52.84 28.59
C LEU A 2149 18.92 -52.09 28.39
N VAL A 2150 19.84 -52.69 27.63
CA VAL A 2150 21.17 -52.09 27.51
C VAL A 2150 21.12 -50.81 26.70
N ILE A 2151 20.22 -50.71 25.73
CA ILE A 2151 20.16 -49.47 24.95
C ILE A 2151 19.41 -48.38 25.71
N ASN A 2152 18.50 -48.75 26.61
CA ASN A 2152 17.77 -47.73 27.37
C ASN A 2152 18.70 -46.99 28.32
N THR A 2153 19.64 -47.69 28.95
CA THR A 2153 20.56 -47.08 29.88
C THR A 2153 22.00 -47.23 29.40
N GLU A 2154 22.24 -46.93 28.13
CA GLU A 2154 23.56 -47.12 27.55
C GLU A 2154 24.62 -46.23 28.21
N GLU A 2155 24.20 -45.20 28.94
CA GLU A 2155 25.17 -44.33 29.62
C GLU A 2155 25.99 -45.11 30.64
N VAL A 2156 25.34 -46.00 31.39
CA VAL A 2156 26.05 -46.79 32.39
C VAL A 2156 27.07 -47.71 31.73
N PHE A 2157 26.69 -48.32 30.61
CA PHE A 2157 27.55 -49.29 29.94
C PHE A 2157 28.59 -48.66 29.04
N ARG A 2158 28.57 -47.33 28.89
CA ARG A 2158 29.55 -46.68 28.03
C ARG A 2158 30.99 -46.89 28.49
N PRO A 2159 31.34 -46.71 29.77
CA PRO A 2159 32.76 -46.95 30.16
C PRO A 2159 33.23 -48.37 29.93
N TYR A 2160 32.33 -49.35 29.99
CA TYR A 2160 32.68 -50.76 29.83
C TYR A 2160 32.09 -51.34 28.54
N ALA A 2161 32.11 -50.55 27.47
CA ALA A 2161 31.53 -50.97 26.19
C ALA A 2161 32.56 -51.67 25.30
N LYS A 2162 33.23 -52.67 25.85
CA LYS A 2162 34.16 -53.49 25.08
C LYS A 2162 33.73 -54.94 25.01
N HIS A 2163 33.13 -55.47 26.07
CA HIS A 2163 32.52 -56.80 26.05
C HIS A 2163 31.03 -56.75 25.75
N TRP A 2164 30.48 -55.56 25.49
CA TRP A 2164 29.06 -55.39 25.24
C TRP A 2164 28.73 -55.23 23.77
N LEU A 2165 29.64 -54.67 22.97
CA LEU A 2165 29.33 -54.46 21.56
C LEU A 2165 29.36 -55.77 20.78
N SER A 2166 30.19 -56.72 21.19
CA SER A 2166 30.23 -58.00 20.50
C SER A 2166 28.92 -58.76 20.57
N PRO A 2167 28.27 -58.95 21.74
CA PRO A 2167 26.95 -59.58 21.70
C PRO A 2167 25.89 -58.71 21.04
N LEU A 2168 25.98 -57.39 21.22
CA LEU A 2168 25.03 -56.50 20.58
C LEU A 2168 25.14 -56.59 19.06
N LEU A 2169 26.35 -56.52 18.53
CA LEU A 2169 26.54 -56.62 17.09
C LEU A 2169 26.18 -58.01 16.59
N GLN A 2170 26.45 -59.05 17.39
CA GLN A 2170 26.08 -60.40 17.00
C GLN A 2170 24.56 -60.53 16.86
N LEU A 2171 23.81 -59.98 17.82
CA LEU A 2171 22.37 -60.00 17.73
C LEU A 2171 21.87 -59.18 16.54
N ALA A 2172 22.47 -58.01 16.32
CA ALA A 2172 22.03 -57.14 15.23
C ALA A 2172 22.24 -57.81 13.88
N ALA A 2173 23.39 -58.45 13.68
CA ALA A 2173 23.69 -59.10 12.42
C ALA A 2173 23.05 -60.47 12.28
N SER A 2174 22.47 -61.00 13.35
CA SER A 2174 21.83 -62.31 13.29
C SER A 2174 20.62 -62.28 12.37
N GLU A 2175 20.38 -63.38 11.67
CA GLU A 2175 19.25 -63.49 10.76
C GLU A 2175 17.97 -63.92 11.46
N ASN A 2176 18.02 -64.17 12.77
CA ASN A 2176 16.88 -64.69 13.50
C ASN A 2176 15.89 -63.62 13.93
N ASN A 2177 16.17 -62.34 13.64
CA ASN A 2177 15.28 -61.27 14.06
C ASN A 2177 13.89 -61.43 13.44
N GLY A 2178 12.91 -60.76 14.03
CA GLY A 2178 11.52 -60.89 13.64
C GLY A 2178 11.24 -60.59 12.18
N GLY A 2179 10.49 -61.46 11.52
CA GLY A 2179 10.14 -61.26 10.13
C GLY A 2179 11.36 -61.23 9.25
N GLU A 2180 11.46 -60.21 8.40
CA GLU A 2180 12.62 -59.99 7.55
C GLU A 2180 13.77 -59.33 8.28
N GLY A 2181 13.76 -59.35 9.61
CA GLY A 2181 14.75 -58.62 10.38
C GLY A 2181 14.19 -57.28 10.83
N ILE A 2182 14.03 -57.11 12.13
CA ILE A 2182 13.42 -55.90 12.67
C ILE A 2182 14.38 -54.74 12.45
N HIS A 2183 14.00 -53.81 11.58
CA HIS A 2183 14.85 -52.66 11.33
C HIS A 2183 14.95 -51.75 12.56
N TYR A 2184 13.92 -51.76 13.40
CA TYR A 2184 13.92 -50.95 14.61
C TYR A 2184 15.07 -51.33 15.53
N MET A 2185 15.15 -52.62 15.86
CA MET A 2185 16.22 -53.08 16.76
C MET A 2185 17.59 -52.84 16.16
N VAL A 2186 17.76 -53.14 14.87
CA VAL A 2186 19.09 -53.01 14.29
C VAL A 2186 19.50 -51.55 14.21
N VAL A 2187 18.55 -50.64 13.95
CA VAL A 2187 18.92 -49.24 13.81
C VAL A 2187 19.31 -48.65 15.17
N GLU A 2188 18.54 -48.93 16.23
CA GLU A 2188 18.98 -48.45 17.54
C GLU A 2188 20.24 -49.15 18.03
N ILE A 2189 20.41 -50.45 17.76
CA ILE A 2189 21.62 -51.13 18.16
C ILE A 2189 22.83 -50.48 17.49
N VAL A 2190 22.74 -50.26 16.18
CA VAL A 2190 23.86 -49.66 15.44
C VAL A 2190 24.14 -48.25 15.97
N ALA A 2191 23.08 -47.46 16.15
CA ALA A 2191 23.26 -46.11 16.68
C ALA A 2191 23.96 -46.13 18.03
N THR A 2192 23.69 -47.16 18.84
CA THR A 2192 24.41 -47.29 20.11
C THR A 2192 25.87 -47.69 19.88
N ILE A 2193 26.14 -48.54 18.87
CA ILE A 2193 27.52 -48.93 18.60
C ILE A 2193 28.37 -47.72 18.23
N LEU A 2194 27.90 -46.89 17.31
CA LEU A 2194 28.65 -45.68 17.01
C LEU A 2194 28.32 -44.53 17.96
N SER A 2195 27.45 -44.74 18.95
CA SER A 2195 27.29 -43.74 20.00
C SER A 2195 28.58 -43.58 20.80
N TRP A 2196 29.28 -44.68 21.04
CA TRP A 2196 30.50 -44.68 21.84
C TRP A 2196 31.72 -45.03 21.01
N THR A 2197 31.81 -44.49 19.80
CA THR A 2197 32.99 -44.71 18.96
C THR A 2197 34.21 -44.06 19.60
N GLY A 2198 35.37 -44.65 19.32
CA GLY A 2198 36.62 -44.21 19.91
C GLY A 2198 37.01 -44.95 21.16
N LEU A 2199 36.08 -45.66 21.81
CA LEU A 2199 36.40 -46.50 22.95
C LEU A 2199 36.46 -47.98 22.59
N ALA A 2200 35.75 -48.39 21.55
CA ALA A 2200 35.81 -49.77 21.06
C ALA A 2200 35.43 -49.77 19.59
N THR A 2201 35.93 -50.77 18.87
CA THR A 2201 35.68 -50.89 17.44
C THR A 2201 35.12 -52.27 17.13
N PRO A 2202 34.28 -52.38 16.10
CA PRO A 2202 33.80 -53.71 15.69
C PRO A 2202 34.86 -54.57 15.04
N THR A 2203 36.05 -54.04 14.79
CA THR A 2203 37.14 -54.78 14.18
C THR A 2203 38.17 -55.17 15.24
N GLY A 2204 39.21 -55.89 14.81
CA GLY A 2204 40.24 -56.37 15.69
C GLY A 2204 40.08 -57.83 16.10
N VAL A 2205 38.89 -58.38 15.95
CA VAL A 2205 38.62 -59.79 16.26
C VAL A 2205 37.94 -60.40 15.04
N PRO A 2206 38.33 -61.60 14.59
CA PRO A 2206 37.70 -62.16 13.39
C PRO A 2206 36.19 -62.34 13.52
N LYS A 2207 35.71 -62.72 14.70
CA LYS A 2207 34.28 -63.03 14.85
C LYS A 2207 33.41 -61.80 14.65
N ASP A 2208 33.69 -60.73 15.40
CA ASP A 2208 32.89 -59.52 15.22
C ASP A 2208 33.17 -58.86 13.87
N GLU A 2209 34.35 -59.09 13.30
CA GLU A 2209 34.64 -58.58 11.96
C GLU A 2209 33.71 -59.22 10.92
N VAL A 2210 33.62 -60.54 10.91
CA VAL A 2210 32.76 -61.21 9.94
C VAL A 2210 31.29 -60.91 10.23
N LEU A 2211 30.93 -60.80 11.50
CA LEU A 2211 29.56 -60.44 11.83
C LEU A 2211 29.21 -59.04 11.34
N ALA A 2212 30.15 -58.10 11.48
CA ALA A 2212 29.93 -56.74 10.98
C ALA A 2212 29.85 -56.73 9.45
N ASN A 2213 30.66 -57.56 8.80
CA ASN A 2213 30.56 -57.67 7.34
C ASN A 2213 29.19 -58.17 6.92
N ARG A 2214 28.68 -59.20 7.62
CA ARG A 2214 27.34 -59.70 7.33
C ARG A 2214 26.29 -58.62 7.56
N LEU A 2215 26.43 -57.87 8.65
CA LEU A 2215 25.49 -56.79 8.95
C LEU A 2215 25.50 -55.74 7.84
N LEU A 2216 26.70 -55.35 7.39
CA LEU A 2216 26.80 -54.36 6.33
C LEU A 2216 26.18 -54.86 5.04
N ASN A 2217 26.45 -56.12 4.68
CA ASN A 2217 25.85 -56.67 3.47
C ASN A 2217 24.33 -56.67 3.55
N PHE A 2218 23.78 -57.10 4.70
CA PHE A 2218 22.33 -57.11 4.86
C PHE A 2218 21.76 -55.71 4.79
N LEU A 2219 22.44 -54.73 5.40
CA LEU A 2219 21.94 -53.36 5.42
C LEU A 2219 21.91 -52.78 4.02
N MET A 2220 23.00 -52.95 3.26
CA MET A 2220 23.01 -52.40 1.90
C MET A 2220 22.15 -53.21 0.95
N LYS A 2221 21.79 -54.45 1.33
CA LYS A 2221 20.81 -55.18 0.56
C LYS A 2221 19.39 -54.66 0.79
N HIS A 2222 19.06 -54.35 2.05
CA HIS A 2222 17.71 -53.95 2.43
C HIS A 2222 17.58 -52.44 2.63
N VAL A 2223 18.49 -51.65 2.07
CA VAL A 2223 18.42 -50.20 2.22
C VAL A 2223 17.23 -49.56 1.53
N PHE A 2224 16.57 -50.28 0.61
CA PHE A 2224 15.46 -49.71 -0.13
C PHE A 2224 14.20 -49.75 0.74
N HIS A 2225 13.57 -48.58 0.91
CA HIS A 2225 12.25 -48.49 1.53
C HIS A 2225 11.54 -47.39 0.75
N PRO A 2226 10.27 -47.61 0.36
CA PRO A 2226 9.60 -46.63 -0.53
C PRO A 2226 9.24 -45.32 0.13
N LYS A 2227 9.73 -45.07 1.35
CA LYS A 2227 9.54 -43.81 2.03
C LYS A 2227 10.82 -43.00 1.96
N ARG A 2228 10.72 -41.76 1.47
CA ARG A 2228 11.92 -40.94 1.24
C ARG A 2228 12.65 -40.64 2.54
N ALA A 2229 11.92 -40.30 3.60
CA ALA A 2229 12.57 -39.92 4.85
C ALA A 2229 13.37 -41.07 5.43
N VAL A 2230 12.74 -42.25 5.54
CA VAL A 2230 13.46 -43.41 6.09
C VAL A 2230 14.54 -43.87 5.13
N PHE A 2231 14.37 -43.65 3.83
CA PHE A 2231 15.44 -43.98 2.89
C PHE A 2231 16.67 -43.13 3.15
N ARG A 2232 16.47 -41.82 3.29
CA ARG A 2232 17.59 -40.94 3.62
C ARG A 2232 18.20 -41.31 4.97
N HIS A 2233 17.36 -41.69 5.93
CA HIS A 2233 17.88 -42.11 7.22
C HIS A 2233 18.77 -43.35 7.08
N ASN A 2234 18.32 -44.35 6.33
CA ASN A 2234 19.11 -45.55 6.13
C ASN A 2234 20.43 -45.22 5.44
N LEU A 2235 20.39 -44.33 4.44
CA LEU A 2235 21.61 -43.91 3.78
C LEU A 2235 22.56 -43.24 4.78
N GLU A 2236 22.01 -42.43 5.69
CA GLU A 2236 22.83 -41.78 6.70
C GLU A 2236 23.47 -42.79 7.64
N ILE A 2237 22.72 -43.81 8.05
CA ILE A 2237 23.31 -44.84 8.90
C ILE A 2237 24.42 -45.57 8.18
N ILE A 2238 24.21 -45.90 6.90
CA ILE A 2238 25.25 -46.57 6.14
C ILE A 2238 26.50 -45.68 6.03
N LYS A 2239 26.30 -44.38 5.81
CA LYS A 2239 27.43 -43.46 5.72
C LYS A 2239 28.20 -43.41 7.03
N THR A 2240 27.48 -43.30 8.15
CA THR A 2240 28.15 -43.27 9.45
C THR A 2240 28.89 -44.57 9.72
N LEU A 2241 28.28 -45.70 9.36
CA LEU A 2241 28.92 -47.00 9.55
C LEU A 2241 30.21 -47.09 8.76
N VAL A 2242 30.16 -46.79 7.46
CA VAL A 2242 31.37 -46.88 6.65
C VAL A 2242 32.39 -45.84 7.09
N GLU A 2243 31.94 -44.75 7.70
CA GLU A 2243 32.88 -43.83 8.35
C GLU A 2243 33.59 -44.53 9.51
N CYS A 2244 32.84 -45.30 10.32
CA CYS A 2244 33.44 -46.07 11.39
C CYS A 2244 33.96 -47.42 10.91
N TRP A 2245 33.58 -47.86 9.71
CA TRP A 2245 34.02 -49.14 9.16
C TRP A 2245 35.33 -49.01 8.40
N LYS A 2246 35.93 -47.83 8.36
CA LYS A 2246 37.12 -47.63 7.54
C LYS A 2246 38.35 -48.19 8.25
N ASP A 2247 38.29 -49.45 8.65
CA ASP A 2247 39.49 -50.12 9.13
C ASP A 2247 39.61 -51.57 8.71
N CYS A 2248 38.53 -52.24 8.29
CA CYS A 2248 38.70 -53.66 8.02
C CYS A 2248 38.49 -54.12 6.58
N LEU A 2249 37.29 -54.03 6.00
CA LEU A 2249 37.08 -54.77 4.76
C LEU A 2249 35.72 -54.56 4.10
N SER A 2250 35.72 -54.53 2.77
CA SER A 2250 34.61 -54.91 1.90
C SER A 2250 33.50 -53.89 1.74
N ILE A 2251 32.83 -54.00 0.60
CA ILE A 2251 31.63 -53.29 0.18
C ILE A 2251 30.98 -54.28 -0.80
N PRO A 2252 29.67 -54.58 -0.73
CA PRO A 2252 29.09 -55.58 -1.63
C PRO A 2252 29.03 -55.09 -3.07
N TYR A 2253 30.16 -55.14 -3.76
CA TYR A 2253 30.30 -54.57 -5.10
C TYR A 2253 29.37 -55.27 -6.10
N ARG A 2254 29.29 -56.60 -6.02
CA ARG A 2254 28.38 -57.33 -6.89
C ARG A 2254 26.94 -56.94 -6.62
N LEU A 2255 26.58 -56.80 -5.34
CA LEU A 2255 25.22 -56.37 -5.00
C LEU A 2255 24.94 -54.97 -5.50
N ILE A 2256 25.90 -54.06 -5.36
CA ILE A 2256 25.73 -52.70 -5.88
C ILE A 2256 25.52 -52.73 -7.38
N PHE A 2257 26.36 -53.50 -8.09
CA PHE A 2257 26.23 -53.62 -9.53
C PHE A 2257 24.85 -54.12 -9.91
N GLU A 2258 24.39 -55.20 -9.28
CA GLU A 2258 23.05 -55.71 -9.57
C GLU A 2258 21.98 -54.70 -9.19
N LYS A 2259 22.28 -53.80 -8.26
CA LYS A 2259 21.32 -52.77 -7.89
C LYS A 2259 21.19 -51.72 -8.98
N PHE A 2260 22.31 -51.25 -9.53
CA PHE A 2260 22.28 -50.16 -10.49
C PHE A 2260 22.45 -50.61 -11.95
N SER A 2261 22.61 -51.91 -12.20
CA SER A 2261 22.61 -52.39 -13.58
C SER A 2261 21.17 -52.67 -14.01
N GLY A 2262 21.01 -53.30 -15.16
CA GLY A 2262 19.68 -53.61 -15.66
C GLY A 2262 19.11 -52.49 -16.49
N LYS A 2263 18.67 -52.81 -17.70
CA LYS A 2263 18.18 -51.81 -18.64
C LYS A 2263 16.74 -51.45 -18.30
N ASP A 2264 16.48 -50.18 -18.01
CA ASP A 2264 15.13 -49.74 -17.70
C ASP A 2264 14.99 -48.25 -17.99
N PRO A 2265 14.41 -47.89 -19.13
CA PRO A 2265 14.22 -46.47 -19.47
C PRO A 2265 12.99 -45.84 -18.83
N ASN A 2266 12.31 -46.54 -17.91
CA ASN A 2266 11.11 -46.01 -17.29
C ASN A 2266 11.04 -46.31 -15.79
N SER A 2267 12.13 -46.75 -15.17
CA SER A 2267 12.15 -47.07 -13.75
C SER A 2267 13.38 -46.47 -13.10
N LYS A 2268 13.28 -46.23 -11.80
CA LYS A 2268 14.37 -45.65 -11.00
C LYS A 2268 15.10 -46.70 -10.20
N ASP A 2269 15.25 -47.91 -10.77
CA ASP A 2269 15.90 -48.99 -10.04
C ASP A 2269 17.36 -48.65 -9.76
N ASN A 2270 18.07 -48.12 -10.76
CA ASN A 2270 19.48 -47.83 -10.59
C ASN A 2270 19.72 -46.62 -9.69
N SER A 2271 18.68 -45.86 -9.37
CA SER A 2271 18.85 -44.67 -8.55
C SER A 2271 19.41 -45.01 -7.18
N VAL A 2272 18.90 -46.07 -6.56
CA VAL A 2272 19.40 -46.45 -5.24
C VAL A 2272 20.84 -46.97 -5.35
N GLY A 2273 21.12 -47.79 -6.36
CA GLY A 2273 22.44 -48.39 -6.52
C GLY A 2273 23.53 -47.36 -6.71
N ILE A 2274 23.31 -46.42 -7.63
CA ILE A 2274 24.28 -45.35 -7.84
C ILE A 2274 24.39 -44.49 -6.59
N GLN A 2275 23.31 -44.42 -5.79
CA GLN A 2275 23.38 -43.65 -4.55
C GLN A 2275 24.31 -44.33 -3.54
N LEU A 2276 24.19 -45.65 -3.37
CA LEU A 2276 25.12 -46.31 -2.44
C LEU A 2276 26.53 -46.27 -2.99
N LEU A 2277 26.68 -46.27 -4.32
CA LEU A 2277 28.01 -46.04 -4.90
C LEU A 2277 28.53 -44.67 -4.51
N GLY A 2278 27.66 -43.67 -4.49
CA GLY A 2278 28.05 -42.36 -4.04
C GLY A 2278 28.48 -42.34 -2.58
N ILE A 2279 27.76 -43.05 -1.73
CA ILE A 2279 28.17 -43.15 -0.33
C ILE A 2279 29.53 -43.84 -0.21
N VAL A 2280 29.76 -44.86 -1.03
CA VAL A 2280 31.07 -45.49 -1.06
C VAL A 2280 32.14 -44.48 -1.43
N MET A 2281 31.88 -43.70 -2.48
CA MET A 2281 32.86 -42.76 -3.00
C MET A 2281 33.00 -41.51 -2.12
N ALA A 2282 32.10 -41.32 -1.16
CA ALA A 2282 32.04 -40.10 -0.36
C ALA A 2282 33.37 -39.77 0.32
N ASN A 2283 33.82 -40.62 1.24
CA ASN A 2283 35.01 -40.27 2.03
C ASN A 2283 36.31 -40.61 1.31
N ASP A 2284 36.63 -41.88 1.17
CA ASP A 2284 37.82 -42.26 0.41
C ASP A 2284 37.71 -43.60 -0.30
N LEU A 2285 36.60 -44.30 -0.26
CA LEU A 2285 36.58 -45.70 -0.67
C LEU A 2285 36.63 -45.79 -2.20
N PRO A 2286 37.61 -46.49 -2.77
CA PRO A 2286 37.74 -46.53 -4.22
C PRO A 2286 36.87 -47.60 -4.84
N PRO A 2287 36.55 -47.48 -6.12
CA PRO A 2287 35.86 -48.58 -6.82
C PRO A 2287 36.80 -49.75 -7.04
N TYR A 2288 37.04 -50.52 -5.98
CA TYR A 2288 38.01 -51.61 -5.98
C TYR A 2288 37.45 -52.79 -6.77
N ASP A 2289 37.89 -52.95 -8.01
CA ASP A 2289 37.50 -54.10 -8.83
C ASP A 2289 38.69 -54.83 -9.47
N PRO A 2290 39.78 -55.11 -8.71
CA PRO A 2290 40.76 -56.07 -9.22
C PRO A 2290 40.21 -57.49 -9.20
N GLN A 2291 39.70 -57.92 -8.04
CA GLN A 2291 39.03 -59.22 -7.88
C GLN A 2291 37.77 -58.99 -7.04
N CYS A 2292 36.64 -58.93 -7.73
CA CYS A 2292 35.30 -58.85 -7.19
C CYS A 2292 34.33 -58.95 -8.35
N GLY A 2293 33.17 -59.56 -8.11
CA GLY A 2293 32.07 -59.56 -9.06
C GLY A 2293 32.42 -59.81 -10.51
N ILE A 2294 32.25 -58.77 -11.33
CA ILE A 2294 32.47 -58.85 -12.77
C ILE A 2294 33.67 -57.96 -13.08
N GLN A 2295 34.26 -58.17 -14.26
CA GLN A 2295 35.41 -57.38 -14.68
C GLN A 2295 35.03 -55.92 -14.83
N SER A 2296 36.04 -55.05 -14.66
CA SER A 2296 35.80 -53.61 -14.64
C SER A 2296 35.22 -53.10 -15.94
N SER A 2297 35.49 -53.79 -17.06
CA SER A 2297 34.96 -53.35 -18.35
C SER A 2297 33.44 -53.34 -18.35
N GLU A 2298 32.82 -54.34 -17.73
CA GLU A 2298 31.36 -54.38 -17.59
C GLU A 2298 30.87 -53.43 -16.50
N TYR A 2299 31.60 -53.36 -15.39
CA TYR A 2299 31.17 -52.54 -14.25
C TYR A 2299 31.11 -51.07 -14.63
N PHE A 2300 32.18 -50.53 -15.20
CA PHE A 2300 32.20 -49.12 -15.55
C PHE A 2300 31.26 -48.82 -16.70
N GLN A 2301 31.11 -49.75 -17.65
CA GLN A 2301 30.16 -49.55 -18.73
C GLN A 2301 28.73 -49.46 -18.20
N ALA A 2302 28.38 -50.34 -17.26
CA ALA A 2302 27.06 -50.26 -16.63
C ALA A 2302 26.91 -48.95 -15.87
N LEU A 2303 27.99 -48.49 -15.24
CA LEU A 2303 27.93 -47.23 -14.51
C LEU A 2303 27.67 -46.05 -15.45
N VAL A 2304 28.30 -46.05 -16.63
CA VAL A 2304 28.19 -44.88 -17.49
C VAL A 2304 26.87 -44.90 -18.25
N ASN A 2305 26.44 -46.06 -18.74
CA ASN A 2305 25.29 -46.07 -19.66
C ASN A 2305 23.97 -45.74 -18.97
N ASN A 2306 23.95 -45.51 -17.66
CA ASN A 2306 22.73 -45.05 -17.02
C ASN A 2306 22.34 -43.66 -17.47
N MET A 2307 23.31 -42.85 -17.92
CA MET A 2307 23.01 -41.49 -18.35
C MET A 2307 22.05 -41.47 -19.54
N SER A 2308 22.08 -42.52 -20.36
CA SER A 2308 21.18 -42.57 -21.52
C SER A 2308 19.73 -42.65 -21.08
N PHE A 2309 19.45 -43.24 -19.93
CA PHE A 2309 18.09 -43.32 -19.41
C PHE A 2309 17.68 -41.93 -18.94
N VAL A 2310 16.94 -41.21 -19.78
CA VAL A 2310 16.50 -39.87 -19.41
C VAL A 2310 14.98 -39.84 -19.22
N ARG A 2311 14.56 -40.00 -17.97
CA ARG A 2311 13.18 -39.80 -17.57
C ARG A 2311 13.04 -39.15 -16.20
N TYR A 2312 14.04 -39.27 -15.33
CA TYR A 2312 14.04 -38.64 -14.03
C TYR A 2312 15.40 -37.99 -13.81
N LYS A 2313 15.38 -36.81 -13.19
CA LYS A 2313 16.60 -36.00 -13.11
C LYS A 2313 17.66 -36.65 -12.22
N GLU A 2314 17.25 -37.18 -11.07
CA GLU A 2314 18.23 -37.56 -10.04
C GLU A 2314 19.11 -38.71 -10.49
N VAL A 2315 18.56 -39.68 -11.24
CA VAL A 2315 19.34 -40.86 -11.60
C VAL A 2315 20.56 -40.47 -12.44
N TYR A 2316 20.33 -39.83 -13.58
CA TYR A 2316 21.46 -39.49 -14.42
C TYR A 2316 22.28 -38.34 -13.84
N ALA A 2317 21.65 -37.43 -13.11
CA ALA A 2317 22.42 -36.35 -12.48
C ALA A 2317 23.45 -36.91 -11.50
N ALA A 2318 23.01 -37.79 -10.59
CA ALA A 2318 23.94 -38.35 -9.62
C ALA A 2318 24.87 -39.37 -10.27
N ALA A 2319 24.44 -40.01 -11.36
CA ALA A 2319 25.37 -40.85 -12.12
C ALA A 2319 26.52 -40.03 -12.66
N ALA A 2320 26.21 -38.86 -13.23
CA ALA A 2320 27.25 -37.96 -13.69
C ALA A 2320 28.11 -37.48 -12.53
N GLU A 2321 27.50 -37.19 -11.38
CA GLU A 2321 28.26 -36.73 -10.22
C GLU A 2321 29.26 -37.78 -9.77
N VAL A 2322 28.82 -39.03 -9.63
CA VAL A 2322 29.72 -40.07 -9.18
C VAL A 2322 30.77 -40.38 -10.23
N LEU A 2323 30.41 -40.27 -11.52
CA LEU A 2323 31.41 -40.44 -12.57
C LEU A 2323 32.49 -39.37 -12.46
N GLY A 2324 32.09 -38.12 -12.21
CA GLY A 2324 33.08 -37.08 -12.00
C GLY A 2324 33.95 -37.34 -10.79
N LEU A 2325 33.34 -37.82 -9.70
CA LEU A 2325 34.10 -38.10 -8.48
C LEU A 2325 35.13 -39.19 -8.73
N ILE A 2326 34.73 -40.28 -9.40
CA ILE A 2326 35.67 -41.37 -9.64
C ILE A 2326 36.74 -40.92 -10.64
N LEU A 2327 36.39 -40.07 -11.60
CA LEU A 2327 37.41 -39.54 -12.50
C LEU A 2327 38.43 -38.70 -11.75
N ARG A 2328 37.97 -37.86 -10.82
CA ARG A 2328 38.88 -37.05 -10.03
C ARG A 2328 39.78 -37.93 -9.19
N TYR A 2329 39.22 -38.98 -8.58
CA TYR A 2329 40.04 -39.89 -7.77
C TYR A 2329 41.08 -40.61 -8.62
N VAL A 2330 40.68 -41.13 -9.78
CA VAL A 2330 41.60 -41.86 -10.62
C VAL A 2330 42.62 -40.94 -11.29
N MET A 2331 42.35 -39.64 -11.33
CA MET A 2331 43.35 -38.69 -11.80
C MET A 2331 44.34 -38.32 -10.69
N GLU A 2332 43.83 -38.04 -9.49
CA GLU A 2332 44.70 -37.73 -8.37
C GLU A 2332 45.56 -38.93 -7.99
N ARG A 2333 44.96 -40.11 -7.96
CA ARG A 2333 45.69 -41.34 -7.67
C ARG A 2333 46.31 -41.85 -8.96
N LYS A 2334 47.63 -42.04 -8.95
CA LYS A 2334 48.36 -42.42 -10.15
C LYS A 2334 48.02 -43.85 -10.50
N ASN A 2335 47.10 -44.03 -11.44
CA ASN A 2335 46.69 -45.35 -11.91
C ASN A 2335 46.34 -45.23 -13.38
N ILE A 2336 46.74 -46.23 -14.16
CA ILE A 2336 46.51 -46.20 -15.62
C ILE A 2336 45.12 -46.81 -15.83
N LEU A 2337 44.11 -45.98 -15.59
CA LEU A 2337 42.73 -46.33 -15.92
C LEU A 2337 41.94 -45.16 -16.48
N GLU A 2338 42.39 -43.92 -16.30
CA GLU A 2338 41.55 -42.75 -16.50
C GLU A 2338 41.13 -42.60 -17.96
N GLU A 2339 42.02 -42.94 -18.89
CA GLU A 2339 41.74 -42.72 -20.31
C GLU A 2339 40.50 -43.48 -20.75
N SER A 2340 40.32 -44.71 -20.26
CA SER A 2340 39.18 -45.53 -20.67
C SER A 2340 37.87 -44.87 -20.29
N LEU A 2341 37.72 -44.49 -19.03
CA LEU A 2341 36.47 -43.83 -18.61
C LEU A 2341 36.31 -42.49 -19.29
N CYS A 2342 37.42 -41.78 -19.53
CA CYS A 2342 37.33 -40.50 -20.21
C CYS A 2342 36.73 -40.65 -21.60
N GLU A 2343 37.26 -41.58 -22.40
CA GLU A 2343 36.71 -41.81 -23.73
C GLU A 2343 35.28 -42.34 -23.66
N LEU A 2344 35.00 -43.22 -22.70
CA LEU A 2344 33.65 -43.79 -22.59
C LEU A 2344 32.63 -42.71 -22.30
N VAL A 2345 32.90 -41.85 -21.31
CA VAL A 2345 31.97 -40.79 -20.96
C VAL A 2345 31.91 -39.73 -22.06
N ALA A 2346 33.02 -39.51 -22.77
CA ALA A 2346 32.98 -38.58 -23.90
C ALA A 2346 32.05 -39.09 -24.99
N LYS A 2347 32.12 -40.39 -25.29
CA LYS A 2347 31.20 -40.97 -26.27
C LYS A 2347 29.76 -40.89 -25.78
N GLN A 2348 29.55 -41.17 -24.49
CA GLN A 2348 28.19 -41.10 -23.94
C GLN A 2348 27.62 -39.69 -24.04
N LEU A 2349 28.45 -38.68 -23.78
CA LEU A 2349 27.97 -37.30 -23.88
C LEU A 2349 27.76 -36.90 -25.33
N LYS A 2350 28.66 -37.29 -26.23
CA LYS A 2350 28.51 -36.96 -27.64
C LYS A 2350 27.25 -37.60 -28.22
N GLN A 2351 26.84 -38.75 -27.67
CA GLN A 2351 25.59 -39.36 -28.11
C GLN A 2351 24.37 -38.51 -27.77
N HIS A 2352 24.52 -37.50 -26.90
CA HIS A 2352 23.40 -36.65 -26.52
C HIS A 2352 23.45 -35.26 -27.16
N GLN A 2353 24.65 -34.73 -27.45
CA GLN A 2353 24.82 -33.32 -27.79
C GLN A 2353 24.15 -32.94 -29.11
N ASN A 2354 23.49 -33.89 -29.77
CA ASN A 2354 22.79 -33.60 -31.01
C ASN A 2354 21.30 -33.91 -30.95
N THR A 2355 20.88 -34.91 -30.17
CA THR A 2355 19.47 -35.24 -30.06
C THR A 2355 18.76 -34.31 -29.09
N MET A 2356 19.19 -34.31 -27.83
CA MET A 2356 18.64 -33.43 -26.81
C MET A 2356 19.76 -32.56 -26.24
N GLU A 2357 19.44 -31.29 -26.03
CA GLU A 2357 20.46 -30.30 -25.66
C GLU A 2357 20.57 -30.10 -24.16
N ASP A 2358 19.44 -29.94 -23.47
CA ASP A 2358 19.46 -29.64 -22.04
C ASP A 2358 20.11 -30.76 -21.24
N LYS A 2359 19.81 -32.02 -21.59
CA LYS A 2359 20.41 -33.14 -20.88
C LYS A 2359 21.92 -33.16 -21.06
N PHE A 2360 22.40 -32.84 -22.26
CA PHE A 2360 23.84 -32.84 -22.51
C PHE A 2360 24.55 -31.84 -21.62
N ILE A 2361 24.07 -30.60 -21.57
CA ILE A 2361 24.75 -29.59 -20.78
C ILE A 2361 24.62 -29.89 -19.30
N VAL A 2362 23.45 -30.39 -18.87
CA VAL A 2362 23.28 -30.73 -17.46
C VAL A 2362 24.28 -31.80 -17.04
N CYS A 2363 24.38 -32.87 -17.83
CA CYS A 2363 25.31 -33.95 -17.51
C CYS A 2363 26.75 -33.46 -17.56
N LEU A 2364 27.09 -32.62 -18.54
CA LEU A 2364 28.45 -32.12 -18.64
C LEU A 2364 28.82 -31.29 -17.42
N ASN A 2365 27.91 -30.41 -16.98
CA ASN A 2365 28.20 -29.61 -15.79
C ASN A 2365 28.32 -30.49 -14.56
N LYS A 2366 27.44 -31.48 -14.43
CA LYS A 2366 27.53 -32.37 -13.27
C LYS A 2366 28.85 -33.12 -13.25
N VAL A 2367 29.30 -33.60 -14.41
CA VAL A 2367 30.57 -34.33 -14.47
C VAL A 2367 31.73 -33.41 -14.16
N THR A 2368 31.76 -32.24 -14.79
CA THR A 2368 32.89 -31.34 -14.63
C THR A 2368 32.87 -30.58 -13.32
N LYS A 2369 31.80 -30.69 -12.53
CA LYS A 2369 31.76 -30.05 -11.23
C LYS A 2369 32.90 -30.54 -10.34
N SER A 2370 33.26 -31.81 -10.46
CA SER A 2370 34.39 -32.38 -9.74
C SER A 2370 35.56 -32.73 -10.64
N PHE A 2371 35.40 -32.65 -11.96
CA PHE A 2371 36.46 -33.01 -12.92
C PHE A 2371 36.66 -31.85 -13.89
N PRO A 2372 37.47 -30.87 -13.51
CA PRO A 2372 37.80 -29.76 -14.43
C PRO A 2372 38.46 -30.23 -15.72
N PRO A 2373 39.36 -31.23 -15.71
CA PRO A 2373 40.07 -31.56 -16.95
C PRO A 2373 39.15 -31.90 -18.12
N LEU A 2374 37.98 -32.48 -17.88
CA LEU A 2374 37.06 -32.79 -18.96
C LEU A 2374 36.36 -31.51 -19.39
N ALA A 2375 35.54 -31.60 -20.44
CA ALA A 2375 34.90 -30.50 -21.14
C ALA A 2375 35.88 -29.63 -21.92
N ASP A 2376 37.18 -29.95 -21.92
CA ASP A 2376 38.10 -29.26 -22.81
C ASP A 2376 37.78 -29.54 -24.27
N ARG A 2377 37.43 -30.79 -24.58
CA ARG A 2377 37.07 -31.14 -25.95
C ARG A 2377 35.69 -30.66 -26.33
N PHE A 2378 34.85 -30.29 -25.36
CA PHE A 2378 33.50 -29.83 -25.61
C PHE A 2378 33.38 -28.31 -25.57
N MET A 2379 34.50 -27.60 -25.52
CA MET A 2379 34.44 -26.13 -25.41
C MET A 2379 33.76 -25.52 -26.62
N ASN A 2380 34.13 -25.96 -27.82
CA ASN A 2380 33.49 -25.43 -29.02
C ASN A 2380 32.00 -25.74 -29.03
N ALA A 2381 31.63 -26.97 -28.64
CA ALA A 2381 30.22 -27.33 -28.62
C ALA A 2381 29.45 -26.49 -27.62
N VAL A 2382 29.97 -26.36 -26.39
CA VAL A 2382 29.22 -25.63 -25.37
C VAL A 2382 29.11 -24.16 -25.75
N PHE A 2383 30.16 -23.60 -26.37
CA PHE A 2383 30.05 -22.24 -26.89
C PHE A 2383 28.99 -22.15 -27.97
N PHE A 2384 28.90 -23.17 -28.82
CA PHE A 2384 27.87 -23.19 -29.86
C PHE A 2384 26.47 -23.16 -29.26
N LEU A 2385 26.23 -24.00 -28.26
CA LEU A 2385 24.89 -24.02 -27.67
C LEU A 2385 24.65 -22.92 -26.65
N LEU A 2386 25.66 -22.12 -26.30
CA LEU A 2386 25.46 -21.06 -25.30
C LEU A 2386 24.35 -20.09 -25.65
N PRO A 2387 24.27 -19.52 -26.86
CA PRO A 2387 23.20 -18.55 -27.15
C PRO A 2387 21.86 -19.17 -27.49
N LYS A 2388 21.69 -20.48 -27.34
CA LYS A 2388 20.41 -21.12 -27.61
C LYS A 2388 19.57 -21.30 -26.36
N PHE A 2389 20.05 -20.89 -25.19
CA PHE A 2389 19.36 -21.08 -23.93
C PHE A 2389 19.01 -19.74 -23.31
N HIS A 2390 18.02 -19.77 -22.41
CA HIS A 2390 17.59 -18.56 -21.71
C HIS A 2390 17.37 -18.74 -20.22
N GLY A 2391 17.26 -19.96 -19.71
CA GLY A 2391 16.98 -20.21 -18.31
C GLY A 2391 18.23 -20.57 -17.52
N VAL A 2392 18.04 -21.42 -16.50
CA VAL A 2392 19.15 -21.84 -15.66
C VAL A 2392 20.17 -22.64 -16.46
N LEU A 2393 19.76 -23.20 -17.60
CA LEU A 2393 20.71 -23.90 -18.46
C LEU A 2393 21.81 -22.97 -18.94
N LYS A 2394 21.49 -21.68 -19.15
CA LYS A 2394 22.52 -20.72 -19.47
C LYS A 2394 23.51 -20.58 -18.31
N THR A 2395 23.01 -20.57 -17.08
CA THR A 2395 23.90 -20.52 -15.92
C THR A 2395 24.79 -21.75 -15.88
N LEU A 2396 24.25 -22.93 -16.19
CA LEU A 2396 25.06 -24.13 -16.26
C LEU A 2396 26.14 -24.01 -17.33
N CYS A 2397 25.79 -23.43 -18.48
CA CYS A 2397 26.78 -23.25 -19.54
C CYS A 2397 27.91 -22.32 -19.09
N LEU A 2398 27.55 -21.19 -18.47
CA LEU A 2398 28.59 -20.29 -17.96
C LEU A 2398 29.44 -20.94 -16.89
N GLU A 2399 28.84 -21.77 -16.03
CA GLU A 2399 29.64 -22.48 -15.04
C GLU A 2399 30.63 -23.42 -15.71
N VAL A 2400 30.16 -24.16 -16.73
CA VAL A 2400 31.05 -25.05 -17.46
C VAL A 2400 32.20 -24.27 -18.08
N VAL A 2401 31.90 -23.10 -18.64
CA VAL A 2401 32.95 -22.24 -19.17
C VAL A 2401 33.91 -21.84 -18.05
N LEU A 2402 33.37 -21.55 -16.87
CA LEU A 2402 34.18 -21.12 -15.74
C LEU A 2402 35.14 -22.22 -15.30
N CYS A 2403 34.77 -23.49 -15.46
CA CYS A 2403 35.65 -24.57 -15.02
C CYS A 2403 37.02 -24.50 -15.67
N ARG A 2404 37.07 -24.19 -16.97
CA ARG A 2404 38.32 -24.14 -17.72
C ARG A 2404 38.44 -22.79 -18.40
N VAL A 2405 39.12 -21.85 -17.73
CA VAL A 2405 39.35 -20.53 -18.29
C VAL A 2405 40.83 -20.30 -18.48
N GLU A 2406 41.65 -20.90 -17.61
CA GLU A 2406 43.09 -20.63 -17.64
C GLU A 2406 43.78 -21.35 -18.80
N GLY A 2407 43.35 -22.57 -19.11
CA GLY A 2407 44.05 -23.39 -20.08
C GLY A 2407 43.75 -23.13 -21.53
N MET A 2408 42.91 -22.14 -21.84
CA MET A 2408 42.53 -21.86 -23.22
C MET A 2408 42.71 -20.38 -23.52
N THR A 2409 42.86 -20.07 -24.79
CA THR A 2409 43.12 -18.73 -25.29
C THR A 2409 42.01 -18.30 -26.23
N GLU A 2410 42.12 -17.06 -26.72
CA GLU A 2410 41.16 -16.47 -27.66
C GLU A 2410 39.74 -16.53 -27.09
N LEU A 2411 39.62 -16.33 -25.78
CA LEU A 2411 38.32 -16.45 -25.13
C LEU A 2411 37.48 -15.21 -25.39
N TYR A 2412 38.10 -14.03 -25.44
CA TYR A 2412 37.34 -12.80 -25.60
C TYR A 2412 36.59 -12.76 -26.92
N PHE A 2413 37.18 -13.31 -27.98
CA PHE A 2413 36.49 -13.35 -29.27
C PHE A 2413 35.21 -14.15 -29.17
N GLN A 2414 35.27 -15.31 -28.51
CA GLN A 2414 34.09 -16.16 -28.40
C GLN A 2414 33.00 -15.48 -27.58
N LEU A 2415 33.37 -14.85 -26.47
CA LEU A 2415 32.39 -14.16 -25.65
C LEU A 2415 31.77 -12.98 -26.39
N LYS A 2416 32.59 -12.23 -27.14
CA LYS A 2416 32.07 -11.12 -27.92
C LYS A 2416 31.09 -11.62 -28.98
N SER A 2417 31.41 -12.75 -29.62
CA SER A 2417 30.51 -13.32 -30.60
C SER A 2417 29.18 -13.74 -29.97
N LYS A 2418 29.21 -14.15 -28.70
CA LYS A 2418 28.01 -14.61 -28.00
C LYS A 2418 27.40 -13.53 -27.13
N ASP A 2419 27.53 -12.26 -27.55
CA ASP A 2419 26.98 -11.10 -26.86
C ASP A 2419 27.07 -11.22 -25.33
N PHE A 2420 28.28 -11.58 -24.87
CA PHE A 2420 28.50 -11.76 -23.44
C PHE A 2420 28.26 -10.47 -22.66
N VAL A 2421 28.45 -9.32 -23.30
CA VAL A 2421 28.21 -8.06 -22.63
C VAL A 2421 26.73 -7.90 -22.29
N GLN A 2422 25.85 -8.32 -23.20
CA GLN A 2422 24.42 -8.10 -22.98
C GLN A 2422 23.87 -8.98 -21.87
N VAL A 2423 24.31 -10.24 -21.80
CA VAL A 2423 23.77 -11.15 -20.79
C VAL A 2423 24.12 -10.72 -19.38
N MET A 2424 25.18 -9.95 -19.20
CA MET A 2424 25.52 -9.44 -17.87
C MET A 2424 24.44 -8.52 -17.33
N ARG A 2425 23.93 -7.63 -18.18
CA ARG A 2425 22.97 -6.63 -17.73
C ARG A 2425 21.62 -7.22 -17.36
N HIS A 2426 21.35 -8.48 -17.71
CA HIS A 2426 20.11 -9.11 -17.31
C HIS A 2426 20.12 -9.38 -15.81
N ARG A 2427 18.97 -9.17 -15.17
CA ARG A 2427 18.86 -9.30 -13.71
C ARG A 2427 18.74 -10.76 -13.34
N ASP A 2428 19.86 -11.35 -12.92
CA ASP A 2428 19.87 -12.74 -12.44
C ASP A 2428 21.08 -12.90 -11.54
N ASP A 2429 20.84 -13.20 -10.26
CA ASP A 2429 21.91 -13.19 -9.27
C ASP A 2429 23.01 -14.20 -9.61
N GLU A 2430 22.61 -15.45 -9.85
CA GLU A 2430 23.61 -16.49 -10.13
C GLU A 2430 24.33 -16.21 -11.44
N ARG A 2431 23.58 -15.85 -12.49
CA ARG A 2431 24.21 -15.60 -13.78
C ARG A 2431 25.18 -14.42 -13.70
N GLN A 2432 24.78 -13.34 -13.03
CA GLN A 2432 25.65 -12.18 -12.93
C GLN A 2432 26.88 -12.49 -12.09
N LYS A 2433 26.72 -13.25 -11.00
CA LYS A 2433 27.88 -13.63 -10.19
C LYS A 2433 28.85 -14.48 -11.00
N VAL A 2434 28.32 -15.44 -11.76
CA VAL A 2434 29.20 -16.29 -12.56
C VAL A 2434 29.88 -15.48 -13.65
N CYS A 2435 29.17 -14.52 -14.25
CA CYS A 2435 29.78 -13.67 -15.26
C CYS A 2435 30.92 -12.85 -14.67
N LEU A 2436 30.71 -12.27 -13.50
CA LEU A 2436 31.78 -11.52 -12.85
C LEU A 2436 32.95 -12.45 -12.52
N ASP A 2437 32.66 -13.69 -12.12
CA ASP A 2437 33.73 -14.61 -11.78
C ASP A 2437 34.57 -14.96 -13.00
N ILE A 2438 33.93 -15.25 -14.13
CA ILE A 2438 34.71 -15.58 -15.33
C ILE A 2438 35.49 -14.35 -15.78
N ILE A 2439 34.90 -13.16 -15.66
CA ILE A 2439 35.63 -11.95 -16.02
C ILE A 2439 36.87 -11.81 -15.16
N TYR A 2440 36.73 -12.06 -13.86
CA TYR A 2440 37.89 -12.00 -12.96
C TYR A 2440 38.96 -13.00 -13.38
N LYS A 2441 38.54 -14.20 -13.81
CA LYS A 2441 39.51 -15.22 -14.16
C LYS A 2441 40.25 -14.89 -15.46
N MET A 2442 39.53 -14.45 -16.49
CA MET A 2442 40.16 -14.22 -17.78
C MET A 2442 40.70 -12.81 -17.97
N MET A 2443 40.45 -11.92 -17.01
CA MET A 2443 40.95 -10.55 -17.13
C MET A 2443 42.48 -10.44 -17.16
N PRO A 2444 43.26 -11.20 -16.38
CA PRO A 2444 44.72 -11.05 -16.46
C PRO A 2444 45.30 -11.31 -17.83
N LYS A 2445 44.62 -12.07 -18.70
CA LYS A 2445 45.09 -12.33 -20.05
C LYS A 2445 44.48 -11.39 -21.07
N LEU A 2446 43.70 -10.40 -20.64
CA LEU A 2446 42.99 -9.53 -21.56
C LEU A 2446 43.94 -8.54 -22.21
N LYS A 2447 43.37 -7.63 -22.99
CA LYS A 2447 44.08 -6.53 -23.61
C LYS A 2447 43.40 -5.22 -23.25
N PRO A 2448 44.16 -4.13 -23.15
CA PRO A 2448 43.55 -2.86 -22.73
C PRO A 2448 42.39 -2.41 -23.60
N VAL A 2449 42.49 -2.61 -24.92
CA VAL A 2449 41.39 -2.22 -25.81
C VAL A 2449 40.14 -3.02 -25.49
N GLU A 2450 40.30 -4.31 -25.21
CA GLU A 2450 39.16 -5.14 -24.83
C GLU A 2450 38.73 -4.88 -23.39
N LEU A 2451 39.69 -4.57 -22.50
CA LEU A 2451 39.32 -4.28 -21.12
C LEU A 2451 38.50 -3.01 -21.00
N ARG A 2452 38.76 -2.02 -21.86
CA ARG A 2452 37.95 -0.81 -21.85
C ARG A 2452 36.51 -1.12 -22.20
N GLU A 2453 36.29 -1.97 -23.20
CA GLU A 2453 34.93 -2.39 -23.53
C GLU A 2453 34.31 -3.19 -22.40
N LEU A 2454 35.09 -4.05 -21.76
CA LEU A 2454 34.56 -4.88 -20.68
C LEU A 2454 34.27 -4.09 -19.42
N LEU A 2455 34.89 -2.92 -19.25
CA LEU A 2455 34.73 -2.16 -18.02
C LEU A 2455 33.39 -1.44 -17.94
N ASN A 2456 32.83 -1.04 -19.08
CA ASN A 2456 31.56 -0.32 -19.06
C ASN A 2456 30.41 -1.14 -18.47
N PRO A 2457 30.19 -2.40 -18.84
CA PRO A 2457 29.06 -3.14 -18.27
C PRO A 2457 29.24 -3.54 -16.81
N VAL A 2458 30.47 -3.57 -16.29
CA VAL A 2458 30.69 -3.98 -14.91
C VAL A 2458 30.63 -2.80 -13.95
N VAL A 2459 30.83 -1.57 -14.42
CA VAL A 2459 30.73 -0.42 -13.54
C VAL A 2459 29.29 0.08 -13.37
N GLU A 2460 28.38 -0.27 -14.27
CA GLU A 2460 26.98 0.06 -14.07
C GLU A 2460 26.34 -0.98 -13.16
N PHE A 2461 27.04 -1.29 -12.07
CA PHE A 2461 26.69 -2.41 -11.21
C PHE A 2461 26.79 -2.06 -9.72
N VAL A 2462 27.20 -0.84 -9.38
CA VAL A 2462 27.35 -0.46 -7.97
C VAL A 2462 25.99 -0.34 -7.29
N SER A 2463 24.95 -0.02 -8.05
CA SER A 2463 23.61 0.14 -7.49
C SER A 2463 22.85 -1.19 -7.45
N HIS A 2464 23.56 -2.30 -7.40
CA HIS A 2464 22.99 -3.63 -7.43
C HIS A 2464 22.88 -4.23 -6.05
N PRO A 2465 21.78 -4.93 -5.75
CA PRO A 2465 21.69 -5.69 -4.51
C PRO A 2465 22.57 -6.94 -4.57
N SER A 2466 22.44 -7.83 -3.60
CA SER A 2466 23.20 -9.08 -3.56
C SER A 2466 24.70 -8.78 -3.47
N THR A 2467 25.08 -8.27 -2.30
CA THR A 2467 26.41 -7.75 -2.03
C THR A 2467 27.55 -8.70 -2.42
N THR A 2468 27.24 -9.97 -2.68
CA THR A 2468 28.27 -10.86 -3.21
C THR A 2468 28.74 -10.40 -4.59
N CYS A 2469 27.81 -9.96 -5.45
CA CYS A 2469 28.19 -9.41 -6.74
C CYS A 2469 29.06 -8.17 -6.58
N ARG A 2470 28.69 -7.30 -5.65
CA ARG A 2470 29.50 -6.11 -5.40
C ARG A 2470 30.87 -6.48 -4.86
N GLU A 2471 30.94 -7.53 -4.05
CA GLU A 2471 32.23 -7.97 -3.53
C GLU A 2471 33.15 -8.45 -4.64
N GLN A 2472 32.60 -9.26 -5.55
CA GLN A 2472 33.39 -9.69 -6.71
C GLN A 2472 33.79 -8.50 -7.57
N MET A 2473 32.87 -7.53 -7.72
CA MET A 2473 33.16 -6.32 -8.46
C MET A 2473 34.36 -5.59 -7.87
N TYR A 2474 34.32 -5.35 -6.57
CA TYR A 2474 35.39 -4.61 -5.95
C TYR A 2474 36.69 -5.41 -5.94
N ASN A 2475 36.60 -6.75 -5.94
CA ASN A 2475 37.80 -7.56 -6.05
C ASN A 2475 38.47 -7.35 -7.40
N ILE A 2476 37.68 -7.44 -8.48
CA ILE A 2476 38.29 -7.23 -9.80
C ILE A 2476 38.76 -5.79 -9.92
N LEU A 2477 38.12 -4.86 -9.23
CA LEU A 2477 38.55 -3.46 -9.31
C LEU A 2477 39.83 -3.22 -8.51
N MET A 2478 40.01 -3.89 -7.38
CA MET A 2478 41.29 -3.82 -6.69
C MET A 2478 42.41 -4.40 -7.56
N TRP A 2479 42.13 -5.50 -8.26
CA TRP A 2479 43.14 -6.01 -9.16
C TRP A 2479 43.45 -5.02 -10.28
N ILE A 2480 42.40 -4.47 -10.90
CA ILE A 2480 42.57 -3.56 -12.02
C ILE A 2480 43.22 -2.25 -11.58
N HIS A 2481 43.19 -1.93 -10.30
CA HIS A 2481 43.84 -0.72 -9.80
C HIS A 2481 45.29 -0.96 -9.42
N ASP A 2482 45.64 -2.18 -9.00
CA ASP A 2482 47.01 -2.45 -8.58
C ASP A 2482 47.95 -2.60 -9.77
N ASN A 2483 47.47 -3.16 -10.87
CA ASN A 2483 48.31 -3.42 -12.03
C ASN A 2483 48.30 -2.27 -13.04
N TYR A 2484 47.28 -1.44 -13.03
CA TYR A 2484 47.21 -0.28 -13.91
C TYR A 2484 47.63 1.01 -13.24
N ARG A 2485 48.20 0.92 -12.04
CA ARG A 2485 48.77 2.10 -11.40
C ARG A 2485 49.90 2.68 -12.25
N ASP A 2486 50.75 1.80 -12.80
CA ASP A 2486 51.77 2.13 -13.78
C ASP A 2486 52.90 2.95 -13.16
N PRO A 2487 54.11 2.87 -13.69
CA PRO A 2487 55.18 3.78 -13.23
C PRO A 2487 54.97 5.20 -13.73
N GLU A 2488 53.79 5.47 -14.28
CA GLU A 2488 53.31 6.75 -14.80
C GLU A 2488 53.97 7.13 -16.12
N SER A 2489 54.78 6.25 -16.70
CA SER A 2489 55.28 6.49 -18.04
C SER A 2489 54.15 6.40 -19.05
N GLU A 2490 54.11 7.34 -20.00
CA GLU A 2490 53.05 7.38 -20.99
C GLU A 2490 53.15 6.15 -21.89
N THR A 2491 52.21 5.23 -21.73
CA THR A 2491 52.16 4.00 -22.51
C THR A 2491 50.96 3.95 -23.45
N ASP A 2492 49.76 4.17 -22.92
CA ASP A 2492 48.56 4.11 -23.74
C ASP A 2492 47.47 4.95 -23.07
N ASN A 2493 46.59 5.52 -23.91
CA ASN A 2493 45.46 6.27 -23.38
C ASN A 2493 44.50 5.35 -22.65
N ASP A 2494 44.28 4.14 -23.17
CA ASP A 2494 43.39 3.19 -22.51
C ASP A 2494 43.94 2.78 -21.15
N SER A 2495 45.26 2.58 -21.06
CA SER A 2495 45.86 2.22 -19.78
C SER A 2495 45.69 3.32 -18.75
N GLN A 2496 45.61 4.57 -19.18
CA GLN A 2496 45.37 5.69 -18.28
C GLN A 2496 43.90 6.08 -18.21
N GLU A 2497 43.03 5.39 -18.94
CA GLU A 2497 41.60 5.65 -18.88
C GLU A 2497 40.82 4.62 -18.07
N ILE A 2498 41.14 3.34 -18.25
CA ILE A 2498 40.47 2.32 -17.45
C ILE A 2498 40.85 2.47 -15.97
N PHE A 2499 42.10 2.85 -15.70
CA PHE A 2499 42.52 3.10 -14.33
C PHE A 2499 41.71 4.24 -13.71
N LYS A 2500 41.53 5.33 -14.47
CA LYS A 2500 40.76 6.46 -13.97
C LYS A 2500 39.30 6.09 -13.75
N LEU A 2501 38.72 5.31 -14.67
CA LEU A 2501 37.33 4.90 -14.51
C LEU A 2501 37.17 3.98 -13.30
N ALA A 2502 38.12 3.07 -13.09
CA ALA A 2502 38.05 2.16 -11.95
C ALA A 2502 38.22 2.90 -10.64
N LYS A 2503 39.17 3.84 -10.58
CA LYS A 2503 39.38 4.58 -9.35
C LYS A 2503 38.15 5.39 -8.96
N ASP A 2504 37.42 5.91 -9.95
CA ASP A 2504 36.19 6.63 -9.66
C ASP A 2504 35.17 5.72 -8.98
N VAL A 2505 35.03 4.49 -9.48
CA VAL A 2505 34.05 3.57 -8.93
C VAL A 2505 34.46 3.14 -7.52
N LEU A 2506 35.76 2.96 -7.28
CA LEU A 2506 36.22 2.49 -5.99
C LEU A 2506 35.86 3.45 -4.86
N ILE A 2507 36.03 4.75 -5.11
CA ILE A 2507 35.67 5.73 -4.08
C ILE A 2507 34.17 5.71 -3.82
N GLN A 2508 33.37 5.51 -4.87
CA GLN A 2508 31.94 5.41 -4.69
C GLN A 2508 31.55 4.22 -3.83
N GLY A 2509 32.46 3.26 -3.66
CA GLY A 2509 32.21 2.12 -2.81
C GLY A 2509 32.44 2.35 -1.33
N LEU A 2510 32.82 3.57 -0.95
CA LEU A 2510 33.05 3.90 0.45
C LEU A 2510 31.79 4.30 1.18
N ILE A 2511 30.65 4.36 0.50
CA ILE A 2511 29.40 4.83 1.10
C ILE A 2511 28.31 3.78 0.92
N ASP A 2512 28.69 2.56 0.57
CA ASP A 2512 27.71 1.52 0.33
C ASP A 2512 27.26 0.88 1.64
N GLU A 2513 26.25 0.03 1.53
CA GLU A 2513 25.71 -0.69 2.68
C GLU A 2513 26.62 -1.88 3.00
N ASN A 2514 26.14 -2.80 3.83
CA ASN A 2514 26.92 -3.97 4.25
C ASN A 2514 28.24 -3.54 4.84
N PRO A 2515 28.25 -3.01 6.07
CA PRO A 2515 29.46 -2.39 6.64
C PRO A 2515 30.71 -3.23 6.57
N GLY A 2516 30.57 -4.55 6.41
CA GLY A 2516 31.76 -5.37 6.19
C GLY A 2516 32.45 -5.05 4.88
N LEU A 2517 31.66 -4.89 3.81
CA LEU A 2517 32.23 -4.52 2.52
C LEU A 2517 32.86 -3.13 2.58
N GLN A 2518 32.20 -2.19 3.25
CA GLN A 2518 32.77 -0.86 3.40
C GLN A 2518 34.07 -0.90 4.19
N LEU A 2519 34.11 -1.74 5.24
CA LEU A 2519 35.34 -1.89 6.01
C LEU A 2519 36.46 -2.46 5.15
N ILE A 2520 36.13 -3.44 4.30
CA ILE A 2520 37.14 -4.01 3.41
C ILE A 2520 37.67 -2.94 2.46
N ILE A 2521 36.78 -2.14 1.89
CA ILE A 2521 37.19 -1.09 0.97
C ILE A 2521 38.04 -0.05 1.69
N ARG A 2522 37.65 0.29 2.93
CA ARG A 2522 38.41 1.28 3.69
C ARG A 2522 39.80 0.77 4.02
N ASN A 2523 39.91 -0.53 4.38
CA ASN A 2523 41.22 -1.10 4.62
C ASN A 2523 42.07 -1.09 3.36
N PHE A 2524 41.45 -1.41 2.22
CA PHE A 2524 42.18 -1.39 0.96
C PHE A 2524 42.66 0.02 0.61
N TRP A 2525 41.82 1.02 0.86
CA TRP A 2525 42.19 2.40 0.52
C TRP A 2525 43.21 2.97 1.50
N SER A 2526 43.17 2.55 2.76
CA SER A 2526 44.08 3.07 3.78
C SER A 2526 45.39 2.33 3.83
N HIS A 2527 45.56 1.28 3.02
CA HIS A 2527 46.82 0.56 2.99
C HIS A 2527 47.92 1.44 2.41
N GLU A 2528 49.17 1.08 2.73
CA GLU A 2528 50.30 1.83 2.23
C GLU A 2528 50.36 1.76 0.71
N THR A 2529 51.20 2.63 0.13
CA THR A 2529 51.42 2.81 -1.30
C THR A 2529 50.20 3.38 -2.01
N ARG A 2530 49.09 3.61 -1.31
CA ARG A 2530 47.94 4.31 -1.86
C ARG A 2530 47.64 5.60 -1.12
N LEU A 2531 47.50 5.54 0.19
CA LEU A 2531 47.41 6.73 1.04
C LEU A 2531 48.61 6.74 1.96
N PRO A 2532 49.54 7.68 1.80
CA PRO A 2532 50.79 7.62 2.56
C PRO A 2532 50.56 7.65 4.06
N SER A 2533 51.39 6.91 4.79
CA SER A 2533 51.28 6.86 6.24
C SER A 2533 51.68 8.17 6.91
N ASN A 2534 52.43 9.03 6.22
CA ASN A 2534 52.78 10.32 6.77
C ASN A 2534 51.54 11.18 6.93
N THR A 2535 51.48 11.93 8.04
CA THR A 2535 50.28 12.68 8.37
C THR A 2535 49.97 13.74 7.30
N LEU A 2536 50.96 14.59 7.00
CA LEU A 2536 50.75 15.66 6.04
C LEU A 2536 50.52 15.11 4.64
N ASP A 2537 51.27 14.08 4.26
CA ASP A 2537 51.08 13.48 2.95
C ASP A 2537 49.70 12.84 2.83
N ARG A 2538 49.24 12.17 3.89
CA ARG A 2538 47.91 11.60 3.88
C ARG A 2538 46.85 12.69 3.74
N LEU A 2539 47.02 13.80 4.48
CA LEU A 2539 46.06 14.89 4.38
C LEU A 2539 46.02 15.46 2.97
N LEU A 2540 47.20 15.63 2.36
CA LEU A 2540 47.24 16.14 0.99
C LEU A 2540 46.57 15.17 0.02
N ALA A 2541 46.85 13.87 0.16
CA ALA A 2541 46.32 12.89 -0.77
C ALA A 2541 44.84 12.66 -0.59
N LEU A 2542 44.29 12.96 0.59
CA LEU A 2542 42.85 12.78 0.80
C LEU A 2542 42.04 13.63 -0.16
N ASN A 2543 42.58 14.77 -0.58
CA ASN A 2543 41.86 15.61 -1.53
C ASN A 2543 41.73 14.96 -2.89
N SER A 2544 42.67 14.07 -3.24
CA SER A 2544 42.59 13.34 -4.49
C SER A 2544 41.49 12.28 -4.49
N LEU A 2545 40.88 12.02 -3.34
CA LEU A 2545 39.82 11.03 -3.22
C LEU A 2545 38.45 11.67 -3.10
N TYR A 2546 38.24 12.81 -3.76
CA TYR A 2546 36.98 13.52 -3.64
C TYR A 2546 35.84 12.71 -4.25
N SER A 2547 35.89 12.46 -5.56
CA SER A 2547 34.82 11.75 -6.25
C SER A 2547 33.47 12.39 -5.96
N PRO A 2548 33.16 13.53 -6.58
CA PRO A 2548 31.93 14.27 -6.23
C PRO A 2548 30.66 13.43 -6.26
N LYS A 2549 30.74 12.20 -6.76
CA LYS A 2549 29.62 11.28 -6.61
C LYS A 2549 29.29 11.07 -5.14
N ILE A 2550 30.30 11.03 -4.29
CA ILE A 2550 30.12 11.01 -2.84
C ILE A 2550 30.77 12.26 -2.26
N GLU A 2551 29.97 13.07 -1.59
CA GLU A 2551 30.49 14.11 -0.71
C GLU A 2551 29.69 14.26 0.58
N VAL A 2552 28.49 13.67 0.66
CA VAL A 2552 27.71 13.73 1.88
C VAL A 2552 28.49 13.11 3.03
N HIS A 2553 29.19 12.03 2.76
CA HIS A 2553 30.01 11.35 3.76
C HIS A 2553 31.49 11.68 3.62
N PHE A 2554 31.86 12.64 2.76
CA PHE A 2554 33.28 12.85 2.48
C PHE A 2554 34.02 13.34 3.72
N LEU A 2555 33.41 14.26 4.48
CA LEU A 2555 34.10 14.79 5.65
C LEU A 2555 34.30 13.70 6.70
N SER A 2556 33.28 12.88 6.94
CA SER A 2556 33.42 11.80 7.91
C SER A 2556 34.48 10.81 7.48
N LEU A 2557 34.51 10.46 6.18
CA LEU A 2557 35.53 9.53 5.71
C LEU A 2557 36.92 10.12 5.79
N ALA A 2558 37.06 11.41 5.47
CA ALA A 2558 38.36 12.05 5.53
C ALA A 2558 38.89 12.09 6.95
N THR A 2559 38.04 12.47 7.91
CA THR A 2559 38.49 12.48 9.29
C THR A 2559 38.72 11.07 9.82
N ASN A 2560 37.96 10.09 9.32
CA ASN A 2560 38.19 8.70 9.69
C ASN A 2560 39.57 8.24 9.23
N PHE A 2561 39.93 8.55 7.99
CA PHE A 2561 41.26 8.19 7.50
C PHE A 2561 42.34 8.92 8.28
N LEU A 2562 42.10 10.19 8.62
CA LEU A 2562 43.10 10.96 9.35
C LEU A 2562 43.33 10.41 10.74
N LEU A 2563 42.27 10.02 11.43
CA LEU A 2563 42.38 9.56 12.82
C LEU A 2563 42.57 8.06 12.96
N GLU A 2564 42.48 7.30 11.88
CA GLU A 2564 42.78 5.87 11.96
C GLU A 2564 44.26 5.63 12.13
N MET A 2565 45.10 6.50 11.56
CA MET A 2565 46.54 6.31 11.61
C MET A 2565 47.05 6.44 13.03
N THR A 2566 46.38 7.23 13.88
CA THR A 2566 46.86 7.46 15.24
C THR A 2566 46.82 6.20 16.10
N SER A 2567 46.17 5.13 15.64
CA SER A 2567 46.13 3.91 16.43
C SER A 2567 47.45 3.17 16.40
N MET A 2568 48.26 3.28 15.31
CA MET A 2568 49.66 2.81 15.35
C MET A 2568 50.57 3.69 16.19
N SER A 2569 50.12 4.88 16.59
CA SER A 2569 50.99 5.77 17.34
C SER A 2569 51.34 5.17 18.70
N PRO A 2570 52.59 5.27 19.12
CA PRO A 2570 53.03 4.70 20.41
C PRO A 2570 52.66 5.58 21.61
N ASP A 2571 51.41 6.04 21.64
CA ASP A 2571 50.91 6.88 22.73
C ASP A 2571 49.48 6.43 23.05
N TYR A 2572 49.37 5.47 23.97
CA TYR A 2572 48.08 5.15 24.56
C TYR A 2572 48.19 4.86 26.06
N PRO A 2573 48.86 5.71 26.85
CA PRO A 2573 48.77 5.56 28.31
C PRO A 2573 47.66 6.42 28.87
N ASN A 2574 47.50 6.44 30.19
CA ASN A 2574 46.61 7.40 30.80
C ASN A 2574 47.25 8.79 30.69
N PRO A 2575 46.61 9.77 30.05
CA PRO A 2575 47.29 11.04 29.82
C PRO A 2575 47.19 12.00 31.00
N MET A 2576 47.37 11.47 32.21
CA MET A 2576 47.33 12.22 33.46
C MET A 2576 47.80 11.28 34.57
N PHE A 2577 47.91 11.83 35.78
CA PHE A 2577 48.10 11.03 36.98
C PHE A 2577 46.78 11.03 37.75
N GLU A 2578 46.35 9.84 38.17
CA GLU A 2578 44.97 9.67 38.60
C GLU A 2578 44.80 10.05 40.06
N HIS A 2579 43.86 10.95 40.33
CA HIS A 2579 43.48 11.32 41.68
C HIS A 2579 42.12 12.04 41.67
N LEU A 2780 37.35 6.94 43.55
CA LEU A 2780 36.09 7.27 42.90
C LEU A 2780 35.89 8.75 42.49
N PRO A 2781 36.58 9.72 43.12
CA PRO A 2781 36.45 11.11 42.64
C PRO A 2781 36.91 11.32 41.21
N ASP A 2782 37.75 10.44 40.65
CA ASP A 2782 38.25 10.65 39.30
C ASP A 2782 38.44 9.30 38.61
N ILE A 2783 38.02 9.24 37.34
CA ILE A 2783 38.14 8.04 36.54
C ILE A 2783 38.92 8.37 35.28
N GLN A 2784 39.89 9.27 35.40
CA GLN A 2784 40.67 9.74 34.26
C GLN A 2784 41.30 8.57 33.51
N ILE A 2785 41.10 8.52 32.20
CA ILE A 2785 41.26 7.31 31.42
C ILE A 2785 42.01 7.65 30.12
N LYS A 2786 42.62 6.62 29.52
CA LYS A 2786 43.55 6.72 28.41
C LYS A 2786 42.98 7.41 27.17
N HIS A 2787 43.87 7.68 26.20
CA HIS A 2787 43.50 8.46 25.02
C HIS A 2787 42.45 7.76 24.18
N SER A 2788 42.58 6.45 24.00
CA SER A 2788 41.74 5.74 23.04
C SER A 2788 40.26 5.78 23.40
N SER A 2789 39.93 6.11 24.65
CA SER A 2789 38.54 6.21 25.06
C SER A 2789 37.92 7.56 24.71
N LEU A 2790 38.69 8.48 24.15
CA LEU A 2790 38.20 9.79 23.73
C LEU A 2790 38.20 9.96 22.22
N ILE A 2791 39.22 9.45 21.53
CA ILE A 2791 39.27 9.57 20.08
C ILE A 2791 38.18 8.73 19.43
N THR A 2792 38.04 7.48 19.87
CA THR A 2792 37.07 6.59 19.23
C THR A 2792 35.63 7.09 19.35
N PRO A 2793 35.12 7.51 20.51
CA PRO A 2793 33.77 8.08 20.52
C PRO A 2793 33.67 9.35 19.68
N LEU A 2794 34.75 10.11 19.59
CA LEU A 2794 34.74 11.30 18.75
C LEU A 2794 34.47 10.94 17.30
N GLN A 2795 35.14 9.89 16.79
CA GLN A 2795 34.87 9.45 15.43
C GLN A 2795 33.48 8.85 15.30
N ALA A 2796 33.05 8.09 16.31
CA ALA A 2796 31.73 7.47 16.26
C ALA A 2796 30.63 8.50 16.21
N VAL A 2797 30.85 9.68 16.82
CA VAL A 2797 29.85 10.74 16.74
C VAL A 2797 30.07 11.62 15.51
N ALA A 2798 31.30 11.72 15.00
CA ALA A 2798 31.55 12.50 13.80
C ALA A 2798 30.89 11.84 12.60
N GLN A 2799 30.96 10.52 12.50
CA GLN A 2799 30.32 9.83 11.38
C GLN A 2799 28.81 9.72 11.54
N ARG A 2800 28.24 10.25 12.62
CA ARG A 2800 26.80 10.19 12.83
C ARG A 2800 26.07 11.38 12.21
N ASP A 2801 26.43 12.59 12.59
CA ASP A 2801 25.82 13.80 12.05
C ASP A 2801 26.90 14.71 11.49
N PRO A 2802 26.56 15.57 10.52
CA PRO A 2802 27.60 16.28 9.77
C PRO A 2802 28.20 17.48 10.48
N ILE A 2803 27.52 18.09 11.44
CA ILE A 2803 28.04 19.33 12.03
C ILE A 2803 29.32 19.07 12.80
N ILE A 2804 29.31 18.06 13.67
CA ILE A 2804 30.50 17.78 14.46
C ILE A 2804 31.61 17.26 13.55
N ALA A 2805 31.26 16.55 12.48
CA ALA A 2805 32.26 16.11 11.52
C ALA A 2805 32.94 17.29 10.84
N LYS A 2806 32.15 18.29 10.44
CA LYS A 2806 32.71 19.49 9.83
C LYS A 2806 33.63 20.20 10.80
N GLN A 2807 33.19 20.33 12.05
CA GLN A 2807 34.03 20.98 13.06
C GLN A 2807 35.32 20.21 13.27
N LEU A 2808 35.24 18.88 13.33
CA LEU A 2808 36.42 18.06 13.57
C LEU A 2808 37.41 18.17 12.41
N PHE A 2809 36.91 18.08 11.18
CA PHE A 2809 37.80 18.19 10.04
C PHE A 2809 38.44 19.56 9.96
N SER A 2810 37.67 20.62 10.22
CA SER A 2810 38.24 21.96 10.18
C SER A 2810 39.32 22.13 11.24
N SER A 2811 39.07 21.63 12.45
CA SER A 2811 40.07 21.74 13.51
C SER A 2811 41.31 20.94 13.18
N LEU A 2812 41.16 19.72 12.66
CA LEU A 2812 42.31 18.91 12.30
C LEU A 2812 43.12 19.57 11.18
N PHE A 2813 42.43 20.11 10.17
CA PHE A 2813 43.12 20.80 9.10
C PHE A 2813 43.91 21.98 9.62
N SER A 2814 43.28 22.80 10.47
CA SER A 2814 43.98 23.95 11.01
C SER A 2814 45.18 23.53 11.85
N GLY A 2815 45.02 22.48 12.66
CA GLY A 2815 46.13 22.04 13.48
C GLY A 2815 47.30 21.52 12.66
N ILE A 2816 47.01 20.69 11.65
CA ILE A 2816 48.08 20.15 10.82
C ILE A 2816 48.77 21.28 10.04
N LEU A 2817 47.98 22.21 9.51
CA LEU A 2817 48.55 23.33 8.77
C LEU A 2817 49.46 24.18 9.66
N LYS A 2818 49.02 24.42 10.90
CA LYS A 2818 49.85 25.19 11.82
C LYS A 2818 51.11 24.43 12.21
N GLU A 2819 51.01 23.12 12.42
CA GLU A 2819 52.15 22.34 12.87
C GLU A 2819 53.15 22.07 11.75
N MET A 2820 52.73 22.19 10.49
CA MET A 2820 53.68 21.98 9.39
C MET A 2820 54.81 23.01 9.44
N ASP A 2821 54.54 24.20 9.99
CA ASP A 2821 55.48 25.31 9.93
C ASP A 2821 56.82 24.99 10.56
N LYS A 2822 56.88 24.00 11.45
CA LYS A 2822 58.16 23.63 12.06
C LYS A 2822 58.95 22.71 11.16
N PHE A 2823 58.35 21.60 10.73
CA PHE A 2823 59.04 20.59 9.93
C PHE A 2823 58.84 20.81 8.43
N LYS A 2824 59.14 22.02 7.96
CA LYS A 2824 58.98 22.34 6.56
C LYS A 2824 59.74 23.62 6.25
N THR A 2825 59.96 23.87 4.97
CA THR A 2825 60.62 25.08 4.49
C THR A 2825 59.63 25.92 3.68
N LEU A 2826 59.92 27.22 3.62
CA LEU A 2826 58.99 28.17 3.00
C LEU A 2826 58.77 27.85 1.52
N SER A 2827 59.84 27.50 0.81
CA SER A 2827 59.72 27.21 -0.62
C SER A 2827 58.78 26.02 -0.86
N GLU A 2828 58.92 24.97 -0.05
CA GLU A 2828 58.01 23.84 -0.17
C GLU A 2828 56.63 24.17 0.40
N LYS A 2829 56.57 25.00 1.45
CA LYS A 2829 55.29 25.40 2.01
C LYS A 2829 54.43 26.09 0.96
N ASN A 2830 55.05 26.91 0.12
CA ASN A 2830 54.30 27.57 -0.94
C ASN A 2830 53.70 26.55 -1.90
N ASN A 2831 54.46 25.51 -2.24
CA ASN A 2831 53.94 24.48 -3.14
C ASN A 2831 52.78 23.73 -2.49
N ILE A 2832 52.90 23.39 -1.20
CA ILE A 2832 51.80 22.70 -0.53
C ILE A 2832 50.56 23.57 -0.50
N THR A 2833 50.72 24.86 -0.18
CA THR A 2833 49.57 25.75 -0.13
C THR A 2833 48.93 25.91 -1.50
N GLN A 2834 49.75 26.02 -2.55
CA GLN A 2834 49.21 26.14 -3.91
C GLN A 2834 48.45 24.88 -4.30
N LYS A 2835 48.98 23.70 -3.96
CA LYS A 2835 48.29 22.46 -4.25
C LYS A 2835 46.96 22.39 -3.51
N LEU A 2836 46.95 22.79 -2.24
CA LEU A 2836 45.71 22.78 -1.48
C LEU A 2836 44.69 23.74 -2.07
N LEU A 2837 45.14 24.92 -2.50
CA LEU A 2837 44.24 25.89 -3.10
C LEU A 2837 43.65 25.35 -4.41
N GLN A 2838 44.49 24.70 -5.23
CA GLN A 2838 43.98 24.12 -6.47
C GLN A 2838 42.97 23.02 -6.18
N ASP A 2839 43.24 22.19 -5.16
CA ASP A 2839 42.31 21.13 -4.82
C ASP A 2839 40.99 21.70 -4.32
N PHE A 2840 41.03 22.79 -3.55
CA PHE A 2840 39.80 23.42 -3.08
C PHE A 2840 39.02 24.04 -4.24
N ASN A 2841 39.73 24.64 -5.20
CA ASN A 2841 39.06 25.16 -6.38
C ASN A 2841 38.39 24.05 -7.15
N ARG A 2842 39.06 22.90 -7.29
CA ARG A 2842 38.43 21.76 -7.95
C ARG A 2842 37.22 21.28 -7.17
N PHE A 2843 37.31 21.25 -5.84
CA PHE A 2843 36.17 20.89 -5.01
C PHE A 2843 34.97 21.78 -5.31
N LEU A 2844 35.19 23.10 -5.32
CA LEU A 2844 34.10 24.03 -5.51
C LEU A 2844 33.59 24.05 -6.94
N ASN A 2845 34.41 23.66 -7.91
CA ASN A 2845 33.98 23.68 -9.31
C ASN A 2845 33.26 22.41 -9.73
N THR A 2846 33.76 21.24 -9.33
CA THR A 2846 33.19 19.98 -9.76
C THR A 2846 31.97 19.55 -8.95
N THR A 2847 31.72 20.19 -7.82
CA THR A 2847 30.58 19.80 -6.97
C THR A 2847 29.28 20.05 -7.71
N PHE A 2848 28.36 19.09 -7.61
CA PHE A 2848 27.06 19.22 -8.26
C PHE A 2848 25.89 19.18 -7.29
N SER A 2849 25.95 18.37 -6.23
CA SER A 2849 24.92 18.37 -5.19
C SER A 2849 25.49 19.10 -3.98
N PHE A 2850 25.43 20.43 -4.03
CA PHE A 2850 26.11 21.27 -3.05
C PHE A 2850 25.67 20.95 -1.62
N PHE A 2851 26.58 20.41 -0.83
CA PHE A 2851 26.30 20.07 0.56
C PHE A 2851 26.55 21.28 1.44
N PRO A 2852 25.58 21.72 2.22
CA PRO A 2852 25.78 22.91 3.06
C PRO A 2852 26.98 22.76 3.99
N PRO A 2853 27.05 21.71 4.83
CA PRO A 2853 28.17 21.65 5.77
C PRO A 2853 29.51 21.45 5.09
N PHE A 2854 29.58 20.73 3.97
CA PHE A 2854 30.85 20.52 3.30
C PHE A 2854 31.37 21.83 2.70
N VAL A 2855 30.50 22.56 1.99
CA VAL A 2855 30.90 23.84 1.42
C VAL A 2855 31.29 24.81 2.53
N SER A 2856 30.51 24.83 3.61
CA SER A 2856 30.81 25.71 4.73
C SER A 2856 32.18 25.37 5.33
N CYS A 2857 32.48 24.09 5.48
CA CYS A 2857 33.77 23.69 6.04
C CYS A 2857 34.91 24.11 5.12
N ILE A 2858 34.74 23.92 3.81
CA ILE A 2858 35.80 24.28 2.87
C ILE A 2858 36.07 25.77 2.93
N GLN A 2859 35.01 26.58 2.87
CA GLN A 2859 35.20 28.02 2.92
C GLN A 2859 35.72 28.48 4.28
N ASP A 2860 35.37 27.77 5.35
CA ASP A 2860 35.84 28.14 6.67
C ASP A 2860 37.34 27.91 6.80
N ILE A 2861 37.82 26.74 6.36
CA ILE A 2861 39.26 26.51 6.45
C ILE A 2861 40.00 27.42 5.47
N SER A 2862 39.35 27.79 4.36
CA SER A 2862 39.97 28.76 3.46
C SER A 2862 40.11 30.12 4.13
N CYS A 2863 39.09 30.54 4.88
CA CYS A 2863 39.09 31.90 5.42
C CYS A 2863 40.19 32.11 6.45
N GLN A 2864 40.57 31.07 7.18
CA GLN A 2864 41.53 31.20 8.28
C GLN A 2864 42.96 30.90 7.86
N HIS A 2865 43.29 31.14 6.59
CA HIS A 2865 44.66 30.93 6.12
C HIS A 2865 44.96 31.93 5.03
N ALA A 2866 46.06 32.67 5.19
CA ALA A 2866 46.40 33.73 4.25
C ALA A 2866 46.74 33.20 2.86
N ALA A 2867 47.08 31.92 2.74
CA ALA A 2867 47.44 31.38 1.43
C ALA A 2867 46.23 30.94 0.63
N LEU A 2868 45.14 30.58 1.29
CA LEU A 2868 43.94 30.10 0.62
C LEU A 2868 42.90 31.19 0.40
N LEU A 2869 43.22 32.44 0.73
CA LEU A 2869 42.28 33.53 0.54
C LEU A 2869 42.06 33.87 -0.93
N SER A 2870 42.91 33.37 -1.84
CA SER A 2870 42.78 33.66 -3.26
C SER A 2870 41.86 32.69 -3.97
N LEU A 2871 40.93 32.09 -3.26
CA LEU A 2871 40.00 31.14 -3.86
C LEU A 2871 39.12 31.86 -4.88
N ASP A 2872 38.79 31.15 -5.97
CA ASP A 2872 38.03 31.71 -7.08
C ASP A 2872 36.71 32.31 -6.62
N PRO A 2873 36.55 33.63 -6.71
CA PRO A 2873 35.32 34.26 -6.22
C PRO A 2873 34.07 33.77 -6.93
N ALA A 2874 34.15 33.47 -8.23
CA ALA A 2874 32.97 32.96 -8.93
C ALA A 2874 32.52 31.63 -8.34
N ALA A 2875 33.47 30.74 -8.05
CA ALA A 2875 33.14 29.46 -7.45
C ALA A 2875 32.50 29.64 -6.06
N VAL A 2876 33.07 30.53 -5.26
CA VAL A 2876 32.51 30.79 -3.92
C VAL A 2876 31.09 31.31 -4.04
N SER A 2877 30.87 32.28 -4.92
CA SER A 2877 29.53 32.85 -5.08
C SER A 2877 28.54 31.79 -5.53
N ALA A 2878 28.92 30.98 -6.52
CA ALA A 2878 28.02 29.94 -7.01
C ALA A 2878 27.70 28.94 -5.91
N GLY A 2879 28.71 28.50 -5.18
CA GLY A 2879 28.48 27.51 -4.14
C GLY A 2879 27.59 28.04 -3.02
N CYS A 2880 27.86 29.25 -2.56
CA CYS A 2880 27.06 29.83 -1.49
C CYS A 2880 25.62 30.07 -1.96
N LEU A 2881 25.44 30.57 -3.19
CA LEU A 2881 24.09 30.79 -3.69
C LEU A 2881 23.32 29.49 -3.82
N ALA A 2882 23.98 28.43 -4.30
CA ALA A 2882 23.28 27.17 -4.52
C ALA A 2882 22.99 26.46 -3.20
N SER A 2883 23.91 26.53 -2.24
CA SER A 2883 23.76 25.85 -0.97
C SER A 2883 23.10 26.71 0.11
N LEU A 2884 22.78 27.96 -0.20
CA LEU A 2884 22.17 28.89 0.75
C LEU A 2884 22.99 28.99 2.03
N GLN A 2885 24.29 29.23 1.84
CA GLN A 2885 25.24 29.46 2.92
C GLN A 2885 25.96 30.79 2.71
N GLN A 2886 25.16 31.83 2.44
CA GLN A 2886 25.72 33.13 2.09
C GLN A 2886 26.69 33.70 3.13
N PRO A 2887 26.39 33.70 4.43
CA PRO A 2887 27.25 34.44 5.37
C PRO A 2887 28.71 34.00 5.38
N VAL A 2888 28.99 32.70 5.26
CA VAL A 2888 30.37 32.26 5.32
C VAL A 2888 31.15 32.73 4.10
N GLY A 2889 30.55 32.62 2.92
CA GLY A 2889 31.19 33.16 1.73
C GLY A 2889 31.36 34.67 1.79
N ILE A 2890 30.37 35.36 2.37
CA ILE A 2890 30.48 36.81 2.54
C ILE A 2890 31.68 37.15 3.41
N ARG A 2891 31.83 36.43 4.52
CA ARG A 2891 32.97 36.67 5.40
C ARG A 2891 34.29 36.36 4.71
N LEU A 2892 34.32 35.28 3.93
CA LEU A 2892 35.54 34.93 3.21
C LEU A 2892 35.93 36.01 2.21
N LEU A 2893 34.96 36.50 1.44
CA LEU A 2893 35.24 37.54 0.46
C LEU A 2893 35.65 38.83 1.14
N GLU A 2894 34.99 39.19 2.25
CA GLU A 2894 35.37 40.39 2.97
C GLU A 2894 36.79 40.30 3.51
N GLU A 2895 37.17 39.13 4.03
CA GLU A 2895 38.53 38.94 4.52
C GLU A 2895 39.53 38.99 3.38
N ALA A 2896 39.18 38.42 2.23
CA ALA A 2896 40.08 38.47 1.07
C ALA A 2896 40.25 39.89 0.58
N LEU A 2897 39.22 40.72 0.72
CA LEU A 2897 39.29 42.11 0.31
C LEU A 2897 40.02 43.00 1.31
N LEU A 2898 40.70 42.41 2.29
CA LEU A 2898 41.39 43.17 3.33
C LEU A 2898 42.90 42.96 3.31
N ARG A 2899 43.45 42.57 2.17
CA ARG A 2899 44.90 42.37 2.06
C ARG A 2899 45.36 42.47 0.60
N PRO A 2917 41.92 45.29 -12.92
CA PRO A 2917 42.35 44.62 -11.69
C PRO A 2917 41.36 43.56 -11.23
N PRO A 2918 41.86 42.49 -10.58
CA PRO A 2918 40.99 41.43 -10.06
C PRO A 2918 40.40 41.74 -8.69
N ASP A 2919 39.93 42.98 -8.51
CA ASP A 2919 39.25 43.40 -7.30
C ASP A 2919 37.79 43.73 -7.54
N VAL A 2920 37.46 44.33 -8.68
CA VAL A 2920 36.06 44.56 -9.02
C VAL A 2920 35.32 43.24 -9.16
N LEU A 2921 36.02 42.18 -9.56
CA LEU A 2921 35.40 40.86 -9.58
C LEU A 2921 34.99 40.43 -8.19
N ARG A 2922 35.86 40.64 -7.20
CA ARG A 2922 35.50 40.34 -5.82
C ARG A 2922 34.33 41.20 -5.36
N TRP A 2923 34.34 42.48 -5.72
CA TRP A 2923 33.24 43.36 -5.36
C TRP A 2923 31.95 42.92 -6.03
N VAL A 2924 32.03 42.51 -7.29
CA VAL A 2924 30.84 42.04 -7.99
C VAL A 2924 30.27 40.80 -7.31
N GLU A 2925 31.15 39.85 -6.96
CA GLU A 2925 30.67 38.64 -6.29
C GLU A 2925 30.09 38.96 -4.92
N LEU A 2926 30.72 39.88 -4.18
CA LEU A 2926 30.19 40.26 -2.87
C LEU A 2926 28.83 40.92 -3.00
N ALA A 2927 28.65 41.77 -4.01
CA ALA A 2927 27.34 42.37 -4.25
C ALA A 2927 26.31 41.30 -4.59
N LYS A 2928 26.69 40.34 -5.43
CA LYS A 2928 25.78 39.26 -5.77
C LYS A 2928 25.38 38.45 -4.54
N LEU A 2929 26.34 38.23 -3.63
CA LEU A 2929 26.04 37.50 -2.40
C LEU A 2929 25.11 38.30 -1.51
N TYR A 2930 25.40 39.58 -1.29
CA TYR A 2930 24.59 40.39 -0.40
C TYR A 2930 23.17 40.54 -0.92
N ARG A 2931 23.02 40.72 -2.23
CA ARG A 2931 21.68 40.90 -2.80
C ARG A 2931 20.77 39.73 -2.50
N SER A 2932 21.33 38.53 -2.33
CA SER A 2932 20.50 37.34 -2.12
C SER A 2932 19.82 37.36 -0.75
N ILE A 2933 20.46 37.96 0.26
CA ILE A 2933 19.92 37.92 1.63
C ILE A 2933 19.37 39.28 2.00
N GLY A 2934 18.89 40.03 1.02
CA GLY A 2934 18.37 41.35 1.32
C GLY A 2934 19.51 42.30 1.62
N GLU A 2935 19.36 43.07 2.69
CA GLU A 2935 20.37 44.04 3.11
C GLU A 2935 20.74 44.96 1.94
N TYR A 2936 19.72 45.46 1.25
CA TYR A 2936 19.93 46.30 0.07
C TYR A 2936 20.69 47.57 0.39
N ASP A 2937 20.64 48.04 1.65
CA ASP A 2937 21.40 49.23 2.00
C ASP A 2937 22.89 49.02 1.80
N VAL A 2938 23.40 47.88 2.25
CA VAL A 2938 24.82 47.58 2.08
C VAL A 2938 25.16 47.37 0.62
N LEU A 2939 24.23 46.78 -0.14
CA LEU A 2939 24.43 46.61 -1.57
C LEU A 2939 24.61 47.96 -2.26
N ARG A 2940 23.71 48.91 -1.97
CA ARG A 2940 23.85 50.24 -2.53
C ARG A 2940 25.11 50.93 -2.01
N GLY A 2941 25.53 50.61 -0.79
CA GLY A 2941 26.75 51.20 -0.26
C GLY A 2941 27.99 50.76 -1.02
N ILE A 2942 28.08 49.47 -1.34
CA ILE A 2942 29.24 49.00 -2.10
C ILE A 2942 29.12 49.25 -3.59
N PHE A 2943 27.92 49.55 -4.08
CA PHE A 2943 27.76 49.92 -5.48
C PHE A 2943 28.09 51.37 -5.77
N THR A 2944 28.65 52.10 -4.80
CA THR A 2944 29.03 53.49 -5.00
C THR A 2944 30.54 53.71 -4.93
N SER A 2945 31.18 53.26 -3.86
CA SER A 2945 32.60 53.56 -3.67
C SER A 2945 33.47 52.78 -4.63
N GLU A 2946 33.21 51.48 -4.79
CA GLU A 2946 34.07 50.63 -5.61
C GLU A 2946 33.59 50.57 -7.06
N ILE A 2947 32.38 50.09 -7.28
CA ILE A 2947 31.76 50.11 -8.60
C ILE A 2947 31.16 51.49 -8.83
N GLY A 2948 31.50 52.10 -9.96
CA GLY A 2948 31.08 53.47 -10.17
C GLY A 2948 32.19 54.37 -10.64
N THR A 2949 32.60 55.32 -9.77
CA THR A 2949 33.57 56.36 -10.11
C THR A 2949 33.09 57.24 -11.26
N LYS A 2950 31.77 57.43 -11.36
CA LYS A 2950 31.19 58.36 -12.30
C LYS A 2950 30.28 59.33 -11.56
N GLN A 2951 29.51 60.14 -12.29
CA GLN A 2951 28.56 61.05 -11.68
C GLN A 2951 27.11 60.64 -11.89
N ILE A 2952 26.81 59.95 -12.99
CA ILE A 2952 25.45 59.51 -13.22
C ILE A 2952 25.06 58.40 -12.25
N THR A 2953 26.01 57.50 -11.95
CA THR A 2953 25.70 56.36 -11.10
C THR A 2953 25.32 56.79 -9.69
N GLN A 2954 26.04 57.75 -9.12
CA GLN A 2954 25.72 58.21 -7.78
C GLN A 2954 24.33 58.83 -7.71
N SER A 2955 23.99 59.67 -8.69
CA SER A 2955 22.66 60.28 -8.71
C SER A 2955 21.57 59.23 -8.89
N ALA A 2956 21.81 58.25 -9.77
CA ALA A 2956 20.82 57.20 -9.97
C ALA A 2956 20.60 56.40 -8.71
N LEU A 2957 21.68 56.05 -8.01
CA LEU A 2957 21.55 55.27 -6.78
C LEU A 2957 20.88 56.09 -5.68
N LEU A 2958 21.18 57.39 -5.62
CA LEU A 2958 20.52 58.25 -4.64
C LEU A 2958 19.03 58.33 -4.92
N ALA A 2959 18.64 58.44 -6.19
CA ALA A 2959 17.23 58.44 -6.54
C ALA A 2959 16.57 57.12 -6.20
N GLU A 2960 17.27 56.01 -6.44
CA GLU A 2960 16.71 54.69 -6.13
C GLU A 2960 16.63 54.43 -4.63
N ALA A 2961 17.47 55.11 -3.83
CA ALA A 2961 17.43 54.91 -2.38
C ALA A 2961 16.06 55.30 -1.82
N ARG A 2962 15.61 56.51 -2.13
CA ARG A 2962 14.24 56.87 -1.83
C ARG A 2962 13.31 56.14 -2.78
N SER A 2963 12.03 56.11 -2.42
CA SER A 2963 11.06 55.38 -3.22
C SER A 2963 10.76 56.15 -4.50
N ASP A 2964 11.75 56.22 -5.41
CA ASP A 2964 11.61 56.92 -6.68
C ASP A 2964 12.24 56.04 -7.75
N TYR A 2965 11.43 55.19 -8.38
CA TYR A 2965 11.89 54.23 -9.35
C TYR A 2965 11.62 54.66 -10.78
N SER A 2966 11.35 55.95 -11.00
CA SER A 2966 11.14 56.49 -12.33
C SER A 2966 12.35 57.28 -12.83
N GLU A 2967 12.83 58.24 -12.05
CA GLU A 2967 14.00 59.01 -12.44
C GLU A 2967 15.24 58.12 -12.50
N ALA A 2968 15.36 57.19 -11.55
CA ALA A 2968 16.54 56.33 -11.52
C ALA A 2968 16.64 55.47 -12.78
N ALA A 2969 15.55 54.78 -13.14
CA ALA A 2969 15.58 53.95 -14.34
C ALA A 2969 15.73 54.80 -15.59
N LYS A 2970 15.09 55.97 -15.63
CA LYS A 2970 15.19 56.85 -16.78
C LYS A 2970 16.63 57.25 -17.03
N GLN A 2971 17.31 57.77 -16.00
CA GLN A 2971 18.69 58.19 -16.21
C GLN A 2971 19.64 57.01 -16.34
N TYR A 2972 19.28 55.84 -15.80
CA TYR A 2972 20.08 54.64 -16.05
C TYR A 2972 20.07 54.30 -17.53
N ASP A 2973 18.89 54.28 -18.15
CA ASP A 2973 18.85 53.96 -19.58
C ASP A 2973 19.45 55.09 -20.42
N GLU A 2974 19.34 56.34 -19.96
CA GLU A 2974 20.01 57.43 -20.65
C GLU A 2974 21.52 57.24 -20.64
N ALA A 2975 22.08 56.84 -19.50
CA ALA A 2975 23.51 56.57 -19.43
C ALA A 2975 23.89 55.27 -20.14
N LEU A 2976 22.92 54.39 -20.39
CA LEU A 2976 23.24 53.14 -21.07
C LEU A 2976 23.52 53.36 -22.55
N ASN A 2977 22.71 54.18 -23.22
CA ASN A 2977 22.89 54.46 -24.64
C ASN A 2977 23.56 55.83 -24.78
N LYS A 2978 24.83 55.82 -25.21
CA LYS A 2978 25.60 57.05 -25.31
C LYS A 2978 26.86 56.79 -26.11
N GLN A 2979 27.20 57.72 -27.00
CA GLN A 2979 28.52 57.78 -27.61
C GLN A 2979 29.41 58.82 -26.96
N ASP A 2980 28.88 59.53 -25.97
CA ASP A 2980 29.63 60.48 -25.16
C ASP A 2980 30.42 59.72 -24.09
N TRP A 2981 30.85 60.44 -23.04
CA TRP A 2981 31.66 59.87 -21.97
C TRP A 2981 33.04 59.48 -22.48
N VAL A 2982 33.76 60.45 -23.05
CA VAL A 2982 35.14 60.25 -23.47
C VAL A 2982 36.05 60.53 -22.29
N ASP A 2983 35.46 60.71 -21.11
CA ASP A 2983 36.20 61.05 -19.90
C ASP A 2983 36.52 59.83 -19.04
N GLY A 2984 36.76 58.68 -19.67
CA GLY A 2984 37.13 57.50 -18.92
C GLY A 2984 36.60 56.19 -19.47
N GLU A 2985 35.65 56.25 -20.41
CA GLU A 2985 35.12 55.06 -21.06
C GLU A 2985 34.64 54.03 -20.03
N PRO A 2986 33.46 54.25 -19.42
CA PRO A 2986 33.01 53.42 -18.28
C PRO A 2986 33.32 51.94 -18.41
N THR A 2987 33.78 51.34 -17.31
CA THR A 2987 34.23 49.96 -17.34
C THR A 2987 33.07 49.00 -17.58
N GLU A 2988 33.44 47.76 -17.95
CA GLU A 2988 32.43 46.76 -18.27
C GLU A 2988 31.58 46.42 -17.04
N ALA A 2989 32.21 46.34 -15.87
CA ALA A 2989 31.47 46.02 -14.66
C ALA A 2989 30.42 47.07 -14.35
N GLU A 2990 30.77 48.35 -14.53
CA GLU A 2990 29.81 49.41 -14.28
C GLU A 2990 28.65 49.33 -15.26
N LYS A 2991 28.93 48.99 -16.52
CA LYS A 2991 27.85 48.86 -17.50
C LYS A 2991 26.93 47.69 -17.16
N ASP A 2992 27.50 46.57 -16.72
CA ASP A 2992 26.68 45.44 -16.30
C ASP A 2992 25.82 45.81 -15.10
N PHE A 2993 26.40 46.54 -14.14
CA PHE A 2993 25.62 47.01 -13.00
C PHE A 2993 24.51 47.95 -13.46
N TRP A 2994 24.80 48.82 -14.43
CA TRP A 2994 23.78 49.71 -14.96
C TRP A 2994 22.62 48.92 -15.52
N GLU A 2995 22.91 47.91 -16.33
CA GLU A 2995 21.85 47.11 -16.93
C GLU A 2995 21.04 46.37 -15.86
N LEU A 2996 21.73 45.76 -14.89
CA LEU A 2996 21.02 45.00 -13.87
C LEU A 2996 20.15 45.91 -13.01
N ALA A 2997 20.67 47.08 -12.62
CA ALA A 2997 19.90 48.00 -11.81
C ALA A 2997 18.74 48.57 -12.60
N SER A 2998 18.92 48.81 -13.90
CA SER A 2998 17.81 49.27 -14.73
C SER A 2998 16.70 48.22 -14.79
N LEU A 2999 17.08 46.96 -14.96
CA LEU A 2999 16.08 45.89 -14.96
C LEU A 2999 15.35 45.83 -13.62
N ASP A 3000 16.10 45.92 -12.52
CA ASP A 3000 15.49 45.86 -11.20
C ASP A 3000 14.54 47.04 -10.99
N CYS A 3001 14.96 48.24 -11.41
CA CYS A 3001 14.11 49.42 -11.26
C CYS A 3001 12.86 49.30 -12.10
N TYR A 3002 12.97 48.73 -13.31
CA TYR A 3002 11.79 48.47 -14.11
C TYR A 3002 10.87 47.47 -13.44
N ASN A 3003 11.45 46.52 -12.67
CA ASN A 3003 10.62 45.53 -11.99
C ASN A 3003 9.84 46.15 -10.84
N HIS A 3004 10.45 47.05 -10.10
CA HIS A 3004 9.75 47.71 -8.99
C HIS A 3004 8.55 48.49 -9.52
N LEU A 3005 8.72 49.17 -10.64
CA LEU A 3005 7.60 49.82 -11.31
C LEU A 3005 6.79 48.78 -12.08
N ALA A 3006 5.56 49.15 -12.45
CA ALA A 3006 4.71 48.28 -13.25
C ALA A 3006 4.89 48.61 -14.73
N GLU A 3007 6.03 48.18 -15.26
CA GLU A 3007 6.44 48.45 -16.64
C GLU A 3007 6.96 47.18 -17.29
N TRP A 3008 6.17 46.11 -17.22
CA TRP A 3008 6.62 44.80 -17.69
C TRP A 3008 6.97 44.82 -19.17
N LYS A 3009 6.19 45.53 -19.98
CA LYS A 3009 6.54 45.70 -21.39
C LYS A 3009 7.90 46.36 -21.55
N SER A 3010 8.16 47.42 -20.78
CA SER A 3010 9.44 48.08 -20.85
C SER A 3010 10.57 47.21 -20.30
N LEU A 3011 10.25 46.32 -19.35
CA LEU A 3011 11.28 45.47 -18.77
C LEU A 3011 11.68 44.34 -19.71
N GLU A 3012 10.71 43.75 -20.40
CA GLU A 3012 11.01 42.56 -21.19
C GLU A 3012 11.94 42.87 -22.34
N TYR A 3013 11.68 43.97 -23.05
CA TYR A 3013 12.52 44.33 -24.19
C TYR A 3013 13.96 44.60 -23.77
N CYS A 3014 14.14 45.36 -22.67
CA CYS A 3014 15.48 45.67 -22.20
C CYS A 3014 16.17 44.47 -21.57
N SER A 3015 15.40 43.51 -21.04
CA SER A 3015 16.00 42.30 -20.51
C SER A 3015 16.45 41.36 -21.62
N THR A 3016 15.70 41.28 -22.69
CA THR A 3016 16.02 40.38 -23.79
C THR A 3016 16.97 41.00 -24.82
N ALA A 3017 17.23 42.31 -24.72
CA ALA A 3017 18.14 42.98 -25.66
C ALA A 3017 19.56 43.00 -25.14
N SER A 3018 20.07 41.82 -24.79
CA SER A 3018 21.46 41.68 -24.37
C SER A 3018 22.11 40.41 -24.87
N ILE A 3019 21.43 39.61 -25.70
CA ILE A 3019 21.97 38.34 -26.17
C ILE A 3019 22.05 38.24 -27.69
N ASP A 3020 21.27 39.03 -28.43
CA ASP A 3020 21.27 38.97 -29.88
C ASP A 3020 20.75 40.28 -30.43
N SER A 3021 20.43 40.29 -31.72
CA SER A 3021 19.93 41.47 -32.41
C SER A 3021 18.42 41.62 -32.17
N GLU A 3022 17.78 42.48 -32.96
CA GLU A 3022 16.35 42.70 -32.83
C GLU A 3022 15.58 41.41 -33.05
N ASN A 3023 14.52 41.22 -32.26
CA ASN A 3023 13.76 39.98 -32.19
C ASN A 3023 14.69 38.84 -31.84
N PRO A 3024 15.26 38.84 -30.63
CA PRO A 3024 16.28 37.85 -30.30
C PRO A 3024 15.66 36.46 -30.16
N PRO A 3025 16.39 35.42 -30.52
CA PRO A 3025 15.92 34.03 -30.35
C PRO A 3025 16.19 33.51 -28.94
N ASP A 3026 15.26 33.79 -28.03
CA ASP A 3026 15.44 33.41 -26.64
C ASP A 3026 15.34 31.90 -26.53
N LEU A 3027 16.36 31.21 -27.04
CA LEU A 3027 16.34 29.75 -27.14
C LEU A 3027 17.80 29.28 -27.19
N ASN A 3028 18.27 28.68 -26.10
CA ASN A 3028 19.61 28.12 -26.00
C ASN A 3028 20.68 29.20 -26.02
N LYS A 3029 20.29 30.45 -26.22
CA LYS A 3029 21.22 31.55 -26.05
C LYS A 3029 21.34 31.94 -24.58
N ILE A 3030 20.21 32.02 -23.88
CA ILE A 3030 20.26 32.13 -22.43
C ILE A 3030 20.86 30.86 -21.83
N TRP A 3031 20.55 29.71 -22.41
CA TRP A 3031 21.10 28.44 -21.94
C TRP A 3031 22.52 28.26 -22.45
N SER A 3032 23.37 29.26 -22.18
CA SER A 3032 24.77 29.28 -22.55
C SER A 3032 25.41 30.44 -21.80
N GLU A 3033 26.59 30.21 -21.23
CA GLU A 3033 27.21 31.18 -20.34
C GLU A 3033 26.22 31.43 -19.21
N PRO A 3034 26.10 30.49 -18.26
CA PRO A 3034 24.98 30.49 -17.31
C PRO A 3034 24.75 31.80 -16.57
N PHE A 3035 25.67 32.76 -16.71
CA PHE A 3035 25.40 34.11 -16.24
C PHE A 3035 24.12 34.67 -16.85
N TYR A 3036 23.84 34.30 -18.11
CA TYR A 3036 22.59 34.71 -18.74
C TYR A 3036 21.38 34.19 -17.95
N GLN A 3037 21.40 32.90 -17.61
CA GLN A 3037 20.31 32.33 -16.82
C GLN A 3037 20.24 32.99 -15.44
N GLU A 3038 21.39 33.29 -14.85
CA GLU A 3038 21.42 33.88 -13.52
C GLU A 3038 20.80 35.28 -13.52
N THR A 3039 21.06 36.06 -14.56
CA THR A 3039 20.67 37.48 -14.56
C THR A 3039 19.39 37.75 -15.33
N TYR A 3040 19.35 37.43 -16.63
CA TYR A 3040 18.27 37.88 -17.48
C TYR A 3040 17.07 36.95 -17.48
N LEU A 3041 17.28 35.65 -17.26
CA LEU A 3041 16.19 34.69 -17.35
C LEU A 3041 15.06 34.99 -16.37
N PRO A 3042 15.29 35.21 -15.07
CA PRO A 3042 14.15 35.44 -14.17
C PRO A 3042 13.35 36.68 -14.51
N TYR A 3043 14.03 37.79 -14.78
CA TYR A 3043 13.31 39.02 -15.12
C TYR A 3043 12.51 38.85 -16.40
N MET A 3044 13.10 38.21 -17.41
CA MET A 3044 12.41 38.03 -18.68
C MET A 3044 11.17 37.16 -18.51
N ILE A 3045 11.31 36.01 -17.82
CA ILE A 3045 10.18 35.11 -17.66
C ILE A 3045 9.09 35.78 -16.81
N ARG A 3046 9.47 36.51 -15.77
CA ARG A 3046 8.48 37.18 -14.94
C ARG A 3046 7.75 38.26 -15.74
N SER A 3047 8.49 39.01 -16.56
CA SER A 3047 7.86 40.06 -17.36
C SER A 3047 6.88 39.47 -18.36
N LYS A 3048 7.28 38.41 -19.06
CA LYS A 3048 6.38 37.79 -20.03
C LYS A 3048 5.16 37.21 -19.35
N LEU A 3049 5.35 36.55 -18.20
CA LEU A 3049 4.22 35.99 -17.48
C LEU A 3049 3.25 37.08 -17.04
N LYS A 3050 3.77 38.15 -16.43
CA LYS A 3050 2.90 39.23 -15.96
C LYS A 3050 2.16 39.89 -17.13
N LEU A 3051 2.86 40.08 -18.25
CA LEU A 3051 2.21 40.64 -19.44
C LEU A 3051 1.09 39.74 -19.93
N LEU A 3052 1.31 38.42 -19.90
CA LEU A 3052 0.28 37.52 -20.41
C LEU A 3052 -0.93 37.51 -19.49
N LEU A 3053 -0.73 37.47 -18.17
CA LEU A 3053 -1.87 37.59 -17.27
C LEU A 3053 -2.51 38.98 -17.31
N GLN A 3054 -1.80 39.99 -17.80
CA GLN A 3054 -2.45 41.29 -17.99
C GLN A 3054 -3.59 41.19 -18.99
N GLY A 3055 -3.40 40.43 -20.06
CA GLY A 3055 -4.44 40.24 -21.06
C GLY A 3055 -3.89 40.23 -22.47
N GLU A 3056 -2.63 40.59 -22.63
CA GLU A 3056 -2.02 40.65 -23.96
C GLU A 3056 -1.76 39.25 -24.49
N ALA A 3057 -2.15 39.01 -25.75
CA ALA A 3057 -1.91 37.73 -26.40
C ALA A 3057 -0.56 37.79 -27.09
N ASP A 3058 0.49 37.57 -26.29
CA ASP A 3058 1.88 37.65 -26.74
C ASP A 3058 2.60 36.36 -26.38
N GLN A 3059 1.98 35.23 -26.72
CA GLN A 3059 2.50 33.92 -26.33
C GLN A 3059 3.88 33.67 -26.93
N SER A 3060 4.90 33.67 -26.07
CA SER A 3060 6.26 33.33 -26.48
C SER A 3060 6.94 32.35 -25.55
N LEU A 3061 6.53 32.26 -24.29
CA LEU A 3061 7.09 31.23 -23.40
C LEU A 3061 6.51 29.86 -23.68
N LEU A 3062 5.27 29.79 -24.17
CA LEU A 3062 4.60 28.51 -24.34
C LEU A 3062 5.43 27.57 -25.20
N THR A 3063 5.85 28.03 -26.39
CA THR A 3063 6.79 27.25 -27.19
C THR A 3063 8.13 27.11 -26.48
N PHE A 3064 8.61 28.20 -25.88
CA PHE A 3064 9.91 28.17 -25.20
C PHE A 3064 9.89 27.19 -24.04
N ILE A 3065 8.84 27.25 -23.21
CA ILE A 3065 8.74 26.32 -22.09
C ILE A 3065 8.56 24.89 -22.59
N ASP A 3066 7.66 24.70 -23.57
CA ASP A 3066 7.36 23.36 -24.04
C ASP A 3066 8.58 22.67 -24.61
N LYS A 3067 9.38 23.39 -25.41
CA LYS A 3067 10.61 22.81 -25.91
C LYS A 3067 11.74 22.87 -24.90
N ALA A 3068 11.55 23.58 -23.78
CA ALA A 3068 12.51 23.55 -22.69
C ALA A 3068 12.34 22.32 -21.80
N MET A 3069 11.25 21.58 -21.95
CA MET A 3069 11.04 20.34 -21.20
C MET A 3069 11.73 19.16 -21.88
N HIS A 3070 13.01 19.32 -22.17
CA HIS A 3070 13.79 18.29 -22.83
C HIS A 3070 15.21 18.33 -22.28
N GLY A 3071 15.65 17.21 -21.71
CA GLY A 3071 16.96 17.14 -21.10
C GLY A 3071 16.99 17.82 -19.75
N GLU A 3072 18.20 17.84 -19.17
CA GLU A 3072 18.41 18.47 -17.87
C GLU A 3072 18.87 19.90 -17.96
N LEU A 3073 19.43 20.32 -19.10
CA LEU A 3073 19.94 21.68 -19.22
C LEU A 3073 18.84 22.72 -19.33
N GLN A 3074 17.59 22.31 -19.56
CA GLN A 3074 16.49 23.24 -19.71
C GLN A 3074 15.26 22.89 -18.87
N LYS A 3075 15.28 21.77 -18.15
CA LYS A 3075 14.16 21.37 -17.31
C LYS A 3075 14.49 21.42 -15.83
N ALA A 3076 15.61 20.83 -15.42
CA ALA A 3076 15.97 20.85 -14.00
C ALA A 3076 16.19 22.28 -13.50
N ILE A 3077 16.85 23.11 -14.32
CA ILE A 3077 17.03 24.51 -13.95
C ILE A 3077 15.68 25.23 -13.93
N LEU A 3078 14.80 24.88 -14.87
CA LEU A 3078 13.49 25.51 -14.95
C LEU A 3078 12.50 24.97 -13.93
N GLU A 3079 12.87 23.93 -13.18
CA GLU A 3079 12.01 23.38 -12.15
C GLU A 3079 12.53 23.58 -10.74
N LEU A 3080 13.83 23.81 -10.57
CA LEU A 3080 14.39 23.99 -9.23
C LEU A 3080 13.91 25.31 -8.61
N HIS A 3081 13.83 26.37 -9.41
CA HIS A 3081 13.49 27.70 -8.92
C HIS A 3081 12.11 28.15 -9.35
N TYR A 3082 11.81 28.11 -10.64
CA TYR A 3082 10.55 28.62 -11.17
C TYR A 3082 9.54 27.48 -11.18
N SER A 3083 8.69 27.42 -10.16
CA SER A 3083 7.62 26.45 -10.09
C SER A 3083 6.25 27.10 -9.96
N GLN A 3084 6.15 28.20 -9.22
CA GLN A 3084 4.90 28.96 -9.21
C GLN A 3084 4.61 29.54 -10.59
N GLU A 3085 5.64 30.03 -11.28
CA GLU A 3085 5.45 30.54 -12.64
C GLU A 3085 5.02 29.41 -13.58
N LEU A 3086 5.63 28.23 -13.44
CA LEU A 3086 5.23 27.10 -14.27
C LEU A 3086 3.79 26.70 -13.98
N SER A 3087 3.39 26.71 -12.71
CA SER A 3087 2.00 26.39 -12.36
C SER A 3087 1.04 27.39 -12.99
N LEU A 3088 1.38 28.69 -12.92
CA LEU A 3088 0.53 29.70 -13.53
C LEU A 3088 0.43 29.51 -15.04
N LEU A 3089 1.57 29.23 -15.68
CA LEU A 3089 1.58 29.03 -17.13
C LEU A 3089 0.75 27.82 -17.52
N TYR A 3090 0.83 26.73 -16.74
CA TYR A 3090 0.10 25.53 -17.10
C TYR A 3090 -1.40 25.67 -16.84
N LEU A 3091 -1.77 26.23 -15.69
CA LEU A 3091 -3.19 26.47 -15.48
C LEU A 3091 -3.72 27.60 -16.35
N LEU A 3092 -2.83 28.33 -17.02
CA LEU A 3092 -3.25 29.33 -17.99
C LEU A 3092 -3.89 28.67 -19.22
N GLN A 3093 -3.16 27.79 -19.89
CA GLN A 3093 -3.71 26.93 -20.93
C GLN A 3093 -4.12 25.63 -20.25
N ASP A 3094 -5.43 25.47 -20.00
CA ASP A 3094 -5.90 24.62 -18.92
C ASP A 3094 -5.51 23.16 -19.08
N ASP A 3095 -4.51 22.74 -18.29
CA ASP A 3095 -4.15 21.34 -18.08
C ASP A 3095 -3.89 21.12 -16.59
N VAL A 3096 -4.83 21.56 -15.76
CA VAL A 3096 -4.65 21.75 -14.33
C VAL A 3096 -4.06 20.53 -13.62
N ASP A 3097 -4.12 19.36 -14.25
CA ASP A 3097 -3.54 18.17 -13.63
C ASP A 3097 -2.04 18.32 -13.47
N ARG A 3098 -1.37 18.92 -14.45
CA ARG A 3098 0.06 19.19 -14.31
C ARG A 3098 0.34 20.41 -13.45
N ALA A 3099 -0.56 21.40 -13.47
CA ALA A 3099 -0.39 22.58 -12.63
C ALA A 3099 -0.42 22.22 -11.15
N LYS A 3100 -1.28 21.26 -10.78
CA LYS A 3100 -1.32 20.80 -9.40
C LYS A 3100 0.01 20.19 -8.99
N TYR A 3101 0.57 19.33 -9.84
CA TYR A 3101 1.87 18.75 -9.54
C TYR A 3101 2.94 19.82 -9.41
N TYR A 3102 2.90 20.81 -10.31
CA TYR A 3102 3.91 21.86 -10.28
C TYR A 3102 3.81 22.69 -9.00
N ILE A 3103 2.59 22.98 -8.55
CA ILE A 3103 2.45 23.80 -7.35
C ILE A 3103 2.83 23.00 -6.10
N GLN A 3104 2.52 21.71 -6.06
CA GLN A 3104 3.02 20.91 -4.94
C GLN A 3104 4.55 20.86 -4.93
N ASN A 3105 5.16 20.73 -6.10
CA ASN A 3105 6.62 20.78 -6.18
C ASN A 3105 7.14 22.13 -5.72
N GLY A 3106 6.45 23.21 -6.06
CA GLY A 3106 6.88 24.53 -5.61
C GLY A 3106 6.78 24.70 -4.11
N ILE A 3107 5.70 24.20 -3.51
CA ILE A 3107 5.58 24.26 -2.06
C ILE A 3107 6.69 23.45 -1.39
N GLN A 3108 6.97 22.26 -1.92
CA GLN A 3108 8.05 21.45 -1.35
C GLN A 3108 9.39 22.16 -1.49
N SER A 3109 9.63 22.80 -2.64
CA SER A 3109 10.88 23.52 -2.83
C SER A 3109 10.99 24.70 -1.86
N PHE A 3110 9.88 25.41 -1.64
CA PHE A 3110 9.91 26.49 -0.66
C PHE A 3110 10.21 25.96 0.74
N MET A 3111 9.60 24.82 1.10
CA MET A 3111 9.87 24.24 2.41
C MET A 3111 11.34 23.89 2.56
N GLN A 3112 11.93 23.29 1.52
CA GLN A 3112 13.35 22.96 1.56
C GLN A 3112 14.20 24.23 1.69
N ASN A 3113 13.87 25.26 0.93
CA ASN A 3113 14.64 26.51 0.99
C ASN A 3113 14.56 27.13 2.38
N TYR A 3114 13.36 27.17 2.97
CA TYR A 3114 13.21 27.71 4.31
C TYR A 3114 14.00 26.86 5.32
N SER A 3115 13.94 25.54 5.18
CA SER A 3115 14.67 24.68 6.09
C SER A 3115 16.17 24.95 6.01
N SER A 3116 16.68 25.23 4.81
CA SER A 3116 18.11 25.46 4.67
C SER A 3116 18.53 26.82 5.22
N ILE A 3117 17.63 27.81 5.19
CA ILE A 3117 17.96 29.16 5.66
C ILE A 3117 18.22 29.13 7.15
N ASP A 3118 19.17 29.95 7.61
CA ASP A 3118 19.48 30.05 9.02
C ASP A 3118 18.28 30.58 9.81
N VAL A 3119 18.42 30.57 11.13
CA VAL A 3119 17.33 31.01 12.00
C VAL A 3119 17.47 32.47 12.42
N LEU A 3120 18.68 33.03 12.40
CA LEU A 3120 18.89 34.42 12.77
C LEU A 3120 19.17 35.31 11.58
N LEU A 3121 19.02 34.80 10.36
CA LEU A 3121 19.19 35.60 9.15
C LEU A 3121 17.86 36.24 8.78
N HIS A 3122 17.49 37.26 9.56
CA HIS A 3122 16.23 37.94 9.33
C HIS A 3122 16.29 38.73 8.01
N GLN A 3123 15.11 39.15 7.56
CA GLN A 3123 14.92 39.87 6.30
C GLN A 3123 15.22 38.98 5.11
N SER A 3124 15.67 37.75 5.37
CA SER A 3124 15.81 36.73 4.35
C SER A 3124 14.81 35.60 4.51
N ARG A 3125 14.54 35.19 5.75
CA ARG A 3125 13.43 34.28 5.99
C ARG A 3125 12.10 34.98 5.76
N LEU A 3126 12.02 36.27 6.08
CA LEU A 3126 10.81 37.03 5.82
C LEU A 3126 10.52 37.10 4.33
N THR A 3127 11.55 37.32 3.51
CA THR A 3127 11.37 37.38 2.07
C THR A 3127 10.83 36.06 1.52
N LYS A 3128 11.39 34.94 2.00
CA LYS A 3128 10.90 33.64 1.56
C LYS A 3128 9.50 33.36 2.10
N LEU A 3129 9.17 33.89 3.27
CA LEU A 3129 7.88 33.64 3.89
C LEU A 3129 6.77 34.44 3.21
N GLN A 3130 7.10 35.60 2.66
CA GLN A 3130 6.06 36.45 2.07
C GLN A 3130 5.42 35.84 0.82
N SER A 3131 6.00 34.79 0.26
CA SER A 3131 5.43 34.16 -0.93
C SER A 3131 4.44 33.04 -0.60
N VAL A 3132 4.34 32.64 0.67
CA VAL A 3132 3.40 31.59 1.02
C VAL A 3132 1.97 32.07 0.79
N GLN A 3133 1.73 33.37 0.90
CA GLN A 3133 0.40 33.89 0.62
C GLN A 3133 -0.01 33.59 -0.82
N ALA A 3134 0.86 33.92 -1.79
CA ALA A 3134 0.56 33.63 -3.18
C ALA A 3134 0.47 32.13 -3.43
N LEU A 3135 1.37 31.36 -2.83
CA LEU A 3135 1.33 29.91 -3.02
C LEU A 3135 -0.01 29.34 -2.57
N THR A 3136 -0.44 29.71 -1.37
CA THR A 3136 -1.70 29.20 -0.85
C THR A 3136 -2.89 29.74 -1.64
N GLU A 3137 -2.82 30.98 -2.12
CA GLU A 3137 -3.92 31.51 -2.93
C GLU A 3137 -4.09 30.71 -4.20
N ILE A 3138 -2.99 30.40 -4.88
CA ILE A 3138 -3.08 29.61 -6.11
C ILE A 3138 -3.56 28.20 -5.81
N GLN A 3139 -3.07 27.60 -4.72
CA GLN A 3139 -3.52 26.26 -4.36
C GLN A 3139 -5.01 26.23 -4.07
N GLU A 3140 -5.50 27.24 -3.33
CA GLU A 3140 -6.92 27.31 -3.02
C GLU A 3140 -7.75 27.54 -4.28
N PHE A 3141 -7.26 28.35 -5.21
CA PHE A 3141 -7.98 28.53 -6.47
C PHE A 3141 -8.05 27.24 -7.25
N ILE A 3142 -6.95 26.48 -7.29
CA ILE A 3142 -6.95 25.20 -8.00
C ILE A 3142 -7.94 24.25 -7.37
N SER A 3143 -7.97 24.19 -6.03
CA SER A 3143 -8.93 23.33 -5.35
C SER A 3143 -10.37 23.77 -5.62
N PHE A 3144 -10.61 25.09 -5.65
CA PHE A 3144 -11.94 25.61 -5.88
C PHE A 3144 -12.44 25.27 -7.27
N ILE A 3145 -11.58 25.42 -8.28
CA ILE A 3145 -12.00 25.14 -9.66
C ILE A 3145 -12.22 23.64 -9.86
N SER A 3146 -11.37 22.82 -9.23
CA SER A 3146 -11.44 21.37 -9.46
C SER A 3146 -12.79 20.80 -9.04
N LYS A 3147 -13.30 21.23 -7.89
CA LYS A 3147 -14.58 20.72 -7.40
C LYS A 3147 -15.72 21.48 -8.05
N GLN A 3148 -16.52 20.77 -8.85
CA GLN A 3148 -17.63 21.39 -9.55
C GLN A 3148 -18.78 21.79 -8.63
N GLY A 3149 -18.77 21.32 -7.37
CA GLY A 3149 -19.82 21.71 -6.45
C GLY A 3149 -19.84 23.20 -6.18
N ASN A 3150 -18.66 23.80 -6.02
CA ASN A 3150 -18.59 25.24 -5.83
C ASN A 3150 -18.90 26.02 -7.11
N LEU A 3151 -18.75 25.39 -8.28
CA LEU A 3151 -19.08 26.07 -9.53
C LEU A 3151 -20.56 26.41 -9.59
N SER A 3152 -21.41 25.48 -9.17
CA SER A 3152 -22.84 25.76 -9.09
C SER A 3152 -23.14 26.67 -7.91
N SER A 3153 -24.26 27.38 -8.00
CA SER A 3153 -24.72 28.33 -6.98
C SER A 3153 -23.75 29.50 -6.84
N GLN A 3154 -24.15 30.53 -6.11
CA GLN A 3154 -23.35 31.75 -5.97
C GLN A 3154 -22.84 31.99 -4.56
N VAL A 3155 -23.31 31.24 -3.57
CA VAL A 3155 -22.82 31.43 -2.21
C VAL A 3155 -21.37 30.97 -2.06
N PRO A 3156 -20.87 29.95 -2.80
CA PRO A 3156 -19.41 29.71 -2.71
C PRO A 3156 -18.60 30.87 -3.24
N LEU A 3157 -19.04 31.50 -4.33
CA LEU A 3157 -18.35 32.68 -4.85
C LEU A 3157 -18.41 33.83 -3.85
N LYS A 3158 -19.56 34.03 -3.22
CA LYS A 3158 -19.68 35.10 -2.24
C LYS A 3158 -18.75 34.86 -1.06
N ARG A 3159 -18.69 33.62 -0.57
CA ARG A 3159 -17.81 33.31 0.55
C ARG A 3159 -16.34 33.49 0.15
N LEU A 3160 -15.97 33.06 -1.05
CA LEU A 3160 -14.60 33.21 -1.51
C LEU A 3160 -14.22 34.68 -1.62
N LEU A 3161 -15.12 35.51 -2.17
CA LEU A 3161 -14.85 36.93 -2.27
C LEU A 3161 -14.74 37.58 -0.90
N ASN A 3162 -15.59 37.15 0.05
CA ASN A 3162 -15.52 37.70 1.40
C ASN A 3162 -14.19 37.34 2.06
N THR A 3163 -13.74 36.10 1.90
CA THR A 3163 -12.46 35.69 2.48
C THR A 3163 -11.31 36.44 1.83
N TRP A 3164 -11.32 36.58 0.50
CA TRP A 3164 -10.20 37.22 -0.19
C TRP A 3164 -10.07 38.68 0.20
N THR A 3165 -11.18 39.40 0.32
CA THR A 3165 -11.13 40.81 0.68
C THR A 3165 -10.81 41.04 2.15
N ASN A 3166 -10.82 39.99 2.97
CA ASN A 3166 -10.56 40.14 4.39
C ASN A 3166 -9.08 40.08 4.72
N ARG A 3167 -8.33 39.20 4.06
CA ARG A 3167 -6.90 39.06 4.31
C ARG A 3167 -6.12 39.74 3.19
N TYR A 3168 -5.28 40.69 3.56
CA TYR A 3168 -4.46 41.45 2.63
C TYR A 3168 -3.01 41.40 3.08
N PRO A 3169 -2.07 41.44 2.15
CA PRO A 3169 -0.67 41.67 2.53
C PRO A 3169 -0.54 43.06 3.14
N ASP A 3170 -0.26 43.13 4.44
CA ASP A 3170 -0.43 44.38 5.17
C ASP A 3170 0.42 45.49 4.58
N ALA A 3171 -0.19 46.66 4.44
CA ALA A 3171 0.52 47.82 3.93
C ALA A 3171 1.57 48.28 4.94
N LYS A 3172 2.50 49.09 4.45
CA LYS A 3172 3.60 49.64 5.24
C LYS A 3172 4.54 48.56 5.77
N MET A 3173 4.37 47.32 5.32
CA MET A 3173 5.19 46.20 5.76
C MET A 3173 5.69 45.32 4.63
N ASP A 3174 5.06 45.31 3.47
CA ASP A 3174 5.42 44.43 2.38
C ASP A 3174 5.79 45.23 1.15
N PRO A 3175 6.94 44.94 0.52
CA PRO A 3175 7.28 45.64 -0.72
C PRO A 3175 6.29 45.29 -1.82
N MET A 3176 6.21 46.18 -2.82
CA MET A 3176 5.13 46.12 -3.79
C MET A 3176 5.20 44.91 -4.72
N ASN A 3177 6.30 44.17 -4.75
CA ASN A 3177 6.31 42.96 -5.57
C ASN A 3177 5.32 41.94 -5.05
N ILE A 3178 5.24 41.76 -3.72
CA ILE A 3178 4.25 40.85 -3.15
C ILE A 3178 2.84 41.36 -3.41
N TRP A 3179 2.62 42.67 -3.26
CA TRP A 3179 1.32 43.24 -3.54
C TRP A 3179 0.90 42.96 -4.98
N ASP A 3180 1.83 43.16 -5.92
CA ASP A 3180 1.53 42.93 -7.32
C ASP A 3180 1.23 41.46 -7.58
N ASP A 3181 2.03 40.56 -7.01
CA ASP A 3181 1.77 39.14 -7.17
C ASP A 3181 0.36 38.80 -6.71
N ILE A 3182 0.00 39.22 -5.50
CA ILE A 3182 -1.28 38.88 -4.93
C ILE A 3182 -2.41 39.45 -5.77
N ILE A 3183 -2.32 40.73 -6.12
CA ILE A 3183 -3.43 41.40 -6.81
C ILE A 3183 -3.59 40.85 -8.22
N THR A 3184 -2.48 40.67 -8.95
CA THR A 3184 -2.57 40.12 -10.29
C THR A 3184 -3.12 38.71 -10.27
N ASN A 3185 -2.65 37.88 -9.33
CA ASN A 3185 -3.16 36.51 -9.25
C ASN A 3185 -4.65 36.50 -8.94
N ARG A 3186 -5.09 37.34 -8.01
CA ARG A 3186 -6.51 37.39 -7.67
C ARG A 3186 -7.35 37.87 -8.84
N CYS A 3187 -6.88 38.91 -9.55
CA CYS A 3187 -7.63 39.42 -10.69
C CYS A 3187 -7.71 38.38 -11.80
N PHE A 3188 -6.61 37.66 -12.06
CA PHE A 3188 -6.63 36.63 -13.07
C PHE A 3188 -7.54 35.48 -12.67
N PHE A 3189 -7.54 35.11 -11.39
CA PHE A 3189 -8.46 34.07 -10.93
C PHE A 3189 -9.90 34.50 -11.11
N LEU A 3190 -10.22 35.76 -10.80
CA LEU A 3190 -11.57 36.25 -11.02
C LEU A 3190 -11.94 36.23 -12.49
N SER A 3191 -11.01 36.61 -13.36
CA SER A 3191 -11.28 36.58 -14.80
C SER A 3191 -11.53 35.16 -15.28
N LYS A 3192 -10.71 34.20 -14.80
CA LYS A 3192 -10.90 32.81 -15.19
C LYS A 3192 -12.22 32.26 -14.68
N ILE A 3193 -12.61 32.65 -13.46
CA ILE A 3193 -13.91 32.23 -12.93
C ILE A 3193 -15.03 32.84 -13.75
N GLU A 3194 -14.85 34.05 -14.25
CA GLU A 3194 -15.88 34.70 -15.06
C GLU A 3194 -15.83 34.19 -16.49
N GLU A 3195 -15.80 32.87 -16.65
CA GLU A 3195 -15.97 32.22 -17.95
C GLU A 3195 -16.89 31.03 -17.89
N LYS A 3196 -17.20 30.51 -16.70
CA LYS A 3196 -18.13 29.39 -16.56
C LYS A 3196 -19.47 29.79 -15.94
N LEU A 3197 -19.56 30.99 -15.38
CA LEU A 3197 -20.82 31.46 -14.81
C LEU A 3197 -20.87 32.99 -14.78
N ASP A 3226 -26.11 40.48 -11.01
CA ASP A 3226 -25.21 39.91 -10.01
C ASP A 3226 -24.18 38.99 -10.67
N ILE A 3227 -23.16 38.61 -9.91
CA ILE A 3227 -21.94 37.97 -10.43
C ILE A 3227 -21.39 38.88 -11.52
N SER A 3228 -21.65 40.18 -11.36
CA SER A 3228 -21.20 41.24 -12.26
C SER A 3228 -21.57 42.55 -11.58
N SER A 3229 -20.70 43.54 -11.66
CA SER A 3229 -20.76 44.72 -10.80
C SER A 3229 -20.65 44.31 -9.33
N LEU A 3230 -20.34 43.03 -9.11
CA LEU A 3230 -19.95 42.50 -7.81
C LEU A 3230 -18.56 41.91 -7.85
N ILE A 3231 -18.27 41.05 -8.84
CA ILE A 3231 -16.89 40.65 -9.10
C ILE A 3231 -16.06 41.85 -9.50
N ARG A 3232 -16.60 42.69 -10.38
CA ARG A 3232 -15.90 43.92 -10.76
C ARG A 3232 -15.81 44.88 -9.57
N SER A 3233 -16.81 44.87 -8.68
CA SER A 3233 -16.71 45.69 -7.48
C SER A 3233 -15.57 45.23 -6.59
N CYS A 3234 -15.43 43.91 -6.42
CA CYS A 3234 -14.31 43.38 -5.65
C CYS A 3234 -12.98 43.73 -6.29
N LYS A 3235 -12.90 43.64 -7.62
CA LYS A 3235 -11.68 44.02 -8.32
C LYS A 3235 -11.35 45.48 -8.09
N PHE A 3236 -12.35 46.35 -8.18
CA PHE A 3236 -12.13 47.77 -7.97
C PHE A 3236 -11.69 48.06 -6.55
N SER A 3237 -12.30 47.38 -5.57
CA SER A 3237 -11.90 47.60 -4.18
C SER A 3237 -10.47 47.12 -3.94
N MET A 3238 -10.10 45.99 -4.52
CA MET A 3238 -8.73 45.50 -4.36
C MET A 3238 -7.73 46.47 -4.98
N LYS A 3239 -8.05 46.99 -6.17
CA LYS A 3239 -7.14 47.95 -6.80
C LYS A 3239 -7.06 49.25 -5.99
N MET A 3240 -8.18 49.68 -5.42
CA MET A 3240 -8.17 50.88 -4.59
C MET A 3240 -7.32 50.67 -3.33
N LYS A 3241 -7.41 49.48 -2.74
CA LYS A 3241 -6.54 49.17 -1.60
C LYS A 3241 -5.08 49.16 -2.02
N MET A 3242 -4.80 48.66 -3.22
CA MET A 3242 -3.45 48.75 -3.78
C MET A 3242 -2.97 50.20 -3.85
N ILE A 3243 -3.82 51.09 -4.37
CA ILE A 3243 -3.43 52.49 -4.51
C ILE A 3243 -3.16 53.11 -3.15
N ASP A 3244 -4.03 52.82 -2.18
CA ASP A 3244 -3.83 53.37 -0.84
C ASP A 3244 -2.53 52.87 -0.23
N SER A 3245 -2.23 51.57 -0.40
CA SER A 3245 -0.98 51.03 0.12
C SER A 3245 0.22 51.68 -0.56
N ALA A 3246 0.13 51.88 -1.88
CA ALA A 3246 1.22 52.53 -2.60
C ALA A 3246 1.46 53.95 -2.09
N ARG A 3247 0.38 54.69 -1.84
CA ARG A 3247 0.52 56.02 -1.26
C ARG A 3247 1.16 55.95 0.11
N LYS A 3248 0.78 54.94 0.91
CA LYS A 3248 1.33 54.81 2.25
C LYS A 3248 2.82 54.54 2.23
N GLN A 3249 3.27 53.69 1.30
CA GLN A 3249 4.66 53.25 1.26
C GLN A 3249 5.57 54.24 0.55
N ASN A 3250 5.07 55.40 0.14
CA ASN A 3250 5.81 56.43 -0.58
C ASN A 3250 6.30 55.97 -1.94
N ASN A 3251 5.88 54.79 -2.39
CA ASN A 3251 6.25 54.27 -3.71
C ASN A 3251 5.42 55.01 -4.75
N PHE A 3252 5.87 56.22 -5.08
CA PHE A 3252 5.11 57.07 -5.99
C PHE A 3252 5.29 56.62 -7.43
N SER A 3253 4.40 57.13 -8.28
CA SER A 3253 4.36 56.90 -9.72
C SER A 3253 3.88 55.49 -10.04
N LEU A 3254 3.82 54.62 -9.03
CA LEU A 3254 3.18 53.32 -9.22
C LEU A 3254 1.69 53.43 -8.97
N ALA A 3255 1.31 54.13 -7.89
CA ALA A 3255 -0.08 54.51 -7.72
C ALA A 3255 -0.56 55.37 -8.88
N MET A 3256 0.31 56.25 -9.37
CA MET A 3256 -0.04 57.05 -10.56
C MET A 3256 -0.25 56.15 -11.78
N LYS A 3257 0.65 55.19 -11.99
CA LYS A 3257 0.53 54.32 -13.16
C LYS A 3257 -0.74 53.50 -13.09
N LEU A 3258 -1.11 53.00 -11.91
CA LEU A 3258 -2.33 52.23 -11.78
C LEU A 3258 -3.59 53.10 -11.83
N LEU A 3259 -3.55 54.31 -11.27
CA LEU A 3259 -4.70 55.19 -11.31
C LEU A 3259 -4.97 55.73 -12.70
N LYS A 3260 -3.93 55.89 -13.52
CA LYS A 3260 -4.17 56.31 -14.91
C LYS A 3260 -4.98 55.27 -15.67
N GLU A 3261 -4.70 53.98 -15.47
CA GLU A 3261 -5.45 52.92 -16.13
C GLU A 3261 -6.75 52.59 -15.41
N LEU A 3262 -6.90 53.02 -14.15
CA LEU A 3262 -8.17 52.89 -13.45
C LEU A 3262 -9.08 54.10 -13.61
N HIS A 3263 -8.61 55.16 -14.26
CA HIS A 3263 -9.43 56.36 -14.40
C HIS A 3263 -10.67 56.10 -15.25
N LYS A 3264 -10.51 55.35 -16.34
CA LYS A 3264 -11.64 55.16 -17.26
C LYS A 3264 -12.77 54.38 -16.59
N GLU A 3265 -12.43 53.35 -15.82
CA GLU A 3265 -13.43 52.52 -15.15
C GLU A 3265 -13.76 53.05 -13.76
N SER A 3266 -14.09 54.33 -13.68
CA SER A 3266 -14.48 54.96 -12.43
C SER A 3266 -15.69 55.86 -12.54
N LYS A 3267 -16.02 56.35 -13.74
CA LYS A 3267 -17.20 57.19 -13.95
C LYS A 3267 -18.36 56.45 -14.58
N THR A 3268 -18.14 55.25 -15.11
CA THR A 3268 -19.24 54.47 -15.68
C THR A 3268 -20.26 54.12 -14.60
N ARG A 3269 -19.80 53.74 -13.43
CA ARG A 3269 -20.66 53.47 -12.28
C ARG A 3269 -20.40 54.51 -11.21
N ASP A 3270 -21.47 54.92 -10.52
CA ASP A 3270 -21.33 55.89 -9.46
C ASP A 3270 -20.67 55.26 -8.24
N ASP A 3271 -20.59 56.04 -7.15
CA ASP A 3271 -20.00 55.66 -5.87
C ASP A 3271 -18.55 55.18 -6.01
N TRP A 3272 -17.96 55.34 -7.19
CA TRP A 3272 -16.56 55.00 -7.43
C TRP A 3272 -15.73 56.20 -7.87
N LEU A 3273 -16.32 57.11 -8.64
CA LEU A 3273 -15.60 58.29 -9.07
C LEU A 3273 -15.23 59.18 -7.89
N VAL A 3274 -16.10 59.27 -6.90
CA VAL A 3274 -15.80 60.07 -5.71
C VAL A 3274 -14.58 59.50 -4.99
N SER A 3275 -14.57 58.19 -4.77
CA SER A 3275 -13.43 57.56 -4.12
C SER A 3275 -12.17 57.72 -4.95
N TRP A 3276 -12.30 57.59 -6.28
CA TRP A 3276 -11.15 57.74 -7.16
C TRP A 3276 -10.55 59.13 -7.04
N VAL A 3277 -11.39 60.17 -7.09
CA VAL A 3277 -10.88 61.52 -7.03
C VAL A 3277 -10.32 61.83 -5.64
N GLN A 3278 -10.91 61.27 -4.58
CA GLN A 3278 -10.38 61.51 -3.24
C GLN A 3278 -9.01 60.86 -3.07
N SER A 3279 -8.86 59.65 -3.59
CA SER A 3279 -7.54 59.00 -3.55
C SER A 3279 -6.54 59.77 -4.39
N TYR A 3280 -6.97 60.31 -5.53
CA TYR A 3280 -6.09 61.15 -6.33
C TYR A 3280 -5.64 62.37 -5.55
N CYS A 3281 -6.56 63.00 -4.83
CA CYS A 3281 -6.21 64.17 -4.03
C CYS A 3281 -5.22 63.81 -2.92
N ARG A 3282 -5.45 62.68 -2.25
CA ARG A 3282 -4.52 62.24 -1.21
C ARG A 3282 -3.14 61.97 -1.79
N LEU A 3283 -3.08 61.31 -2.95
CA LEU A 3283 -1.81 61.05 -3.60
C LEU A 3283 -1.10 62.35 -3.97
N SER A 3284 -1.85 63.31 -4.51
CA SER A 3284 -1.25 64.58 -4.87
C SER A 3284 -0.69 65.31 -3.66
N HIS A 3285 -1.44 65.29 -2.55
CA HIS A 3285 -0.94 65.91 -1.32
C HIS A 3285 0.34 65.23 -0.85
N CYS A 3286 0.35 63.89 -0.85
CA CYS A 3286 1.53 63.17 -0.39
C CYS A 3286 2.74 63.47 -1.28
N ARG A 3287 2.53 63.50 -2.59
CA ARG A 3287 3.63 63.83 -3.50
C ARG A 3287 4.11 65.25 -3.29
N SER A 3288 3.19 66.20 -3.09
CA SER A 3288 3.57 67.59 -2.86
C SER A 3288 4.28 67.78 -1.53
N ARG A 3289 4.10 66.85 -0.59
CA ARG A 3289 4.77 66.98 0.70
C ARG A 3289 6.28 66.98 0.55
N SER A 3290 6.81 66.13 -0.31
CA SER A 3290 8.25 65.91 -0.45
C SER A 3290 8.81 66.56 -1.71
N GLN A 3291 8.31 67.75 -2.07
CA GLN A 3291 8.78 68.46 -3.25
C GLN A 3291 9.16 69.88 -2.89
N GLY A 3292 9.73 70.59 -3.86
CA GLY A 3292 10.12 71.96 -3.65
C GLY A 3292 8.94 72.92 -3.67
N CYS A 3293 9.22 74.16 -3.26
CA CYS A 3293 8.17 75.18 -3.19
C CYS A 3293 7.60 75.47 -4.57
N SER A 3294 8.47 75.63 -5.57
CA SER A 3294 7.99 75.96 -6.91
C SER A 3294 7.14 74.85 -7.50
N GLU A 3295 7.56 73.60 -7.32
CA GLU A 3295 6.80 72.47 -7.83
C GLU A 3295 5.62 72.09 -6.94
N GLN A 3296 5.58 72.59 -5.71
CA GLN A 3296 4.48 72.24 -4.81
C GLN A 3296 3.14 72.70 -5.36
N VAL A 3297 3.08 73.92 -5.89
CA VAL A 3297 1.83 74.41 -6.46
C VAL A 3297 1.51 73.69 -7.76
N LEU A 3298 2.52 73.46 -8.60
CA LEU A 3298 2.26 72.91 -9.92
C LEU A 3298 1.63 71.53 -9.87
N THR A 3299 1.84 70.80 -8.78
CA THR A 3299 1.25 69.48 -8.62
C THR A 3299 -0.05 69.49 -7.82
N VAL A 3300 -0.50 70.66 -7.38
CA VAL A 3300 -1.76 70.75 -6.63
C VAL A 3300 -2.80 71.61 -7.31
N LEU A 3301 -2.43 72.44 -8.30
CA LEU A 3301 -3.46 73.08 -9.12
C LEU A 3301 -4.03 72.11 -10.14
N LYS A 3302 -3.26 71.12 -10.57
CA LYS A 3302 -3.78 70.13 -11.50
C LYS A 3302 -4.92 69.34 -10.88
N THR A 3303 -4.73 68.86 -9.65
CA THR A 3303 -5.79 68.11 -8.99
C THR A 3303 -7.00 68.99 -8.72
N VAL A 3304 -6.80 70.23 -8.26
CA VAL A 3304 -7.93 71.11 -7.97
C VAL A 3304 -8.68 71.43 -9.24
N SER A 3305 -7.99 71.48 -10.39
CA SER A 3305 -8.70 71.58 -11.67
C SER A 3305 -9.50 70.31 -11.94
N LEU A 3306 -8.92 69.14 -11.66
CA LEU A 3306 -9.67 67.90 -11.83
C LEU A 3306 -10.68 67.69 -10.69
N LEU A 3307 -10.31 68.09 -9.47
CA LEU A 3307 -11.20 67.89 -8.33
C LEU A 3307 -12.46 68.73 -8.45
N ASP A 3308 -12.33 69.99 -8.88
CA ASP A 3308 -13.51 70.80 -9.11
C ASP A 3308 -14.32 70.27 -10.30
N GLU A 3309 -13.67 69.62 -11.25
CA GLU A 3309 -14.37 68.88 -12.27
C GLU A 3309 -15.05 67.65 -11.65
N ASN A 3310 -16.02 67.08 -12.38
CA ASN A 3310 -16.86 66.00 -11.87
C ASN A 3310 -17.59 66.45 -10.60
N ASN A 3311 -18.47 67.42 -10.81
CA ASN A 3311 -19.02 68.23 -9.74
C ASN A 3311 -19.99 67.42 -8.87
N VAL A 3312 -20.66 68.13 -7.97
CA VAL A 3312 -21.49 67.54 -6.92
C VAL A 3312 -22.61 66.65 -7.46
N SER A 3313 -22.96 66.78 -8.74
CA SER A 3313 -24.08 66.03 -9.29
C SER A 3313 -23.72 64.56 -9.41
N SER A 3314 -23.61 63.89 -8.26
CA SER A 3314 -23.18 62.49 -8.18
C SER A 3314 -23.57 61.97 -6.81
N TYR A 3315 -22.98 60.81 -6.44
CA TYR A 3315 -23.15 60.28 -5.09
C TYR A 3315 -22.74 61.32 -4.05
N LEU A 3316 -21.79 62.18 -4.38
CA LEU A 3316 -21.36 63.24 -3.47
C LEU A 3316 -22.49 64.19 -3.11
N SER A 3317 -23.57 64.22 -3.91
CA SER A 3317 -24.62 65.22 -3.71
C SER A 3317 -25.17 65.20 -2.29
N LYS A 3318 -25.51 64.02 -1.79
CA LYS A 3318 -25.96 63.93 -0.40
C LYS A 3318 -25.73 62.53 0.16
N ASN A 3319 -24.62 62.33 0.86
CA ASN A 3319 -24.46 61.22 1.80
C ASN A 3319 -23.66 61.67 3.02
N ILE A 3320 -23.40 62.97 3.12
CA ILE A 3320 -22.62 63.66 4.15
C ILE A 3320 -21.47 62.83 4.70
N LEU A 3321 -20.82 62.05 3.84
CA LEU A 3321 -19.53 61.46 4.19
C LEU A 3321 -18.50 61.85 3.13
N ALA A 3322 -18.92 61.72 1.86
CA ALA A 3322 -18.09 62.15 0.74
C ALA A 3322 -17.95 63.66 0.79
N PHE A 3323 -19.02 64.34 1.20
CA PHE A 3323 -18.96 65.79 1.34
C PHE A 3323 -17.92 66.20 2.39
N ARG A 3324 -17.92 65.53 3.54
CA ARG A 3324 -16.96 65.87 4.58
C ARG A 3324 -15.54 65.58 4.13
N ASP A 3325 -15.31 64.41 3.52
CA ASP A 3325 -13.96 64.07 3.06
C ASP A 3325 -13.49 65.03 1.99
N GLN A 3326 -14.39 65.40 1.06
CA GLN A 3326 -14.02 66.35 0.02
C GLN A 3326 -13.69 67.72 0.60
N ASN A 3327 -14.47 68.17 1.61
CA ASN A 3327 -14.16 69.44 2.25
C ASN A 3327 -12.78 69.39 2.91
N ILE A 3328 -12.47 68.26 3.56
CA ILE A 3328 -11.15 68.10 4.15
C ILE A 3328 -10.07 68.20 3.07
N LEU A 3329 -10.32 67.57 1.91
CA LEU A 3329 -9.33 67.59 0.84
C LEU A 3329 -9.13 69.00 0.29
N LEU A 3330 -10.22 69.74 0.08
CA LEU A 3330 -10.09 71.12 -0.38
C LEU A 3330 -9.34 71.97 0.63
N GLY A 3331 -9.65 71.79 1.92
CA GLY A 3331 -8.93 72.53 2.95
C GLY A 3331 -7.45 72.22 2.94
N THR A 3332 -7.09 70.95 2.80
CA THR A 3332 -5.68 70.57 2.76
C THR A 3332 -4.99 71.17 1.54
N THR A 3333 -5.64 71.12 0.38
CA THR A 3333 -5.04 71.68 -0.83
C THR A 3333 -4.82 73.18 -0.68
N TYR A 3334 -5.84 73.90 -0.19
CA TYR A 3334 -5.73 75.34 -0.05
C TYR A 3334 -4.66 75.71 0.98
N ARG A 3335 -4.60 74.99 2.10
CA ARG A 3335 -3.58 75.28 3.10
C ARG A 3335 -2.19 74.95 2.58
N ILE A 3336 -2.06 73.91 1.76
CA ILE A 3336 -0.77 73.59 1.16
C ILE A 3336 -0.31 74.72 0.26
N ILE A 3337 -1.22 75.20 -0.59
CA ILE A 3337 -0.86 76.30 -1.50
C ILE A 3337 -0.52 77.55 -0.70
N ALA A 3338 -1.30 77.86 0.33
CA ALA A 3338 -1.03 79.05 1.14
C ALA A 3338 0.32 78.95 1.84
N ASN A 3339 0.63 77.78 2.41
CA ASN A 3339 1.92 77.61 3.07
C ASN A 3339 3.06 77.71 2.09
N ALA A 3340 2.91 77.13 0.90
CA ALA A 3340 3.95 77.22 -0.12
C ALA A 3340 4.19 78.67 -0.53
N LEU A 3341 3.11 79.43 -0.70
CA LEU A 3341 3.25 80.82 -1.10
C LEU A 3341 3.87 81.67 0.01
N SER A 3342 3.45 81.43 1.26
CA SER A 3342 3.89 82.27 2.37
C SER A 3342 5.32 81.94 2.81
N SER A 3343 5.75 80.69 2.65
CA SER A 3343 7.10 80.32 3.08
C SER A 3343 8.15 81.10 2.31
N GLU A 3344 7.97 81.22 1.00
CA GLU A 3344 8.85 82.03 0.17
C GLU A 3344 8.49 83.51 0.33
N PRO A 3345 9.36 84.42 -0.11
CA PRO A 3345 9.05 85.84 -0.02
C PRO A 3345 8.00 86.30 -1.03
N ALA A 3346 7.27 85.33 -1.60
CA ALA A 3346 6.25 85.55 -2.61
C ALA A 3346 6.87 85.93 -3.96
N CYS A 3347 8.12 85.54 -4.17
CA CYS A 3347 8.79 85.70 -5.46
C CYS A 3347 8.61 84.49 -6.35
N LEU A 3348 7.57 83.69 -6.12
CA LEU A 3348 7.30 82.50 -6.92
C LEU A 3348 6.54 82.81 -8.19
N ALA A 3349 6.25 84.09 -8.47
CA ALA A 3349 5.47 84.44 -9.65
C ALA A 3349 6.35 84.46 -10.90
N GLU A 3350 7.08 83.37 -11.12
CA GLU A 3350 7.83 83.17 -12.35
C GLU A 3350 7.17 82.15 -13.27
N ILE A 3351 6.08 81.53 -12.81
CA ILE A 3351 5.35 80.54 -13.61
C ILE A 3351 4.51 81.29 -14.64
N GLU A 3352 3.95 80.54 -15.60
CA GLU A 3352 3.16 81.14 -16.66
C GLU A 3352 1.91 81.82 -16.08
N GLU A 3353 1.40 82.80 -16.82
CA GLU A 3353 0.27 83.58 -16.36
C GLU A 3353 -0.99 82.75 -16.19
N ASP A 3354 -1.07 81.59 -16.84
CA ASP A 3354 -2.24 80.73 -16.69
C ASP A 3354 -2.40 80.29 -15.24
N LYS A 3355 -1.33 79.77 -14.65
CA LYS A 3355 -1.38 79.38 -13.24
C LYS A 3355 -1.55 80.60 -12.34
N ALA A 3356 -0.98 81.74 -12.73
CA ALA A 3356 -1.13 82.95 -11.92
C ALA A 3356 -2.60 83.36 -11.80
N ARG A 3357 -3.32 83.37 -12.93
CA ARG A 3357 -4.73 83.71 -12.88
C ARG A 3357 -5.56 82.59 -12.26
N ARG A 3358 -5.12 81.33 -12.41
CA ARG A 3358 -5.83 80.22 -11.79
C ARG A 3358 -5.78 80.34 -10.27
N ILE A 3359 -4.63 80.71 -9.72
CA ILE A 3359 -4.50 80.90 -8.27
C ILE A 3359 -4.91 82.29 -7.82
N LEU A 3360 -5.17 83.21 -8.75
CA LEU A 3360 -5.57 84.56 -8.41
C LEU A 3360 -7.07 84.71 -8.24
N GLU A 3361 -7.83 83.61 -8.32
CA GLU A 3361 -9.27 83.70 -8.10
C GLU A 3361 -9.60 84.21 -6.71
N LEU A 3362 -8.88 83.71 -5.70
CA LEU A 3362 -9.06 84.17 -4.33
C LEU A 3362 -7.84 83.81 -3.49
N SER A 3370 0.14 88.73 -4.08
CA SER A 3370 0.04 89.72 -3.01
C SER A 3370 -0.44 89.07 -1.71
N GLU A 3371 -0.62 89.89 -0.68
CA GLU A 3371 -1.12 89.37 0.59
C GLU A 3371 -2.61 89.12 0.55
N LYS A 3372 -3.34 89.84 -0.30
CA LYS A 3372 -4.79 89.66 -0.38
C LYS A 3372 -5.16 88.26 -0.83
N VAL A 3373 -4.46 87.73 -1.84
CA VAL A 3373 -4.75 86.38 -2.31
C VAL A 3373 -4.39 85.35 -1.25
N ILE A 3374 -3.32 85.60 -0.48
CA ILE A 3374 -2.94 84.68 0.59
C ILE A 3374 -4.03 84.65 1.66
N ALA A 3375 -4.51 85.83 2.05
CA ALA A 3375 -5.58 85.89 3.05
C ALA A 3375 -6.85 85.22 2.53
N GLY A 3376 -7.15 85.42 1.25
CA GLY A 3376 -8.32 84.76 0.68
C GLY A 3376 -8.19 83.25 0.67
N LEU A 3377 -7.00 82.74 0.34
CA LEU A 3377 -6.78 81.30 0.38
C LEU A 3377 -6.91 80.76 1.79
N TYR A 3378 -6.36 81.48 2.76
CA TYR A 3378 -6.49 81.06 4.16
C TYR A 3378 -7.95 81.03 4.59
N GLN A 3379 -8.71 82.07 4.21
CA GLN A 3379 -10.13 82.10 4.55
C GLN A 3379 -10.89 80.96 3.88
N ARG A 3380 -10.56 80.66 2.62
CA ARG A 3380 -11.21 79.56 1.94
C ARG A 3380 -10.92 78.22 2.61
N ALA A 3381 -9.66 78.01 3.01
CA ALA A 3381 -9.31 76.79 3.72
C ALA A 3381 -10.04 76.70 5.05
N PHE A 3382 -10.12 77.81 5.78
CA PHE A 3382 -10.81 77.81 7.07
C PHE A 3382 -12.29 77.50 6.88
N GLN A 3383 -12.92 78.09 5.87
CA GLN A 3383 -14.34 77.82 5.62
C GLN A 3383 -14.55 76.37 5.22
N HIS A 3384 -13.67 75.82 4.39
CA HIS A 3384 -13.82 74.43 3.99
C HIS A 3384 -13.66 73.49 5.18
N LEU A 3385 -12.70 73.78 6.06
CA LEU A 3385 -12.51 72.95 7.25
C LEU A 3385 -13.72 73.07 8.18
N SER A 3386 -14.29 74.27 8.32
CA SER A 3386 -15.49 74.42 9.12
C SER A 3386 -16.64 73.63 8.54
N GLU A 3387 -16.79 73.65 7.21
CA GLU A 3387 -17.83 72.86 6.56
C GLU A 3387 -17.61 71.37 6.81
N ALA A 3388 -16.35 70.92 6.75
CA ALA A 3388 -16.06 69.51 6.99
C ALA A 3388 -16.42 69.12 8.43
N VAL A 3389 -16.00 69.92 9.41
CA VAL A 3389 -16.26 69.57 10.80
C VAL A 3389 -17.73 69.77 11.16
N GLN A 3390 -18.48 70.50 10.34
CA GLN A 3390 -19.91 70.66 10.59
C GLN A 3390 -20.67 69.34 10.49
N ALA A 3391 -20.14 68.36 9.76
CA ALA A 3391 -20.78 67.06 9.63
C ALA A 3391 -20.52 66.22 10.87
N ALA A 3406 -15.35 57.13 16.19
CA ALA A 3406 -14.36 56.16 15.71
C ALA A 3406 -13.39 56.81 14.74
N ALA A 3407 -13.41 56.34 13.49
CA ALA A 3407 -12.57 56.88 12.44
C ALA A 3407 -13.43 57.49 11.35
N GLY A 3408 -12.89 58.51 10.69
CA GLY A 3408 -13.59 59.24 9.65
C GLY A 3408 -14.25 60.52 10.12
N VAL A 3409 -14.42 60.68 11.44
CA VAL A 3409 -14.92 61.92 12.02
C VAL A 3409 -13.84 62.62 12.84
N ILE A 3410 -12.99 61.84 13.52
CA ILE A 3410 -11.88 62.41 14.28
C ILE A 3410 -10.91 63.13 13.35
N ASP A 3411 -10.82 62.68 12.09
CA ASP A 3411 -9.86 63.28 11.16
C ASP A 3411 -10.17 64.75 10.93
N ALA A 3412 -11.43 65.09 10.72
CA ALA A 3412 -11.81 66.48 10.51
C ALA A 3412 -11.55 67.33 11.75
N TYR A 3413 -11.91 66.79 12.93
CA TYR A 3413 -11.64 67.49 14.18
C TYR A 3413 -10.16 67.82 14.32
N MET A 3414 -9.31 66.82 14.13
CA MET A 3414 -7.88 67.01 14.31
C MET A 3414 -7.32 67.93 13.23
N THR A 3415 -7.82 67.83 12.00
CA THR A 3415 -7.37 68.70 10.93
C THR A 3415 -7.65 70.16 11.26
N LEU A 3416 -8.89 70.46 11.66
CA LEU A 3416 -9.22 71.83 12.05
C LEU A 3416 -8.39 72.27 13.25
N ALA A 3417 -8.19 71.38 14.21
CA ALA A 3417 -7.43 71.73 15.40
C ALA A 3417 -6.00 72.13 15.06
N ASP A 3418 -5.31 71.30 14.26
CA ASP A 3418 -3.92 71.63 13.97
C ASP A 3418 -3.83 72.81 13.01
N PHE A 3419 -4.82 72.99 12.13
CA PHE A 3419 -4.86 74.18 11.29
C PHE A 3419 -4.91 75.44 12.16
N CYS A 3420 -5.82 75.46 13.14
CA CYS A 3420 -5.91 76.60 14.04
C CYS A 3420 -4.63 76.78 14.84
N ASP A 3421 -4.04 75.68 15.29
CA ASP A 3421 -2.82 75.77 16.08
C ASP A 3421 -1.67 76.37 15.28
N GLN A 3422 -1.49 75.92 14.04
CA GLN A 3422 -0.40 76.46 13.23
C GLN A 3422 -0.67 77.88 12.79
N GLN A 3423 -1.95 78.25 12.61
CA GLN A 3423 -2.26 79.65 12.34
C GLN A 3423 -1.91 80.53 13.54
N LEU A 3424 -2.23 80.06 14.75
CA LEU A 3424 -1.92 80.84 15.94
C LEU A 3424 -0.41 80.91 16.16
N ARG A 3425 0.32 79.85 15.85
CA ARG A 3425 1.76 79.84 16.05
C ARG A 3425 2.46 80.90 15.21
N LYS A 3426 1.87 81.27 14.07
CA LYS A 3426 2.45 82.32 13.24
C LYS A 3426 2.46 83.66 13.96
N GLU A 3427 1.42 83.95 14.74
CA GLU A 3427 1.34 85.23 15.43
C GLU A 3427 2.34 85.32 16.58
N GLU A 3428 2.87 84.19 17.06
CA GLU A 3428 3.81 84.22 18.18
C GLU A 3428 5.13 84.88 17.81
N GLU A 3429 5.45 84.99 16.53
CA GLU A 3429 6.69 85.62 16.09
C GLU A 3429 6.47 86.51 14.87
N GLN A 3440 -8.82 86.71 17.56
CA GLN A 3440 -9.26 85.65 16.65
C GLN A 3440 -10.14 84.64 17.38
N ALA A 3441 -10.94 83.91 16.61
CA ALA A 3441 -11.82 82.89 17.16
C ALA A 3441 -11.21 81.49 17.13
N TYR A 3442 -9.95 81.37 16.66
CA TYR A 3442 -9.31 80.05 16.60
C TYR A 3442 -9.18 79.38 17.96
N PRO A 3443 -8.72 80.05 19.03
CA PRO A 3443 -8.63 79.35 20.32
C PRO A 3443 -9.96 78.82 20.83
N ALA A 3444 -11.06 79.56 20.56
CA ALA A 3444 -12.37 79.07 20.98
C ALA A 3444 -12.75 77.81 20.23
N LEU A 3445 -12.21 77.61 19.03
CA LEU A 3445 -12.53 76.43 18.24
C LEU A 3445 -11.66 75.25 18.63
N VAL A 3446 -10.34 75.43 18.56
CA VAL A 3446 -9.40 74.30 18.58
C VAL A 3446 -9.56 73.48 19.86
N VAL A 3447 -9.77 74.14 20.99
CA VAL A 3447 -9.85 73.43 22.27
C VAL A 3447 -10.99 72.43 22.24
N GLU A 3448 -12.19 72.89 21.89
CA GLU A 3448 -13.35 72.00 21.85
C GLU A 3448 -13.21 70.97 20.74
N LYS A 3449 -12.71 71.39 19.57
CA LYS A 3449 -12.64 70.49 18.43
C LYS A 3449 -11.66 69.36 18.66
N MET A 3450 -10.64 69.57 19.50
CA MET A 3450 -9.72 68.48 19.80
C MET A 3450 -10.11 67.71 21.06
N LEU A 3451 -10.78 68.35 22.02
CA LEU A 3451 -11.31 67.59 23.15
C LEU A 3451 -12.38 66.61 22.71
N LYS A 3452 -13.21 67.01 21.75
CA LYS A 3452 -14.22 66.09 21.23
C LYS A 3452 -13.56 64.87 20.59
N ALA A 3453 -12.48 65.09 19.83
CA ALA A 3453 -11.76 63.97 19.24
C ALA A 3453 -11.11 63.10 20.30
N LEU A 3454 -10.49 63.71 21.31
CA LEU A 3454 -9.84 62.95 22.37
C LEU A 3454 -10.85 62.15 23.18
N LYS A 3455 -12.11 62.61 23.22
CA LYS A 3455 -13.11 61.95 24.04
C LYS A 3455 -13.28 60.48 23.66
N LEU A 3456 -13.26 60.18 22.36
CA LEU A 3456 -13.37 58.77 21.95
C LEU A 3456 -12.02 58.08 22.06
N ASN A 3457 -11.07 58.47 21.21
CA ASN A 3457 -9.69 58.02 21.28
C ASN A 3457 -8.85 58.83 20.30
N SER A 3458 -7.75 59.44 20.77
CA SER A 3458 -6.89 60.21 19.89
C SER A 3458 -5.50 60.29 20.52
N ASN A 3459 -4.57 59.48 20.03
CA ASN A 3459 -3.22 59.55 20.56
C ASN A 3459 -2.49 60.79 20.06
N GLU A 3460 -2.83 61.29 18.86
CA GLU A 3460 -2.16 62.48 18.37
C GLU A 3460 -2.55 63.72 19.18
N ALA A 3461 -3.82 63.81 19.58
CA ALA A 3461 -4.22 64.89 20.48
C ALA A 3461 -3.75 64.63 21.90
N ARG A 3462 -3.58 63.37 22.26
CA ARG A 3462 -3.04 63.05 23.59
C ARG A 3462 -1.63 63.61 23.74
N LEU A 3463 -0.81 63.49 22.71
CA LEU A 3463 0.52 64.09 22.72
C LEU A 3463 0.49 65.58 22.46
N LYS A 3464 -0.64 66.13 22.02
CA LYS A 3464 -0.79 67.56 21.77
C LYS A 3464 -1.53 68.26 22.90
N PHE A 3465 -1.79 67.57 24.01
CA PHE A 3465 -2.60 68.15 25.07
C PHE A 3465 -1.99 69.40 25.69
N PRO A 3466 -0.72 69.44 26.09
CA PRO A 3466 -0.21 70.64 26.78
C PRO A 3466 -0.19 71.90 25.92
N ARG A 3467 -0.34 71.76 24.60
CA ARG A 3467 -0.58 72.94 23.78
C ARG A 3467 -1.83 73.67 24.25
N LEU A 3468 -2.81 72.93 24.76
CA LEU A 3468 -3.98 73.58 25.37
C LEU A 3468 -3.57 74.38 26.60
N LEU A 3469 -2.64 73.85 27.39
CA LEU A 3469 -2.15 74.61 28.54
C LEU A 3469 -1.46 75.88 28.11
N GLN A 3470 -0.67 75.82 27.05
CA GLN A 3470 -0.03 77.02 26.52
C GLN A 3470 -1.06 78.01 26.00
N ILE A 3471 -2.11 77.53 25.35
CA ILE A 3471 -3.19 78.39 24.89
C ILE A 3471 -3.85 79.09 26.07
N ILE A 3472 -4.12 78.34 27.14
CA ILE A 3472 -4.76 78.91 28.32
C ILE A 3472 -3.87 79.99 28.93
N GLU A 3473 -2.57 79.72 29.04
CA GLU A 3473 -1.65 80.74 29.54
C GLU A 3473 -1.66 81.97 28.65
N ARG A 3474 -1.76 81.77 27.33
CA ARG A 3474 -1.76 82.89 26.40
C ARG A 3474 -3.10 83.63 26.39
N TYR A 3475 -4.22 82.92 26.55
CA TYR A 3475 -5.55 83.51 26.50
C TYR A 3475 -6.33 83.13 27.74
N PRO A 3476 -5.97 83.71 28.90
CA PRO A 3476 -6.70 83.37 30.14
C PRO A 3476 -8.13 83.89 30.15
N GLU A 3477 -8.47 84.85 29.30
CA GLU A 3477 -9.79 85.46 29.29
C GLU A 3477 -10.80 84.69 28.45
N GLU A 3478 -10.38 83.63 27.77
CA GLU A 3478 -11.26 82.88 26.89
C GLU A 3478 -11.00 81.39 27.05
N THR A 3479 -12.02 80.60 26.73
CA THR A 3479 -12.00 79.14 26.68
C THR A 3479 -11.78 78.48 28.03
N LEU A 3480 -11.65 79.25 29.11
CA LEU A 3480 -11.48 78.65 30.43
C LEU A 3480 -12.74 77.90 30.85
N SER A 3481 -13.86 78.60 30.93
CA SER A 3481 -15.13 77.95 31.23
C SER A 3481 -15.49 76.92 30.17
N LEU A 3482 -15.07 77.15 28.92
CA LEU A 3482 -15.30 76.17 27.86
C LEU A 3482 -14.62 74.84 28.20
N MET A 3483 -13.37 74.89 28.64
CA MET A 3483 -12.69 73.66 29.05
C MET A 3483 -13.33 73.06 30.29
N THR A 3484 -13.61 73.88 31.30
CA THR A 3484 -14.19 73.34 32.53
C THR A 3484 -15.50 72.63 32.26
N LYS A 3485 -16.28 73.12 31.30
CA LYS A 3485 -17.49 72.41 30.89
C LYS A 3485 -17.19 71.20 30.02
N GLU A 3486 -16.13 71.26 29.21
CA GLU A 3486 -15.83 70.20 28.27
C GLU A 3486 -14.90 69.13 28.85
N ILE A 3487 -13.96 69.52 29.71
CA ILE A 3487 -12.98 68.56 30.23
C ILE A 3487 -13.64 67.52 31.14
N SER A 3488 -14.85 67.78 31.62
CA SER A 3488 -15.52 66.80 32.47
C SER A 3488 -16.02 65.61 31.67
N SER A 3489 -16.31 65.82 30.38
CA SER A 3489 -16.87 64.74 29.56
C SER A 3489 -15.80 63.72 29.15
N VAL A 3490 -14.55 64.13 29.04
CA VAL A 3490 -13.48 63.26 28.54
C VAL A 3490 -13.26 62.13 29.54
N PRO A 3491 -12.93 60.92 29.09
CA PRO A 3491 -12.57 59.86 30.03
C PRO A 3491 -11.32 60.23 30.82
N CYS A 3492 -11.26 59.71 32.04
CA CYS A 3492 -10.20 60.12 32.98
C CYS A 3492 -8.84 59.59 32.57
N TRP A 3493 -8.78 58.33 32.11
CA TRP A 3493 -7.52 57.65 31.92
C TRP A 3493 -6.68 58.21 30.77
N GLN A 3494 -7.24 59.09 29.95
CA GLN A 3494 -6.49 59.69 28.87
C GLN A 3494 -5.57 60.81 29.34
N PHE A 3495 -5.60 61.13 30.63
CA PHE A 3495 -4.83 62.25 31.17
C PHE A 3495 -3.61 61.84 31.98
N ILE A 3496 -3.45 60.55 32.27
CA ILE A 3496 -2.36 60.13 33.15
C ILE A 3496 -1.01 60.37 32.50
N SER A 3497 -0.93 60.27 31.18
CA SER A 3497 0.35 60.43 30.50
C SER A 3497 0.87 61.86 30.60
N TRP A 3498 0.03 62.83 30.97
CA TRP A 3498 0.45 64.21 31.13
C TRP A 3498 0.10 64.76 32.51
N ILE A 3499 -0.04 63.89 33.52
CA ILE A 3499 -0.54 64.32 34.82
C ILE A 3499 0.48 65.22 35.51
N SER A 3500 1.77 65.03 35.22
CA SER A 3500 2.80 65.85 35.84
C SER A 3500 2.67 67.32 35.49
N HIS A 3501 2.13 67.63 34.31
CA HIS A 3501 1.89 69.03 33.96
C HIS A 3501 0.72 69.61 34.75
N MET A 3502 -0.38 68.85 34.86
CA MET A 3502 -1.55 69.35 35.56
C MET A 3502 -1.26 69.56 37.04
N VAL A 3503 -0.52 68.63 37.66
CA VAL A 3503 -0.25 68.75 39.09
C VAL A 3503 0.58 69.98 39.38
N ALA A 3504 1.59 70.26 38.55
CA ALA A 3504 2.35 71.49 38.68
C ALA A 3504 1.54 72.71 38.30
N LEU A 3505 0.54 72.57 37.44
CA LEU A 3505 -0.34 73.65 37.03
C LEU A 3505 -1.22 74.14 38.16
N LEU A 3506 -1.87 73.22 38.88
CA LEU A 3506 -2.79 73.63 39.95
C LEU A 3506 -2.08 74.34 41.10
N ASP A 3507 -0.75 74.25 41.17
CA ASP A 3507 -0.01 75.01 42.17
C ASP A 3507 -0.19 76.52 41.96
N LYS A 3508 -0.08 76.97 40.72
CA LYS A 3508 -0.20 78.37 40.37
C LYS A 3508 -1.65 78.70 40.02
N ASP A 3509 -1.86 79.88 39.44
CA ASP A 3509 -3.19 80.34 39.08
C ASP A 3509 -3.79 79.45 37.98
N GLN A 3510 -5.04 79.75 37.62
CA GLN A 3510 -5.79 78.98 36.62
C GLN A 3510 -5.94 77.52 37.03
N ALA A 3511 -5.91 77.25 38.34
CA ALA A 3511 -6.13 75.88 38.80
C ALA A 3511 -7.57 75.45 38.57
N VAL A 3512 -8.52 76.39 38.57
CA VAL A 3512 -9.92 76.07 38.36
C VAL A 3512 -10.15 75.53 36.95
N ALA A 3513 -9.20 75.75 36.05
CA ALA A 3513 -9.34 75.24 34.68
C ALA A 3513 -9.53 73.73 34.68
N VAL A 3514 -8.71 73.01 35.44
CA VAL A 3514 -8.87 71.58 35.62
C VAL A 3514 -8.55 71.24 37.08
N GLN A 3515 -9.59 70.96 37.85
CA GLN A 3515 -9.41 70.53 39.23
C GLN A 3515 -10.23 69.26 39.48
N HIS A 3516 -11.36 69.14 38.78
CA HIS A 3516 -12.19 67.96 38.93
C HIS A 3516 -11.48 66.71 38.42
N SER A 3517 -10.75 66.84 37.32
CA SER A 3517 -10.07 65.68 36.74
C SER A 3517 -9.01 65.13 37.68
N VAL A 3518 -8.24 66.00 38.33
CA VAL A 3518 -7.22 65.54 39.26
C VAL A 3518 -7.86 64.82 40.45
N GLU A 3519 -8.95 65.38 40.98
CA GLU A 3519 -9.63 64.75 42.11
C GLU A 3519 -10.17 63.37 41.73
N GLU A 3520 -10.83 63.27 40.58
CA GLU A 3520 -11.39 61.98 40.21
C GLU A 3520 -10.32 60.99 39.76
N ILE A 3521 -9.16 61.47 39.32
CA ILE A 3521 -8.09 60.54 38.95
C ILE A 3521 -7.34 60.06 40.18
N THR A 3522 -7.25 60.88 41.23
CA THR A 3522 -6.70 60.40 42.49
C THR A 3522 -7.72 59.56 43.25
N ASP A 3523 -9.00 59.65 42.88
CA ASP A 3523 -10.00 58.74 43.43
C ASP A 3523 -9.96 57.40 42.72
N ASN A 3524 -9.96 57.40 41.39
CA ASN A 3524 -10.02 56.15 40.64
C ASN A 3524 -8.69 55.41 40.69
N TYR A 3525 -7.58 56.12 40.47
CA TYR A 3525 -6.24 55.52 40.39
C TYR A 3525 -5.30 56.27 41.33
N PRO A 3526 -5.34 55.98 42.62
CA PRO A 3526 -4.46 56.70 43.55
C PRO A 3526 -3.06 56.11 43.59
N GLN A 3527 -2.50 55.81 42.43
CA GLN A 3527 -1.13 55.36 42.31
C GLN A 3527 -0.35 56.04 41.20
N ALA A 3528 -1.01 56.55 40.17
CA ALA A 3528 -0.35 57.34 39.13
C ALA A 3528 -0.23 58.81 39.52
N ILE A 3529 -0.71 59.18 40.70
CA ILE A 3529 -0.73 60.56 41.14
C ILE A 3529 0.24 60.82 42.29
N VAL A 3530 0.58 59.81 43.09
CA VAL A 3530 1.27 60.04 44.35
C VAL A 3530 2.64 60.67 44.11
N TYR A 3531 3.44 60.07 43.22
CA TYR A 3531 4.77 60.61 42.97
C TYR A 3531 4.73 61.97 42.30
N PRO A 3532 3.94 62.20 41.24
CA PRO A 3532 3.85 63.56 40.70
C PRO A 3532 3.37 64.59 41.72
N PHE A 3533 2.40 64.19 42.56
CA PHE A 3533 1.94 65.10 43.59
C PHE A 3533 3.05 65.43 44.58
N ILE A 3534 3.85 64.44 44.94
CA ILE A 3534 4.94 64.68 45.89
C ILE A 3534 5.95 65.64 45.30
N ILE A 3535 6.36 65.41 44.05
CA ILE A 3535 7.39 66.28 43.48
C ILE A 3535 6.85 67.69 43.28
N SER A 3536 5.57 67.82 42.92
CA SER A 3536 5.01 69.16 42.76
C SER A 3536 4.81 69.86 44.10
N SER A 3537 4.53 69.12 45.17
CA SER A 3537 4.31 69.72 46.47
C SER A 3537 5.60 69.96 47.24
N GLU A 3538 6.72 69.41 46.78
CA GLU A 3538 7.99 69.72 47.43
C GLU A 3538 8.29 71.20 47.37
N SER A 3539 8.07 71.83 46.22
CA SER A 3539 8.19 73.27 46.05
C SER A 3539 6.83 73.80 45.62
N TYR A 3540 6.18 74.55 46.50
CA TYR A 3540 4.79 74.96 46.29
C TYR A 3540 4.67 76.46 46.43
N SER A 3541 3.61 77.01 45.86
CA SER A 3541 3.34 78.44 45.91
C SER A 3541 1.85 78.67 46.03
N PHE A 3542 1.48 79.88 46.44
CA PHE A 3542 0.07 80.25 46.58
C PHE A 3542 -0.03 81.76 46.49
N LYS A 3543 -1.25 82.27 46.62
CA LYS A 3543 -1.51 83.70 46.57
C LYS A 3543 -2.33 84.10 47.79
N ASP A 3544 -2.33 85.40 48.08
CA ASP A 3544 -3.06 85.94 49.21
C ASP A 3544 -4.47 86.40 48.85
N THR A 3545 -4.88 86.21 47.59
CA THR A 3545 -6.20 86.61 47.16
C THR A 3545 -7.21 85.51 47.48
N SER A 3546 -8.45 85.70 47.04
CA SER A 3546 -9.47 84.66 47.20
C SER A 3546 -9.10 83.42 46.42
N THR A 3547 -8.62 83.59 45.19
CA THR A 3547 -8.17 82.46 44.39
C THR A 3547 -6.97 81.78 45.05
N GLY A 3548 -6.04 82.57 45.59
CA GLY A 3548 -4.96 81.98 46.35
C GLY A 3548 -5.44 81.26 47.59
N HIS A 3549 -6.39 81.85 48.31
CA HIS A 3549 -7.04 81.15 49.41
C HIS A 3549 -7.84 79.96 48.91
N LYS A 3550 -8.38 80.07 47.69
CA LYS A 3550 -9.00 78.92 47.06
C LYS A 3550 -7.93 77.90 46.66
N ASN A 3551 -8.39 76.66 46.46
CA ASN A 3551 -7.57 75.53 46.03
C ASN A 3551 -6.64 75.06 47.13
N LYS A 3552 -6.53 75.82 48.21
CA LYS A 3552 -5.77 75.34 49.36
C LYS A 3552 -6.51 74.21 50.05
N GLU A 3553 -7.82 74.39 50.26
CA GLU A 3553 -8.65 73.29 50.76
C GLU A 3553 -8.66 72.13 49.77
N PHE A 3554 -8.61 72.42 48.47
CA PHE A 3554 -8.59 71.35 47.47
C PHE A 3554 -7.31 70.52 47.59
N VAL A 3555 -6.15 71.17 47.65
CA VAL A 3555 -4.90 70.44 47.74
C VAL A 3555 -4.79 69.73 49.08
N ALA A 3556 -5.31 70.33 50.15
CA ALA A 3556 -5.32 69.67 51.44
C ALA A 3556 -6.19 68.41 51.39
N ARG A 3557 -7.35 68.49 50.75
CA ARG A 3557 -8.22 67.32 50.62
C ARG A 3557 -7.55 66.23 49.80
N ILE A 3558 -6.89 66.61 48.71
CA ILE A 3558 -6.20 65.63 47.88
C ILE A 3558 -5.09 64.95 48.66
N LYS A 3559 -4.31 65.73 49.41
CA LYS A 3559 -3.22 65.14 50.19
C LYS A 3559 -3.75 64.29 51.33
N SER A 3560 -4.93 64.62 51.86
CA SER A 3560 -5.51 63.81 52.94
C SER A 3560 -6.06 62.50 52.40
N LYS A 3561 -6.76 62.54 51.27
CA LYS A 3561 -7.28 61.31 50.69
C LYS A 3561 -6.17 60.44 50.11
N LEU A 3562 -5.03 61.03 49.77
CA LEU A 3562 -3.84 60.26 49.44
C LEU A 3562 -3.04 59.99 50.71
N ASP A 3563 -2.17 58.98 50.64
CA ASP A 3563 -1.33 58.58 51.76
C ASP A 3563 -2.17 58.27 53.01
N GLN A 3564 -3.42 57.85 52.82
CA GLN A 3564 -4.29 57.56 53.95
C GLN A 3564 -3.79 56.36 54.74
N GLY A 3565 -3.16 55.40 54.08
CA GLY A 3565 -2.52 54.30 54.78
C GLY A 3565 -1.14 54.62 55.31
N GLY A 3566 -0.56 55.73 54.86
CA GLY A 3566 0.78 56.09 55.29
C GLY A 3566 1.83 55.06 54.90
N VAL A 3567 1.66 54.42 53.75
CA VAL A 3567 2.57 53.38 53.31
C VAL A 3567 3.50 53.85 52.19
N ILE A 3568 3.03 54.74 51.30
CA ILE A 3568 3.91 55.25 50.25
C ILE A 3568 5.04 56.08 50.87
N GLN A 3569 4.71 56.90 51.86
CA GLN A 3569 5.75 57.66 52.56
C GLN A 3569 6.71 56.73 53.27
N ASP A 3570 6.21 55.65 53.85
CA ASP A 3570 7.09 54.65 54.48
C ASP A 3570 8.03 54.04 53.46
N PHE A 3571 7.52 53.70 52.28
CA PHE A 3571 8.35 53.12 51.23
C PHE A 3571 9.42 54.10 50.78
N ILE A 3572 9.04 55.36 50.58
CA ILE A 3572 10.01 56.37 50.15
C ILE A 3572 11.08 56.57 51.22
N ASN A 3573 10.67 56.63 52.48
CA ASN A 3573 11.65 56.80 53.56
C ASN A 3573 12.57 55.60 53.66
N ALA A 3574 12.05 54.40 53.48
CA ALA A 3574 12.90 53.21 53.50
C ALA A 3574 13.90 53.23 52.35
N LEU A 3575 13.46 53.66 51.17
CA LEU A 3575 14.37 53.75 50.04
C LEU A 3575 15.40 54.85 50.23
N ASP A 3576 15.05 55.89 51.00
CA ASP A 3576 15.99 56.97 51.25
C ASP A 3576 17.21 56.48 52.02
N GLN A 3577 17.00 55.59 52.99
CA GLN A 3577 18.11 55.06 53.77
C GLN A 3577 19.06 54.23 52.92
N LEU A 3578 18.61 53.75 51.77
CA LEU A 3578 19.47 52.95 50.90
C LEU A 3578 20.57 53.80 50.28
N SER A 3579 20.29 55.06 49.98
CA SER A 3579 21.28 55.94 49.37
C SER A 3579 22.43 56.19 50.33
N ASN A 3580 23.65 56.31 49.77
CA ASN A 3580 24.81 56.58 50.58
C ASN A 3580 24.72 57.98 51.17
N PRO A 3581 25.27 58.18 52.37
CA PRO A 3581 25.24 59.53 52.97
C PRO A 3581 26.37 60.43 52.53
N GLU A 3582 27.47 59.88 52.00
CA GLU A 3582 28.60 60.70 51.62
C GLU A 3582 28.24 61.64 50.47
N LEU A 3583 27.66 61.11 49.40
CA LEU A 3583 27.29 61.98 48.28
C LEU A 3583 26.12 62.88 48.63
N LEU A 3584 25.25 62.45 49.55
CA LEU A 3584 24.20 63.33 50.03
C LEU A 3584 24.79 64.54 50.74
N PHE A 3585 25.79 64.32 51.60
CA PHE A 3585 26.46 65.44 52.25
C PHE A 3585 27.26 66.26 51.24
N LYS A 3586 27.78 65.64 50.19
CA LYS A 3586 28.46 66.39 49.15
C LYS A 3586 27.50 67.34 48.44
N ASP A 3587 26.30 66.86 48.13
CA ASP A 3587 25.27 67.72 47.55
C ASP A 3587 24.87 68.83 48.52
N TRP A 3588 24.75 68.50 49.81
CA TRP A 3588 24.46 69.51 50.81
C TRP A 3588 25.54 70.59 50.85
N SER A 3589 26.80 70.17 50.79
CA SER A 3589 27.91 71.12 50.79
C SER A 3589 27.88 72.00 49.56
N ASN A 3590 27.61 71.42 48.39
CA ASN A 3590 27.48 72.23 47.18
C ASN A 3590 26.35 73.24 47.32
N ASP A 3591 25.21 72.80 47.86
CA ASP A 3591 24.06 73.68 48.02
C ASP A 3591 24.38 74.85 48.94
N VAL A 3592 25.01 74.57 50.09
CA VAL A 3592 25.30 75.66 51.02
C VAL A 3592 26.38 76.59 50.47
N ARG A 3593 27.44 76.02 49.88
CA ARG A 3593 28.51 76.86 49.33
C ARG A 3593 28.04 77.68 48.13
N ALA A 3594 26.96 77.27 47.47
CA ALA A 3594 26.40 78.10 46.40
C ALA A 3594 25.45 79.15 46.95
N GLU A 3595 24.58 78.76 47.89
CA GLU A 3595 23.56 79.68 48.38
C GLU A 3595 24.16 80.78 49.24
N LEU A 3596 25.04 80.42 50.17
CA LEU A 3596 25.63 81.43 51.05
C LEU A 3596 26.56 82.37 50.30
N ALA A 3597 27.01 82.01 49.10
CA ALA A 3597 27.91 82.84 48.32
C ALA A 3597 27.17 83.71 47.32
N LYS A 3598 26.28 83.12 46.53
CA LYS A 3598 25.57 83.87 45.48
C LYS A 3598 24.39 84.65 46.03
N THR A 3599 23.95 84.39 47.26
CA THR A 3599 22.83 85.10 47.88
C THR A 3599 23.29 85.63 49.22
N PRO A 3600 24.04 86.74 49.23
CA PRO A 3600 24.52 87.29 50.51
C PRO A 3600 23.41 87.78 51.41
N VAL A 3601 22.24 88.09 50.87
CA VAL A 3601 21.13 88.60 51.66
C VAL A 3601 20.05 87.54 51.90
N ASN A 3602 20.40 86.26 51.72
CA ASN A 3602 19.44 85.19 51.93
C ASN A 3602 19.05 85.11 53.41
N LYS A 3603 17.76 84.99 53.67
CA LYS A 3603 17.25 84.93 55.03
C LYS A 3603 16.23 83.79 55.15
N LYS A 3604 16.12 83.28 56.38
CA LYS A 3604 15.22 82.18 56.74
C LYS A 3604 15.12 81.11 55.66
N ASN A 3605 16.28 80.68 55.18
CA ASN A 3605 16.36 79.53 54.28
C ASN A 3605 17.37 78.50 54.74
N ILE A 3606 18.51 78.93 55.28
CA ILE A 3606 19.54 77.99 55.68
C ILE A 3606 19.06 77.14 56.85
N GLU A 3607 18.27 77.72 57.76
CA GLU A 3607 17.79 76.94 58.89
C GLU A 3607 16.75 75.90 58.47
N LYS A 3608 15.86 76.26 57.54
CA LYS A 3608 14.87 75.28 57.13
C LYS A 3608 15.52 74.15 56.32
N MET A 3609 16.50 74.49 55.47
CA MET A 3609 17.24 73.42 54.81
C MET A 3609 18.07 72.61 55.80
N TYR A 3610 18.51 73.25 56.89
CA TYR A 3610 19.28 72.55 57.91
C TYR A 3610 18.43 71.49 58.59
N GLU A 3611 17.18 71.82 58.90
CA GLU A 3611 16.28 70.80 59.47
C GLU A 3611 15.83 69.78 58.42
N ARG A 3612 15.67 70.16 57.15
CA ARG A 3612 15.37 69.12 56.17
C ARG A 3612 16.52 68.12 56.07
N MET A 3613 17.76 68.60 56.15
CA MET A 3613 18.89 67.67 56.16
C MET A 3613 18.94 66.86 57.45
N TYR A 3614 18.62 67.48 58.59
CA TYR A 3614 18.55 66.75 59.85
C TYR A 3614 17.44 65.70 59.87
N ALA A 3615 16.44 65.83 59.00
CA ALA A 3615 15.26 64.97 59.08
C ALA A 3615 15.62 63.49 59.14
N ALA A 3616 16.62 63.05 58.38
CA ALA A 3616 16.96 61.64 58.38
C ALA A 3616 18.47 61.38 58.35
N LEU A 3617 19.31 62.39 58.59
CA LEU A 3617 20.74 62.18 58.46
C LEU A 3617 21.52 62.67 59.67
N GLY A 3618 21.04 63.73 60.32
CA GLY A 3618 21.85 64.42 61.30
C GLY A 3618 22.02 63.78 62.66
N ASP A 3619 20.93 63.64 63.39
CA ASP A 3619 21.02 63.29 64.81
C ASP A 3619 21.46 61.84 65.00
N PRO A 3620 22.36 61.56 65.95
CA PRO A 3620 22.61 60.17 66.33
C PRO A 3620 21.40 59.48 66.93
N LYS A 3621 20.49 60.26 67.52
CA LYS A 3621 19.29 59.72 68.16
C LYS A 3621 18.12 59.63 67.19
N ALA A 3622 18.42 59.40 65.91
CA ALA A 3622 17.36 59.19 64.92
C ALA A 3622 16.35 58.12 65.29
N PRO A 3623 16.73 56.97 65.93
CA PRO A 3623 15.71 55.96 66.31
C PRO A 3623 14.42 56.56 66.84
N GLY A 3624 13.31 56.22 66.20
CA GLY A 3624 12.05 56.89 66.42
C GLY A 3624 11.52 57.45 65.11
N LEU A 3625 11.49 58.78 64.99
CA LEU A 3625 11.10 59.39 63.72
C LEU A 3625 12.10 59.05 62.62
N GLY A 3626 13.39 59.11 62.93
CA GLY A 3626 14.42 58.71 61.98
C GLY A 3626 14.35 57.23 61.66
N ALA A 3627 14.60 56.39 62.66
CA ALA A 3627 14.44 54.95 62.57
C ALA A 3627 15.21 54.33 61.41
N PHE A 3628 14.81 53.12 61.00
CA PHE A 3628 15.39 52.42 59.86
C PHE A 3628 16.91 52.26 60.02
N ARG A 3629 17.26 51.43 61.00
CA ARG A 3629 18.67 51.12 61.28
C ARG A 3629 19.36 50.62 60.02
N ARG A 3630 20.55 51.15 59.76
CA ARG A 3630 21.34 50.77 58.59
C ARG A 3630 22.66 50.12 58.96
N LYS A 3631 23.15 50.30 60.19
CA LYS A 3631 24.43 49.82 60.70
C LYS A 3631 25.57 50.62 60.11
N PHE A 3632 25.27 51.50 59.16
CA PHE A 3632 26.23 52.46 58.62
C PHE A 3632 25.80 53.89 58.82
N ILE A 3633 24.52 54.22 58.60
CA ILE A 3633 24.02 55.53 58.96
C ILE A 3633 23.98 55.67 60.48
N GLN A 3634 23.80 54.56 61.20
CA GLN A 3634 24.00 54.58 62.64
C GLN A 3634 25.48 54.58 62.99
N THR A 3635 26.32 53.93 62.18
CA THR A 3635 27.76 54.14 62.29
C THR A 3635 28.13 55.56 61.91
N PHE A 3636 27.46 56.11 60.90
CA PHE A 3636 27.54 57.54 60.64
C PHE A 3636 27.01 58.34 61.82
N GLY A 3637 26.09 57.77 62.59
CA GLY A 3637 25.64 58.36 63.83
C GLY A 3637 26.47 57.90 65.00
N LYS A 3638 27.69 57.44 64.70
CA LYS A 3638 28.65 57.03 65.73
C LYS A 3638 30.00 57.73 65.63
N GLU A 3639 30.37 58.25 64.46
CA GLU A 3639 31.60 59.03 64.31
C GLU A 3639 31.32 60.48 63.95
N PHE A 3640 30.56 60.72 62.90
CA PHE A 3640 30.18 62.09 62.53
C PHE A 3640 29.16 62.67 63.51
N ASP A 3641 28.47 61.83 64.26
CA ASP A 3641 27.46 62.30 65.19
C ASP A 3641 28.08 63.18 66.27
N LYS A 3642 27.31 64.17 66.71
CA LYS A 3642 27.72 65.14 67.72
C LYS A 3642 28.96 65.93 67.33
N HIS A 3643 29.45 65.76 66.10
CA HIS A 3643 30.44 66.65 65.51
C HIS A 3643 29.65 67.77 64.83
N PHE A 3644 28.93 68.52 65.68
CA PHE A 3644 28.00 69.51 65.17
C PHE A 3644 28.07 70.82 65.95
N GLY A 3645 29.10 71.03 66.77
CA GLY A 3645 29.33 72.35 67.31
C GLY A 3645 29.43 73.33 66.15
N LYS A 3646 30.52 73.21 65.38
CA LYS A 3646 30.57 73.83 64.07
C LYS A 3646 29.40 73.31 63.26
N GLY A 3647 28.46 74.19 62.94
CA GLY A 3647 27.15 73.72 62.54
C GLY A 3647 26.07 74.31 63.43
N GLY A 3648 25.49 73.48 64.29
CA GLY A 3648 24.37 73.92 65.10
C GLY A 3648 24.69 75.08 66.01
N SER A 3649 25.86 75.05 66.66
CA SER A 3649 26.14 76.05 67.69
C SER A 3649 26.41 77.43 67.10
N LYS A 3650 26.85 77.53 65.84
CA LYS A 3650 27.21 78.82 65.28
C LYS A 3650 26.34 79.23 64.10
N LEU A 3651 26.23 78.41 63.05
CA LEU A 3651 25.44 78.85 61.88
C LEU A 3651 23.94 78.88 62.17
N LEU A 3652 23.47 78.15 63.16
CA LEU A 3652 22.05 78.21 63.50
C LEU A 3652 21.71 79.50 64.24
N ARG A 3653 22.66 80.06 64.99
CA ARG A 3653 22.38 81.22 65.82
C ARG A 3653 22.68 82.53 65.10
N MET A 3654 23.95 82.77 64.75
CA MET A 3654 24.30 84.02 64.08
C MET A 3654 23.91 84.01 62.61
N LYS A 3655 23.85 82.83 61.98
CA LYS A 3655 23.44 82.64 60.60
C LYS A 3655 24.39 83.28 59.59
N LEU A 3656 25.56 83.74 60.03
CA LEU A 3656 26.51 84.36 59.11
C LEU A 3656 27.18 83.30 58.23
N SER A 3657 27.60 83.74 57.05
CA SER A 3657 28.22 82.81 56.10
C SER A 3657 29.55 82.30 56.63
N ASP A 3658 30.38 83.21 57.17
CA ASP A 3658 31.73 82.89 57.66
C ASP A 3658 32.51 82.26 56.51
N PHE A 3659 32.94 80.99 56.61
CA PHE A 3659 33.61 80.31 55.51
C PHE A 3659 33.03 78.91 55.39
N ASN A 3660 32.53 78.56 54.21
CA ASN A 3660 31.95 77.25 53.98
C ASN A 3660 32.97 76.23 53.47
N ASP A 3661 34.19 76.66 53.15
CA ASP A 3661 35.21 75.76 52.65
C ASP A 3661 35.98 75.07 53.77
N ILE A 3662 35.61 75.30 55.03
CA ILE A 3662 36.27 74.69 56.16
C ILE A 3662 35.48 73.45 56.58
N THR A 3663 34.67 72.93 55.66
CA THR A 3663 33.89 71.72 55.90
C THR A 3663 34.26 70.57 54.96
N ASN A 3664 35.21 70.77 54.05
CA ASN A 3664 35.56 69.72 53.10
C ASN A 3664 36.38 68.60 53.73
N MET A 3665 37.20 68.91 54.75
CA MET A 3665 37.89 67.84 55.43
C MET A 3665 36.94 66.98 56.25
N LEU A 3666 35.76 67.50 56.61
CA LEU A 3666 34.73 66.62 57.19
C LEU A 3666 34.31 65.56 56.19
N LEU A 3667 34.06 65.97 54.94
CA LEU A 3667 33.72 65.02 53.89
C LEU A 3667 34.86 64.05 53.64
N LEU A 3668 36.09 64.55 53.68
CA LEU A 3668 37.25 63.66 53.55
C LEU A 3668 37.27 62.63 54.67
N LYS A 3669 36.97 63.06 55.90
CA LYS A 3669 36.96 62.15 57.04
C LYS A 3669 35.92 61.06 56.86
N MET A 3670 34.70 61.42 56.44
CA MET A 3670 33.71 60.37 56.25
C MET A 3670 33.98 59.53 55.00
N ASN A 3671 34.71 60.07 54.03
CA ASN A 3671 35.06 59.30 52.83
C ASN A 3671 36.18 58.31 53.11
N LYS A 3672 37.06 58.60 54.07
CA LYS A 3672 38.12 57.65 54.39
C LYS A 3672 37.59 56.37 54.98
N ASP A 3673 36.36 56.37 55.49
CA ASP A 3673 35.70 55.18 56.01
C ASP A 3673 34.55 54.73 55.12
N SER A 3674 34.71 54.90 53.80
CA SER A 3674 33.65 54.56 52.84
C SER A 3674 33.60 53.04 52.68
N LYS A 3675 33.11 52.38 53.72
CA LYS A 3675 32.95 50.94 53.69
C LYS A 3675 31.84 50.56 52.71
N PRO A 3676 31.95 49.40 52.07
CA PRO A 3676 30.93 48.99 51.11
C PRO A 3676 29.73 48.40 51.81
N PRO A 3677 28.58 49.06 51.74
CA PRO A 3677 27.38 48.53 52.40
C PRO A 3677 26.68 47.49 51.54
N GLY A 3678 25.52 47.03 51.99
CA GLY A 3678 24.70 46.15 51.19
C GLY A 3678 25.02 44.68 51.29
N ASN A 3679 25.93 44.28 52.19
CA ASN A 3679 26.15 42.86 52.40
C ASN A 3679 24.88 42.17 52.87
N LEU A 3680 23.99 42.91 53.53
CA LEU A 3680 22.68 42.43 53.92
C LEU A 3680 21.65 43.50 53.59
N LYS A 3681 20.39 43.06 53.47
CA LYS A 3681 19.30 44.01 53.31
C LYS A 3681 18.86 44.62 54.63
N GLU A 3682 19.40 44.13 55.75
CA GLU A 3682 19.07 44.65 57.07
C GLU A 3682 19.55 46.09 57.23
N CYS A 3683 20.16 46.65 56.19
CA CYS A 3683 20.46 48.09 56.15
C CYS A 3683 19.21 48.94 56.06
N SER A 3684 18.04 48.33 55.80
CA SER A 3684 16.77 49.03 55.85
C SER A 3684 15.73 48.04 56.38
N PRO A 3685 15.42 48.09 57.67
CA PRO A 3685 14.54 47.07 58.26
C PRO A 3685 13.18 47.00 57.59
N TRP A 3686 12.59 48.13 57.22
CA TRP A 3686 11.32 48.10 56.52
C TRP A 3686 11.46 47.39 55.18
N MET A 3687 12.58 47.62 54.50
CA MET A 3687 12.84 46.92 53.24
C MET A 3687 13.00 45.42 53.47
N SER A 3688 13.71 45.04 54.53
CA SER A 3688 14.11 43.65 54.72
C SER A 3688 12.93 42.76 55.06
N ASP A 3689 12.18 43.12 56.11
CA ASP A 3689 11.06 42.31 56.59
C ASP A 3689 9.73 42.74 56.02
N PHE A 3690 9.72 43.23 54.77
CA PHE A 3690 8.49 43.65 54.12
C PHE A 3690 7.70 42.40 53.72
N LYS A 3691 7.08 41.78 54.71
CA LYS A 3691 6.16 40.69 54.43
C LYS A 3691 4.92 41.24 53.73
N VAL A 3692 4.26 40.38 52.96
CA VAL A 3692 3.06 40.82 52.28
C VAL A 3692 1.93 40.80 53.30
N GLU A 3693 1.76 41.93 53.98
CA GLU A 3693 0.75 42.07 55.01
C GLU A 3693 -0.62 42.09 54.34
N PHE A 3694 -1.67 41.92 55.13
CA PHE A 3694 -3.02 41.85 54.59
C PHE A 3694 -3.42 43.28 54.20
N LEU A 3695 -4.71 43.50 53.93
CA LEU A 3695 -5.15 44.74 53.27
C LEU A 3695 -4.50 45.98 53.90
N ARG A 3696 -3.64 46.64 53.11
CA ARG A 3696 -2.88 47.78 53.61
C ARG A 3696 -2.68 48.87 52.55
N ASN A 3697 -3.50 48.89 51.50
CA ASN A 3697 -3.30 49.78 50.35
C ASN A 3697 -1.94 49.51 49.71
N GLU A 3698 -1.85 48.32 49.10
CA GLU A 3698 -0.59 47.74 48.64
C GLU A 3698 0.23 48.68 47.77
N LEU A 3699 1.52 48.36 47.63
CA LEU A 3699 2.49 49.35 47.16
C LEU A 3699 2.25 49.76 45.71
N GLU A 3700 1.95 48.80 44.83
CA GLU A 3700 1.78 49.09 43.41
C GLU A 3700 3.06 49.70 42.82
N ILE A 3701 4.06 48.83 42.68
CA ILE A 3701 5.42 49.14 42.24
C ILE A 3701 5.42 50.22 41.15
N PRO A 3702 6.27 51.24 41.28
CA PRO A 3702 6.26 52.34 40.30
C PRO A 3702 6.74 51.87 38.94
N GLY A 3703 6.30 52.59 37.90
CA GLY A 3703 6.69 52.33 36.53
C GLY A 3703 5.52 52.10 35.60
N GLN A 3704 4.41 51.64 36.13
CA GLN A 3704 3.22 51.38 35.31
C GLN A 3704 2.49 52.69 35.05
N TYR A 3705 1.26 52.59 34.55
CA TYR A 3705 0.43 53.75 34.20
C TYR A 3705 1.11 54.60 33.14
N ASP A 3706 1.30 54.00 31.97
CA ASP A 3706 1.88 54.67 30.82
C ASP A 3706 0.83 55.37 29.96
N GLY A 3707 -0.43 55.30 30.34
CA GLY A 3707 -1.47 55.83 29.48
C GLY A 3707 -1.67 54.94 28.27
N ARG A 3708 -2.34 55.49 27.26
CA ARG A 3708 -2.59 54.82 25.98
C ARG A 3708 -3.37 53.52 26.24
N GLY A 3709 -4.61 53.70 26.66
CA GLY A 3709 -5.54 52.60 26.85
C GLY A 3709 -6.12 52.57 28.25
N LYS A 3710 -7.07 51.66 28.41
CA LYS A 3710 -7.74 51.48 29.70
C LYS A 3710 -6.78 50.81 30.68
N PRO A 3711 -6.45 51.44 31.79
CA PRO A 3711 -5.60 50.79 32.79
C PRO A 3711 -6.37 49.75 33.60
N LEU A 3712 -5.66 48.72 34.02
CA LEU A 3712 -6.22 47.63 34.82
C LEU A 3712 -5.34 47.47 36.05
N PRO A 3713 -5.58 48.26 37.10
CA PRO A 3713 -4.72 48.17 38.30
C PRO A 3713 -4.73 46.80 38.95
N GLU A 3714 -5.78 46.02 38.76
CA GLU A 3714 -5.80 44.65 39.28
C GLU A 3714 -4.79 43.76 38.57
N TYR A 3715 -4.39 44.11 37.35
CA TYR A 3715 -3.40 43.34 36.62
C TYR A 3715 -1.98 43.87 36.79
N HIS A 3716 -1.83 45.10 37.26
CA HIS A 3716 -0.50 45.64 37.53
C HIS A 3716 0.14 44.89 38.68
N VAL A 3717 1.44 44.58 38.54
CA VAL A 3717 2.12 43.83 39.58
C VAL A 3717 2.36 44.70 40.80
N ARG A 3718 2.50 44.05 41.95
CA ARG A 3718 2.77 44.72 43.20
C ARG A 3718 3.87 43.96 43.93
N ILE A 3719 4.70 44.70 44.66
CA ILE A 3719 5.87 44.11 45.30
C ILE A 3719 5.43 43.32 46.52
N ALA A 3720 5.87 42.07 46.60
CA ALA A 3720 5.56 41.19 47.72
C ALA A 3720 6.83 40.71 48.41
N GLY A 3721 7.86 41.55 48.43
CA GLY A 3721 9.10 41.18 49.08
C GLY A 3721 10.33 41.68 48.36
N PHE A 3722 11.29 42.18 49.11
CA PHE A 3722 12.53 42.70 48.57
C PHE A 3722 13.64 41.67 48.76
N ASP A 3723 14.47 41.49 47.73
CA ASP A 3723 15.53 40.51 47.80
C ASP A 3723 16.58 40.92 48.83
N GLU A 3724 17.14 39.92 49.50
CA GLU A 3724 18.13 40.19 50.54
C GLU A 3724 19.41 40.78 49.95
N ARG A 3725 19.83 40.30 48.79
CA ARG A 3725 21.09 40.73 48.20
C ARG A 3725 20.91 42.05 47.47
N VAL A 3726 21.78 43.01 47.79
CA VAL A 3726 21.81 44.31 47.13
C VAL A 3726 23.25 44.64 46.77
N THR A 3727 23.48 45.01 45.51
CA THR A 3727 24.82 45.31 45.01
C THR A 3727 24.88 46.77 44.60
N VAL A 3728 26.08 47.34 44.68
CA VAL A 3728 26.31 48.76 44.42
C VAL A 3728 27.08 48.88 43.10
N MET A 3729 26.59 49.75 42.22
CA MET A 3729 27.26 50.01 40.96
C MET A 3729 28.38 51.04 41.16
N ALA A 3730 28.97 51.46 40.05
CA ALA A 3730 30.05 52.46 40.05
C ALA A 3730 29.77 53.44 38.92
N SER A 3731 29.13 54.56 39.26
CA SER A 3731 28.80 55.59 38.27
C SER A 3731 29.02 56.99 38.84
N LEU A 3732 30.02 57.15 39.70
CA LEU A 3732 30.39 58.42 40.33
C LEU A 3732 29.37 58.83 41.38
N ARG A 3733 28.25 58.10 41.43
CA ARG A 3733 27.27 58.26 42.49
C ARG A 3733 27.05 56.99 43.28
N ARG A 3734 27.61 55.87 42.83
CA ARG A 3734 27.45 54.56 43.47
C ARG A 3734 25.99 54.22 43.73
N PRO A 3735 25.15 54.17 42.70
CA PRO A 3735 23.76 53.78 42.92
C PRO A 3735 23.66 52.30 43.26
N LYS A 3736 22.63 51.96 44.02
CA LYS A 3736 22.42 50.60 44.49
C LYS A 3736 21.44 49.88 43.58
N ARG A 3737 21.61 48.57 43.48
CA ARG A 3737 20.74 47.73 42.66
C ARG A 3737 19.92 46.83 43.57
N ILE A 3738 18.60 46.90 43.44
CA ILE A 3738 17.68 46.07 44.21
C ILE A 3738 17.01 45.09 43.26
N ILE A 3739 16.71 43.91 43.78
CA ILE A 3739 16.27 42.79 42.96
C ILE A 3739 14.85 42.47 43.42
N ILE A 3740 14.10 43.52 43.77
CA ILE A 3740 12.79 43.37 44.38
C ILE A 3740 11.91 42.42 43.58
N ARG A 3741 11.08 41.67 44.30
CA ARG A 3741 10.23 40.64 43.73
C ARG A 3741 8.90 41.25 43.28
N GLY A 3742 7.94 40.39 42.95
CA GLY A 3742 6.63 40.86 42.56
C GLY A 3742 5.59 39.79 42.80
N HIS A 3743 4.34 40.24 42.98
CA HIS A 3743 3.24 39.32 43.25
C HIS A 3743 2.95 38.41 42.07
N ASP A 3744 3.47 38.71 40.89
CA ASP A 3744 3.32 37.86 39.72
C ASP A 3744 4.33 36.73 39.69
N GLU A 3745 4.98 36.44 40.82
CA GLU A 3745 5.99 35.38 40.92
C GLU A 3745 7.14 35.60 39.95
N ARG A 3746 7.53 36.86 39.78
CA ARG A 3746 8.63 37.23 38.89
C ARG A 3746 9.59 38.15 39.64
N GLU A 3747 10.79 38.28 39.09
CA GLU A 3747 11.86 39.05 39.72
C GLU A 3747 12.17 40.25 38.85
N HIS A 3748 11.93 41.45 39.39
CA HIS A 3748 12.13 42.69 38.65
C HIS A 3748 13.30 43.46 39.23
N PRO A 3749 14.47 43.46 38.60
CA PRO A 3749 15.59 44.26 39.10
C PRO A 3749 15.35 45.74 38.91
N PHE A 3750 16.00 46.53 39.75
CA PHE A 3750 15.88 47.98 39.68
C PHE A 3750 17.17 48.61 40.19
N LEU A 3751 17.34 49.89 39.87
CA LEU A 3751 18.55 50.63 40.24
C LEU A 3751 18.12 51.95 40.87
N VAL A 3752 18.16 52.02 42.20
CA VAL A 3752 17.72 53.21 42.91
C VAL A 3752 18.79 54.29 42.80
N LYS A 3753 18.38 55.47 42.35
CA LYS A 3753 19.27 56.61 42.20
C LYS A 3753 18.90 57.65 43.26
N GLY A 3754 19.85 58.01 44.09
CA GLY A 3754 19.63 58.95 45.18
C GLY A 3754 20.32 60.27 44.91
N GLY A 3755 19.62 61.36 45.20
CA GLY A 3755 20.18 62.68 45.01
C GLY A 3755 20.14 63.21 43.59
N GLU A 3756 19.39 62.57 42.69
CA GLU A 3756 19.31 62.98 41.30
C GLU A 3756 17.86 63.25 40.92
N ASP A 3757 17.62 64.40 40.30
CA ASP A 3757 16.30 64.72 39.78
C ASP A 3757 16.12 64.02 38.43
N LEU A 3758 15.17 63.10 38.37
CA LEU A 3758 14.96 62.28 37.18
C LEU A 3758 13.85 62.79 36.28
N ARG A 3759 13.36 64.01 36.52
CA ARG A 3759 12.30 64.54 35.66
C ARG A 3759 12.78 64.70 34.23
N GLN A 3760 14.00 65.19 34.04
CA GLN A 3760 14.54 65.33 32.68
C GLN A 3760 14.67 63.97 32.00
N ASP A 3761 15.08 62.95 32.75
CA ASP A 3761 15.15 61.61 32.17
C ASP A 3761 13.77 61.11 31.77
N GLN A 3762 12.75 61.38 32.58
CA GLN A 3762 11.40 61.03 32.19
C GLN A 3762 10.99 61.75 30.90
N ARG A 3763 11.32 63.04 30.82
CA ARG A 3763 10.94 63.82 29.64
C ARG A 3763 11.62 63.27 28.38
N VAL A 3764 12.92 62.97 28.46
CA VAL A 3764 13.61 62.46 27.28
C VAL A 3764 13.15 61.06 26.95
N GLU A 3765 12.75 60.26 27.94
CA GLU A 3765 12.21 58.95 27.65
C GLU A 3765 10.86 59.05 26.94
N GLN A 3766 10.02 59.99 27.37
CA GLN A 3766 8.77 60.23 26.63
C GLN A 3766 9.06 60.74 25.22
N LEU A 3767 10.08 61.57 25.07
CA LEU A 3767 10.48 62.04 23.75
C LEU A 3767 10.89 60.87 22.87
N PHE A 3768 11.67 59.93 23.42
CA PHE A 3768 12.05 58.75 22.65
C PHE A 3768 10.85 57.88 22.35
N GLN A 3769 9.88 57.83 23.26
CA GLN A 3769 8.66 57.06 23.01
C GLN A 3769 7.91 57.62 21.80
N VAL A 3770 7.67 58.93 21.79
CA VAL A 3770 7.00 59.52 20.63
C VAL A 3770 7.88 59.43 19.40
N MET A 3771 9.20 59.45 19.58
CA MET A 3771 10.13 59.34 18.46
C MET A 3771 9.98 57.99 17.76
N ASN A 3772 10.04 56.91 18.52
CA ASN A 3772 9.90 55.59 17.91
C ASN A 3772 8.46 55.31 17.48
N GLY A 3773 7.48 55.98 18.11
CA GLY A 3773 6.13 55.92 17.58
C GLY A 3773 6.02 56.50 16.19
N ILE A 3774 6.69 57.64 15.97
CA ILE A 3774 6.79 58.19 14.62
C ILE A 3774 7.54 57.22 13.72
N LEU A 3775 8.64 56.66 14.23
CA LEU A 3775 9.48 55.77 13.44
C LEU A 3775 8.71 54.53 12.97
N ALA A 3776 7.70 54.12 13.72
CA ALA A 3776 6.91 52.95 13.35
C ALA A 3776 5.69 53.30 12.50
N GLN A 3777 5.77 54.38 11.73
CA GLN A 3777 4.65 54.85 10.92
C GLN A 3777 5.09 55.19 9.51
N ASP A 3778 6.02 54.41 8.96
CA ASP A 3778 6.45 54.60 7.57
C ASP A 3778 7.12 53.34 7.10
N SER A 3779 6.83 52.94 5.86
CA SER A 3779 7.36 51.68 5.34
C SER A 3779 8.88 51.72 5.20
N ALA A 3780 9.45 52.91 5.00
CA ALA A 3780 10.90 53.01 4.84
C ALA A 3780 11.62 52.59 6.11
N CYS A 3781 11.15 53.04 7.26
CA CYS A 3781 11.81 52.75 8.53
C CYS A 3781 11.27 51.50 9.20
N SER A 3782 9.98 51.22 9.06
CA SER A 3782 9.40 50.05 9.71
C SER A 3782 9.93 48.76 9.11
N GLN A 3783 10.22 48.75 7.81
CA GLN A 3783 10.76 47.55 7.19
C GLN A 3783 12.11 47.17 7.78
N ARG A 3784 12.95 48.16 8.06
CA ARG A 3784 14.24 47.93 8.70
C ARG A 3784 14.11 47.63 10.19
N ALA A 3785 12.89 47.61 10.72
CA ALA A 3785 12.64 47.39 12.15
C ALA A 3785 13.40 48.39 13.00
N LEU A 3786 13.43 49.65 12.56
CA LEU A 3786 14.11 50.70 13.29
C LEU A 3786 13.27 51.08 14.51
N GLN A 3787 13.82 50.87 15.70
CA GLN A 3787 13.11 51.19 16.94
C GLN A 3787 14.14 51.51 18.01
N LEU A 3788 14.02 52.69 18.61
CA LEU A 3788 14.83 53.02 19.77
C LEU A 3788 14.45 52.11 20.93
N ARG A 3789 15.44 51.79 21.76
CA ARG A 3789 15.22 50.98 22.95
C ARG A 3789 15.17 51.90 24.17
N THR A 3790 14.09 51.81 24.93
CA THR A 3790 13.85 52.67 26.06
C THR A 3790 13.65 51.86 27.33
N TYR A 3791 14.07 52.43 28.45
CA TYR A 3791 13.94 51.80 29.75
C TYR A 3791 13.12 52.71 30.65
N SER A 3792 12.21 52.11 31.43
CA SER A 3792 11.29 52.88 32.24
C SER A 3792 12.03 53.67 33.32
N VAL A 3793 11.65 54.94 33.47
CA VAL A 3793 12.21 55.82 34.48
C VAL A 3793 11.05 56.42 35.27
N VAL A 3794 11.13 56.32 36.60
CA VAL A 3794 10.06 56.84 37.45
C VAL A 3794 10.64 57.45 38.72
N PRO A 3795 10.65 58.77 38.85
CA PRO A 3795 11.10 59.39 40.09
C PRO A 3795 9.99 59.49 41.12
N MET A 3796 10.13 58.76 42.23
CA MET A 3796 9.11 58.83 43.28
C MET A 3796 9.08 60.22 43.91
N THR A 3797 10.24 60.82 44.14
CA THR A 3797 10.33 62.17 44.66
C THR A 3797 11.60 62.80 44.12
N SER A 3798 11.82 64.07 44.44
CA SER A 3798 13.07 64.71 44.08
C SER A 3798 14.22 64.05 44.82
N ARG A 3799 15.36 63.93 44.14
CA ARG A 3799 16.57 63.33 44.68
C ARG A 3799 16.40 61.85 45.01
N LEU A 3800 15.34 61.21 44.49
CA LEU A 3800 15.13 59.78 44.72
C LEU A 3800 14.25 59.23 43.61
N GLY A 3801 14.85 58.43 42.72
CA GLY A 3801 14.11 57.85 41.62
C GLY A 3801 14.57 56.44 41.34
N LEU A 3802 13.75 55.73 40.57
CA LEU A 3802 14.03 54.38 40.14
C LEU A 3802 14.17 54.33 38.63
N ILE A 3803 15.25 53.72 38.14
CA ILE A 3803 15.45 53.50 36.72
C ILE A 3803 15.65 52.01 36.51
N GLU A 3804 14.92 51.45 35.54
CA GLU A 3804 15.00 50.03 35.28
C GLU A 3804 16.41 49.62 34.88
N TRP A 3805 16.89 48.53 35.46
CA TRP A 3805 18.21 47.99 35.18
C TRP A 3805 18.07 46.87 34.17
N LEU A 3806 18.39 47.16 32.92
CA LEU A 3806 18.25 46.18 31.85
C LEU A 3806 19.24 45.04 32.06
N GLU A 3807 18.77 43.81 31.81
CA GLU A 3807 19.55 42.63 32.09
C GLU A 3807 20.47 42.29 30.92
N ASN A 3808 21.64 41.74 31.26
CA ASN A 3808 22.60 41.24 30.27
C ASN A 3808 23.08 42.35 29.34
N THR A 3809 23.54 43.45 29.92
CA THR A 3809 24.07 44.58 29.17
C THR A 3809 25.47 44.90 29.67
N VAL A 3810 26.31 45.35 28.74
CA VAL A 3810 27.70 45.69 29.03
C VAL A 3810 27.96 47.10 28.53
N THR A 3811 28.61 47.91 29.38
CA THR A 3811 29.00 49.25 28.96
C THR A 3811 29.98 49.17 27.81
N LEU A 3812 29.89 50.15 26.90
CA LEU A 3812 30.74 50.12 25.71
C LEU A 3812 32.22 50.22 26.09
N LYS A 3813 32.55 51.06 27.06
CA LYS A 3813 33.95 51.20 27.47
C LYS A 3813 34.50 49.88 27.99
N ASP A 3814 33.73 49.19 28.82
CA ASP A 3814 34.18 47.90 29.35
C ASP A 3814 34.28 46.86 28.24
N LEU A 3815 33.33 46.86 27.30
CA LEU A 3815 33.40 45.93 26.18
C LEU A 3815 34.65 46.15 25.34
N LEU A 3816 35.04 47.40 25.14
CA LEU A 3816 36.26 47.69 24.41
C LEU A 3816 37.50 47.32 25.20
N LEU A 3817 37.50 47.59 26.50
CA LEU A 3817 38.70 47.37 27.30
C LEU A 3817 38.97 45.89 27.52
N ASN A 3818 37.97 45.15 28.01
CA ASN A 3818 38.20 43.76 28.41
C ASN A 3818 38.56 42.87 27.24
N THR A 3819 38.20 43.24 26.01
CA THR A 3819 38.54 42.43 24.85
C THR A 3819 39.95 42.65 24.35
N MET A 3820 40.62 43.72 24.79
CA MET A 3820 42.01 43.91 24.44
C MET A 3820 42.88 42.89 25.17
N SER A 3821 44.06 42.65 24.61
CA SER A 3821 45.01 41.78 25.29
C SER A 3821 45.54 42.47 26.54
N GLN A 3822 46.09 41.67 27.46
CA GLN A 3822 46.59 42.21 28.72
C GLN A 3822 47.70 43.23 28.48
N GLU A 3823 48.64 42.91 27.59
CA GLU A 3823 49.72 43.84 27.27
C GLU A 3823 49.17 45.10 26.62
N GLU A 3824 48.20 44.95 25.71
CA GLU A 3824 47.61 46.11 25.06
C GLU A 3824 46.88 47.00 26.06
N LYS A 3825 46.13 46.38 26.98
CA LYS A 3825 45.44 47.17 28.00
C LYS A 3825 46.42 47.89 28.90
N ALA A 3826 47.50 47.21 29.29
CA ALA A 3826 48.52 47.85 30.12
C ALA A 3826 49.17 49.02 29.39
N ALA A 3827 49.48 48.85 28.10
CA ALA A 3827 50.09 49.93 27.34
C ALA A 3827 49.10 51.06 27.09
N TYR A 3828 47.80 50.77 27.11
CA TYR A 3828 46.82 51.83 26.96
C TYR A 3828 46.64 52.62 28.25
N LEU A 3829 46.65 51.95 29.41
CA LEU A 3829 46.48 52.63 30.68
C LEU A 3829 47.78 53.19 31.25
N SER A 3830 48.92 52.84 30.65
CA SER A 3830 50.23 53.27 31.14
C SER A 3830 51.08 53.57 29.91
N ASP A 3831 52.40 53.61 30.10
CA ASP A 3831 53.35 53.78 29.00
C ASP A 3831 52.99 55.09 28.29
N PRO A 3832 53.44 56.24 28.80
CA PRO A 3832 52.95 57.52 28.27
C PRO A 3832 53.32 57.76 26.82
N ARG A 3833 53.00 56.78 25.98
CA ARG A 3833 52.86 56.95 24.54
C ARG A 3833 51.43 56.66 24.10
N ALA A 3834 50.57 56.20 25.02
CA ALA A 3834 49.19 55.89 24.72
C ALA A 3834 48.43 57.17 24.38
N PRO A 3835 47.30 57.04 23.68
CA PRO A 3835 46.55 58.21 23.23
C PRO A 3835 46.20 59.18 24.35
N PRO A 3836 45.80 58.71 25.57
CA PRO A 3836 45.42 59.70 26.60
C PRO A 3836 46.55 60.62 27.04
N CYS A 3837 47.66 60.03 27.51
CA CYS A 3837 48.76 60.85 27.99
C CYS A 3837 49.44 61.61 26.87
N GLU A 3838 49.54 61.01 25.68
CA GLU A 3838 50.10 61.72 24.54
C GLU A 3838 49.24 62.92 24.17
N TYR A 3839 47.91 62.76 24.22
CA TYR A 3839 47.02 63.88 23.94
C TYR A 3839 47.18 64.98 24.99
N LYS A 3840 47.27 64.59 26.26
CA LYS A 3840 47.46 65.58 27.32
C LYS A 3840 48.78 66.34 27.14
N ASP A 3841 49.85 65.60 26.82
CA ASP A 3841 51.14 66.25 26.60
C ASP A 3841 51.11 67.17 25.39
N TRP A 3842 50.45 66.74 24.31
CA TRP A 3842 50.32 67.58 23.13
C TRP A 3842 49.58 68.87 23.46
N LEU A 3843 48.48 68.76 24.21
CA LEU A 3843 47.71 69.94 24.59
C LEU A 3843 48.55 70.88 25.43
N THR A 3844 49.26 70.34 26.44
CA THR A 3844 50.00 71.22 27.34
C THR A 3844 51.24 71.79 26.68
N LYS A 3845 51.79 71.12 25.67
CA LYS A 3845 52.90 71.68 24.93
C LYS A 3845 52.46 72.77 23.96
N MET A 3846 51.31 72.56 23.31
CA MET A 3846 50.84 73.53 22.34
C MET A 3846 50.23 74.76 23.01
N SER A 3847 49.67 74.60 24.21
CA SER A 3847 49.03 75.70 24.91
C SER A 3847 49.89 76.30 26.02
N GLY A 3848 50.81 75.52 26.58
CA GLY A 3848 51.63 75.99 27.68
C GLY A 3848 50.98 75.91 29.03
N LYS A 3849 49.81 75.29 29.14
CA LYS A 3849 49.09 75.16 30.40
C LYS A 3849 48.81 73.69 30.67
N HIS A 3850 48.98 73.28 31.92
CA HIS A 3850 48.78 71.89 32.33
C HIS A 3850 47.45 71.68 33.02
N ASP A 3851 46.55 72.65 32.97
CA ASP A 3851 45.27 72.58 33.67
C ASP A 3851 44.12 72.50 32.69
N VAL A 3852 42.94 72.20 33.22
CA VAL A 3852 41.72 72.20 32.42
C VAL A 3852 41.43 73.61 31.94
N GLY A 3853 41.01 73.73 30.67
CA GLY A 3853 40.81 75.01 30.05
C GLY A 3853 41.95 75.44 29.14
N ALA A 3854 42.98 74.61 28.99
CA ALA A 3854 44.08 74.93 28.09
C ALA A 3854 43.65 74.88 26.63
N TYR A 3855 42.49 74.27 26.33
CA TYR A 3855 41.99 74.27 24.96
C TYR A 3855 41.70 75.69 24.48
N MET A 3856 41.42 76.60 25.41
CA MET A 3856 41.11 77.98 25.06
C MET A 3856 42.22 78.60 24.22
N LEU A 3857 43.47 78.44 24.65
CA LEU A 3857 44.60 78.92 23.87
C LEU A 3857 45.14 77.87 22.92
N MET A 3858 44.76 76.60 23.10
CA MET A 3858 45.26 75.56 22.20
C MET A 3858 44.56 75.64 20.85
N TYR A 3859 43.32 76.12 20.82
CA TYR A 3859 42.59 76.19 19.56
C TYR A 3859 43.31 77.05 18.53
N LYS A 3860 43.81 78.22 18.95
CA LYS A 3860 44.54 79.10 18.04
C LYS A 3860 45.99 78.66 17.84
N GLY A 3861 46.47 77.71 18.63
CA GLY A 3861 47.86 77.30 18.56
C GLY A 3861 48.21 76.34 17.45
N ALA A 3862 47.24 75.94 16.63
CA ALA A 3862 47.51 74.98 15.56
C ALA A 3862 46.63 75.28 14.37
N ASN A 3863 47.11 74.88 13.20
CA ASN A 3863 46.32 74.93 11.97
C ASN A 3863 45.70 73.56 11.73
N ARG A 3864 45.02 73.41 10.59
CA ARG A 3864 44.37 72.15 10.28
C ARG A 3864 45.39 71.04 10.05
N THR A 3865 46.49 71.35 9.37
CA THR A 3865 47.44 70.31 8.97
C THR A 3865 48.13 69.69 10.18
N GLU A 3866 48.66 70.53 11.08
CA GLU A 3866 49.31 69.99 12.27
C GLU A 3866 48.34 69.20 13.13
N THR A 3867 47.13 69.73 13.30
CA THR A 3867 46.14 69.04 14.12
C THR A 3867 45.79 67.69 13.54
N VAL A 3868 45.56 67.63 12.22
CA VAL A 3868 45.15 66.36 11.62
C VAL A 3868 46.31 65.36 11.64
N THR A 3869 47.54 65.82 11.42
CA THR A 3869 48.67 64.91 11.47
C THR A 3869 48.86 64.34 12.87
N SER A 3870 48.79 65.20 13.89
CA SER A 3870 48.92 64.72 15.26
C SER A 3870 47.79 63.77 15.62
N PHE A 3871 46.56 64.10 15.20
CA PHE A 3871 45.42 63.24 15.51
C PHE A 3871 45.57 61.88 14.87
N ARG A 3872 45.97 61.83 13.60
CA ARG A 3872 46.15 60.55 12.94
C ARG A 3872 47.27 59.74 13.60
N LYS A 3873 48.37 60.40 13.94
CA LYS A 3873 49.47 59.69 14.59
C LYS A 3873 49.04 59.11 15.93
N ARG A 3874 48.30 59.89 16.72
CA ARG A 3874 47.84 59.40 18.01
C ARG A 3874 46.81 58.28 17.85
N GLU A 3875 45.93 58.41 16.86
CA GLU A 3875 44.88 57.42 16.65
C GLU A 3875 45.43 56.13 16.06
N SER A 3876 46.61 56.17 15.45
CA SER A 3876 47.23 54.97 14.89
C SER A 3876 47.85 54.06 15.94
N LYS A 3877 47.60 54.33 17.23
CA LYS A 3877 48.17 53.50 18.29
C LYS A 3877 47.21 52.40 18.72
N VAL A 3878 45.97 52.74 19.02
CA VAL A 3878 44.98 51.77 19.47
C VAL A 3878 44.67 50.80 18.33
N PRO A 3879 44.38 49.53 18.63
CA PRO A 3879 44.10 48.57 17.56
C PRO A 3879 42.90 48.99 16.73
N ALA A 3880 42.97 48.75 15.42
CA ALA A 3880 41.91 49.17 14.52
C ALA A 3880 40.69 48.28 14.63
N ASP A 3881 40.89 46.97 14.74
CA ASP A 3881 39.80 46.00 14.71
C ASP A 3881 39.38 45.55 16.10
N LEU A 3882 39.44 46.45 17.08
CA LEU A 3882 39.08 46.08 18.45
C LEU A 3882 37.61 45.67 18.53
N LEU A 3883 36.72 46.44 17.91
CA LEU A 3883 35.31 46.09 17.90
C LEU A 3883 35.07 44.81 17.11
N LYS A 3884 35.76 44.65 15.98
CA LYS A 3884 35.63 43.42 15.21
C LYS A 3884 36.11 42.22 16.01
N ARG A 3885 37.23 42.37 16.74
CA ARG A 3885 37.71 41.29 17.57
C ARG A 3885 36.71 40.96 18.67
N ALA A 3886 36.11 41.98 19.28
CA ALA A 3886 35.12 41.73 20.32
C ALA A 3886 33.91 40.99 19.77
N PHE A 3887 33.47 41.36 18.57
CA PHE A 3887 32.28 40.71 17.99
C PHE A 3887 32.59 39.30 17.52
N VAL A 3888 33.82 39.04 17.09
CA VAL A 3888 34.18 37.71 16.62
C VAL A 3888 34.54 36.76 17.75
N ARG A 3889 34.71 37.28 18.96
CA ARG A 3889 35.10 36.47 20.11
C ARG A 3889 33.91 35.93 20.88
N MET A 3890 32.68 36.29 20.50
CA MET A 3890 31.49 35.79 21.18
C MET A 3890 30.43 35.32 20.18
N SER A 3891 30.87 34.89 19.00
CA SER A 3891 29.96 34.42 17.97
C SER A 3891 30.19 32.95 17.61
N THR A 3892 31.45 32.54 17.44
CA THR A 3892 31.80 31.16 17.08
C THR A 3892 31.16 30.74 15.76
N SER A 3893 30.87 31.69 14.89
CA SER A 3893 30.27 31.40 13.59
C SER A 3893 30.37 32.60 12.67
N PRO A 3894 30.79 32.41 11.42
CA PRO A 3894 30.67 33.48 10.43
C PRO A 3894 29.24 33.70 9.97
N GLU A 3895 28.30 32.95 10.53
CA GLU A 3895 26.90 32.98 10.13
C GLU A 3895 26.05 33.80 11.09
N ALA A 3896 26.51 33.99 12.33
CA ALA A 3896 25.85 34.86 13.28
C ALA A 3896 26.63 36.13 13.59
N PHE A 3897 27.93 36.17 13.30
CA PHE A 3897 28.69 37.39 13.49
C PHE A 3897 28.17 38.51 12.60
N LEU A 3898 27.81 38.17 11.37
CA LEU A 3898 27.25 39.17 10.47
C LEU A 3898 25.94 39.73 11.02
N ALA A 3899 25.07 38.87 11.54
CA ALA A 3899 23.80 39.31 12.11
C ALA A 3899 23.97 40.05 13.42
N LEU A 3900 25.17 40.00 14.02
CA LEU A 3900 25.48 40.80 15.19
C LEU A 3900 25.99 42.18 14.80
N ARG A 3901 26.94 42.22 13.86
CA ARG A 3901 27.49 43.48 13.40
C ARG A 3901 26.42 44.34 12.73
N SER A 3902 25.54 43.70 11.94
CA SER A 3902 24.49 44.45 11.28
C SER A 3902 23.58 45.12 12.30
N HIS A 3903 23.17 44.38 13.33
CA HIS A 3903 22.30 44.95 14.35
C HIS A 3903 22.98 46.08 15.10
N PHE A 3904 24.26 45.88 15.45
CA PHE A 3904 24.99 46.93 16.16
C PHE A 3904 25.04 48.20 15.33
N ALA A 3905 25.43 48.08 14.05
CA ALA A 3905 25.55 49.25 13.21
C ALA A 3905 24.20 49.96 13.01
N SER A 3906 23.15 49.18 12.75
CA SER A 3906 21.84 49.77 12.52
C SER A 3906 21.36 50.52 13.75
N SER A 3907 21.42 49.88 14.91
CA SER A 3907 20.93 50.53 16.13
C SER A 3907 21.77 51.76 16.47
N HIS A 3908 23.09 51.68 16.31
CA HIS A 3908 23.92 52.83 16.62
C HIS A 3908 23.61 54.00 15.70
N ALA A 3909 23.44 53.74 14.39
CA ALA A 3909 23.10 54.82 13.48
C ALA A 3909 21.76 55.45 13.84
N LEU A 3910 20.78 54.62 14.17
CA LEU A 3910 19.47 55.15 14.53
C LEU A 3910 19.55 56.04 15.77
N ILE A 3911 20.24 55.58 16.81
CA ILE A 3911 20.31 56.40 18.01
C ILE A 3911 21.15 57.64 17.76
N CYS A 3912 22.13 57.57 16.85
CA CYS A 3912 22.94 58.76 16.56
C CYS A 3912 22.08 59.84 15.90
N ILE A 3913 21.30 59.46 14.88
CA ILE A 3913 20.48 60.48 14.23
C ILE A 3913 19.40 60.99 15.18
N SER A 3914 18.84 60.10 16.02
CA SER A 3914 17.83 60.54 16.96
C SER A 3914 18.40 61.51 17.98
N HIS A 3915 19.63 61.25 18.46
CA HIS A 3915 20.27 62.17 19.38
C HIS A 3915 20.60 63.49 18.72
N TRP A 3916 20.95 63.48 17.44
CA TRP A 3916 21.21 64.74 16.76
C TRP A 3916 19.92 65.54 16.57
N ILE A 3917 18.78 64.87 16.40
CA ILE A 3917 17.52 65.61 16.26
C ILE A 3917 17.27 66.44 17.51
N LEU A 3918 17.47 65.86 18.68
CA LEU A 3918 17.49 66.61 19.92
C LEU A 3918 18.86 67.26 20.08
N GLY A 3919 19.11 67.87 21.22
CA GLY A 3919 20.40 68.50 21.44
C GLY A 3919 21.32 67.68 22.32
N ILE A 3920 21.07 66.37 22.37
CA ILE A 3920 21.79 65.51 23.31
C ILE A 3920 23.26 65.48 22.94
N GLY A 3921 24.11 65.71 23.94
CA GLY A 3921 25.54 65.65 23.75
C GLY A 3921 26.21 64.81 24.81
N ASP A 3922 27.49 65.05 25.06
CA ASP A 3922 28.25 64.33 26.08
C ASP A 3922 28.17 62.82 25.87
N ARG A 3923 28.26 62.40 24.60
CA ARG A 3923 28.18 60.99 24.25
C ARG A 3923 29.58 60.37 24.38
N HIS A 3924 29.97 60.14 25.63
CA HIS A 3924 31.22 59.44 25.89
C HIS A 3924 30.96 57.94 26.01
N LEU A 3925 32.03 57.18 26.24
CA LEU A 3925 31.93 55.73 26.14
C LEU A 3925 31.01 55.14 27.22
N ASN A 3926 31.10 55.66 28.44
CA ASN A 3926 30.34 55.09 29.54
C ASN A 3926 28.83 55.23 29.33
N ASN A 3927 28.39 56.28 28.62
CA ASN A 3927 26.97 56.44 28.37
C ASN A 3927 26.43 55.33 27.47
N PHE A 3928 27.19 54.96 26.46
CA PHE A 3928 26.74 53.91 25.55
C PHE A 3928 26.79 52.55 26.23
N MET A 3929 25.70 51.79 26.09
CA MET A 3929 25.68 50.40 26.52
C MET A 3929 25.25 49.53 25.35
N VAL A 3930 25.95 48.41 25.18
CA VAL A 3930 25.65 47.45 24.13
C VAL A 3930 25.13 46.18 24.78
N ALA A 3931 23.95 45.76 24.36
CA ALA A 3931 23.36 44.51 24.86
C ALA A 3931 24.16 43.36 24.28
N MET A 3932 25.09 42.82 25.07
CA MET A 3932 25.94 41.75 24.60
C MET A 3932 25.16 40.51 24.19
N GLU A 3933 23.91 40.40 24.65
CA GLU A 3933 23.09 39.26 24.27
C GLU A 3933 22.79 39.30 22.77
N THR A 3934 22.36 40.46 22.27
CA THR A 3934 21.93 40.55 20.87
C THR A 3934 22.66 41.62 20.07
N GLY A 3935 23.57 42.39 20.67
CA GLY A 3935 24.36 43.36 19.95
C GLY A 3935 23.76 44.73 19.82
N GLY A 3936 22.52 44.93 20.26
CA GLY A 3936 21.92 46.24 20.18
C GLY A 3936 22.56 47.23 21.11
N VAL A 3937 22.41 48.51 20.78
CA VAL A 3937 23.03 49.60 21.53
C VAL A 3937 21.95 50.46 22.16
N ILE A 3938 22.19 50.89 23.40
CA ILE A 3938 21.30 51.77 24.13
C ILE A 3938 22.10 52.91 24.71
N GLY A 3939 21.42 54.02 24.98
CA GLY A 3939 22.06 55.19 25.55
C GLY A 3939 21.38 55.60 26.84
N ILE A 3940 22.19 56.13 27.76
CA ILE A 3940 21.69 56.54 29.07
C ILE A 3940 22.28 57.89 29.44
N ASP A 3941 21.92 58.39 30.62
CA ASP A 3941 22.49 59.61 31.20
C ASP A 3941 22.28 60.81 30.27
N PHE A 3942 21.01 61.17 30.11
CA PHE A 3942 20.64 62.32 29.28
C PHE A 3942 20.72 63.61 30.12
N GLY A 3943 21.95 63.98 30.45
CA GLY A 3943 22.19 65.17 31.24
C GLY A 3943 22.11 66.47 30.49
N HIS A 3944 22.10 66.43 29.16
CA HIS A 3944 21.97 67.62 28.31
C HIS A 3944 20.86 67.32 27.31
N ALA A 3945 19.61 67.58 27.70
CA ALA A 3945 18.47 67.17 26.89
C ALA A 3945 18.48 67.88 25.54
N PHE A 3946 18.56 69.21 25.54
CA PHE A 3946 18.65 69.98 24.32
C PHE A 3946 20.07 70.51 24.17
N GLY A 3947 20.30 71.30 23.12
CA GLY A 3947 21.65 71.71 22.85
C GLY A 3947 22.23 72.51 23.99
N SER A 3948 23.04 71.84 24.80
CA SER A 3948 23.75 72.49 25.89
C SER A 3948 25.17 71.95 26.06
N ALA A 3949 25.55 70.93 25.30
CA ALA A 3949 26.92 70.43 25.34
C ALA A 3949 27.88 71.30 24.55
N THR A 3950 27.36 72.22 23.73
CA THR A 3950 28.18 73.13 22.96
C THR A 3950 28.05 74.57 23.43
N GLN A 3951 27.29 74.84 24.49
CA GLN A 3951 27.10 76.20 24.98
C GLN A 3951 27.71 76.40 26.36
N PHE A 3952 27.26 75.66 27.37
CA PHE A 3952 27.66 75.90 28.75
C PHE A 3952 28.73 74.91 29.20
N LEU A 3953 29.87 74.96 28.55
CA LEU A 3953 31.02 74.15 28.93
C LEU A 3953 32.29 74.93 28.63
N PRO A 3954 33.37 74.68 29.37
CA PRO A 3954 34.65 75.31 29.01
C PRO A 3954 35.12 74.94 27.61
N VAL A 3955 34.86 73.71 27.18
CA VAL A 3955 35.19 73.25 25.84
C VAL A 3955 33.91 72.76 25.18
N PRO A 3956 33.46 73.35 24.09
CA PRO A 3956 32.20 72.91 23.47
C PRO A 3956 32.39 71.64 22.66
N GLU A 3957 31.37 70.80 22.68
CA GLU A 3957 31.36 69.57 21.90
C GLU A 3957 30.77 69.88 20.52
N LEU A 3958 31.62 69.88 19.50
CA LEU A 3958 31.21 70.26 18.16
C LEU A 3958 30.72 69.10 17.32
N MET A 3959 30.78 67.88 17.84
CA MET A 3959 30.32 66.75 17.04
C MET A 3959 28.82 66.54 17.22
N PRO A 3960 28.05 66.39 16.14
CA PRO A 3960 26.62 66.11 16.30
C PRO A 3960 26.34 64.82 17.06
N PHE A 3961 27.19 63.81 16.89
CA PHE A 3961 27.05 62.55 17.61
C PHE A 3961 28.43 61.91 17.68
N ARG A 3962 28.48 60.64 18.07
CA ARG A 3962 29.74 59.92 18.22
C ARG A 3962 29.92 58.96 17.05
N LEU A 3963 31.02 59.11 16.32
CA LEU A 3963 31.38 58.19 15.24
C LEU A 3963 32.89 58.25 15.09
N THR A 3964 33.58 57.27 15.65
CA THR A 3964 35.04 57.26 15.70
C THR A 3964 35.58 56.07 14.92
N ARG A 3965 36.88 55.85 15.05
CA ARG A 3965 37.53 54.79 14.28
C ARG A 3965 36.97 53.42 14.62
N GLN A 3966 36.68 53.18 15.90
CA GLN A 3966 36.14 51.88 16.29
C GLN A 3966 34.79 51.60 15.67
N PHE A 3967 34.09 52.63 15.20
CA PHE A 3967 32.82 52.44 14.52
C PHE A 3967 32.98 52.37 13.01
N ILE A 3968 33.93 53.12 12.45
CA ILE A 3968 34.17 53.06 11.00
C ILE A 3968 34.79 51.73 10.63
N ASN A 3969 35.80 51.29 11.38
CA ASN A 3969 36.53 50.07 11.08
C ASN A 3969 35.78 48.81 11.48
N LEU A 3970 34.63 48.93 12.14
CA LEU A 3970 33.82 47.76 12.41
C LEU A 3970 33.43 47.06 11.12
N MET A 3971 33.30 47.81 10.03
CA MET A 3971 33.07 47.30 8.69
C MET A 3971 34.13 47.82 7.74
N LEU A 3972 35.39 47.71 8.17
CA LEU A 3972 36.50 48.37 7.47
C LEU A 3972 36.55 48.05 5.98
N PRO A 3973 36.41 46.81 5.51
CA PRO A 3973 36.46 46.56 4.06
C PRO A 3973 35.31 47.17 3.29
N MET A 3974 34.43 47.93 3.94
CA MET A 3974 33.18 48.39 3.32
C MET A 3974 32.88 49.78 3.86
N LYS A 3975 32.97 50.79 3.00
CA LYS A 3975 32.96 52.18 3.42
C LYS A 3975 31.74 52.54 4.26
N GLU A 3976 31.86 53.60 5.07
CA GLU A 3976 30.83 53.96 6.04
C GLU A 3976 29.52 54.40 5.40
N THR A 3977 29.51 54.68 4.10
CA THR A 3977 28.31 55.11 3.41
C THR A 3977 27.40 53.95 3.04
N GLY A 3978 27.62 52.76 3.60
CA GLY A 3978 26.86 51.59 3.22
C GLY A 3978 25.63 51.31 4.06
N LEU A 3979 25.82 51.17 5.37
CA LEU A 3979 24.73 50.81 6.28
C LEU A 3979 24.39 51.91 7.26
N MET A 3980 25.38 52.60 7.81
CA MET A 3980 25.10 53.73 8.67
C MET A 3980 24.54 54.92 7.90
N TYR A 3981 24.60 54.91 6.58
CA TYR A 3981 24.10 56.00 5.76
C TYR A 3981 22.61 55.86 5.47
N SER A 3982 22.20 54.71 4.93
CA SER A 3982 20.80 54.52 4.58
C SER A 3982 19.91 54.59 5.80
N ILE A 3983 20.37 54.04 6.92
CA ILE A 3983 19.57 54.06 8.15
C ILE A 3983 19.35 55.49 8.62
N MET A 3984 20.43 56.29 8.65
CA MET A 3984 20.29 57.68 9.07
C MET A 3984 19.40 58.46 8.12
N VAL A 3985 19.56 58.23 6.81
CA VAL A 3985 18.73 58.92 5.83
C VAL A 3985 17.26 58.60 6.06
N HIS A 3986 16.93 57.32 6.21
CA HIS A 3986 15.54 56.93 6.39
C HIS A 3986 14.97 57.51 7.68
N ALA A 3987 15.73 57.46 8.78
CA ALA A 3987 15.24 57.98 10.04
C ALA A 3987 15.03 59.49 9.96
N LEU A 3988 15.98 60.21 9.36
CA LEU A 3988 15.84 61.66 9.24
C LEU A 3988 14.64 62.02 8.37
N ARG A 3989 14.44 61.29 7.27
CA ARG A 3989 13.27 61.52 6.44
C ARG A 3989 11.99 61.29 7.21
N ALA A 3990 11.93 60.21 7.99
CA ALA A 3990 10.74 59.92 8.78
C ALA A 3990 10.48 61.02 9.80
N PHE A 3991 11.53 61.53 10.42
CA PHE A 3991 11.35 62.58 11.43
C PHE A 3991 10.88 63.87 10.78
N ARG A 3992 11.53 64.30 9.71
CA ARG A 3992 11.26 65.61 9.15
C ARG A 3992 10.09 65.63 8.18
N SER A 3993 9.60 64.47 7.74
CA SER A 3993 8.43 64.45 6.87
C SER A 3993 7.13 64.60 7.65
N ASP A 3994 7.15 64.38 8.96
CA ASP A 3994 5.97 64.52 9.81
C ASP A 3994 6.33 65.34 11.05
N PRO A 3995 6.50 66.65 10.89
CA PRO A 3995 6.67 67.51 12.08
C PRO A 3995 5.35 67.63 12.84
N GLY A 3996 5.32 68.44 13.89
CA GLY A 3996 4.12 68.52 14.68
C GLY A 3996 4.25 67.82 16.02
N LEU A 3997 3.71 66.60 16.11
CA LEU A 3997 3.74 65.82 17.35
C LEU A 3997 5.09 65.90 18.03
N LEU A 3998 6.17 65.60 17.31
CA LEU A 3998 7.50 65.71 17.89
C LEU A 3998 7.81 67.15 18.25
N THR A 3999 7.55 68.09 17.34
CA THR A 3999 7.85 69.49 17.60
C THR A 3999 7.02 70.02 18.77
N ASN A 4000 5.73 69.66 18.81
CA ASN A 4000 4.89 70.09 19.91
C ASN A 4000 5.37 69.51 21.24
N THR A 4001 5.78 68.25 21.25
CA THR A 4001 6.27 67.64 22.49
C THR A 4001 7.54 68.34 22.98
N MET A 4002 8.46 68.64 22.06
CA MET A 4002 9.67 69.35 22.45
C MET A 4002 9.34 70.75 22.96
N ASP A 4003 8.39 71.44 22.31
CA ASP A 4003 8.00 72.77 22.77
C ASP A 4003 7.37 72.70 24.16
N VAL A 4004 6.62 71.64 24.44
CA VAL A 4004 6.07 71.44 25.76
C VAL A 4004 7.19 71.23 26.77
N PHE A 4005 8.17 70.40 26.42
CA PHE A 4005 9.24 70.08 27.36
C PHE A 4005 10.08 71.32 27.69
N VAL A 4006 10.42 72.12 26.68
CA VAL A 4006 11.30 73.26 26.93
C VAL A 4006 10.58 74.29 27.80
N LYS A 4007 9.29 74.46 27.59
CA LYS A 4007 8.51 75.45 28.35
C LYS A 4007 8.07 74.93 29.71
N GLU A 4008 8.38 73.69 30.05
CA GLU A 4008 8.08 73.18 31.38
C GLU A 4008 8.88 73.95 32.42
N PRO A 4009 8.24 74.45 33.48
CA PRO A 4009 8.97 75.33 34.41
C PRO A 4009 9.93 74.62 35.33
N SER A 4010 9.91 73.29 35.38
CA SER A 4010 10.92 72.56 36.14
C SER A 4010 12.20 72.33 35.33
N PHE A 4011 12.24 72.77 34.08
CA PHE A 4011 13.43 72.69 33.24
C PHE A 4011 13.92 74.13 33.05
N ASP A 4012 14.97 74.48 33.79
CA ASP A 4012 15.50 75.84 33.79
C ASP A 4012 16.88 75.79 34.44
N TRP A 4013 17.46 76.98 34.67
CA TRP A 4013 18.76 77.06 35.34
C TRP A 4013 18.62 77.13 36.86
N LYS A 4014 17.51 76.64 37.40
CA LYS A 4014 17.40 76.39 38.83
C LYS A 4014 17.79 74.96 39.17
N ASN A 4015 17.61 74.04 38.22
CA ASN A 4015 18.05 72.66 38.38
C ASN A 4015 19.17 72.28 37.42
N PHE A 4016 19.39 73.05 36.36
CA PHE A 4016 20.52 72.80 35.47
C PHE A 4016 21.84 72.90 36.22
N GLU A 4017 22.04 74.03 36.94
CA GLU A 4017 23.24 74.17 37.73
C GLU A 4017 23.29 73.15 38.86
N GLN A 4018 22.12 72.75 39.38
CA GLN A 4018 22.09 71.72 40.42
C GLN A 4018 22.66 70.41 39.91
N LYS A 4019 22.16 69.93 38.77
CA LYS A 4019 22.65 68.66 38.24
C LYS A 4019 24.05 68.78 37.67
N MET A 4020 24.50 70.00 37.32
CA MET A 4020 25.89 70.17 36.94
C MET A 4020 26.82 70.06 38.15
N LEU A 4021 26.46 70.71 39.26
CA LEU A 4021 27.25 70.59 40.47
C LEU A 4021 27.14 69.21 41.11
N LYS A 4022 26.11 68.44 40.75
CA LYS A 4022 26.06 67.05 41.18
C LYS A 4022 27.25 66.26 40.65
N LYS A 4023 27.80 66.68 39.51
CA LYS A 4023 29.06 66.18 39.01
C LYS A 4023 30.16 67.21 39.26
N GLY A 4024 31.39 66.86 38.88
CA GLY A 4024 32.52 67.74 39.10
C GLY A 4024 33.43 67.78 37.90
N GLY A 4025 34.22 68.85 37.84
CA GLY A 4025 35.21 69.05 36.80
C GLY A 4025 34.72 69.79 35.57
N SER A 4026 33.52 69.49 35.11
CA SER A 4026 32.96 70.09 33.91
C SER A 4026 31.98 71.19 34.28
N TRP A 4027 32.28 72.41 33.84
CA TRP A 4027 31.40 73.57 34.01
C TRP A 4027 31.09 73.82 35.48
N ILE A 4028 32.14 74.19 36.22
CA ILE A 4028 31.96 74.67 37.57
C ILE A 4028 31.12 75.95 37.52
N GLN A 4029 30.00 75.94 38.24
CA GLN A 4029 28.99 76.98 38.09
C GLN A 4029 29.35 78.18 38.95
N GLU A 4030 29.84 79.25 38.33
CA GLU A 4030 29.99 80.56 38.97
C GLU A 4030 29.68 81.61 37.92
N ILE A 4031 28.40 81.99 37.83
CA ILE A 4031 27.93 82.99 36.89
C ILE A 4031 26.53 83.44 37.27
N ASN A 4032 26.20 84.68 36.95
CA ASN A 4032 24.86 85.21 37.21
C ASN A 4032 24.23 85.83 35.97
N VAL A 4033 25.01 86.48 35.11
CA VAL A 4033 24.46 87.09 33.90
C VAL A 4033 23.98 86.01 32.93
N ALA A 4034 24.62 84.85 32.93
CA ALA A 4034 24.25 83.78 32.01
C ALA A 4034 22.86 83.21 32.28
N GLU A 4035 22.29 83.46 33.46
CA GLU A 4035 20.94 82.99 33.74
C GLU A 4035 19.94 83.60 32.75
N LYS A 4036 20.22 84.80 32.25
CA LYS A 4036 19.43 85.36 31.16
C LYS A 4036 19.77 84.69 29.83
N ASN A 4037 20.98 84.16 29.70
CA ASN A 4037 21.43 83.51 28.47
C ASN A 4037 20.88 82.10 28.32
N TRP A 4038 19.87 81.74 29.10
CA TRP A 4038 19.26 80.42 28.95
C TRP A 4038 18.45 80.34 27.66
N TYR A 4039 17.67 81.38 27.36
CA TYR A 4039 16.82 81.47 26.17
C TYR A 4039 15.96 80.22 26.00
N PRO A 4040 14.94 80.01 26.82
CA PRO A 4040 14.03 78.88 26.57
C PRO A 4040 13.04 79.22 25.46
N ARG A 4041 13.52 79.88 24.42
CA ARG A 4041 12.75 80.16 23.21
C ARG A 4041 13.52 79.92 21.93
N GLN A 4042 14.85 80.01 21.95
CA GLN A 4042 15.66 79.77 20.76
C GLN A 4042 15.99 78.29 20.57
N LYS A 4043 15.86 77.47 21.61
CA LYS A 4043 16.08 76.04 21.45
C LYS A 4043 15.09 75.44 20.47
N ILE A 4044 13.81 75.84 20.56
CA ILE A 4044 12.81 75.33 19.63
C ILE A 4044 13.04 75.88 18.24
N CYS A 4045 13.44 77.15 18.12
CA CYS A 4045 13.74 77.69 16.81
C CYS A 4045 14.88 76.93 16.15
N TYR A 4046 15.95 76.64 16.90
CA TYR A 4046 17.07 75.89 16.36
C TYR A 4046 16.68 74.46 16.01
N ALA A 4047 15.87 73.84 16.86
CA ALA A 4047 15.43 72.47 16.59
C ALA A 4047 14.57 72.41 15.34
N LYS A 4048 13.67 73.38 15.16
CA LYS A 4048 12.86 73.43 13.96
C LYS A 4048 13.73 73.68 12.73
N ARG A 4049 14.71 74.57 12.84
CA ARG A 4049 15.59 74.83 11.71
C ARG A 4049 16.34 73.56 11.31
N LYS A 4050 16.98 72.90 12.28
CA LYS A 4050 17.72 71.67 11.99
C LYS A 4050 16.80 70.51 11.66
N LEU A 4051 15.50 70.63 11.89
CA LEU A 4051 14.54 69.61 11.51
C LEU A 4051 13.87 69.88 10.19
N ALA A 4052 13.64 71.15 9.84
CA ALA A 4052 13.05 71.51 8.56
C ALA A 4052 14.10 71.66 7.46
N GLY A 4053 15.37 71.40 7.76
CA GLY A 4053 16.42 71.50 6.78
C GLY A 4053 17.38 72.64 7.06
N ALA A 4054 18.54 72.31 7.62
CA ALA A 4054 19.55 73.32 7.90
C ALA A 4054 20.91 72.65 7.98
N ASN A 4055 21.93 73.39 7.63
CA ASN A 4055 23.29 72.86 7.70
C ASN A 4055 23.69 72.68 9.16
N PRO A 4056 24.15 71.49 9.56
CA PRO A 4056 24.57 71.30 10.94
C PRO A 4056 25.69 72.23 11.37
N ALA A 4057 26.58 72.58 10.44
CA ALA A 4057 27.62 73.55 10.76
C ALA A 4057 27.01 74.88 11.16
N VAL A 4058 26.00 75.34 10.42
CA VAL A 4058 25.33 76.60 10.74
C VAL A 4058 24.69 76.52 12.12
N ILE A 4059 24.03 75.40 12.42
CA ILE A 4059 23.36 75.26 13.71
C ILE A 4059 24.38 75.28 14.85
N THR A 4060 25.48 74.56 14.68
CA THR A 4060 26.50 74.54 15.73
C THR A 4060 27.13 75.92 15.90
N CYS A 4061 27.35 76.63 14.80
CA CYS A 4061 27.90 77.98 14.90
C CYS A 4061 26.92 78.92 15.61
N ASP A 4062 25.62 78.76 15.33
CA ASP A 4062 24.62 79.57 16.03
C ASP A 4062 24.59 79.27 17.52
N GLU A 4063 24.69 77.99 17.89
CA GLU A 4063 24.75 77.64 19.30
C GLU A 4063 25.98 78.23 19.96
N LEU A 4064 27.13 78.18 19.27
CA LEU A 4064 28.34 78.79 19.81
C LEU A 4064 28.17 80.29 19.98
N LEU A 4065 27.54 80.94 19.00
CA LEU A 4065 27.31 82.38 19.09
C LEU A 4065 26.42 82.72 20.27
N LEU A 4066 25.38 81.92 20.50
CA LEU A 4066 24.47 82.19 21.61
C LEU A 4066 25.15 81.96 22.96
N GLY A 4067 25.82 80.82 23.10
CA GLY A 4067 26.38 80.44 24.39
C GLY A 4067 27.77 80.99 24.67
N HIS A 4068 28.54 81.25 23.62
CA HIS A 4068 29.91 81.73 23.79
C HIS A 4068 30.06 83.13 23.22
N GLU A 4069 29.09 83.99 23.50
CA GLU A 4069 29.15 85.38 23.05
C GLU A 4069 30.38 86.07 23.64
N LYS A 4070 30.88 87.07 22.91
CA LYS A 4070 32.03 87.89 23.27
C LYS A 4070 33.19 87.06 23.81
N ALA A 4071 33.34 85.84 23.30
CA ALA A 4071 34.50 85.01 23.64
C ALA A 4071 35.63 85.28 22.66
N PRO A 4072 36.83 85.57 23.13
CA PRO A 4072 37.93 85.89 22.19
C PRO A 4072 38.30 84.75 21.26
N ALA A 4073 37.96 83.50 21.61
CA ALA A 4073 38.20 82.36 20.74
C ALA A 4073 36.95 81.93 19.98
N PHE A 4074 35.88 82.71 20.05
CA PHE A 4074 34.65 82.35 19.35
C PHE A 4074 34.85 82.31 17.85
N ARG A 4075 35.61 83.27 17.31
CA ARG A 4075 35.90 83.26 15.87
C ARG A 4075 36.64 82.01 15.47
N ASP A 4076 37.62 81.58 16.27
CA ASP A 4076 38.34 80.36 15.97
C ASP A 4076 37.41 79.15 16.08
N TYR A 4077 36.49 79.17 17.05
CA TYR A 4077 35.54 78.08 17.18
C TYR A 4077 34.67 77.95 15.94
N VAL A 4078 34.10 79.05 15.47
CA VAL A 4078 33.23 78.99 14.28
C VAL A 4078 34.06 78.62 13.05
N ALA A 4079 35.30 79.09 12.97
CA ALA A 4079 36.15 78.72 11.85
C ALA A 4079 36.42 77.23 11.81
N VAL A 4080 36.71 76.63 12.98
CA VAL A 4080 36.99 75.20 13.02
C VAL A 4080 35.72 74.38 12.87
N ALA A 4081 34.57 74.93 13.20
CA ALA A 4081 33.32 74.22 13.01
C ALA A 4081 32.71 74.43 11.64
N ARG A 4082 33.26 75.32 10.83
CA ARG A 4082 32.69 75.59 9.51
C ARG A 4082 33.24 74.65 8.45
N GLY A 4083 34.54 74.68 8.20
CA GLY A 4083 35.15 73.86 7.19
C GLY A 4083 36.30 74.60 6.53
N SER A 4084 36.67 74.13 5.33
CA SER A 4084 37.80 74.72 4.62
C SER A 4084 37.55 74.96 3.13
N LYS A 4085 36.41 74.50 2.57
CA LYS A 4085 36.05 74.68 1.17
C LYS A 4085 36.95 73.88 0.23
N ASP A 4086 37.98 73.25 0.78
CA ASP A 4086 38.78 72.26 0.06
C ASP A 4086 38.49 70.85 0.53
N HIS A 4087 38.08 70.72 1.78
CA HIS A 4087 37.56 69.48 2.34
C HIS A 4087 36.34 69.88 3.17
N ASN A 4088 35.86 68.97 4.02
CA ASN A 4088 34.79 69.27 4.95
C ASN A 4088 33.54 69.75 4.20
N ILE A 4089 32.95 68.81 3.45
CA ILE A 4089 31.80 69.05 2.60
C ILE A 4089 30.68 69.75 3.36
N ARG A 4090 30.73 69.69 4.70
CA ARG A 4090 29.71 70.35 5.51
C ARG A 4090 29.66 71.85 5.26
N ALA A 4091 30.73 72.45 4.74
CA ALA A 4091 30.64 73.83 4.24
C ALA A 4091 30.96 73.80 2.76
N GLN A 4092 29.97 73.40 1.98
CA GLN A 4092 29.96 73.61 0.54
C GLN A 4092 28.54 73.85 0.03
N GLU A 4093 27.56 73.94 0.90
CA GLU A 4093 26.15 73.87 0.57
C GLU A 4093 25.43 75.08 1.15
N PRO A 4094 24.23 75.39 0.65
CA PRO A 4094 23.47 76.50 1.23
C PRO A 4094 23.18 76.28 2.71
N GLU A 4095 23.11 77.39 3.44
CA GLU A 4095 22.92 77.32 4.88
C GLU A 4095 21.56 76.73 5.26
N SER A 4096 20.62 76.64 4.34
CA SER A 4096 19.31 76.09 4.62
C SER A 4096 18.75 75.45 3.37
N GLY A 4097 17.60 74.80 3.53
CA GLY A 4097 16.95 74.15 2.40
C GLY A 4097 17.65 72.92 1.90
N LEU A 4098 18.47 72.28 2.72
CA LEU A 4098 19.20 71.09 2.29
C LEU A 4098 18.27 69.90 2.16
N SER A 4099 18.65 68.98 1.28
CA SER A 4099 17.97 67.70 1.18
C SER A 4099 18.43 66.78 2.30
N GLU A 4100 17.67 65.70 2.52
CA GLU A 4100 18.00 64.79 3.61
C GLU A 4100 19.36 64.13 3.40
N GLU A 4101 19.66 63.71 2.17
CA GLU A 4101 20.92 63.05 1.90
C GLU A 4101 22.09 63.99 2.12
N THR A 4102 21.99 65.22 1.62
CA THR A 4102 23.05 66.19 1.84
C THR A 4102 23.18 66.55 3.32
N GLN A 4103 22.05 66.66 4.01
CA GLN A 4103 22.09 66.94 5.44
C GLN A 4103 22.83 65.86 6.20
N VAL A 4104 22.52 64.59 5.90
CA VAL A 4104 23.19 63.51 6.62
C VAL A 4104 24.65 63.39 6.21
N LYS A 4105 24.98 63.74 4.96
CA LYS A 4105 26.38 63.75 4.57
C LYS A 4105 27.16 64.79 5.35
N CYS A 4106 26.55 65.98 5.53
CA CYS A 4106 27.18 66.99 6.37
C CYS A 4106 27.32 66.51 7.81
N LEU A 4107 26.28 65.84 8.32
CA LEU A 4107 26.37 65.26 9.67
C LEU A 4107 27.55 64.32 9.80
N MET A 4108 27.68 63.38 8.86
CA MET A 4108 28.75 62.40 8.93
C MET A 4108 30.11 63.06 8.80
N ASP A 4109 30.23 64.05 7.90
CA ASP A 4109 31.52 64.72 7.74
C ASP A 4109 31.90 65.48 9.00
N GLN A 4110 30.95 66.15 9.64
CA GLN A 4110 31.23 66.83 10.90
C GLN A 4110 31.61 65.83 11.98
N ALA A 4111 30.93 64.68 12.02
CA ALA A 4111 31.22 63.69 13.05
C ALA A 4111 32.61 63.10 12.87
N THR A 4112 33.01 62.84 11.63
CA THR A 4112 34.28 62.17 11.35
C THR A 4112 35.38 63.14 10.94
N ASP A 4113 35.17 64.44 11.11
CA ASP A 4113 36.21 65.40 10.78
C ASP A 4113 37.37 65.26 11.74
N PRO A 4114 38.59 64.95 11.26
CA PRO A 4114 39.72 64.84 12.19
C PRO A 4114 40.02 66.13 12.93
N ASN A 4115 39.79 67.28 12.30
CA ASN A 4115 40.06 68.56 12.97
C ASN A 4115 39.19 68.73 14.20
N ILE A 4116 37.91 68.37 14.10
CA ILE A 4116 37.00 68.51 15.23
C ILE A 4116 37.37 67.54 16.35
N LEU A 4117 37.60 66.28 16.00
CA LEU A 4117 37.91 65.28 17.01
C LEU A 4117 39.24 65.55 17.69
N GLY A 4118 40.19 66.15 16.99
CA GLY A 4118 41.51 66.36 17.56
C GLY A 4118 41.54 67.42 18.65
N ARG A 4119 40.52 68.26 18.73
CA ARG A 4119 40.49 69.38 19.67
C ARG A 4119 39.21 69.33 20.49
N THR A 4120 38.88 68.16 21.03
CA THR A 4120 37.70 67.98 21.87
C THR A 4120 38.14 67.67 23.30
N TRP A 4121 37.15 67.49 24.16
CA TRP A 4121 37.41 67.23 25.57
C TRP A 4121 38.12 65.90 25.75
N GLU A 4122 39.08 65.86 26.66
CA GLU A 4122 39.89 64.65 26.86
C GLU A 4122 39.03 63.49 27.36
N GLY A 4123 38.09 63.76 28.26
CA GLY A 4123 37.24 62.70 28.78
C GLY A 4123 36.34 62.07 27.75
N TRP A 4124 36.02 62.78 26.68
CA TRP A 4124 35.17 62.23 25.63
C TRP A 4124 35.85 61.09 24.89
N GLU A 4125 37.18 60.96 25.02
CA GLU A 4125 37.95 59.88 24.41
C GLU A 4125 37.74 59.86 22.90
N PRO A 4126 38.22 60.87 22.17
CA PRO A 4126 37.99 60.89 20.72
C PRO A 4126 38.70 59.80 19.97
N TRP A 4127 39.86 59.34 20.44
CA TRP A 4127 40.66 58.39 19.67
C TRP A 4127 39.93 57.07 19.48
N MET A 4128 39.33 56.55 20.54
CA MET A 4128 38.58 55.30 20.43
C MET A 4128 37.15 55.58 20.00
N PRO B 11 20.95 2.55 -83.65
CA PRO B 11 21.63 3.73 -83.08
C PRO B 11 20.67 4.88 -82.82
N ASN B 12 19.37 4.57 -82.79
CA ASN B 12 18.34 5.58 -82.59
C ASN B 12 17.09 4.90 -82.05
N GLY B 13 16.03 5.68 -81.90
CA GLY B 13 14.78 5.18 -81.38
C GLY B 13 14.27 5.95 -80.17
N PRO B 14 15.16 6.28 -79.22
CA PRO B 14 14.74 7.22 -78.16
C PRO B 14 14.87 8.68 -78.61
N THR B 15 13.97 9.09 -79.50
CA THR B 15 14.03 10.40 -80.13
C THR B 15 12.81 11.24 -79.76
N HIS B 16 12.43 11.22 -78.50
CA HIS B 16 11.35 12.06 -78.01
C HIS B 16 11.82 12.84 -76.79
N SER B 17 10.98 13.76 -76.32
CA SER B 17 11.34 14.62 -75.23
C SER B 17 11.59 13.83 -73.95
N SER B 18 12.63 14.20 -73.22
CA SER B 18 12.98 13.56 -71.96
C SER B 18 12.15 14.07 -70.79
N THR B 19 11.04 14.76 -71.07
CA THR B 19 10.19 15.30 -70.02
C THR B 19 8.72 15.16 -70.38
N LEU B 20 8.37 14.11 -71.11
CA LEU B 20 7.02 14.03 -71.67
C LEU B 20 6.01 13.53 -70.63
N PHE B 21 6.20 12.30 -70.15
CA PHE B 21 5.23 11.68 -69.28
C PHE B 21 5.22 12.25 -67.87
N VAL B 22 6.24 13.02 -67.49
CA VAL B 22 6.21 13.68 -66.20
C VAL B 22 5.14 14.77 -66.23
N ARG B 23 4.33 14.81 -65.17
CA ARG B 23 3.22 15.74 -65.16
C ARG B 23 3.71 17.17 -64.97
N ASP B 24 2.78 18.11 -65.17
CA ASP B 24 3.12 19.53 -65.12
C ASP B 24 3.67 19.95 -63.77
N ASP B 25 3.35 19.21 -62.70
CA ASP B 25 3.84 19.52 -61.37
C ASP B 25 5.17 18.85 -61.06
N GLY B 26 5.79 18.20 -62.05
CA GLY B 26 7.03 17.48 -61.84
C GLY B 26 6.87 16.06 -61.36
N SER B 27 5.66 15.53 -61.33
CA SER B 27 5.42 14.16 -60.90
C SER B 27 5.41 13.23 -62.11
N SER B 28 6.21 12.18 -62.05
CA SER B 28 6.28 11.21 -63.14
C SER B 28 5.05 10.31 -63.13
N MET B 29 4.46 10.12 -64.30
CA MET B 29 3.31 9.23 -64.42
C MET B 29 3.74 7.78 -64.20
N SER B 30 2.87 7.02 -63.55
CA SER B 30 3.12 5.62 -63.23
C SER B 30 2.27 4.73 -64.12
N PHE B 31 2.91 3.79 -64.81
CA PHE B 31 2.23 2.85 -65.69
C PHE B 31 2.54 1.43 -65.27
N TYR B 32 1.52 0.58 -65.27
CA TYR B 32 1.66 -0.82 -64.91
C TYR B 32 1.30 -1.68 -66.11
N VAL B 33 2.26 -2.47 -66.59
CA VAL B 33 2.05 -3.43 -67.65
C VAL B 33 2.52 -4.79 -67.18
N ARG B 34 1.73 -5.82 -67.42
CA ARG B 34 2.16 -7.17 -67.10
C ARG B 34 3.35 -7.54 -67.99
N PRO B 35 4.27 -8.36 -67.49
CA PRO B 35 5.42 -8.76 -68.30
C PRO B 35 4.98 -9.43 -69.59
N SER B 36 5.58 -9.02 -70.70
CA SER B 36 5.15 -9.41 -72.03
C SER B 36 6.13 -8.82 -73.04
N PRO B 37 6.17 -9.36 -74.26
CA PRO B 37 7.02 -8.73 -75.29
C PRO B 37 6.71 -7.27 -75.52
N ALA B 38 5.44 -6.86 -75.40
CA ALA B 38 5.10 -5.45 -75.54
C ALA B 38 5.75 -4.62 -74.45
N LYS B 39 5.73 -5.10 -73.21
CA LYS B 39 6.33 -4.37 -72.12
C LYS B 39 7.83 -4.19 -72.30
N ARG B 40 8.48 -5.10 -73.04
CA ARG B 40 9.92 -4.97 -73.26
C ARG B 40 10.25 -3.65 -73.94
N ARG B 41 9.52 -3.31 -75.01
CA ARG B 41 9.74 -2.02 -75.65
C ARG B 41 9.09 -0.88 -74.87
N LEU B 42 7.94 -1.13 -74.23
CA LEU B 42 7.25 -0.06 -73.53
C LEU B 42 8.06 0.46 -72.35
N SER B 43 8.84 -0.40 -71.70
CA SER B 43 9.67 0.05 -70.58
C SER B 43 10.70 1.07 -71.04
N THR B 44 11.42 0.77 -72.13
CA THR B 44 12.38 1.72 -72.67
C THR B 44 11.69 2.98 -73.15
N LEU B 45 10.53 2.84 -73.79
CA LEU B 45 9.80 4.00 -74.31
C LEU B 45 9.39 4.93 -73.18
N ILE B 46 8.90 4.38 -72.07
CA ILE B 46 8.51 5.20 -70.93
C ILE B 46 9.74 5.79 -70.24
N LEU B 47 10.81 5.00 -70.11
CA LEU B 47 12.00 5.47 -69.43
C LEU B 47 12.61 6.66 -70.16
N HIS B 48 12.64 6.62 -71.49
CA HIS B 48 13.10 7.78 -72.24
C HIS B 48 12.12 8.93 -72.16
N GLY B 49 10.85 8.64 -71.87
CA GLY B 49 9.81 9.65 -71.78
C GLY B 49 9.67 10.32 -70.44
N GLY B 50 10.49 9.97 -69.46
CA GLY B 50 10.45 10.60 -68.16
C GLY B 50 9.48 9.99 -67.17
N GLY B 51 8.54 9.17 -67.63
CA GLY B 51 7.62 8.51 -66.74
C GLY B 51 8.25 7.32 -66.06
N THR B 52 7.46 6.66 -65.21
CA THR B 52 7.92 5.49 -64.49
C THR B 52 6.96 4.33 -64.71
N VAL B 53 7.52 3.12 -64.68
CA VAL B 53 6.76 1.89 -64.91
C VAL B 53 6.78 1.09 -63.61
N CYS B 54 5.61 0.68 -63.16
CA CYS B 54 5.49 -0.02 -61.89
C CYS B 54 5.77 -1.51 -62.08
N ARG B 55 6.58 -2.07 -61.17
CA ARG B 55 6.87 -3.49 -61.23
C ARG B 55 5.63 -4.34 -61.00
N VAL B 56 4.80 -3.95 -60.03
CA VAL B 56 3.54 -4.61 -59.74
C VAL B 56 2.44 -3.56 -59.75
N GLN B 57 1.19 -4.03 -59.69
CA GLN B 57 0.06 -3.12 -59.62
C GLN B 57 0.18 -2.24 -58.39
N GLU B 58 -0.11 -0.95 -58.57
CA GLU B 58 0.00 0.03 -57.49
C GLU B 58 -1.18 0.97 -57.54
N PRO B 59 -1.56 1.56 -56.40
CA PRO B 59 -2.75 2.44 -56.39
C PRO B 59 -2.63 3.64 -57.30
N GLY B 60 -1.45 4.22 -57.43
CA GLY B 60 -1.26 5.43 -58.21
C GLY B 60 -0.79 5.21 -59.63
N ALA B 61 -0.93 4.01 -60.18
CA ALA B 61 -0.43 3.69 -61.50
C ALA B 61 -1.54 3.79 -62.54
N VAL B 62 -1.13 3.68 -63.81
CA VAL B 62 -2.05 3.65 -64.94
C VAL B 62 -2.06 2.23 -65.48
N LEU B 63 -3.25 1.64 -65.53
CA LEU B 63 -3.39 0.24 -65.94
C LEU B 63 -3.40 0.17 -67.46
N LEU B 64 -2.26 -0.12 -68.05
CA LEU B 64 -2.17 -0.27 -69.49
C LEU B 64 -2.73 -1.62 -69.92
N ALA B 65 -3.07 -1.73 -71.20
CA ALA B 65 -3.58 -2.97 -71.76
C ALA B 65 -3.52 -2.89 -73.28
N GLN B 66 -3.05 -3.97 -73.89
CA GLN B 66 -3.03 -4.03 -75.35
C GLN B 66 -4.46 -4.06 -75.88
N PRO B 67 -4.71 -3.44 -77.03
CA PRO B 67 -6.06 -3.48 -77.60
C PRO B 67 -6.46 -4.89 -78.02
N GLY B 68 -7.75 -5.17 -77.90
CA GLY B 68 -8.29 -6.46 -78.27
C GLY B 68 -8.52 -7.41 -77.11
N GLU B 69 -7.99 -7.11 -75.93
CA GLU B 69 -8.20 -7.97 -74.77
C GLU B 69 -9.64 -7.84 -74.28
N ALA B 70 -10.39 -8.94 -74.35
CA ALA B 70 -11.81 -8.90 -73.97
C ALA B 70 -11.98 -8.57 -72.50
N LEU B 71 -11.17 -9.19 -71.63
CA LEU B 71 -11.34 -8.98 -70.19
C LEU B 71 -11.05 -7.54 -69.80
N ALA B 72 -9.96 -6.97 -70.33
CA ALA B 72 -9.60 -5.59 -69.99
C ALA B 72 -10.67 -4.62 -70.48
N GLU B 73 -11.14 -4.80 -71.72
CA GLU B 73 -12.17 -3.91 -72.25
C GLU B 73 -13.45 -4.03 -71.46
N ALA B 74 -13.84 -5.26 -71.09
CA ALA B 74 -15.05 -5.45 -70.31
C ALA B 74 -14.92 -4.80 -68.94
N SER B 75 -13.73 -4.86 -68.34
CA SER B 75 -13.50 -4.18 -67.07
C SER B 75 -13.64 -2.67 -67.22
N GLY B 76 -13.14 -2.13 -68.33
CA GLY B 76 -13.23 -0.70 -68.57
C GLY B 76 -12.41 0.15 -67.61
N ASP B 77 -11.23 -0.31 -67.24
CA ASP B 77 -10.33 0.44 -66.37
C ASP B 77 -8.91 0.28 -66.92
N PHE B 78 -8.77 0.45 -68.23
CA PHE B 78 -7.48 0.24 -68.87
C PHE B 78 -7.26 1.27 -69.97
N ILE B 79 -5.99 1.62 -70.17
CA ILE B 79 -5.57 2.56 -71.20
C ILE B 79 -4.81 1.78 -72.26
N SER B 80 -5.22 1.93 -73.51
CA SER B 80 -4.61 1.18 -74.60
C SER B 80 -3.12 1.48 -74.70
N THR B 81 -2.34 0.44 -74.98
CA THR B 81 -0.90 0.63 -75.16
C THR B 81 -0.61 1.47 -76.41
N GLN B 82 -1.56 1.58 -77.34
CA GLN B 82 -1.37 2.44 -78.50
C GLN B 82 -1.23 3.90 -78.09
N TYR B 83 -1.77 4.26 -76.92
CA TYR B 83 -1.55 5.60 -76.38
C TYR B 83 -0.08 5.91 -76.26
N ILE B 84 0.70 4.99 -75.72
CA ILE B 84 2.13 5.21 -75.57
C ILE B 84 2.77 5.41 -76.93
N LEU B 85 2.50 4.49 -77.87
CA LEU B 85 3.18 4.51 -79.16
C LEU B 85 2.86 5.77 -79.95
N ASP B 86 1.58 6.18 -79.97
CA ASP B 86 1.24 7.39 -80.71
C ASP B 86 1.63 8.64 -79.94
N CYS B 87 1.92 8.53 -78.64
CA CYS B 87 2.47 9.65 -77.91
C CYS B 87 3.96 9.84 -78.14
N VAL B 88 4.71 8.79 -78.46
CA VAL B 88 6.11 8.93 -78.83
C VAL B 88 6.27 9.68 -80.15
N GLU B 89 5.55 9.26 -81.19
CA GLU B 89 5.72 9.89 -82.49
C GLU B 89 5.26 11.34 -82.47
N ARG B 90 4.16 11.61 -81.77
CA ARG B 90 3.68 12.99 -81.65
C ARG B 90 4.58 13.82 -80.73
N ASN B 91 5.26 13.18 -79.80
CA ASN B 91 6.11 13.84 -78.81
C ASN B 91 5.35 14.86 -77.98
N GLU B 92 4.03 14.74 -77.92
CA GLU B 92 3.21 15.65 -77.14
C GLU B 92 2.17 14.84 -76.37
N ARG B 93 2.08 15.09 -75.06
CA ARG B 93 1.07 14.42 -74.25
C ARG B 93 -0.33 14.82 -74.70
N LEU B 94 -1.30 13.98 -74.38
CA LEU B 94 -2.67 14.19 -74.84
C LEU B 94 -3.64 13.49 -73.90
N GLU B 95 -4.92 13.65 -74.20
CA GLU B 95 -5.99 13.17 -73.32
C GLU B 95 -5.91 11.65 -73.16
N LEU B 96 -5.97 11.17 -71.92
CA LEU B 96 -5.89 9.74 -71.67
C LEU B 96 -7.12 9.02 -72.18
N GLU B 97 -8.31 9.58 -71.93
CA GLU B 97 -9.56 8.90 -72.27
C GLU B 97 -9.81 8.87 -73.78
N ALA B 98 -8.87 9.39 -74.57
CA ALA B 98 -8.96 9.23 -76.01
C ALA B 98 -8.83 7.78 -76.43
N TYR B 99 -8.03 7.00 -75.70
CA TYR B 99 -7.83 5.58 -75.96
C TYR B 99 -8.09 4.77 -74.70
N ARG B 100 -9.20 5.07 -74.04
CA ARG B 100 -9.62 4.33 -72.85
C ARG B 100 -10.56 3.22 -73.29
N LEU B 101 -10.20 1.98 -72.94
CA LEU B 101 -11.02 0.84 -73.30
C LEU B 101 -12.32 0.83 -72.49
N GLY B 102 -13.28 0.03 -72.96
CA GLY B 102 -14.54 -0.08 -72.28
C GLY B 102 -15.67 0.57 -73.05
N PRO B 103 -16.49 -0.24 -73.73
CA PRO B 103 -17.66 0.21 -74.49
C PRO B 103 -18.59 1.10 -73.67
N GLY B 132 -33.76 -18.82 -81.08
CA GLY B 132 -34.52 -19.79 -80.32
C GLY B 132 -35.25 -20.81 -81.18
N ARG B 133 -34.56 -21.90 -81.50
CA ARG B 133 -35.13 -22.96 -82.33
C ARG B 133 -35.80 -23.95 -81.38
N ILE B 134 -37.05 -23.65 -81.02
CA ILE B 134 -37.70 -24.40 -79.95
C ILE B 134 -39.14 -24.79 -80.26
N ALA B 135 -39.35 -25.96 -80.86
CA ALA B 135 -40.61 -26.69 -80.68
C ALA B 135 -40.38 -28.15 -81.10
N PHE B 136 -40.10 -29.01 -80.13
CA PHE B 136 -40.09 -30.45 -80.39
C PHE B 136 -40.55 -31.25 -79.18
N THR B 137 -41.71 -30.88 -78.62
CA THR B 137 -42.27 -31.57 -77.48
C THR B 137 -42.62 -33.02 -77.80
N ASP B 138 -43.17 -33.75 -76.82
CA ASP B 138 -43.49 -35.15 -77.04
C ASP B 138 -44.74 -35.35 -77.89
N ALA B 139 -45.65 -34.38 -77.89
CA ALA B 139 -46.92 -34.56 -78.61
C ALA B 139 -46.72 -34.61 -80.11
N ASP B 140 -45.96 -33.67 -80.66
CA ASP B 140 -45.70 -33.70 -82.10
C ASP B 140 -44.87 -34.90 -82.52
N ASP B 141 -44.14 -35.52 -81.59
CA ASP B 141 -43.37 -36.71 -81.94
C ASP B 141 -44.26 -37.90 -82.30
N VAL B 142 -45.52 -37.91 -81.88
CA VAL B 142 -46.45 -38.97 -82.27
C VAL B 142 -47.41 -38.39 -83.31
N ALA B 143 -47.65 -37.08 -83.23
CA ALA B 143 -48.42 -36.41 -84.26
C ALA B 143 -47.76 -36.52 -85.63
N ILE B 144 -46.44 -36.67 -85.67
CA ILE B 144 -45.76 -36.92 -86.93
C ILE B 144 -46.23 -38.24 -87.53
N LEU B 145 -45.99 -39.35 -86.82
CA LEU B 145 -46.31 -40.67 -87.37
C LEU B 145 -47.79 -40.78 -87.69
N THR B 146 -48.65 -40.28 -86.81
CA THR B 146 -50.07 -40.26 -87.14
C THR B 146 -50.28 -39.42 -88.38
N TYR B 147 -51.08 -39.93 -89.31
CA TYR B 147 -51.50 -39.31 -90.55
C TYR B 147 -50.40 -39.37 -91.63
N VAL B 148 -49.18 -39.82 -91.32
CA VAL B 148 -48.17 -40.05 -92.34
C VAL B 148 -47.90 -41.54 -92.54
N LYS B 149 -47.93 -42.33 -91.45
CA LYS B 149 -47.73 -43.77 -91.60
C LYS B 149 -48.84 -44.43 -92.38
N GLU B 150 -49.95 -43.72 -92.58
CA GLU B 150 -51.08 -44.19 -93.37
C GLU B 150 -51.25 -43.42 -94.66
N ASN B 151 -51.24 -42.09 -94.60
CA ASN B 151 -51.47 -41.25 -95.78
C ASN B 151 -50.13 -40.77 -96.35
N ALA B 152 -49.34 -41.73 -96.84
CA ALA B 152 -48.10 -41.44 -97.54
C ALA B 152 -47.82 -42.59 -98.48
N ARG B 153 -47.91 -42.33 -99.79
CA ARG B 153 -47.72 -43.36 -100.80
C ARG B 153 -46.48 -43.14 -101.67
N SER B 154 -45.80 -42.01 -101.55
CA SER B 154 -44.62 -41.73 -102.36
C SER B 154 -43.37 -41.94 -101.53
N PRO B 155 -42.52 -42.92 -101.88
CA PRO B 155 -41.24 -43.05 -101.17
C PRO B 155 -40.35 -41.83 -101.30
N SER B 156 -40.57 -41.02 -102.34
CA SER B 156 -39.82 -39.77 -102.48
C SER B 156 -40.18 -38.77 -101.39
N SER B 157 -41.27 -39.01 -100.65
CA SER B 157 -41.62 -38.14 -99.55
C SER B 157 -40.53 -38.09 -98.50
N VAL B 158 -39.93 -39.24 -98.20
CA VAL B 158 -38.78 -39.29 -97.31
C VAL B 158 -37.50 -39.25 -98.14
N THR B 159 -36.40 -38.86 -97.49
CA THR B 159 -35.11 -38.63 -98.15
C THR B 159 -35.21 -37.63 -99.29
N GLY B 160 -36.30 -36.87 -99.33
CA GLY B 160 -36.51 -35.89 -100.37
C GLY B 160 -37.57 -34.91 -99.94
N ASN B 161 -37.55 -33.73 -100.55
CA ASN B 161 -38.31 -32.59 -100.05
C ASN B 161 -39.81 -32.76 -100.29
N ALA B 162 -40.56 -31.68 -100.12
CA ALA B 162 -41.99 -31.65 -100.42
C ALA B 162 -42.75 -32.62 -99.54
N LEU B 163 -44.05 -32.76 -99.78
CA LEU B 163 -44.92 -33.63 -98.99
C LEU B 163 -44.90 -33.23 -97.53
N TRP B 164 -44.43 -32.01 -97.28
CA TRP B 164 -44.73 -31.27 -96.06
C TRP B 164 -45.58 -30.07 -96.46
N LYS B 165 -45.92 -30.02 -97.75
CA LYS B 165 -46.92 -29.07 -98.22
C LYS B 165 -48.28 -29.39 -97.61
N ALA B 166 -48.56 -30.69 -97.39
CA ALA B 166 -49.80 -31.06 -96.70
C ALA B 166 -49.74 -30.65 -95.23
N MET B 167 -48.55 -30.71 -94.63
CA MET B 167 -48.38 -30.31 -93.24
C MET B 167 -48.16 -28.79 -93.15
N GLU B 168 -48.37 -28.28 -91.93
CA GLU B 168 -47.91 -26.96 -91.50
C GLU B 168 -48.69 -25.83 -92.15
N LYS B 169 -49.52 -26.15 -93.13
CA LYS B 169 -50.57 -25.26 -93.59
C LYS B 169 -51.95 -25.91 -93.50
N SER B 170 -52.08 -27.14 -93.97
CA SER B 170 -53.32 -27.89 -93.79
C SER B 170 -53.25 -28.76 -92.54
N SER B 171 -52.08 -29.29 -92.23
CA SER B 171 -51.86 -30.10 -91.04
C SER B 171 -50.85 -29.35 -90.15
N LEU B 172 -51.36 -28.67 -89.14
CA LEU B 172 -50.53 -27.80 -88.31
C LEU B 172 -49.57 -28.61 -87.46
N THR B 173 -48.32 -28.12 -87.35
CA THR B 173 -47.34 -28.68 -86.44
C THR B 173 -46.73 -27.63 -85.52
N GLN B 174 -47.12 -26.37 -85.66
CA GLN B 174 -46.63 -25.23 -84.89
C GLN B 174 -45.12 -25.23 -84.65
N HIS B 175 -44.33 -25.51 -85.69
CA HIS B 175 -42.96 -25.02 -85.76
C HIS B 175 -42.55 -24.98 -87.23
N SER B 176 -41.25 -24.84 -87.47
CA SER B 176 -40.75 -24.66 -88.82
C SER B 176 -41.01 -25.89 -89.67
N TRP B 177 -41.00 -25.70 -90.99
CA TRP B 177 -41.41 -26.74 -91.92
C TRP B 177 -40.24 -27.58 -92.42
N GLN B 178 -39.00 -27.13 -92.22
CA GLN B 178 -37.84 -27.89 -92.71
C GLN B 178 -37.16 -28.65 -91.59
N SER B 179 -37.88 -28.94 -90.50
CA SER B 179 -37.36 -29.76 -89.41
C SER B 179 -38.03 -31.12 -89.30
N LEU B 180 -39.25 -31.27 -89.83
CA LEU B 180 -39.82 -32.60 -89.99
C LEU B 180 -38.92 -33.44 -90.90
N LYS B 181 -38.42 -32.85 -91.97
CA LYS B 181 -37.33 -33.48 -92.72
C LYS B 181 -35.96 -33.00 -92.23
N ASP B 182 -35.78 -33.00 -90.91
CA ASP B 182 -34.44 -33.10 -90.35
C ASP B 182 -34.44 -34.16 -89.27
N ARG B 183 -35.52 -34.25 -88.48
CA ARG B 183 -35.71 -35.46 -87.69
C ARG B 183 -37.03 -36.10 -88.11
N TYR B 184 -37.01 -36.65 -89.33
CA TYR B 184 -37.45 -37.99 -89.61
C TYR B 184 -36.23 -38.89 -89.73
N LEU B 185 -35.05 -38.29 -89.89
CA LEU B 185 -33.75 -38.94 -89.80
C LEU B 185 -33.48 -39.44 -88.39
N LYS B 186 -33.64 -38.56 -87.40
CA LYS B 186 -33.55 -38.98 -86.00
C LYS B 186 -34.73 -39.81 -85.56
N HIS B 187 -35.76 -39.91 -86.39
CA HIS B 187 -37.00 -40.58 -86.02
C HIS B 187 -37.44 -41.50 -87.16
N LEU B 188 -36.49 -42.17 -87.80
CA LEU B 188 -36.79 -43.21 -88.78
C LEU B 188 -36.91 -44.56 -88.06
N ARG B 189 -37.91 -44.63 -87.19
CA ARG B 189 -37.99 -45.66 -86.17
C ARG B 189 -39.40 -46.22 -86.13
N GLY B 190 -39.60 -47.20 -85.25
CA GLY B 190 -40.90 -47.77 -84.99
C GLY B 190 -41.59 -47.12 -83.82
N GLN B 191 -42.62 -47.80 -83.28
CA GLN B 191 -43.69 -47.12 -82.52
C GLN B 191 -43.18 -46.60 -81.19
N GLU B 192 -42.83 -45.31 -81.16
CA GLU B 192 -42.13 -44.68 -80.05
C GLU B 192 -40.71 -45.23 -80.02
N HIS B 193 -40.44 -46.19 -79.14
CA HIS B 193 -39.09 -46.74 -79.10
C HIS B 193 -38.98 -48.11 -79.79
N LYS B 194 -39.10 -48.11 -81.12
CA LYS B 194 -38.59 -49.16 -82.00
C LYS B 194 -39.44 -50.43 -82.10
N TYR B 195 -38.87 -51.39 -82.85
CA TYR B 195 -39.20 -52.80 -82.83
C TYR B 195 -37.90 -53.55 -83.06
N LEU B 196 -37.88 -54.82 -82.67
CA LEU B 196 -36.73 -55.68 -82.97
C LEU B 196 -37.07 -57.15 -82.81
N LYS C 31 12.72 -32.68 -34.91
CA LYS C 31 12.67 -33.34 -36.21
C LYS C 31 11.63 -32.70 -37.12
N TYR C 32 10.36 -32.83 -36.75
CA TYR C 32 9.29 -32.29 -37.58
C TYR C 32 9.40 -30.78 -37.71
N SER C 33 9.66 -30.09 -36.61
CA SER C 33 9.66 -28.62 -36.61
C SER C 33 11.01 -28.04 -37.01
N GLY C 34 12.02 -28.87 -37.24
CA GLY C 34 13.30 -28.35 -37.67
C GLY C 34 13.26 -27.87 -39.11
N ARG C 35 14.02 -26.81 -39.38
CA ARG C 35 14.10 -26.21 -40.71
C ARG C 35 15.54 -26.25 -41.19
N ASP C 36 15.74 -26.72 -42.41
CA ASP C 36 17.08 -26.82 -42.96
C ASP C 36 17.64 -25.41 -43.15
N SER C 37 18.95 -25.29 -43.03
CA SER C 37 19.63 -24.00 -43.12
C SER C 37 20.80 -24.10 -44.08
N LEU C 38 21.10 -22.99 -44.75
CA LEU C 38 22.12 -22.97 -45.78
C LEU C 38 22.90 -21.67 -45.74
N ILE C 39 24.22 -21.77 -45.89
CA ILE C 39 25.10 -20.62 -45.95
C ILE C 39 26.01 -20.78 -47.16
N PHE C 40 25.95 -19.84 -48.08
CA PHE C 40 26.84 -19.84 -49.23
C PHE C 40 28.16 -19.16 -48.86
N LEU C 41 29.18 -19.39 -49.68
CA LEU C 41 30.52 -18.85 -49.44
C LEU C 41 31.18 -18.61 -50.80
N VAL C 42 31.05 -17.40 -51.31
CA VAL C 42 31.51 -17.08 -52.66
C VAL C 42 32.89 -16.46 -52.58
N ASP C 43 33.84 -17.01 -53.33
CA ASP C 43 35.15 -16.42 -53.43
C ASP C 43 35.09 -15.10 -54.20
N ALA C 44 36.03 -14.20 -53.90
CA ALA C 44 36.14 -12.94 -54.62
C ALA C 44 37.60 -12.61 -54.89
N SER C 45 38.40 -13.63 -55.21
CA SER C 45 39.81 -13.42 -55.49
C SER C 45 40.00 -12.73 -56.84
N LYS C 46 41.24 -12.38 -57.15
CA LYS C 46 41.53 -11.73 -58.41
C LYS C 46 41.29 -12.67 -59.59
N ALA C 47 41.85 -13.88 -59.53
CA ALA C 47 41.56 -14.88 -60.55
C ALA C 47 40.11 -15.33 -60.49
N MET C 48 39.43 -15.07 -59.38
CA MET C 48 38.02 -15.40 -59.27
C MET C 48 37.19 -14.54 -60.21
N PHE C 49 37.64 -13.30 -60.44
CA PHE C 49 36.93 -12.36 -61.30
C PHE C 49 37.39 -12.46 -62.75
N GLU C 50 38.67 -12.21 -63.01
CA GLU C 50 39.19 -12.31 -64.36
C GLU C 50 39.16 -13.76 -64.83
N SER C 51 38.78 -13.95 -66.09
CA SER C 51 38.67 -15.29 -66.64
C SER C 51 39.05 -15.25 -68.12
N GLN C 52 38.78 -16.33 -68.82
CA GLN C 52 39.05 -16.39 -70.24
C GLN C 52 38.14 -15.45 -71.00
N SER C 53 38.64 -14.92 -72.12
CA SER C 53 37.93 -13.91 -72.90
C SER C 53 37.18 -14.60 -74.03
N GLU C 54 36.04 -15.19 -73.70
CA GLU C 54 35.17 -15.83 -74.67
C GLU C 54 33.73 -15.66 -74.21
N ASP C 55 32.82 -16.40 -74.85
CA ASP C 55 31.41 -16.33 -74.50
C ASP C 55 31.09 -17.02 -73.18
N GLU C 56 32.01 -17.80 -72.63
CA GLU C 56 31.76 -18.48 -71.37
C GLU C 56 31.62 -17.48 -70.24
N LEU C 57 30.68 -17.75 -69.33
CA LEU C 57 30.44 -16.87 -68.20
C LEU C 57 31.68 -16.80 -67.31
N THR C 58 31.94 -15.62 -66.77
CA THR C 58 32.95 -15.52 -65.74
C THR C 58 32.48 -16.30 -64.52
N PRO C 59 33.39 -16.98 -63.81
CA PRO C 59 32.94 -17.83 -62.70
C PRO C 59 32.17 -17.08 -61.62
N PHE C 60 32.47 -15.80 -61.41
CA PHE C 60 31.69 -15.03 -60.44
C PHE C 60 30.23 -14.91 -60.87
N ASP C 61 30.00 -14.62 -62.15
CA ASP C 61 28.62 -14.56 -62.63
C ASP C 61 27.97 -15.91 -62.56
N MET C 62 28.72 -16.98 -62.84
CA MET C 62 28.17 -18.33 -62.72
C MET C 62 27.74 -18.62 -61.29
N SER C 63 28.58 -18.27 -60.32
CA SER C 63 28.24 -18.50 -58.93
C SER C 63 27.03 -17.68 -58.50
N ILE C 64 26.98 -16.40 -58.90
CA ILE C 64 25.85 -15.56 -58.53
C ILE C 64 24.56 -16.08 -59.15
N GLN C 65 24.62 -16.51 -60.41
CA GLN C 65 23.45 -17.08 -61.05
C GLN C 65 23.01 -18.36 -60.36
N CYS C 66 23.97 -19.19 -59.94
CA CYS C 66 23.61 -20.43 -59.27
C CYS C 66 23.01 -20.17 -57.89
N ILE C 67 23.55 -19.19 -57.16
CA ILE C 67 22.96 -18.84 -55.87
C ILE C 67 21.57 -18.27 -56.05
N GLN C 68 21.38 -17.43 -57.07
CA GLN C 68 20.06 -16.91 -57.36
C GLN C 68 19.09 -18.04 -57.71
N SER C 69 19.56 -19.02 -58.47
CA SER C 69 18.73 -20.16 -58.80
C SER C 69 18.35 -20.96 -57.56
N VAL C 70 19.32 -21.17 -56.66
CA VAL C 70 19.03 -21.89 -55.42
C VAL C 70 18.02 -21.13 -54.59
N TYR C 71 18.17 -19.81 -54.50
CA TYR C 71 17.21 -18.98 -53.80
C TYR C 71 15.82 -19.13 -54.40
N ILE C 72 15.72 -19.04 -55.72
CA ILE C 72 14.43 -19.13 -56.40
C ILE C 72 13.80 -20.49 -56.16
N SER C 73 14.60 -21.55 -56.22
CA SER C 73 14.09 -22.89 -55.98
C SER C 73 13.61 -23.05 -54.53
N LYS C 74 14.34 -22.46 -53.59
CA LYS C 74 14.04 -22.67 -52.18
C LYS C 74 13.00 -21.72 -51.62
N ILE C 75 12.58 -20.70 -52.38
CA ILE C 75 11.52 -19.84 -51.87
C ILE C 75 10.15 -20.37 -52.29
N ILE C 76 10.04 -20.90 -53.50
CA ILE C 76 8.78 -21.51 -53.90
C ILE C 76 8.57 -22.82 -53.16
N SER C 77 9.63 -23.58 -52.94
CA SER C 77 9.57 -24.85 -52.24
C SER C 77 10.14 -24.69 -50.84
N SER C 78 9.34 -25.01 -49.83
CA SER C 78 9.76 -24.93 -48.43
C SER C 78 10.22 -23.52 -48.07
N ASP C 79 9.24 -22.60 -48.09
CA ASP C 79 9.54 -21.21 -47.79
C ASP C 79 9.66 -20.97 -46.29
N ARG C 80 10.39 -21.84 -45.61
CA ARG C 80 10.69 -21.65 -44.20
C ARG C 80 12.15 -21.90 -43.85
N ASP C 81 12.95 -22.44 -44.76
CA ASP C 81 14.35 -22.64 -44.51
C ASP C 81 15.08 -21.29 -44.39
N LEU C 82 16.30 -21.34 -43.87
CA LEU C 82 17.12 -20.15 -43.70
C LEU C 82 18.25 -20.19 -44.72
N LEU C 83 18.46 -19.07 -45.40
CA LEU C 83 19.54 -18.93 -46.36
C LEU C 83 20.29 -17.63 -46.10
N ALA C 84 21.60 -17.66 -46.26
CA ALA C 84 22.42 -16.48 -46.09
C ALA C 84 23.66 -16.63 -46.96
N VAL C 85 24.21 -15.51 -47.40
CA VAL C 85 25.34 -15.49 -48.31
C VAL C 85 26.45 -14.66 -47.69
N VAL C 86 27.66 -15.20 -47.67
CA VAL C 86 28.80 -14.57 -47.01
C VAL C 86 29.96 -14.54 -47.99
N PHE C 87 30.14 -13.41 -48.67
CA PHE C 87 31.29 -13.25 -49.55
C PHE C 87 32.56 -13.15 -48.73
N TYR C 88 33.61 -13.83 -49.19
CA TYR C 88 34.90 -13.78 -48.52
C TYR C 88 35.98 -13.43 -49.54
N GLY C 89 36.96 -12.67 -49.09
CA GLY C 89 37.98 -12.11 -49.97
C GLY C 89 37.75 -10.68 -50.38
N THR C 90 36.67 -10.06 -49.90
CA THR C 90 36.34 -8.69 -50.26
C THR C 90 37.26 -7.70 -49.54
N GLU C 91 37.27 -6.46 -50.04
CA GLU C 91 38.03 -5.41 -49.38
C GLU C 91 37.31 -4.88 -48.15
N LYS C 92 35.98 -4.86 -48.17
CA LYS C 92 35.20 -4.39 -47.04
C LYS C 92 35.12 -5.49 -45.98
N ASP C 93 34.26 -5.30 -44.98
CA ASP C 93 34.09 -6.29 -43.93
C ASP C 93 32.82 -6.00 -43.17
N LYS C 94 32.00 -7.04 -42.96
CA LYS C 94 30.80 -6.91 -42.15
C LYS C 94 30.52 -8.27 -41.52
N ASN C 95 30.69 -8.36 -40.20
CA ASN C 95 30.45 -9.61 -39.48
C ASN C 95 30.26 -9.28 -38.01
N SER C 96 29.69 -10.24 -37.27
CA SER C 96 29.40 -10.01 -35.87
C SER C 96 30.67 -9.73 -35.08
N VAL C 97 31.73 -10.49 -35.35
CA VAL C 97 33.05 -10.23 -34.79
C VAL C 97 33.93 -9.67 -35.90
N ASN C 98 34.52 -8.50 -35.65
CA ASN C 98 35.27 -7.79 -36.67
C ASN C 98 36.41 -8.65 -37.21
N PHE C 99 36.29 -9.08 -38.47
CA PHE C 99 37.31 -9.86 -39.15
C PHE C 99 37.54 -9.26 -40.52
N LYS C 100 38.81 -9.20 -40.92
CA LYS C 100 39.16 -8.57 -42.18
C LYS C 100 38.71 -9.42 -43.36
N ASN C 101 38.24 -8.74 -44.41
CA ASN C 101 38.01 -9.35 -45.72
C ASN C 101 36.90 -10.39 -45.71
N ILE C 102 35.96 -10.30 -44.77
CA ILE C 102 34.80 -11.17 -44.74
C ILE C 102 33.55 -10.30 -44.67
N TYR C 103 32.62 -10.54 -45.59
CA TYR C 103 31.38 -9.75 -45.67
C TYR C 103 30.18 -10.68 -45.62
N VAL C 104 29.24 -10.37 -44.76
CA VAL C 104 27.99 -11.12 -44.65
C VAL C 104 26.92 -10.27 -45.32
N LEU C 105 26.66 -10.54 -46.59
CA LEU C 105 25.68 -9.74 -47.32
C LEU C 105 24.30 -9.88 -46.73
N GLN C 106 23.92 -11.09 -46.33
CA GLN C 106 22.62 -11.33 -45.72
C GLN C 106 22.78 -12.30 -44.57
N GLU C 107 21.96 -12.13 -43.53
CA GLU C 107 21.96 -13.03 -42.40
C GLU C 107 20.87 -14.09 -42.60
N LEU C 108 20.89 -15.10 -41.72
CA LEU C 108 19.99 -16.23 -41.86
C LEU C 108 18.54 -15.79 -41.70
N ASP C 109 17.75 -16.02 -42.73
CA ASP C 109 16.33 -15.68 -42.74
C ASP C 109 15.68 -16.40 -43.91
N ASN C 110 14.35 -16.39 -43.93
CA ASN C 110 13.64 -17.02 -45.03
C ASN C 110 13.95 -16.30 -46.33
N PRO C 111 14.07 -17.01 -47.44
CA PRO C 111 14.33 -16.35 -48.72
C PRO C 111 13.20 -15.41 -49.09
N GLY C 112 13.55 -14.28 -49.70
CA GLY C 112 12.57 -13.30 -50.11
C GLY C 112 12.93 -12.69 -51.45
N ALA C 113 11.94 -12.06 -52.07
CA ALA C 113 12.14 -11.45 -53.38
C ALA C 113 13.17 -10.34 -53.30
N LYS C 114 13.11 -9.53 -52.24
CA LYS C 114 14.10 -8.45 -52.08
C LYS C 114 15.50 -9.00 -51.93
N ARG C 115 15.64 -10.17 -51.30
CA ARG C 115 16.94 -10.78 -51.17
C ARG C 115 17.50 -11.23 -52.51
N ILE C 116 16.63 -11.73 -53.40
CA ILE C 116 17.08 -12.07 -54.75
C ILE C 116 17.48 -10.81 -55.51
N LEU C 117 16.66 -9.75 -55.43
CA LEU C 117 16.95 -8.53 -56.16
C LEU C 117 18.21 -7.84 -55.63
N GLU C 118 18.54 -8.05 -54.37
CA GLU C 118 19.78 -7.51 -53.82
C GLU C 118 21.01 -8.22 -54.38
N LEU C 119 20.83 -9.32 -55.10
CA LEU C 119 21.93 -10.12 -55.60
C LEU C 119 22.14 -10.02 -57.10
N ASP C 120 21.08 -9.82 -57.88
CA ASP C 120 21.21 -9.82 -59.33
C ASP C 120 21.96 -8.62 -59.86
N GLN C 121 22.23 -7.61 -59.03
CA GLN C 121 22.94 -6.44 -59.50
C GLN C 121 24.41 -6.72 -59.78
N PHE C 122 24.91 -7.89 -59.40
CA PHE C 122 26.30 -8.25 -59.66
C PHE C 122 26.49 -9.06 -60.93
N LYS C 123 25.43 -9.34 -61.67
CA LYS C 123 25.53 -10.12 -62.89
C LYS C 123 26.05 -9.26 -64.04
N GLY C 124 26.98 -9.81 -64.81
CA GLY C 124 27.52 -9.14 -65.97
C GLY C 124 28.75 -8.31 -65.65
N GLN C 125 29.34 -7.75 -66.71
CA GLN C 125 30.52 -6.90 -66.55
C GLN C 125 30.20 -5.66 -65.74
N GLN C 126 29.05 -5.04 -66.00
CA GLN C 126 28.61 -3.93 -65.17
C GLN C 126 28.39 -4.38 -63.73
N GLY C 127 27.83 -5.58 -63.55
CA GLY C 127 27.71 -6.12 -62.20
C GLY C 127 29.06 -6.40 -61.57
N GLN C 128 30.02 -6.89 -62.36
CA GLN C 128 31.36 -7.09 -61.84
C GLN C 128 31.97 -5.78 -61.36
N LYS C 129 31.82 -4.72 -62.15
CA LYS C 129 32.35 -3.42 -61.74
C LYS C 129 31.62 -2.90 -60.51
N ARG C 130 30.32 -3.11 -60.43
CA ARG C 130 29.57 -2.70 -59.24
C ARG C 130 30.07 -3.41 -58.00
N PHE C 131 30.31 -4.73 -58.11
CA PHE C 131 30.87 -5.46 -56.98
C PHE C 131 32.25 -4.93 -56.62
N GLN C 132 33.09 -4.67 -57.62
CA GLN C 132 34.44 -4.20 -57.35
C GLN C 132 34.42 -2.85 -56.63
N ASP C 133 33.56 -1.95 -57.06
CA ASP C 133 33.47 -0.64 -56.44
C ASP C 133 32.74 -0.67 -55.10
N MET C 134 31.90 -1.69 -54.87
CA MET C 134 31.16 -1.81 -53.63
C MET C 134 31.76 -2.79 -52.64
N MET C 135 32.49 -3.79 -53.13
CA MET C 135 33.10 -4.79 -52.26
C MET C 135 34.62 -4.81 -52.38
N GLY C 136 35.14 -4.93 -53.59
CA GLY C 136 36.56 -5.07 -53.81
C GLY C 136 36.94 -6.51 -54.13
N HIS C 137 38.25 -6.71 -54.26
CA HIS C 137 38.80 -8.05 -54.49
C HIS C 137 40.24 -8.07 -54.02
N GLY C 138 40.85 -9.25 -54.08
CA GLY C 138 42.17 -9.43 -53.54
C GLY C 138 42.13 -9.50 -52.03
N SER C 139 43.07 -8.82 -51.36
CA SER C 139 43.07 -8.71 -49.89
C SER C 139 43.09 -10.10 -49.25
N ASP C 140 44.22 -10.77 -49.44
CA ASP C 140 44.43 -12.15 -49.02
C ASP C 140 43.82 -12.44 -47.66
N TYR C 141 43.07 -13.54 -47.58
CA TYR C 141 42.24 -13.92 -46.44
C TYR C 141 42.96 -14.94 -45.58
N SER C 142 42.24 -15.52 -44.62
CA SER C 142 42.78 -16.55 -43.75
C SER C 142 42.10 -17.91 -43.92
N LEU C 143 40.87 -17.94 -44.43
CA LEU C 143 40.11 -19.16 -44.70
C LEU C 143 39.64 -19.82 -43.40
N SER C 144 40.07 -19.30 -42.26
CA SER C 144 39.61 -19.81 -40.97
C SER C 144 38.56 -18.92 -40.34
N GLU C 145 38.79 -17.60 -40.35
CA GLU C 145 37.83 -16.68 -39.75
C GLU C 145 36.51 -16.71 -40.51
N VAL C 146 36.55 -16.98 -41.81
CA VAL C 146 35.32 -17.12 -42.57
C VAL C 146 34.51 -18.31 -42.06
N LEU C 147 35.18 -19.44 -41.83
CA LEU C 147 34.50 -20.61 -41.31
C LEU C 147 33.99 -20.38 -39.90
N TRP C 148 34.73 -19.60 -39.11
CA TRP C 148 34.24 -19.22 -37.78
C TRP C 148 33.00 -18.35 -37.88
N VAL C 149 33.00 -17.40 -38.82
CA VAL C 149 31.86 -16.51 -38.98
C VAL C 149 30.63 -17.31 -39.35
N CYS C 150 30.77 -18.24 -40.29
CA CYS C 150 29.62 -19.06 -40.69
C CYS C 150 29.04 -19.80 -39.48
N ALA C 151 29.91 -20.37 -38.65
CA ALA C 151 29.46 -21.04 -37.45
C ALA C 151 28.75 -20.06 -36.52
N ASN C 152 29.17 -18.80 -36.53
CA ASN C 152 28.51 -17.81 -35.67
C ASN C 152 27.05 -17.64 -36.04
N LEU C 153 26.75 -17.40 -37.32
CA LEU C 153 25.34 -17.28 -37.72
C LEU C 153 24.61 -18.59 -37.49
N PHE C 154 25.28 -19.73 -37.72
CA PHE C 154 24.63 -21.00 -37.43
C PHE C 154 24.26 -21.12 -35.95
N SER C 155 25.06 -20.54 -35.06
CA SER C 155 24.82 -20.62 -33.63
C SER C 155 23.93 -19.51 -33.11
N ASP C 156 23.61 -18.54 -33.96
CA ASP C 156 22.78 -17.42 -33.53
C ASP C 156 21.29 -17.60 -33.77
N VAL C 157 20.84 -18.78 -34.21
CA VAL C 157 19.44 -19.00 -34.56
C VAL C 157 18.69 -19.51 -33.34
N GLN C 158 17.51 -18.97 -33.10
CA GLN C 158 16.67 -19.36 -31.98
C GLN C 158 15.70 -20.48 -32.33
N PHE C 159 15.88 -21.12 -33.47
CA PHE C 159 15.02 -22.21 -33.91
C PHE C 159 15.81 -23.52 -33.94
N LYS C 160 15.15 -24.58 -34.38
CA LYS C 160 15.80 -25.86 -34.54
C LYS C 160 16.63 -25.89 -35.82
N MET C 161 17.59 -26.80 -35.87
CA MET C 161 18.55 -26.89 -36.97
C MET C 161 18.54 -28.32 -37.49
N SER C 162 17.65 -28.60 -38.46
CA SER C 162 17.59 -29.94 -39.02
C SER C 162 18.89 -30.31 -39.73
N HIS C 163 19.39 -29.43 -40.57
CA HIS C 163 20.64 -29.65 -41.27
C HIS C 163 21.42 -28.34 -41.30
N LYS C 164 22.74 -28.46 -41.41
CA LYS C 164 23.62 -27.31 -41.52
C LYS C 164 24.62 -27.58 -42.62
N ARG C 165 24.58 -26.77 -43.68
CA ARG C 165 25.45 -26.97 -44.83
C ARG C 165 26.08 -25.65 -45.25
N ILE C 166 27.27 -25.75 -45.83
CA ILE C 166 28.00 -24.58 -46.31
C ILE C 166 28.64 -24.90 -47.67
N MET C 167 28.02 -24.45 -48.76
CA MET C 167 28.65 -24.60 -50.06
C MET C 167 29.75 -23.57 -50.23
N LEU C 168 30.83 -23.99 -50.89
CA LEU C 168 32.02 -23.18 -51.07
C LEU C 168 32.27 -23.04 -52.57
N PHE C 169 31.62 -22.07 -53.19
CA PHE C 169 31.87 -21.78 -54.60
C PHE C 169 33.28 -21.23 -54.75
N THR C 170 34.16 -21.98 -55.41
CA THR C 170 35.52 -21.52 -55.61
C THR C 170 36.03 -22.00 -56.95
N ASN C 171 36.83 -21.17 -57.60
CA ASN C 171 37.52 -21.56 -58.83
C ASN C 171 38.95 -22.02 -58.58
N GLU C 172 39.38 -22.08 -57.33
CA GLU C 172 40.71 -22.55 -56.99
C GLU C 172 40.62 -23.73 -56.04
N ASP C 173 41.61 -24.61 -56.10
CA ASP C 173 41.63 -25.82 -55.28
C ASP C 173 42.74 -25.83 -54.25
N ASN C 174 43.75 -24.97 -54.39
CA ASN C 174 44.86 -24.88 -53.45
C ASN C 174 44.96 -23.44 -52.98
N PRO C 175 44.06 -23.03 -52.09
CA PRO C 175 44.11 -21.64 -51.61
C PRO C 175 45.41 -21.29 -50.92
N HIS C 176 46.05 -22.24 -50.26
CA HIS C 176 47.30 -21.98 -49.56
C HIS C 176 48.37 -22.96 -50.00
N GLY C 177 49.49 -22.98 -49.29
CA GLY C 177 50.63 -23.80 -49.66
C GLY C 177 51.92 -23.04 -49.42
N ASN C 178 51.86 -21.72 -49.54
CA ASN C 178 52.96 -20.86 -49.16
C ASN C 178 53.00 -20.60 -47.66
N ASP C 179 51.95 -20.96 -46.93
CA ASP C 179 51.90 -20.80 -45.48
C ASP C 179 51.15 -22.02 -44.92
N SER C 180 51.91 -22.96 -44.34
CA SER C 180 51.30 -24.18 -43.84
C SER C 180 50.48 -23.94 -42.58
N ALA C 181 50.82 -22.89 -41.81
CA ALA C 181 50.09 -22.61 -40.58
C ALA C 181 48.63 -22.28 -40.87
N LYS C 182 48.37 -21.48 -41.90
CA LYS C 182 46.99 -21.15 -42.26
C LYS C 182 46.24 -22.39 -42.70
N ALA C 183 46.90 -23.27 -43.46
CA ALA C 183 46.26 -24.51 -43.88
C ALA C 183 45.90 -25.38 -42.68
N SER C 184 46.82 -25.47 -41.71
CA SER C 184 46.53 -26.28 -40.52
C SER C 184 45.38 -25.68 -39.72
N ARG C 185 45.36 -24.36 -39.57
CA ARG C 185 44.26 -23.72 -38.84
C ARG C 185 42.94 -23.94 -39.56
N ALA C 186 42.93 -23.84 -40.88
CA ALA C 186 41.71 -24.09 -41.64
C ALA C 186 41.24 -25.53 -41.47
N ARG C 187 42.17 -26.48 -41.51
CA ARG C 187 41.79 -27.88 -41.32
C ARG C 187 41.21 -28.11 -39.93
N THR C 188 41.84 -27.52 -38.91
CA THR C 188 41.33 -27.67 -37.55
C THR C 188 39.94 -27.09 -37.41
N LYS C 189 39.71 -25.89 -37.97
CA LYS C 189 38.40 -25.28 -37.89
C LYS C 189 37.36 -26.10 -38.64
N ALA C 190 37.73 -26.66 -39.80
CA ALA C 190 36.80 -27.50 -40.54
C ALA C 190 36.44 -28.74 -39.75
N GLY C 191 37.42 -29.38 -39.12
CA GLY C 191 37.14 -30.53 -38.28
C GLY C 191 36.23 -30.17 -37.11
N ASP C 192 36.47 -29.01 -36.51
CA ASP C 192 35.59 -28.55 -35.44
C ASP C 192 34.17 -28.35 -35.93
N LEU C 193 34.02 -27.76 -37.12
CA LEU C 193 32.69 -27.56 -37.69
C LEU C 193 32.00 -28.89 -37.93
N ARG C 194 32.74 -29.87 -38.46
CA ARG C 194 32.16 -31.19 -38.70
C ARG C 194 31.74 -31.83 -37.38
N ASP C 195 32.55 -31.70 -36.34
CA ASP C 195 32.19 -32.25 -35.04
C ASP C 195 30.93 -31.59 -34.50
N THR C 196 30.81 -30.28 -34.69
CA THR C 196 29.60 -29.57 -34.25
C THR C 196 28.36 -30.04 -34.99
N GLY C 197 28.53 -30.54 -36.22
CA GLY C 197 27.39 -30.98 -37.01
C GLY C 197 27.15 -30.11 -38.23
N ILE C 198 28.22 -29.56 -38.79
CA ILE C 198 28.15 -28.69 -39.96
C ILE C 198 28.84 -29.39 -41.11
N PHE C 199 28.09 -29.66 -42.18
CA PHE C 199 28.58 -30.41 -43.33
C PHE C 199 28.73 -29.45 -44.51
N LEU C 200 29.97 -29.15 -44.87
CA LEU C 200 30.25 -28.28 -46.01
C LEU C 200 30.63 -29.11 -47.23
N ASP C 201 30.22 -28.63 -48.40
CA ASP C 201 30.51 -29.31 -49.66
C ASP C 201 30.78 -28.24 -50.72
N LEU C 202 32.00 -28.18 -51.23
CA LEU C 202 32.35 -27.17 -52.20
C LEU C 202 31.92 -27.59 -53.60
N MET C 203 31.29 -26.66 -54.32
CA MET C 203 30.93 -26.84 -55.71
C MET C 203 32.00 -26.15 -56.54
N HIS C 204 33.00 -26.92 -56.94
CA HIS C 204 34.22 -26.36 -57.50
C HIS C 204 33.94 -25.72 -58.85
N LEU C 205 34.61 -24.59 -59.13
CA LEU C 205 34.49 -23.90 -60.39
C LEU C 205 35.74 -24.12 -61.22
N LYS C 206 35.55 -24.42 -62.50
CA LYS C 206 36.64 -24.73 -63.41
C LYS C 206 37.03 -23.48 -64.17
N LYS C 207 38.33 -23.29 -64.34
CA LYS C 207 38.85 -22.13 -65.05
C LYS C 207 39.93 -22.58 -66.02
N PRO C 208 40.28 -21.75 -67.03
CA PRO C 208 41.37 -22.12 -67.94
C PRO C 208 42.67 -22.43 -67.21
N GLY C 209 43.53 -23.21 -67.86
CA GLY C 209 44.70 -23.78 -67.23
C GLY C 209 44.65 -25.30 -67.29
N GLY C 210 45.20 -25.94 -66.27
CA GLY C 210 45.16 -27.39 -66.21
C GLY C 210 44.99 -27.96 -64.82
N PHE C 211 44.73 -27.11 -63.83
CA PHE C 211 44.76 -27.52 -62.44
C PHE C 211 43.47 -27.14 -61.74
N ASP C 212 42.73 -28.15 -61.29
CA ASP C 212 41.70 -28.03 -60.27
C ASP C 212 41.80 -29.23 -59.33
N ILE C 213 43.03 -29.56 -58.96
CA ILE C 213 43.35 -30.89 -58.45
C ILE C 213 42.72 -31.12 -57.08
N SER C 214 42.42 -32.38 -56.79
CA SER C 214 42.12 -32.77 -55.41
C SER C 214 43.33 -32.45 -54.54
N LEU C 215 43.15 -31.50 -53.65
CA LEU C 215 44.24 -30.83 -52.94
C LEU C 215 43.72 -30.46 -51.57
N PHE C 216 44.28 -29.41 -50.95
CA PHE C 216 43.89 -29.09 -49.58
C PHE C 216 42.45 -28.60 -49.64
N TYR C 217 41.56 -29.51 -50.03
CA TYR C 217 40.14 -29.45 -49.72
C TYR C 217 39.54 -30.82 -49.44
N ARG C 218 40.33 -31.90 -49.57
CA ARG C 218 39.76 -33.24 -49.52
C ARG C 218 39.34 -33.62 -48.11
N ASP C 219 40.19 -33.33 -47.13
CA ASP C 219 39.87 -33.60 -45.73
C ASP C 219 38.98 -32.53 -45.11
N ILE C 220 38.35 -31.71 -45.95
CA ILE C 220 37.53 -30.59 -45.46
C ILE C 220 36.07 -30.83 -45.84
N ILE C 221 35.85 -31.53 -46.96
CA ILE C 221 34.49 -31.79 -47.42
C ILE C 221 33.84 -32.75 -46.44
N SER C 222 32.95 -32.24 -45.59
CA SER C 222 32.36 -33.06 -44.54
C SER C 222 31.20 -33.90 -45.02
N ILE C 223 30.62 -33.64 -46.21
CA ILE C 223 29.81 -34.69 -46.88
C ILE C 223 30.72 -35.81 -47.36
N ALA C 224 31.94 -35.50 -47.79
CA ALA C 224 32.89 -36.49 -48.30
C ALA C 224 32.26 -37.38 -49.37
N GLU C 225 31.66 -36.72 -50.36
CA GLU C 225 30.92 -37.44 -51.39
C GLU C 225 31.83 -38.41 -52.14
N ASP C 226 31.29 -39.58 -52.46
CA ASP C 226 32.05 -40.58 -53.20
C ASP C 226 32.26 -40.14 -54.64
N GLU C 227 33.49 -40.26 -55.11
CA GLU C 227 33.84 -39.83 -56.45
C GLU C 227 35.11 -40.56 -56.87
N ASP C 228 35.34 -40.62 -58.19
CA ASP C 228 36.59 -41.16 -58.70
C ASP C 228 37.79 -40.34 -58.26
N LEU C 229 37.57 -39.07 -57.89
CA LEU C 229 38.64 -38.18 -57.46
C LEU C 229 39.72 -38.06 -58.54
N ARG C 230 39.27 -37.97 -59.79
CA ARG C 230 40.21 -37.87 -60.90
C ARG C 230 40.96 -36.54 -60.84
N VAL C 231 42.28 -36.62 -61.01
CA VAL C 231 43.12 -35.44 -60.82
C VAL C 231 42.85 -34.40 -61.90
N HIS C 232 42.85 -34.82 -63.16
CA HIS C 232 42.80 -33.88 -64.29
C HIS C 232 41.36 -33.64 -64.73
N PHE C 233 40.60 -33.01 -63.84
CA PHE C 233 39.29 -32.50 -64.22
C PHE C 233 39.46 -31.33 -65.18
N GLU C 234 38.63 -31.31 -66.22
CA GLU C 234 38.72 -30.27 -67.25
C GLU C 234 37.38 -29.64 -67.54
N GLU C 235 36.46 -29.64 -66.59
CA GLU C 235 35.12 -29.11 -66.80
C GLU C 235 34.58 -28.61 -65.47
N SER C 236 33.47 -27.89 -65.53
CA SER C 236 32.81 -27.42 -64.32
C SER C 236 32.43 -28.61 -63.44
N SER C 237 32.62 -28.44 -62.13
CA SER C 237 32.39 -29.52 -61.17
C SER C 237 30.90 -29.68 -60.90
N LYS C 238 30.57 -30.36 -59.81
CA LYS C 238 29.19 -30.72 -59.52
C LYS C 238 28.37 -29.48 -59.19
N LEU C 239 28.15 -28.64 -60.19
CA LEU C 239 27.30 -27.47 -60.10
C LEU C 239 26.07 -27.56 -61.00
N GLU C 240 26.22 -28.14 -62.18
CA GLU C 240 25.07 -28.52 -62.99
C GLU C 240 24.19 -29.53 -62.27
N ASP C 241 24.73 -30.20 -61.26
CA ASP C 241 23.98 -31.18 -60.49
C ASP C 241 22.80 -30.55 -59.77
N LEU C 242 22.79 -29.22 -59.64
CA LEU C 242 21.66 -28.54 -59.03
C LEU C 242 20.36 -28.80 -59.78
N LEU C 243 20.43 -29.18 -61.06
CA LEU C 243 19.25 -29.23 -61.92
C LEU C 243 18.48 -27.92 -61.78
N ARG C 244 19.15 -26.85 -62.21
CA ARG C 244 18.82 -25.51 -61.75
C ARG C 244 17.34 -25.20 -61.93
N LYS C 245 16.76 -24.59 -60.89
CA LYS C 245 15.38 -24.16 -60.87
C LYS C 245 14.43 -25.36 -61.04
N VAL C 246 14.44 -26.24 -60.05
CA VAL C 246 13.38 -27.25 -59.90
C VAL C 246 12.27 -26.56 -59.12
N ARG C 247 11.46 -25.80 -59.85
CA ARG C 247 10.55 -24.83 -59.25
C ARG C 247 9.19 -25.45 -58.94
N ALA C 248 9.19 -26.59 -58.23
CA ALA C 248 7.93 -27.16 -57.76
C ALA C 248 8.25 -28.18 -56.68
N LYS C 249 7.84 -27.89 -55.44
CA LYS C 249 8.02 -28.82 -54.34
C LYS C 249 7.35 -28.29 -53.09
N GLU C 250 6.87 -29.19 -52.24
CA GLU C 250 6.36 -28.82 -50.92
C GLU C 250 6.65 -29.99 -49.97
N THR C 251 7.77 -29.89 -49.27
CA THR C 251 8.26 -30.99 -48.46
C THR C 251 7.56 -30.99 -47.09
N ARG C 252 7.15 -32.18 -46.64
CA ARG C 252 6.49 -32.31 -45.35
C ARG C 252 6.36 -33.81 -45.05
N LYS C 253 6.38 -34.16 -43.76
CA LYS C 253 6.11 -35.52 -43.32
C LYS C 253 5.27 -35.47 -42.06
N ARG C 254 4.09 -36.10 -42.09
CA ARG C 254 3.18 -36.05 -40.95
C ARG C 254 2.28 -37.29 -40.96
N ALA C 255 1.64 -37.53 -39.82
CA ALA C 255 0.92 -38.79 -39.62
C ALA C 255 -0.40 -38.82 -40.38
N LEU C 256 -1.12 -37.70 -40.40
CA LEU C 256 -2.38 -37.55 -41.13
C LEU C 256 -3.54 -38.31 -40.49
N SER C 257 -3.23 -39.19 -39.53
CA SER C 257 -4.24 -39.92 -38.76
C SER C 257 -3.51 -40.82 -37.79
N ARG C 258 -4.25 -41.30 -36.79
CA ARG C 258 -3.73 -42.27 -35.83
C ARG C 258 -4.91 -43.14 -35.41
N LEU C 259 -5.07 -44.26 -36.09
CA LEU C 259 -6.26 -45.09 -35.94
C LEU C 259 -5.91 -46.41 -35.27
N LYS C 260 -6.95 -47.13 -34.88
CA LYS C 260 -6.83 -48.43 -34.24
C LYS C 260 -7.31 -49.50 -35.22
N LEU C 261 -6.51 -50.54 -35.41
CA LEU C 261 -6.87 -51.64 -36.29
C LEU C 261 -7.41 -52.78 -35.42
N LYS C 262 -8.72 -52.98 -35.45
CA LYS C 262 -9.39 -53.96 -34.61
C LYS C 262 -9.44 -55.29 -35.34
N LEU C 263 -8.56 -56.21 -34.96
CA LEU C 263 -8.66 -57.58 -35.47
C LEU C 263 -9.97 -58.22 -35.02
N ASN C 264 -10.45 -57.86 -33.85
CA ASN C 264 -11.70 -58.36 -33.30
C ASN C 264 -12.31 -57.26 -32.44
N LYS C 265 -13.27 -57.61 -31.60
CA LYS C 265 -13.90 -56.61 -30.76
C LYS C 265 -12.96 -56.15 -29.65
N ASP C 266 -12.13 -57.06 -29.13
CA ASP C 266 -11.34 -56.77 -27.94
C ASP C 266 -9.85 -56.60 -28.18
N ILE C 267 -9.31 -57.18 -29.25
CA ILE C 267 -7.88 -57.08 -29.55
C ILE C 267 -7.69 -56.03 -30.64
N VAL C 268 -7.02 -54.93 -30.30
CA VAL C 268 -6.83 -53.82 -31.21
C VAL C 268 -5.36 -53.42 -31.22
N ILE C 269 -4.90 -52.94 -32.38
CA ILE C 269 -3.55 -52.43 -32.53
C ILE C 269 -3.66 -51.03 -33.12
N SER C 270 -2.60 -50.24 -32.92
CA SER C 270 -2.59 -48.83 -33.31
C SER C 270 -1.65 -48.62 -34.48
N VAL C 271 -2.16 -48.00 -35.54
CA VAL C 271 -1.39 -47.75 -36.76
C VAL C 271 -1.61 -46.32 -37.20
N GLY C 272 -0.69 -45.83 -38.03
CA GLY C 272 -0.79 -44.50 -38.61
C GLY C 272 -1.04 -44.60 -40.10
N ILE C 273 -1.74 -43.61 -40.64
CA ILE C 273 -2.21 -43.65 -42.02
C ILE C 273 -1.55 -42.48 -42.75
N TYR C 274 -0.41 -42.74 -43.37
CA TYR C 274 0.28 -41.74 -44.17
C TYR C 274 -0.19 -41.80 -45.61
N ASN C 275 0.08 -40.72 -46.35
CA ASN C 275 -0.20 -40.66 -47.78
C ASN C 275 1.12 -40.47 -48.52
N LEU C 276 1.37 -41.35 -49.49
CA LEU C 276 2.63 -41.27 -50.21
C LEU C 276 2.58 -40.32 -51.40
N VAL C 277 1.46 -40.27 -52.11
CA VAL C 277 1.29 -39.39 -53.25
C VAL C 277 -0.01 -38.61 -53.09
N GLN C 278 0.07 -37.29 -53.23
CA GLN C 278 -1.07 -36.41 -53.01
C GLN C 278 -1.06 -35.29 -54.02
N LYS C 279 -2.23 -34.96 -54.56
CA LYS C 279 -2.35 -33.93 -55.59
C LYS C 279 -1.81 -32.60 -55.10
N ALA C 280 -1.03 -31.94 -55.94
CA ALA C 280 -0.42 -30.65 -55.62
C ALA C 280 -1.27 -29.53 -56.22
N LEU C 281 -1.56 -28.53 -55.41
CA LEU C 281 -2.35 -27.38 -55.84
C LEU C 281 -1.59 -26.10 -55.53
N LYS C 282 -1.79 -25.09 -56.36
CA LYS C 282 -1.17 -23.81 -56.13
C LYS C 282 -1.75 -23.16 -54.88
N PRO C 283 -0.96 -22.40 -54.14
CA PRO C 283 -1.46 -21.77 -52.91
C PRO C 283 -2.64 -20.87 -53.20
N PRO C 284 -3.62 -20.81 -52.30
CA PRO C 284 -4.82 -20.02 -52.59
C PRO C 284 -4.49 -18.54 -52.67
N PRO C 285 -5.22 -17.79 -53.49
CA PRO C 285 -5.00 -16.35 -53.56
C PRO C 285 -5.53 -15.64 -52.32
N ILE C 286 -5.01 -14.44 -52.11
CA ILE C 286 -5.37 -13.61 -50.97
C ILE C 286 -6.02 -12.34 -51.49
N LYS C 287 -7.17 -11.98 -50.91
CA LYS C 287 -7.79 -10.71 -51.25
C LYS C 287 -6.94 -9.56 -50.73
N LEU C 288 -6.95 -8.45 -51.45
CA LEU C 288 -6.14 -7.28 -51.09
C LEU C 288 -6.97 -6.02 -51.30
N TYR C 289 -6.66 -5.01 -50.48
CA TYR C 289 -7.23 -3.69 -50.67
C TYR C 289 -6.43 -2.94 -51.72
N ARG C 290 -7.09 -2.45 -52.76
CA ARG C 290 -6.38 -1.91 -53.90
C ARG C 290 -5.58 -0.66 -53.53
N GLU C 291 -6.15 0.21 -52.69
CA GLU C 291 -5.51 1.48 -52.41
C GLU C 291 -4.22 1.31 -51.61
N THR C 292 -4.19 0.39 -50.65
CA THR C 292 -3.04 0.24 -49.78
C THR C 292 -2.27 -1.06 -50.01
N ASN C 293 -2.81 -1.99 -50.78
CA ASN C 293 -2.15 -3.29 -51.03
C ASN C 293 -1.84 -4.01 -49.73
N GLU C 294 -2.84 -4.10 -48.86
CA GLU C 294 -2.70 -4.81 -47.60
C GLU C 294 -3.83 -5.82 -47.50
N PRO C 295 -3.61 -6.96 -46.86
CA PRO C 295 -4.67 -7.98 -46.81
C PRO C 295 -5.91 -7.46 -46.08
N VAL C 296 -7.07 -7.87 -46.58
CA VAL C 296 -8.35 -7.50 -46.00
C VAL C 296 -8.97 -8.74 -45.38
N LYS C 297 -9.28 -8.67 -44.10
CA LYS C 297 -9.92 -9.78 -43.41
C LYS C 297 -11.38 -9.87 -43.85
N THR C 298 -11.90 -11.08 -43.96
CA THR C 298 -13.27 -11.29 -44.36
C THR C 298 -14.14 -11.60 -43.13
N LYS C 299 -15.43 -11.34 -43.27
CA LYS C 299 -16.37 -11.52 -42.16
C LYS C 299 -17.68 -12.04 -42.75
N THR C 300 -17.85 -13.36 -42.73
CA THR C 300 -19.06 -13.99 -43.23
C THR C 300 -20.02 -14.18 -42.06
N ARG C 301 -21.22 -13.62 -42.18
CA ARG C 301 -22.22 -13.76 -41.13
C ARG C 301 -23.60 -13.66 -41.76
N THR C 302 -24.50 -14.53 -41.31
CA THR C 302 -25.86 -14.54 -41.82
C THR C 302 -26.61 -13.32 -41.30
N PHE C 303 -26.95 -12.40 -42.20
CA PHE C 303 -27.55 -11.14 -41.81
C PHE C 303 -29.05 -11.31 -41.58
N ASN C 304 -29.70 -10.20 -41.25
CA ASN C 304 -31.06 -10.21 -40.75
C ASN C 304 -32.04 -10.78 -41.76
N THR C 305 -33.28 -10.97 -41.30
CA THR C 305 -34.38 -11.48 -42.11
C THR C 305 -35.19 -10.37 -42.75
N SER C 306 -34.54 -9.27 -43.11
CA SER C 306 -35.17 -8.02 -43.54
C SER C 306 -35.95 -7.36 -42.43
N THR C 307 -35.78 -7.82 -41.19
CA THR C 307 -36.42 -7.22 -40.03
C THR C 307 -35.42 -6.70 -39.01
N GLY C 308 -34.13 -6.87 -39.26
CA GLY C 308 -33.11 -6.42 -38.34
C GLY C 308 -32.66 -7.52 -37.40
N GLY C 309 -31.41 -7.44 -36.98
CA GLY C 309 -30.85 -8.37 -36.01
C GLY C 309 -29.97 -9.43 -36.64
N LEU C 310 -29.49 -10.32 -35.79
CA LEU C 310 -28.64 -11.43 -36.17
C LEU C 310 -29.31 -12.73 -35.73
N LEU C 311 -28.89 -13.85 -36.32
CA LEU C 311 -29.54 -15.13 -36.10
C LEU C 311 -28.63 -16.12 -35.40
N LEU C 312 -29.24 -17.01 -34.62
CA LEU C 312 -28.55 -18.03 -33.86
C LEU C 312 -28.25 -19.26 -34.73
N PRO C 313 -27.22 -20.01 -34.38
CA PRO C 313 -27.12 -21.38 -34.91
C PRO C 313 -28.26 -22.26 -34.45
N SER C 314 -29.21 -21.67 -33.70
CA SER C 314 -30.29 -22.41 -33.09
C SER C 314 -31.66 -22.08 -33.67
N ASP C 315 -31.78 -21.04 -34.50
CA ASP C 315 -33.03 -20.76 -35.20
C ASP C 315 -32.88 -20.88 -36.71
N THR C 316 -31.80 -21.50 -37.18
CA THR C 316 -31.57 -21.73 -38.61
C THR C 316 -31.35 -23.23 -38.81
N LYS C 317 -32.42 -23.95 -39.13
CA LYS C 317 -32.33 -25.38 -39.38
C LYS C 317 -32.08 -25.65 -40.86
N ARG C 318 -31.39 -26.75 -41.13
CA ARG C 318 -31.15 -27.16 -42.50
C ARG C 318 -32.45 -27.67 -43.13
N SER C 319 -32.50 -27.64 -44.46
CA SER C 319 -33.73 -28.01 -45.16
C SER C 319 -33.41 -28.59 -46.52
N GLN C 320 -34.37 -29.34 -47.04
CA GLN C 320 -34.33 -29.88 -48.39
C GLN C 320 -35.75 -29.94 -48.93
N ILE C 321 -35.86 -29.86 -50.25
CA ILE C 321 -37.16 -29.85 -50.92
C ILE C 321 -37.16 -30.87 -52.04
N TYR C 322 -38.18 -31.73 -52.06
CA TYR C 322 -38.37 -32.72 -53.12
C TYR C 322 -39.78 -32.55 -53.65
N GLY C 323 -39.91 -31.94 -54.82
CA GLY C 323 -41.22 -31.68 -55.36
C GLY C 323 -41.97 -30.69 -54.47
N SER C 324 -43.17 -31.08 -54.04
CA SER C 324 -43.97 -30.26 -53.15
C SER C 324 -43.75 -30.57 -51.68
N ARG C 325 -42.89 -31.53 -51.38
CA ARG C 325 -42.64 -31.94 -50.00
C ARG C 325 -41.37 -31.28 -49.49
N GLN C 326 -41.48 -30.58 -48.37
CA GLN C 326 -40.35 -29.91 -47.74
C GLN C 326 -39.96 -30.69 -46.50
N ILE C 327 -38.70 -31.09 -46.42
CA ILE C 327 -38.16 -31.84 -45.30
C ILE C 327 -37.29 -30.90 -44.48
N ILE C 328 -37.63 -30.73 -43.22
CA ILE C 328 -36.96 -29.80 -42.32
C ILE C 328 -36.19 -30.60 -41.28
N LEU C 329 -34.89 -30.34 -41.16
CA LEU C 329 -34.02 -31.19 -40.37
C LEU C 329 -32.97 -30.34 -39.68
N GLU C 330 -32.71 -30.64 -38.40
CA GLU C 330 -31.83 -29.82 -37.58
C GLU C 330 -30.37 -30.00 -38.01
N LYS C 331 -29.53 -29.10 -37.50
CA LYS C 331 -28.12 -29.10 -37.90
C LYS C 331 -27.42 -30.36 -37.40
N GLU C 332 -27.55 -30.68 -36.11
CA GLU C 332 -26.84 -31.82 -35.57
C GLU C 332 -27.41 -33.13 -36.12
N GLU C 333 -28.72 -33.19 -36.32
CA GLU C 333 -29.32 -34.38 -36.92
C GLU C 333 -28.82 -34.61 -38.34
N THR C 334 -28.34 -33.56 -39.02
CA THR C 334 -27.76 -33.73 -40.35
C THR C 334 -26.46 -34.52 -40.28
N GLU C 335 -25.61 -34.22 -39.30
CA GLU C 335 -24.40 -35.00 -39.09
C GLU C 335 -24.66 -36.31 -38.37
N GLU C 336 -25.85 -36.49 -37.80
CA GLU C 336 -26.17 -37.74 -37.11
C GLU C 336 -26.50 -38.87 -38.07
N LEU C 337 -27.00 -38.56 -39.26
CA LEU C 337 -27.43 -39.61 -40.17
C LEU C 337 -26.29 -40.22 -40.97
N LYS C 338 -25.08 -39.71 -40.83
CA LYS C 338 -23.92 -40.26 -41.53
C LYS C 338 -22.86 -40.73 -40.55
N ARG C 339 -23.28 -41.42 -39.49
CA ARG C 339 -22.38 -42.01 -38.51
C ARG C 339 -22.68 -43.49 -38.40
N PHE C 340 -21.68 -44.32 -38.69
CA PHE C 340 -21.83 -45.77 -38.63
C PHE C 340 -20.92 -46.41 -37.59
N ASP C 341 -19.62 -46.15 -37.66
CA ASP C 341 -18.64 -46.82 -36.83
C ASP C 341 -17.77 -45.80 -36.14
N ASP C 342 -17.15 -46.22 -35.04
CA ASP C 342 -16.13 -45.42 -34.42
C ASP C 342 -14.89 -45.37 -35.31
N PRO C 343 -14.10 -44.31 -35.24
CA PRO C 343 -12.92 -44.20 -36.12
C PRO C 343 -11.95 -45.34 -35.90
N GLY C 344 -11.77 -46.15 -36.93
CA GLY C 344 -10.83 -47.25 -36.87
C GLY C 344 -11.05 -48.21 -38.02
N LEU C 345 -10.10 -49.14 -38.16
CA LEU C 345 -10.11 -50.13 -39.22
C LEU C 345 -10.58 -51.46 -38.63
N MET C 346 -11.77 -51.89 -39.00
CA MET C 346 -12.34 -53.15 -38.52
C MET C 346 -12.00 -54.24 -39.53
N LEU C 347 -11.04 -55.10 -39.16
CA LEU C 347 -10.66 -56.20 -40.04
C LEU C 347 -11.83 -57.14 -40.26
N MET C 348 -11.97 -57.65 -41.49
CA MET C 348 -13.09 -58.52 -41.80
C MET C 348 -12.70 -59.73 -42.63
N GLY C 349 -11.42 -60.01 -42.79
CA GLY C 349 -11.01 -61.18 -43.53
C GLY C 349 -9.86 -60.92 -44.47
N PHE C 350 -9.38 -61.96 -45.14
CA PHE C 350 -8.24 -61.86 -46.03
C PHE C 350 -8.64 -62.36 -47.42
N LYS C 351 -8.19 -61.65 -48.44
CA LYS C 351 -8.54 -61.97 -49.81
C LYS C 351 -7.27 -62.21 -50.63
N PRO C 352 -7.29 -63.14 -51.57
CA PRO C 352 -6.12 -63.34 -52.42
C PRO C 352 -5.84 -62.11 -53.26
N LEU C 353 -4.56 -61.88 -53.54
CA LEU C 353 -4.17 -60.70 -54.30
C LEU C 353 -4.76 -60.72 -55.71
N VAL C 354 -4.98 -61.90 -56.27
CA VAL C 354 -5.49 -62.01 -57.63
C VAL C 354 -6.93 -61.57 -57.77
N LEU C 355 -7.62 -61.28 -56.67
CA LEU C 355 -8.97 -60.78 -56.71
C LEU C 355 -9.05 -59.27 -56.63
N LEU C 356 -7.91 -58.58 -56.64
CA LEU C 356 -7.87 -57.12 -56.61
C LEU C 356 -7.59 -56.63 -58.02
N LYS C 357 -8.65 -56.37 -58.77
CA LYS C 357 -8.52 -55.98 -60.17
C LYS C 357 -7.91 -54.59 -60.28
N LYS C 358 -7.17 -54.38 -61.37
CA LYS C 358 -6.50 -53.10 -61.59
C LYS C 358 -7.48 -52.01 -62.02
N HIS C 359 -8.58 -52.40 -62.67
CA HIS C 359 -9.53 -51.41 -63.18
C HIS C 359 -10.15 -50.62 -62.04
N HIS C 360 -10.55 -51.31 -60.97
CA HIS C 360 -11.22 -50.67 -59.86
C HIS C 360 -10.25 -49.72 -59.16
N TYR C 361 -10.62 -48.45 -59.09
CA TYR C 361 -9.77 -47.47 -58.43
C TYR C 361 -10.59 -46.22 -58.18
N LEU C 362 -10.52 -45.69 -56.95
CA LEU C 362 -11.23 -44.46 -56.62
C LEU C 362 -10.32 -43.36 -56.11
N ARG C 363 -9.52 -43.62 -55.10
CA ARG C 363 -8.72 -42.61 -54.43
C ARG C 363 -7.26 -43.02 -54.45
N PRO C 364 -6.34 -42.08 -54.31
CA PRO C 364 -4.93 -42.46 -54.20
C PRO C 364 -4.70 -43.40 -53.03
N SER C 365 -3.84 -44.38 -53.24
CA SER C 365 -3.60 -45.40 -52.22
C SER C 365 -2.84 -44.81 -51.04
N LEU C 366 -3.35 -45.06 -49.83
CA LEU C 366 -2.71 -44.59 -48.62
C LEU C 366 -1.70 -45.63 -48.11
N PHE C 367 -1.05 -45.32 -47.00
CA PHE C 367 0.00 -46.17 -46.47
C PHE C 367 -0.19 -46.34 -44.97
N VAL C 368 0.09 -47.54 -44.48
CA VAL C 368 -0.08 -47.87 -43.07
C VAL C 368 1.25 -48.31 -42.49
N TYR C 369 1.60 -47.76 -41.33
CA TYR C 369 2.80 -48.15 -40.62
C TYR C 369 2.45 -48.39 -39.16
N PRO C 370 3.10 -49.35 -38.50
CA PRO C 370 2.79 -49.60 -37.09
C PRO C 370 3.39 -48.53 -36.20
N GLU C 371 2.57 -47.99 -35.32
CA GLU C 371 3.01 -46.96 -34.38
C GLU C 371 2.67 -47.41 -32.97
N GLU C 372 3.52 -47.02 -32.03
CA GLU C 372 3.50 -47.54 -30.66
C GLU C 372 3.38 -46.41 -29.65
N SER C 373 2.44 -45.50 -29.89
CA SER C 373 2.15 -44.45 -28.93
C SER C 373 0.85 -44.67 -28.20
N LEU C 374 -0.16 -45.25 -28.85
CA LEU C 374 -1.41 -45.54 -28.18
C LEU C 374 -1.47 -46.97 -27.65
N VAL C 375 -0.86 -47.92 -28.36
CA VAL C 375 -0.83 -49.32 -27.95
C VAL C 375 0.60 -49.82 -28.06
N ILE C 376 1.14 -50.34 -26.97
CA ILE C 376 2.49 -50.88 -26.94
C ILE C 376 2.45 -52.32 -27.39
N GLY C 377 3.32 -52.69 -28.32
CA GLY C 377 3.34 -54.02 -28.88
C GLY C 377 2.64 -54.16 -30.21
N SER C 378 2.21 -53.06 -30.82
CA SER C 378 1.56 -53.14 -32.12
C SER C 378 2.54 -53.52 -33.22
N SER C 379 3.80 -53.09 -33.11
CA SER C 379 4.75 -53.32 -34.20
C SER C 379 5.02 -54.80 -34.39
N THR C 380 5.09 -55.57 -33.30
CA THR C 380 5.40 -56.99 -33.42
C THR C 380 4.27 -57.75 -34.12
N LEU C 381 3.03 -57.52 -33.67
CA LEU C 381 1.90 -58.16 -34.33
C LEU C 381 1.78 -57.69 -35.77
N PHE C 382 2.04 -56.42 -36.02
CA PHE C 382 1.98 -55.90 -37.38
C PHE C 382 3.01 -56.57 -38.27
N SER C 383 4.24 -56.74 -37.77
CA SER C 383 5.28 -57.38 -38.56
C SER C 383 4.95 -58.83 -38.84
N ALA C 384 4.46 -59.55 -37.83
CA ALA C 384 4.07 -60.94 -38.06
C ALA C 384 2.95 -61.03 -39.09
N LEU C 385 1.96 -60.14 -38.98
CA LEU C 385 0.86 -60.12 -39.93
C LEU C 385 1.34 -59.81 -41.34
N LEU C 386 2.25 -58.85 -41.48
CA LEU C 386 2.78 -58.50 -42.79
C LEU C 386 3.53 -59.68 -43.40
N ILE C 387 4.39 -60.32 -42.61
CA ILE C 387 5.18 -61.43 -43.12
C ILE C 387 4.27 -62.56 -43.58
N LYS C 388 3.35 -62.98 -42.72
CA LYS C 388 2.50 -64.11 -43.08
C LYS C 388 1.38 -63.73 -44.03
N CYS C 389 1.20 -62.44 -44.32
CA CYS C 389 0.21 -62.02 -45.29
C CYS C 389 0.79 -61.87 -46.69
N LEU C 390 2.04 -61.45 -46.81
CA LEU C 390 2.70 -61.47 -48.10
C LEU C 390 3.33 -62.81 -48.42
N GLU C 391 3.46 -63.69 -47.43
CA GLU C 391 3.91 -65.05 -47.73
C GLU C 391 2.82 -65.83 -48.46
N LYS C 392 1.56 -65.64 -48.07
CA LYS C 392 0.43 -66.33 -48.67
C LYS C 392 -0.26 -65.50 -49.74
N GLU C 393 0.38 -64.42 -50.19
CA GLU C 393 -0.14 -63.49 -51.20
C GLU C 393 -1.63 -63.20 -50.98
N VAL C 394 -1.93 -62.61 -49.82
CA VAL C 394 -3.27 -62.20 -49.48
C VAL C 394 -3.23 -60.77 -48.97
N ALA C 395 -4.38 -60.10 -49.02
CA ALA C 395 -4.51 -58.72 -48.61
C ALA C 395 -5.63 -58.58 -47.60
N ALA C 396 -5.34 -57.94 -46.48
CA ALA C 396 -6.33 -57.76 -45.43
C ALA C 396 -7.45 -56.85 -45.90
N LEU C 397 -8.69 -57.23 -45.58
CA LEU C 397 -9.87 -56.46 -45.91
C LEU C 397 -10.43 -55.85 -44.64
N CYS C 398 -10.66 -54.54 -44.66
CA CYS C 398 -11.10 -53.82 -43.47
C CYS C 398 -12.20 -52.84 -43.83
N ARG C 399 -12.91 -52.38 -42.80
CA ARG C 399 -13.86 -51.29 -42.92
C ARG C 399 -13.21 -50.03 -42.39
N TYR C 400 -13.13 -49.00 -43.22
CA TYR C 400 -12.32 -47.82 -42.94
C TYR C 400 -13.21 -46.65 -42.58
N THR C 401 -12.98 -46.06 -41.42
CA THR C 401 -13.69 -44.86 -40.97
C THR C 401 -12.65 -43.89 -40.43
N PRO C 402 -12.28 -42.88 -41.20
CA PRO C 402 -11.15 -42.03 -40.78
C PRO C 402 -11.52 -41.02 -39.70
N ARG C 403 -12.75 -40.50 -39.72
CA ARG C 403 -13.15 -39.49 -38.75
C ARG C 403 -14.41 -39.91 -38.01
N ARG C 404 -14.95 -38.99 -37.20
CA ARG C 404 -16.02 -39.37 -36.27
C ARG C 404 -17.32 -39.70 -37.01
N ASN C 405 -17.67 -38.92 -38.03
CA ASN C 405 -18.98 -39.07 -38.64
C ASN C 405 -18.89 -39.30 -40.15
N ILE C 406 -18.05 -40.21 -40.57
CA ILE C 406 -17.87 -40.57 -41.97
C ILE C 406 -18.44 -41.96 -42.19
N PRO C 407 -19.21 -42.20 -43.25
CA PRO C 407 -19.73 -43.54 -43.49
C PRO C 407 -18.59 -44.49 -43.79
N PRO C 408 -18.78 -45.78 -43.51
CA PRO C 408 -17.69 -46.75 -43.68
C PRO C 408 -17.35 -46.96 -45.14
N TYR C 409 -16.10 -47.31 -45.40
CA TYR C 409 -15.66 -47.52 -46.77
C TYR C 409 -14.66 -48.66 -46.77
N PHE C 410 -14.96 -49.72 -47.53
CA PHE C 410 -14.14 -50.92 -47.47
C PHE C 410 -12.78 -50.67 -48.10
N VAL C 411 -11.77 -51.34 -47.55
CA VAL C 411 -10.38 -51.14 -47.94
C VAL C 411 -9.67 -52.47 -47.96
N ALA C 412 -8.86 -52.70 -48.99
CA ALA C 412 -8.03 -53.89 -49.08
C ALA C 412 -6.59 -53.51 -48.77
N LEU C 413 -6.09 -53.96 -47.62
CA LEU C 413 -4.73 -53.66 -47.19
C LEU C 413 -3.77 -54.59 -47.91
N VAL C 414 -3.11 -54.08 -48.94
CA VAL C 414 -2.16 -54.87 -49.71
C VAL C 414 -0.79 -54.83 -49.03
N PRO C 415 -0.21 -55.97 -48.71
CA PRO C 415 1.10 -55.98 -48.05
C PRO C 415 2.22 -55.55 -48.97
N GLN C 416 2.82 -54.41 -48.71
CA GLN C 416 3.88 -53.86 -49.56
C GLN C 416 5.23 -54.18 -48.92
N GLU C 417 5.99 -55.06 -49.56
CA GLU C 417 7.29 -55.48 -49.04
C GLU C 417 8.34 -54.41 -49.33
N GLU C 418 9.24 -54.21 -48.37
CA GLU C 418 10.28 -53.21 -48.50
C GLU C 418 11.21 -53.52 -49.68
N GLU C 419 11.48 -52.51 -50.49
CA GLU C 419 12.42 -52.61 -51.60
C GLU C 419 13.51 -51.56 -51.42
N LEU C 420 14.76 -51.98 -51.58
CA LEU C 420 15.90 -51.12 -51.31
C LEU C 420 16.89 -51.20 -52.46
N ASP C 421 17.55 -50.08 -52.73
CA ASP C 421 18.58 -50.02 -53.76
C ASP C 421 19.92 -50.48 -53.21
N ASP C 422 20.89 -50.63 -54.12
CA ASP C 422 22.23 -51.04 -53.71
C ASP C 422 22.89 -49.98 -52.84
N GLN C 423 22.51 -48.72 -53.01
CA GLN C 423 23.03 -47.62 -52.22
C GLN C 423 22.40 -47.50 -50.85
N LYS C 424 21.68 -48.54 -50.40
CA LYS C 424 21.00 -48.55 -49.12
C LYS C 424 20.00 -47.39 -49.00
N ILE C 425 19.26 -47.15 -50.09
CA ILE C 425 18.24 -46.11 -50.14
C ILE C 425 16.88 -46.79 -50.26
N GLN C 426 15.96 -46.41 -49.39
CA GLN C 426 14.63 -47.01 -49.38
C GLN C 426 13.74 -46.32 -50.41
N VAL C 427 13.17 -47.10 -51.33
CA VAL C 427 12.27 -46.57 -52.33
C VAL C 427 10.82 -46.99 -52.12
N THR C 428 10.58 -48.17 -51.53
CA THR C 428 9.24 -48.60 -51.15
C THR C 428 9.31 -49.05 -49.70
N PRO C 429 9.00 -48.18 -48.74
CA PRO C 429 9.12 -48.56 -47.34
C PRO C 429 8.13 -49.66 -46.99
N PRO C 430 8.49 -50.55 -46.08
CA PRO C 430 7.61 -51.67 -45.76
C PRO C 430 6.36 -51.21 -45.03
N GLY C 431 5.29 -51.98 -45.18
CA GLY C 431 4.05 -51.67 -44.50
C GLY C 431 2.87 -52.16 -45.32
N PHE C 432 1.71 -51.67 -44.92
CA PHE C 432 0.46 -52.00 -45.59
C PHE C 432 -0.02 -50.79 -46.37
N GLN C 433 -0.59 -51.02 -47.54
CA GLN C 433 -1.06 -49.96 -48.41
C GLN C 433 -2.56 -50.08 -48.60
N LEU C 434 -3.28 -49.02 -48.27
CA LEU C 434 -4.72 -48.99 -48.50
C LEU C 434 -5.01 -49.06 -50.00
N VAL C 435 -6.13 -49.70 -50.34
CA VAL C 435 -6.64 -49.69 -51.70
C VAL C 435 -8.16 -49.57 -51.61
N PHE C 436 -8.69 -48.39 -51.94
CA PHE C 436 -10.11 -48.15 -51.76
C PHE C 436 -10.88 -48.95 -52.79
N LEU C 437 -11.62 -49.94 -52.33
CA LEU C 437 -12.49 -50.71 -53.21
C LEU C 437 -13.77 -49.94 -53.47
N PRO C 438 -14.13 -49.68 -54.72
CA PRO C 438 -15.36 -48.94 -54.99
C PRO C 438 -16.60 -49.73 -54.63
N PHE C 439 -17.63 -49.01 -54.20
CA PHE C 439 -18.93 -49.62 -54.06
C PHE C 439 -19.58 -49.79 -55.43
N ALA C 440 -20.69 -50.53 -55.46
CA ALA C 440 -21.41 -50.69 -56.72
C ALA C 440 -22.04 -49.39 -57.19
N ASP C 441 -22.26 -48.44 -56.28
CA ASP C 441 -22.76 -47.13 -56.68
C ASP C 441 -21.74 -46.37 -57.52
N ASP C 442 -20.45 -46.63 -57.30
CA ASP C 442 -19.39 -45.88 -57.96
C ASP C 442 -18.91 -46.53 -59.24
N LYS C 443 -19.60 -47.54 -59.73
CA LYS C 443 -19.26 -48.19 -61.00
C LYS C 443 -20.29 -47.83 -62.05
N ARG C 444 -19.83 -47.29 -63.17
CA ARG C 444 -20.69 -46.89 -64.26
C ARG C 444 -20.71 -47.97 -65.34
N LYS C 445 -21.82 -48.02 -66.08
CA LYS C 445 -22.05 -49.07 -67.07
C LYS C 445 -21.79 -48.53 -68.47
N MET C 446 -21.05 -49.31 -69.26
CA MET C 446 -20.71 -48.92 -70.62
C MET C 446 -21.80 -49.35 -71.60
N PRO C 447 -21.93 -48.67 -72.73
CA PRO C 447 -22.85 -49.13 -73.76
C PRO C 447 -22.32 -50.38 -74.46
N PHE C 448 -23.25 -51.14 -75.03
CA PHE C 448 -22.89 -52.34 -75.75
C PHE C 448 -22.05 -51.99 -76.98
N THR C 449 -20.94 -52.70 -77.14
CA THR C 449 -20.07 -52.53 -78.29
C THR C 449 -19.83 -53.88 -78.96
N GLU C 450 -19.54 -53.85 -80.25
CA GLU C 450 -19.37 -55.06 -81.03
C GLU C 450 -17.90 -55.45 -81.05
N LYS C 451 -17.62 -56.71 -80.71
CA LYS C 451 -16.25 -57.19 -80.66
C LYS C 451 -15.72 -57.42 -82.08
N ILE C 452 -14.72 -56.64 -82.47
CA ILE C 452 -14.05 -56.79 -83.75
C ILE C 452 -12.56 -56.96 -83.48
N MET C 453 -12.00 -58.09 -83.88
CA MET C 453 -10.62 -58.42 -83.60
C MET C 453 -9.74 -58.16 -84.81
N ALA C 454 -8.47 -57.89 -84.55
CA ALA C 454 -7.50 -57.66 -85.62
C ALA C 454 -7.03 -59.01 -86.17
N THR C 455 -5.99 -58.99 -86.98
CA THR C 455 -5.39 -60.17 -87.57
C THR C 455 -3.88 -60.08 -87.43
N PRO C 456 -3.17 -61.18 -87.64
CA PRO C 456 -1.72 -61.11 -87.81
C PRO C 456 -1.34 -60.15 -88.93
N GLU C 457 -0.03 -59.89 -89.03
CA GLU C 457 0.60 -59.14 -90.11
C GLU C 457 0.33 -57.64 -89.99
N GLN C 458 -0.58 -57.24 -89.10
CA GLN C 458 -0.64 -55.85 -88.66
C GLN C 458 -0.50 -55.69 -87.16
N VAL C 459 -0.85 -56.70 -86.37
CA VAL C 459 -0.43 -56.70 -84.97
C VAL C 459 1.09 -56.74 -84.90
N GLY C 460 1.72 -57.45 -85.83
CA GLY C 460 3.18 -57.42 -85.91
C GLY C 460 3.71 -56.04 -86.24
N LYS C 461 3.03 -55.33 -87.15
CA LYS C 461 3.43 -53.97 -87.47
C LYS C 461 3.29 -53.05 -86.27
N MET C 462 2.19 -53.19 -85.53
CA MET C 462 2.00 -52.43 -84.30
C MET C 462 3.10 -52.75 -83.30
N LYS C 463 3.47 -54.03 -83.19
CA LYS C 463 4.55 -54.41 -82.29
C LYS C 463 5.86 -53.75 -82.70
N ALA C 464 6.13 -53.70 -84.01
CA ALA C 464 7.35 -53.06 -84.49
C ALA C 464 7.35 -51.58 -84.16
N ILE C 465 6.21 -50.90 -84.35
CA ILE C 465 6.12 -49.48 -84.01
C ILE C 465 6.38 -49.28 -82.52
N VAL C 466 5.72 -50.09 -81.69
CA VAL C 466 5.87 -49.94 -80.25
C VAL C 466 7.31 -50.17 -79.83
N GLU C 467 7.94 -51.22 -80.37
CA GLU C 467 9.34 -51.47 -80.07
C GLU C 467 10.23 -50.33 -80.55
N LYS C 468 9.82 -49.64 -81.60
CA LYS C 468 10.55 -48.48 -82.09
C LYS C 468 10.31 -47.23 -81.25
N LEU C 469 9.42 -47.30 -80.27
CA LEU C 469 9.06 -46.17 -79.42
C LEU C 469 9.26 -46.53 -77.95
N ARG C 470 10.42 -47.11 -77.65
CA ARG C 470 10.71 -47.54 -76.29
C ARG C 470 10.74 -46.35 -75.34
N PHE C 471 10.54 -46.64 -74.05
CA PHE C 471 10.39 -45.61 -73.04
C PHE C 471 10.60 -46.25 -71.68
N THR C 472 11.57 -45.73 -70.92
CA THR C 472 11.80 -46.19 -69.54
C THR C 472 11.11 -45.18 -68.63
N TYR C 473 9.83 -45.44 -68.35
CA TYR C 473 9.04 -44.51 -67.56
C TYR C 473 9.57 -44.42 -66.13
N ARG C 474 9.61 -43.20 -65.59
CA ARG C 474 10.00 -42.95 -64.23
C ARG C 474 9.03 -41.96 -63.60
N SER C 475 8.89 -42.05 -62.28
CA SER C 475 8.01 -41.12 -61.58
C SER C 475 8.52 -39.69 -61.67
N ASP C 476 9.83 -39.51 -61.55
CA ASP C 476 10.46 -38.19 -61.71
C ASP C 476 10.74 -37.97 -63.19
N SER C 477 9.65 -37.78 -63.94
CA SER C 477 9.74 -37.54 -65.37
C SER C 477 9.09 -36.23 -65.78
N PHE C 478 7.89 -35.95 -65.31
CA PHE C 478 7.09 -34.84 -65.78
C PHE C 478 6.79 -33.88 -64.64
N GLU C 479 6.53 -32.62 -65.01
CA GLU C 479 6.12 -31.59 -64.06
C GLU C 479 4.79 -31.01 -64.51
N ASN C 480 3.97 -30.61 -63.53
CA ASN C 480 2.66 -30.03 -63.81
C ASN C 480 2.84 -28.74 -64.60
N PRO C 481 2.48 -28.72 -65.89
CA PRO C 481 2.72 -27.51 -66.68
C PRO C 481 2.00 -26.29 -66.16
N VAL C 482 0.78 -26.46 -65.63
CA VAL C 482 0.04 -25.31 -65.10
C VAL C 482 0.76 -24.73 -63.89
N LEU C 483 1.18 -25.60 -62.97
CA LEU C 483 1.88 -25.11 -61.80
C LEU C 483 3.22 -24.49 -62.17
N GLN C 484 3.92 -25.07 -63.12
CA GLN C 484 5.19 -24.49 -63.55
C GLN C 484 4.99 -23.11 -64.15
N GLN C 485 3.98 -22.96 -65.02
CA GLN C 485 3.71 -21.66 -65.61
C GLN C 485 3.30 -20.64 -64.55
N HIS C 486 2.48 -21.05 -63.59
CA HIS C 486 2.06 -20.13 -62.54
C HIS C 486 3.25 -19.68 -61.70
N PHE C 487 4.14 -20.61 -61.35
CA PHE C 487 5.30 -20.24 -60.56
C PHE C 487 6.23 -19.32 -61.34
N ARG C 488 6.43 -19.59 -62.63
CA ARG C 488 7.28 -18.70 -63.43
C ARG C 488 6.66 -17.32 -63.56
N ASN C 489 5.34 -17.25 -63.73
CA ASN C 489 4.67 -15.96 -63.79
C ASN C 489 4.86 -15.20 -62.49
N LEU C 490 4.73 -15.89 -61.36
CA LEU C 490 4.94 -15.23 -60.08
C LEU C 490 6.37 -14.71 -59.95
N GLU C 491 7.34 -15.50 -60.40
CA GLU C 491 8.73 -15.04 -60.37
C GLU C 491 8.89 -13.79 -61.21
N ALA C 492 8.30 -13.76 -62.40
CA ALA C 492 8.41 -12.60 -63.27
C ALA C 492 7.73 -11.39 -62.67
N LEU C 493 6.63 -11.60 -61.95
CA LEU C 493 5.91 -10.51 -61.33
C LEU C 493 6.52 -10.06 -60.01
N ALA C 494 7.46 -10.82 -59.46
CA ALA C 494 8.11 -10.43 -58.22
C ALA C 494 9.52 -9.90 -58.43
N LEU C 495 10.14 -10.14 -59.57
CA LEU C 495 11.48 -9.66 -59.86
C LEU C 495 11.53 -8.86 -61.17
N ASP C 496 10.37 -8.42 -61.66
CA ASP C 496 10.22 -7.66 -62.91
C ASP C 496 11.20 -8.13 -64.00
N LEU C 497 11.12 -9.42 -64.35
CA LEU C 497 11.97 -9.99 -65.39
C LEU C 497 11.60 -9.51 -66.79
N MET C 498 10.58 -8.64 -66.90
CA MET C 498 10.20 -7.94 -68.12
C MET C 498 9.48 -8.88 -69.09
N GLU C 499 9.49 -10.18 -68.79
CA GLU C 499 8.73 -11.20 -69.52
C GLU C 499 8.80 -12.51 -68.76
N PRO C 500 7.69 -13.24 -68.62
CA PRO C 500 7.73 -14.51 -67.91
C PRO C 500 8.58 -15.54 -68.63
N GLU C 501 9.23 -16.40 -67.85
CA GLU C 501 10.00 -17.48 -68.43
C GLU C 501 9.08 -18.53 -69.02
N GLN C 502 9.32 -18.90 -70.27
CA GLN C 502 8.49 -19.89 -70.94
C GLN C 502 8.96 -21.28 -70.52
N ALA C 503 8.14 -21.98 -69.75
CA ALA C 503 8.46 -23.33 -69.33
C ALA C 503 8.50 -24.26 -70.53
N VAL C 504 9.52 -25.10 -70.60
CA VAL C 504 9.53 -26.17 -71.59
C VAL C 504 8.54 -27.23 -71.13
N ASP C 505 7.45 -27.38 -71.87
CA ASP C 505 6.39 -28.29 -71.48
C ASP C 505 6.87 -29.73 -71.67
N LEU C 506 7.28 -30.36 -70.57
CA LEU C 506 7.86 -31.69 -70.65
C LEU C 506 6.85 -32.76 -71.06
N THR C 507 5.57 -32.52 -70.84
CA THR C 507 4.55 -33.48 -71.23
C THR C 507 4.09 -33.31 -72.67
N LEU C 508 4.69 -32.39 -73.41
CA LEU C 508 4.39 -32.26 -74.83
C LEU C 508 5.14 -33.32 -75.62
N PRO C 509 4.44 -34.11 -76.45
CA PRO C 509 5.14 -35.11 -77.26
C PRO C 509 6.09 -34.46 -78.25
N LYS C 510 7.26 -35.08 -78.43
CA LYS C 510 8.22 -34.64 -79.42
C LYS C 510 7.78 -35.20 -80.77
N VAL C 511 6.81 -34.51 -81.37
CA VAL C 511 6.14 -35.04 -82.55
C VAL C 511 7.12 -35.19 -83.71
N GLU C 512 7.95 -34.17 -83.96
CA GLU C 512 8.87 -34.26 -85.09
C GLU C 512 9.96 -35.29 -84.84
N ALA C 513 10.52 -35.32 -83.64
CA ALA C 513 11.58 -36.28 -83.34
C ALA C 513 11.05 -37.71 -83.39
N MET C 514 9.88 -37.94 -82.80
CA MET C 514 9.32 -39.29 -82.81
C MET C 514 8.86 -39.69 -84.20
N ASN C 515 8.40 -38.73 -85.01
CA ASN C 515 8.05 -39.05 -86.39
C ASN C 515 9.28 -39.44 -87.20
N LYS C 516 10.37 -38.69 -87.05
CA LYS C 516 11.60 -39.04 -87.76
C LYS C 516 12.15 -40.38 -87.30
N ARG C 517 12.09 -40.64 -85.99
CA ARG C 517 12.56 -41.93 -85.48
C ARG C 517 11.68 -43.08 -85.96
N LEU C 518 10.38 -42.83 -86.11
CA LEU C 518 9.46 -43.89 -86.49
C LEU C 518 9.78 -44.45 -87.87
N GLY C 519 9.93 -43.57 -88.86
CA GLY C 519 10.16 -44.00 -90.22
C GLY C 519 8.88 -44.06 -91.03
N SER C 520 8.98 -44.74 -92.18
CA SER C 520 7.87 -44.80 -93.11
C SER C 520 6.88 -45.92 -92.80
N LEU C 521 7.14 -46.73 -91.78
CA LEU C 521 6.25 -47.85 -91.48
C LEU C 521 4.88 -47.40 -91.01
N VAL C 522 4.75 -46.15 -90.55
CA VAL C 522 3.44 -45.63 -90.20
C VAL C 522 2.52 -45.63 -91.43
N ASP C 523 3.08 -45.29 -92.59
CA ASP C 523 2.27 -45.30 -93.81
C ASP C 523 1.93 -46.72 -94.23
N GLU C 524 2.85 -47.67 -94.00
CA GLU C 524 2.53 -49.07 -94.24
C GLU C 524 1.37 -49.52 -93.37
N PHE C 525 1.37 -49.09 -92.10
CA PHE C 525 0.22 -49.32 -91.23
C PHE C 525 -1.04 -48.72 -91.84
N LYS C 526 -0.98 -47.45 -92.24
CA LYS C 526 -2.18 -46.76 -92.68
C LYS C 526 -2.78 -47.42 -93.92
N GLU C 527 -1.94 -47.84 -94.86
CA GLU C 527 -2.45 -48.53 -96.04
C GLU C 527 -2.98 -49.91 -95.68
N LEU C 528 -2.44 -50.53 -94.63
CA LEU C 528 -2.75 -51.92 -94.34
C LEU C 528 -4.19 -52.09 -93.86
N VAL C 529 -4.68 -51.18 -93.01
CA VAL C 529 -6.01 -51.28 -92.41
C VAL C 529 -6.94 -50.20 -92.92
N TYR C 530 -6.50 -48.94 -92.88
CA TYR C 530 -7.38 -47.84 -93.21
C TYR C 530 -7.78 -47.89 -94.68
N PRO C 531 -9.07 -47.78 -95.00
CA PRO C 531 -9.48 -47.74 -96.39
C PRO C 531 -8.92 -46.52 -97.07
N PRO C 532 -8.72 -46.57 -98.39
CA PRO C 532 -8.12 -45.41 -99.08
C PRO C 532 -8.94 -44.14 -98.96
N ASP C 533 -10.26 -44.26 -98.83
CA ASP C 533 -11.13 -43.10 -98.72
C ASP C 533 -11.27 -42.59 -97.30
N TYR C 534 -10.63 -43.25 -96.32
CA TYR C 534 -10.75 -42.86 -94.91
C TYR C 534 -9.76 -41.75 -94.62
N ASN C 535 -10.24 -40.48 -94.61
CA ASN C 535 -9.50 -39.39 -93.91
C ASN C 535 -9.56 -39.62 -92.41
N PRO C 536 -8.41 -39.64 -91.72
CA PRO C 536 -8.41 -39.77 -90.26
C PRO C 536 -8.51 -38.46 -89.50
N GLU C 537 -8.69 -37.34 -90.20
CA GLU C 537 -8.76 -36.02 -89.58
C GLU C 537 -7.54 -35.74 -88.71
N VAL C 557 -34.31 -1.91 -74.23
CA VAL C 557 -34.98 -3.16 -74.52
C VAL C 557 -35.55 -3.14 -75.94
N GLU C 558 -35.93 -4.32 -76.43
CA GLU C 558 -36.51 -4.47 -77.75
C GLU C 558 -37.97 -4.90 -77.68
N TYR C 559 -38.51 -5.05 -76.47
CA TYR C 559 -39.86 -5.57 -76.29
C TYR C 559 -40.67 -4.59 -75.45
N SER C 560 -41.97 -4.82 -75.42
CA SER C 560 -42.89 -3.99 -74.64
C SER C 560 -44.15 -4.80 -74.36
N GLU C 561 -45.19 -4.10 -73.89
CA GLU C 561 -46.45 -4.74 -73.52
C GLU C 561 -47.11 -5.42 -74.72
N GLU C 562 -47.27 -4.67 -75.81
CA GLU C 562 -48.16 -5.09 -76.88
C GLU C 562 -47.63 -6.32 -77.62
N GLU C 563 -46.30 -6.41 -77.83
CA GLU C 563 -45.78 -7.52 -78.61
C GLU C 563 -45.91 -8.82 -77.85
N LEU C 564 -45.70 -8.81 -76.54
CA LEU C 564 -45.91 -10.03 -75.75
C LEU C 564 -47.38 -10.38 -75.64
N LYS C 565 -48.25 -9.38 -75.50
CA LYS C 565 -49.69 -9.67 -75.48
C LYS C 565 -50.14 -10.31 -76.78
N THR C 566 -49.59 -9.85 -77.91
CA THR C 566 -49.93 -10.46 -79.19
C THR C 566 -49.26 -11.82 -79.38
N HIS C 567 -48.07 -11.99 -78.82
CA HIS C 567 -47.31 -13.23 -79.02
C HIS C 567 -47.87 -14.39 -78.19
N ILE C 568 -48.43 -14.10 -77.02
CA ILE C 568 -49.01 -15.19 -76.23
C ILE C 568 -50.20 -15.80 -76.96
N SER C 569 -50.98 -14.98 -77.67
CA SER C 569 -51.99 -15.49 -78.57
C SER C 569 -51.39 -16.11 -79.82
N LYS C 570 -50.30 -15.53 -80.33
CA LYS C 570 -49.54 -16.16 -81.40
C LYS C 570 -48.90 -17.46 -80.92
N GLY C 571 -48.51 -17.51 -79.65
CA GLY C 571 -48.12 -18.74 -79.00
C GLY C 571 -46.76 -19.28 -79.38
N THR C 572 -45.92 -18.52 -80.08
CA THR C 572 -44.63 -19.04 -80.46
C THR C 572 -43.63 -18.93 -79.32
N LEU C 573 -43.30 -17.70 -78.92
CA LEU C 573 -42.13 -17.44 -78.08
C LEU C 573 -40.96 -18.27 -78.56
N GLY C 574 -40.67 -18.13 -79.85
CA GLY C 574 -39.84 -19.07 -80.57
C GLY C 574 -38.41 -18.58 -80.68
N LYS C 575 -38.06 -17.97 -81.82
CA LYS C 575 -36.73 -17.42 -82.02
C LYS C 575 -36.32 -16.52 -80.86
N PHE C 576 -37.28 -16.12 -80.04
CA PHE C 576 -37.00 -15.51 -78.75
C PHE C 576 -35.96 -16.34 -78.01
N THR C 577 -34.78 -15.77 -77.79
CA THR C 577 -33.67 -16.50 -77.23
C THR C 577 -33.73 -16.53 -75.71
N VAL C 578 -33.05 -17.52 -75.13
CA VAL C 578 -32.90 -17.56 -73.68
C VAL C 578 -32.24 -16.30 -73.15
N PRO C 579 -31.17 -15.76 -73.76
CA PRO C 579 -30.62 -14.50 -73.27
C PRO C 579 -31.62 -13.35 -73.23
N MET C 580 -32.60 -13.30 -74.13
CA MET C 580 -33.54 -12.18 -74.09
C MET C 580 -34.76 -12.48 -73.23
N LEU C 581 -35.18 -13.75 -73.12
CA LEU C 581 -36.15 -14.11 -72.10
C LEU C 581 -35.61 -13.78 -70.71
N LYS C 582 -34.33 -14.07 -70.46
CA LYS C 582 -33.74 -13.79 -69.17
C LYS C 582 -33.75 -12.30 -68.87
N GLU C 583 -33.36 -11.48 -69.85
CA GLU C 583 -33.33 -10.04 -69.60
C GLU C 583 -34.74 -9.48 -69.45
N ALA C 584 -35.71 -10.02 -70.19
CA ALA C 584 -37.09 -9.56 -70.01
C ALA C 584 -37.58 -9.88 -68.60
N CYS C 585 -37.37 -11.12 -68.14
CA CYS C 585 -37.83 -11.49 -66.81
C CYS C 585 -37.07 -10.77 -65.71
N ARG C 586 -35.81 -10.40 -65.96
CA ARG C 586 -35.01 -9.71 -64.95
C ARG C 586 -35.40 -8.23 -64.86
N ALA C 587 -35.34 -7.52 -66.00
CA ALA C 587 -35.70 -6.11 -66.01
C ALA C 587 -37.16 -5.89 -65.63
N TYR C 588 -38.05 -6.81 -65.98
CA TYR C 588 -39.43 -6.68 -65.55
C TYR C 588 -39.62 -7.03 -64.08
N GLY C 589 -38.81 -7.93 -63.55
CA GLY C 589 -38.85 -8.26 -62.13
C GLY C 589 -39.47 -9.59 -61.78
N LEU C 590 -39.88 -10.39 -62.76
CA LEU C 590 -40.46 -11.68 -62.46
C LEU C 590 -39.39 -12.68 -62.05
N LYS C 591 -39.82 -13.72 -61.32
CA LYS C 591 -38.91 -14.80 -60.97
C LYS C 591 -38.40 -15.48 -62.22
N SER C 592 -37.11 -15.81 -62.22
CA SER C 592 -36.47 -16.40 -63.38
C SER C 592 -35.57 -17.55 -62.95
N GLY C 593 -35.39 -18.50 -63.87
CA GLY C 593 -34.51 -19.63 -63.67
C GLY C 593 -33.50 -19.72 -64.80
N LEU C 594 -33.18 -20.95 -65.18
CA LEU C 594 -32.26 -21.22 -66.27
C LEU C 594 -32.86 -22.04 -67.39
N LYS C 595 -33.65 -23.06 -67.06
CA LYS C 595 -34.29 -23.87 -68.09
C LYS C 595 -35.34 -23.05 -68.82
N LYS C 596 -35.49 -23.31 -70.12
CA LYS C 596 -36.41 -22.53 -70.93
C LYS C 596 -37.86 -22.69 -70.48
N GLN C 597 -38.25 -23.92 -70.15
CA GLN C 597 -39.64 -24.17 -69.80
C GLN C 597 -40.08 -23.36 -68.59
N GLU C 598 -39.17 -23.10 -67.65
CA GLU C 598 -39.52 -22.28 -66.48
C GLU C 598 -40.06 -20.92 -66.91
N LEU C 599 -39.27 -20.20 -67.72
CA LEU C 599 -39.68 -18.87 -68.17
C LEU C 599 -40.90 -18.97 -69.09
N LEU C 600 -40.90 -19.96 -69.99
CA LEU C 600 -42.00 -20.09 -70.94
C LEU C 600 -43.32 -20.35 -70.22
N GLU C 601 -43.28 -20.99 -69.06
CA GLU C 601 -44.51 -21.20 -68.30
C GLU C 601 -44.85 -19.98 -67.45
N ALA C 602 -43.86 -19.42 -66.76
CA ALA C 602 -44.14 -18.32 -65.82
C ALA C 602 -44.64 -17.09 -66.56
N LEU C 603 -43.94 -16.68 -67.62
CA LEU C 603 -44.37 -15.49 -68.34
C LEU C 603 -45.74 -15.69 -68.97
N THR C 604 -45.99 -16.88 -69.52
CA THR C 604 -47.28 -17.13 -70.15
C THR C 604 -48.42 -17.11 -69.13
N LYS C 605 -48.20 -17.70 -67.95
CA LYS C 605 -49.28 -17.78 -66.97
C LYS C 605 -49.53 -16.43 -66.32
N HIS C 606 -48.48 -15.63 -66.10
CA HIS C 606 -48.67 -14.39 -65.34
C HIS C 606 -49.07 -13.23 -66.23
N PHE C 607 -48.48 -13.13 -67.43
CA PHE C 607 -48.65 -11.93 -68.25
C PHE C 607 -50.11 -11.76 -68.66
N GLN C 608 -50.80 -12.86 -68.96
CA GLN C 608 -52.21 -12.83 -69.30
C GLN C 608 -53.11 -13.10 -68.11
N ASP C 609 -52.72 -14.03 -67.24
CA ASP C 609 -53.54 -14.40 -66.10
C ASP C 609 -52.80 -14.15 -64.79
N ASN D 6 -34.43 -41.03 -72.66
CA ASN D 6 -33.76 -41.08 -71.36
C ASN D 6 -34.77 -41.06 -70.22
N LYS D 7 -35.70 -42.02 -70.23
CA LYS D 7 -36.73 -42.09 -69.21
C LYS D 7 -37.31 -43.50 -69.21
N ALA D 8 -37.12 -44.22 -68.12
CA ALA D 8 -37.56 -45.60 -68.02
C ALA D 8 -38.97 -45.68 -67.46
N ALA D 9 -39.56 -46.88 -67.54
CA ALA D 9 -40.90 -47.14 -67.03
C ALA D 9 -40.90 -48.54 -66.42
N VAL D 10 -40.65 -48.62 -65.12
CA VAL D 10 -40.53 -49.88 -64.40
C VAL D 10 -41.80 -50.11 -63.59
N VAL D 11 -42.37 -51.31 -63.71
CA VAL D 11 -43.60 -51.67 -63.03
C VAL D 11 -43.27 -52.76 -62.01
N LEU D 12 -43.58 -52.51 -60.76
CA LEU D 12 -43.34 -53.47 -59.68
C LEU D 12 -44.59 -54.31 -59.48
N CYS D 13 -44.47 -55.62 -59.62
CA CYS D 13 -45.60 -56.52 -59.51
C CYS D 13 -45.60 -57.15 -58.12
N MET D 14 -46.02 -56.35 -57.14
CA MET D 14 -46.04 -56.80 -55.76
C MET D 14 -47.00 -57.98 -55.58
N ASP D 15 -46.63 -58.90 -54.70
CA ASP D 15 -47.45 -60.06 -54.39
C ASP D 15 -48.01 -59.93 -52.97
N VAL D 16 -49.31 -60.12 -52.83
CA VAL D 16 -49.97 -60.16 -51.54
C VAL D 16 -50.82 -61.43 -51.49
N GLY D 17 -50.65 -62.23 -50.46
CA GLY D 17 -51.37 -63.48 -50.36
C GLY D 17 -51.19 -64.12 -49.00
N PHE D 18 -52.09 -65.03 -48.68
CA PHE D 18 -51.99 -65.75 -47.41
C PHE D 18 -50.72 -66.57 -47.36
N THR D 19 -50.40 -67.29 -48.43
CA THR D 19 -49.15 -68.03 -48.48
C THR D 19 -47.95 -67.10 -48.50
N MET D 20 -48.13 -65.89 -49.01
CA MET D 20 -47.05 -64.92 -49.03
C MET D 20 -46.64 -64.56 -47.60
N SER D 21 -47.62 -64.40 -46.72
CA SER D 21 -47.33 -64.10 -45.32
C SER D 21 -47.06 -65.34 -44.49
N ASN D 22 -47.25 -66.53 -45.04
CA ASN D 22 -46.95 -67.76 -44.33
C ASN D 22 -45.44 -67.87 -44.13
N SER D 23 -45.00 -67.85 -42.87
CA SER D 23 -43.59 -67.81 -42.56
C SER D 23 -43.28 -68.77 -41.42
N ILE D 24 -42.01 -68.83 -41.05
CA ILE D 24 -41.53 -69.71 -39.98
C ILE D 24 -40.71 -68.89 -39.01
N PRO D 25 -40.62 -69.28 -37.74
CA PRO D 25 -39.87 -68.48 -36.77
C PRO D 25 -38.39 -68.36 -37.13
N GLY D 26 -37.82 -67.21 -36.81
CA GLY D 26 -36.43 -66.91 -37.12
C GLY D 26 -36.20 -66.33 -38.49
N ILE D 27 -37.23 -66.23 -39.32
CA ILE D 27 -37.13 -65.72 -40.68
C ILE D 27 -38.19 -64.66 -40.89
N GLU D 28 -37.79 -63.51 -41.45
CA GLU D 28 -38.76 -62.48 -41.79
C GLU D 28 -39.74 -62.99 -42.83
N SER D 29 -40.97 -62.52 -42.72
CA SER D 29 -41.99 -62.93 -43.68
C SER D 29 -41.59 -62.48 -45.08
N PRO D 30 -41.86 -63.29 -46.11
CA PRO D 30 -41.53 -62.86 -47.47
C PRO D 30 -42.21 -61.57 -47.86
N PHE D 31 -43.41 -61.30 -47.33
CA PHE D 31 -44.07 -60.03 -47.59
C PHE D 31 -43.26 -58.87 -47.02
N GLU D 32 -42.70 -59.03 -45.82
CA GLU D 32 -41.90 -57.97 -45.24
C GLU D 32 -40.59 -57.79 -46.01
N GLN D 33 -40.02 -58.89 -46.52
CA GLN D 33 -38.81 -58.76 -47.33
C GLN D 33 -39.09 -58.01 -48.62
N ALA D 34 -40.20 -58.32 -49.28
CA ALA D 34 -40.58 -57.58 -50.49
C ALA D 34 -40.84 -56.12 -50.17
N LYS D 35 -41.47 -55.85 -49.01
CA LYS D 35 -41.69 -54.47 -48.60
C LYS D 35 -40.38 -53.74 -48.42
N LYS D 36 -39.39 -54.39 -47.80
CA LYS D 36 -38.09 -53.77 -47.62
C LYS D 36 -37.44 -53.46 -48.96
N VAL D 37 -37.49 -54.41 -49.90
CA VAL D 37 -36.85 -54.21 -51.19
C VAL D 37 -37.53 -53.08 -51.96
N ILE D 38 -38.86 -53.07 -51.98
CA ILE D 38 -39.59 -52.00 -52.68
C ILE D 38 -39.31 -50.66 -52.04
N THR D 39 -39.27 -50.60 -50.72
CA THR D 39 -38.97 -49.34 -50.05
C THR D 39 -37.59 -48.85 -50.46
N MET D 40 -36.59 -49.73 -50.48
CA MET D 40 -35.25 -49.33 -50.90
C MET D 40 -35.27 -48.77 -52.32
N PHE D 41 -35.88 -49.51 -53.24
CA PHE D 41 -35.85 -49.12 -54.65
C PHE D 41 -36.58 -47.80 -54.88
N VAL D 42 -37.81 -47.70 -54.35
CA VAL D 42 -38.62 -46.51 -54.57
C VAL D 42 -38.00 -45.30 -53.89
N GLN D 43 -37.49 -45.47 -52.68
CA GLN D 43 -36.91 -44.31 -52.00
C GLN D 43 -35.64 -43.85 -52.68
N ARG D 44 -34.85 -44.77 -53.24
CA ARG D 44 -33.70 -44.33 -54.03
C ARG D 44 -34.15 -43.56 -55.26
N GLN D 45 -35.19 -44.05 -55.94
CA GLN D 45 -35.62 -43.37 -57.16
C GLN D 45 -36.43 -42.11 -56.89
N VAL D 46 -36.83 -41.87 -55.64
CA VAL D 46 -37.49 -40.62 -55.29
C VAL D 46 -36.51 -39.58 -54.79
N PHE D 47 -35.69 -39.94 -53.80
CA PHE D 47 -34.80 -38.96 -53.20
C PHE D 47 -33.61 -38.62 -54.09
N ALA D 48 -33.41 -39.34 -55.18
CA ALA D 48 -32.46 -38.92 -56.21
C ALA D 48 -33.13 -38.13 -57.32
N GLU D 49 -34.46 -38.06 -57.32
CA GLU D 49 -35.23 -37.28 -58.28
C GLU D 49 -34.92 -37.68 -59.73
N ASN D 50 -34.71 -38.97 -59.95
CA ASN D 50 -34.59 -39.48 -61.30
C ASN D 50 -35.94 -39.37 -62.00
N LYS D 51 -35.91 -39.02 -63.28
CA LYS D 51 -37.13 -38.74 -64.04
C LYS D 51 -37.56 -40.01 -64.75
N ASP D 52 -38.42 -40.79 -64.11
CA ASP D 52 -39.00 -41.97 -64.73
C ASP D 52 -40.30 -42.30 -64.03
N GLU D 53 -41.12 -43.11 -64.69
CA GLU D 53 -42.48 -43.39 -64.23
C GLU D 53 -42.54 -44.80 -63.64
N ILE D 54 -43.04 -44.89 -62.41
CA ILE D 54 -43.20 -46.16 -61.71
C ILE D 54 -44.68 -46.49 -61.63
N ALA D 55 -45.01 -47.75 -61.90
CA ALA D 55 -46.36 -48.26 -61.70
C ALA D 55 -46.32 -49.36 -60.65
N LEU D 56 -47.24 -49.30 -59.70
CA LEU D 56 -47.37 -50.32 -58.67
C LEU D 56 -48.68 -51.06 -58.85
N VAL D 57 -48.61 -52.37 -59.05
CA VAL D 57 -49.79 -53.21 -59.18
C VAL D 57 -49.71 -54.32 -58.15
N LEU D 58 -50.85 -54.67 -57.58
CA LEU D 58 -50.95 -55.73 -56.59
C LEU D 58 -51.69 -56.91 -57.20
N PHE D 59 -51.42 -58.10 -56.69
CA PHE D 59 -52.21 -59.27 -57.07
C PHE D 59 -52.33 -60.20 -55.88
N GLY D 60 -53.54 -60.70 -55.66
CA GLY D 60 -53.83 -61.59 -54.55
C GLY D 60 -54.70 -60.99 -53.48
N THR D 61 -54.94 -59.69 -53.48
CA THR D 61 -55.83 -59.10 -52.50
C THR D 61 -57.29 -59.39 -52.85
N ASP D 62 -58.16 -59.20 -51.85
CA ASP D 62 -59.57 -59.53 -52.04
C ASP D 62 -60.20 -58.66 -53.13
N GLY D 63 -59.92 -57.36 -53.10
CA GLY D 63 -60.45 -56.48 -54.12
C GLY D 63 -59.81 -56.70 -55.46
N THR D 64 -60.56 -56.40 -56.53
CA THR D 64 -60.09 -56.56 -57.90
C THR D 64 -60.43 -55.28 -58.66
N ASP D 65 -59.43 -54.41 -58.81
CA ASP D 65 -59.60 -53.13 -59.50
C ASP D 65 -58.86 -53.13 -60.83
N ASN D 66 -58.91 -54.25 -61.54
CA ASN D 66 -58.20 -54.39 -62.81
C ASN D 66 -58.78 -53.42 -63.84
N PRO D 67 -57.94 -52.58 -64.46
CA PRO D 67 -58.46 -51.65 -65.48
C PRO D 67 -59.11 -52.37 -66.64
N LEU D 68 -58.56 -53.52 -67.05
CA LEU D 68 -59.14 -54.31 -68.12
C LEU D 68 -60.07 -55.39 -67.56
N SER D 69 -59.53 -56.27 -66.72
CA SER D 69 -60.27 -57.32 -66.04
C SER D 69 -60.99 -58.26 -67.00
N GLY D 70 -60.75 -58.14 -68.31
CA GLY D 70 -61.48 -58.93 -69.28
C GLY D 70 -62.97 -58.69 -69.15
N GLY D 71 -63.75 -59.74 -69.40
CA GLY D 71 -65.17 -59.71 -69.14
C GLY D 71 -65.47 -60.47 -67.86
N ASP D 72 -64.57 -61.37 -67.50
CA ASP D 72 -64.66 -62.15 -66.28
C ASP D 72 -63.23 -62.46 -65.83
N GLN D 73 -63.10 -63.44 -64.93
CA GLN D 73 -61.84 -63.90 -64.36
C GLN D 73 -60.94 -62.73 -63.97
N TYR D 74 -59.62 -62.93 -64.08
CA TYR D 74 -58.63 -61.90 -63.78
C TYR D 74 -58.71 -61.43 -62.33
N GLN D 75 -59.27 -62.27 -61.47
CA GLN D 75 -59.68 -61.83 -60.13
C GLN D 75 -58.48 -61.61 -59.23
N ASN D 76 -58.70 -60.79 -58.20
CA ASN D 76 -57.76 -60.60 -57.10
C ASN D 76 -56.42 -60.05 -57.57
N ILE D 77 -56.47 -59.09 -58.49
CA ILE D 77 -55.30 -58.37 -58.97
C ILE D 77 -55.67 -56.89 -59.01
N THR D 78 -55.21 -56.13 -58.02
CA THR D 78 -55.57 -54.73 -57.88
C THR D 78 -54.41 -53.86 -58.34
N VAL D 79 -54.67 -52.99 -59.32
CA VAL D 79 -53.68 -52.04 -59.81
C VAL D 79 -53.73 -50.82 -58.89
N HIS D 80 -52.74 -50.69 -58.01
CA HIS D 80 -52.80 -49.64 -57.01
C HIS D 80 -52.55 -48.26 -57.62
N ARG D 81 -51.56 -48.15 -58.50
CA ARG D 81 -51.29 -46.87 -59.15
C ARG D 81 -50.78 -47.13 -60.55
N HIS D 82 -50.93 -46.13 -61.40
CA HIS D 82 -50.58 -46.23 -62.81
C HIS D 82 -49.23 -45.57 -63.06
N LEU D 83 -48.87 -45.42 -64.32
CA LEU D 83 -47.57 -44.85 -64.69
C LEU D 83 -47.56 -43.38 -64.31
N MET D 84 -46.88 -43.06 -63.21
CA MET D 84 -46.74 -41.69 -62.75
C MET D 84 -45.31 -41.47 -62.26
N LEU D 85 -44.93 -40.20 -62.17
CA LEU D 85 -43.72 -39.86 -61.47
C LEU D 85 -43.85 -40.30 -60.01
N PRO D 86 -42.83 -40.92 -59.43
CA PRO D 86 -42.95 -41.38 -58.04
C PRO D 86 -43.17 -40.22 -57.09
N ASP D 87 -43.99 -40.45 -56.07
CA ASP D 87 -44.33 -39.43 -55.10
C ASP D 87 -44.10 -39.96 -53.69
N PHE D 88 -44.10 -39.05 -52.72
CA PHE D 88 -43.95 -39.48 -51.33
C PHE D 88 -45.12 -40.35 -50.89
N ASP D 89 -46.30 -40.11 -51.44
CA ASP D 89 -47.45 -40.95 -51.09
C ASP D 89 -47.23 -42.39 -51.53
N LEU D 90 -46.40 -42.62 -52.55
CA LEU D 90 -46.15 -43.98 -53.01
C LEU D 90 -45.50 -44.82 -51.91
N LEU D 91 -44.31 -44.41 -51.46
CA LEU D 91 -43.67 -45.16 -50.38
C LEU D 91 -44.43 -45.03 -49.07
N GLU D 92 -45.14 -43.92 -48.87
CA GLU D 92 -46.01 -43.81 -47.70
C GLU D 92 -47.03 -44.94 -47.66
N ASP D 93 -47.64 -45.24 -48.80
CA ASP D 93 -48.71 -46.23 -48.77
C ASP D 93 -48.18 -47.66 -48.97
N ILE D 94 -46.95 -47.81 -49.48
CA ILE D 94 -46.35 -49.14 -49.38
C ILE D 94 -45.99 -49.43 -47.93
N GLU D 95 -45.67 -48.41 -47.15
CA GLU D 95 -45.59 -48.60 -45.70
C GLU D 95 -46.95 -48.62 -45.04
N SER D 96 -48.00 -48.18 -45.74
CA SER D 96 -49.37 -48.22 -45.26
C SER D 96 -50.17 -49.36 -45.88
N LYS D 97 -49.57 -50.17 -46.74
CA LYS D 97 -50.21 -51.37 -47.26
C LYS D 97 -50.10 -52.44 -46.17
N ILE D 98 -50.95 -52.28 -45.16
CA ILE D 98 -50.78 -53.02 -43.91
C ILE D 98 -51.01 -54.51 -44.13
N GLN D 99 -52.11 -54.87 -44.78
CA GLN D 99 -52.59 -56.24 -44.77
C GLN D 99 -52.22 -56.93 -46.07
N PRO D 100 -51.37 -57.96 -46.05
CA PRO D 100 -51.30 -58.86 -47.20
C PRO D 100 -52.65 -59.50 -47.44
N GLY D 101 -52.98 -59.70 -48.71
CA GLY D 101 -54.29 -60.23 -49.06
C GLY D 101 -54.48 -61.63 -48.50
N SER D 102 -55.70 -61.93 -48.10
CA SER D 102 -56.06 -63.27 -47.63
C SER D 102 -56.62 -64.12 -48.76
N GLN D 103 -55.89 -64.19 -49.87
CA GLN D 103 -56.34 -64.90 -51.05
C GLN D 103 -55.13 -65.26 -51.91
N GLN D 104 -55.38 -65.94 -53.02
CA GLN D 104 -54.33 -66.35 -53.94
C GLN D 104 -54.79 -66.09 -55.36
N ALA D 105 -53.90 -65.53 -56.18
CA ALA D 105 -54.20 -65.21 -57.57
C ALA D 105 -53.12 -65.81 -58.47
N ASP D 106 -53.45 -65.91 -59.76
CA ASP D 106 -52.54 -66.52 -60.71
C ASP D 106 -51.29 -65.66 -60.88
N PHE D 107 -50.14 -66.34 -60.96
CA PHE D 107 -48.86 -65.64 -61.09
C PHE D 107 -48.73 -65.01 -62.48
N LEU D 108 -49.01 -65.79 -63.53
CA LEU D 108 -48.90 -65.27 -64.89
C LEU D 108 -49.91 -64.17 -65.17
N ASP D 109 -51.08 -64.25 -64.53
CA ASP D 109 -52.07 -63.19 -64.67
C ASP D 109 -51.49 -61.85 -64.24
N ALA D 110 -50.66 -61.83 -63.21
CA ALA D 110 -49.99 -60.61 -62.82
C ALA D 110 -49.08 -60.10 -63.93
N LEU D 111 -48.37 -61.01 -64.59
CA LEU D 111 -47.48 -60.61 -65.67
C LEU D 111 -48.25 -59.97 -66.82
N ILE D 112 -49.35 -60.61 -67.24
CA ILE D 112 -50.10 -60.03 -68.34
C ILE D 112 -50.78 -58.73 -67.93
N VAL D 113 -51.17 -58.62 -66.65
CA VAL D 113 -51.74 -57.36 -66.17
C VAL D 113 -50.72 -56.24 -66.26
N SER D 114 -49.49 -56.50 -65.82
CA SER D 114 -48.44 -55.49 -65.93
C SER D 114 -48.15 -55.17 -67.38
N MET D 115 -48.14 -56.18 -68.26
CA MET D 115 -47.89 -55.95 -69.67
C MET D 115 -48.95 -55.07 -70.30
N ASP D 116 -50.23 -55.34 -70.00
CA ASP D 116 -51.28 -54.51 -70.59
C ASP D 116 -51.27 -53.12 -69.98
N VAL D 117 -50.86 -52.98 -68.71
CA VAL D 117 -50.72 -51.65 -68.14
C VAL D 117 -49.65 -50.86 -68.90
N ILE D 118 -48.51 -51.50 -69.17
CA ILE D 118 -47.46 -50.84 -69.93
C ILE D 118 -47.95 -50.46 -71.33
N GLN D 119 -48.65 -51.37 -71.99
CA GLN D 119 -49.13 -51.10 -73.35
C GLN D 119 -50.15 -49.96 -73.37
N HIS D 120 -51.06 -49.93 -72.39
CA HIS D 120 -52.14 -48.95 -72.40
C HIS D 120 -51.80 -47.65 -71.71
N GLU D 121 -50.62 -47.54 -71.08
CA GLU D 121 -50.19 -46.28 -70.49
C GLU D 121 -49.02 -45.63 -71.20
N THR D 122 -48.29 -46.37 -72.04
CA THR D 122 -47.11 -45.84 -72.71
C THR D 122 -47.24 -45.95 -74.23
N ILE D 123 -48.42 -45.60 -74.76
CA ILE D 123 -48.66 -45.78 -76.19
C ILE D 123 -47.79 -44.85 -77.01
N GLY D 124 -47.76 -43.57 -76.65
CA GLY D 124 -47.11 -42.57 -77.48
C GLY D 124 -46.02 -41.78 -76.79
N LYS D 125 -45.71 -42.11 -75.55
CA LYS D 125 -44.66 -41.40 -74.83
C LYS D 125 -43.31 -42.04 -75.09
N LYS D 126 -42.28 -41.20 -75.15
CA LYS D 126 -40.93 -41.70 -75.35
C LYS D 126 -40.43 -42.34 -74.06
N PHE D 127 -40.07 -43.62 -74.14
CA PHE D 127 -39.55 -44.34 -72.98
C PHE D 127 -38.32 -45.11 -73.43
N GLU D 128 -37.18 -44.80 -72.83
CA GLU D 128 -35.93 -45.41 -73.28
C GLU D 128 -35.96 -46.93 -73.11
N LYS D 129 -36.44 -47.42 -71.97
CA LYS D 129 -36.57 -48.85 -71.76
C LYS D 129 -37.60 -49.08 -70.66
N ARG D 130 -38.66 -49.82 -70.97
CA ARG D 130 -39.65 -50.17 -69.98
C ARG D 130 -39.22 -51.44 -69.24
N HIS D 131 -39.84 -51.67 -68.08
CA HIS D 131 -39.37 -52.72 -67.19
C HIS D 131 -40.54 -53.26 -66.40
N ILE D 132 -40.47 -54.55 -66.06
CA ILE D 132 -41.43 -55.21 -65.20
C ILE D 132 -40.66 -56.04 -64.20
N GLU D 133 -40.87 -55.78 -62.91
CA GLU D 133 -40.21 -56.50 -61.83
C GLU D 133 -41.26 -57.17 -60.97
N ILE D 134 -41.06 -58.44 -60.66
CA ILE D 134 -42.05 -59.25 -59.97
C ILE D 134 -41.42 -59.83 -58.72
N PHE D 135 -42.14 -59.72 -57.60
CA PHE D 135 -41.70 -60.22 -56.30
C PHE D 135 -42.76 -61.20 -55.83
N THR D 136 -42.65 -62.45 -56.25
CA THR D 136 -43.70 -63.43 -56.06
C THR D 136 -43.27 -64.50 -55.05
N ASP D 137 -44.15 -65.48 -54.86
CA ASP D 137 -43.92 -66.59 -53.95
C ASP D 137 -43.90 -67.93 -54.69
N LEU D 138 -44.52 -67.98 -55.87
CA LEU D 138 -44.61 -69.21 -56.68
C LEU D 138 -45.31 -70.33 -55.94
N SER D 139 -46.29 -69.99 -55.11
CA SER D 139 -47.01 -71.00 -54.34
C SER D 139 -48.50 -70.92 -54.61
N SER D 140 -48.90 -70.83 -55.87
CA SER D 140 -50.29 -70.68 -56.23
C SER D 140 -50.61 -71.52 -57.46
N ARG D 141 -51.90 -71.77 -57.65
CA ARG D 141 -52.36 -72.50 -58.83
C ARG D 141 -52.00 -71.74 -60.10
N PHE D 142 -51.66 -72.48 -61.15
CA PHE D 142 -51.17 -71.92 -62.39
C PHE D 142 -52.22 -72.08 -63.49
N SER D 143 -51.88 -71.56 -64.67
CA SER D 143 -52.76 -71.63 -65.83
C SER D 143 -51.91 -71.95 -67.05
N LYS D 144 -52.02 -73.18 -67.55
CA LYS D 144 -51.23 -73.62 -68.69
C LYS D 144 -51.94 -73.33 -70.02
N SER D 145 -52.35 -72.08 -70.18
CA SER D 145 -52.90 -71.60 -71.44
C SER D 145 -52.20 -70.35 -71.95
N GLN D 146 -51.42 -69.67 -71.13
CA GLN D 146 -50.69 -68.48 -71.51
C GLN D 146 -49.31 -68.89 -72.02
N LEU D 147 -48.39 -67.92 -72.13
CA LEU D 147 -47.04 -68.09 -72.68
C LEU D 147 -47.08 -68.26 -74.18
N ASP D 148 -48.29 -68.36 -74.75
CA ASP D 148 -48.47 -68.34 -76.18
C ASP D 148 -48.59 -66.94 -76.74
N ILE D 149 -48.80 -65.94 -75.87
CA ILE D 149 -48.88 -64.55 -76.30
C ILE D 149 -47.80 -63.75 -75.60
N ILE D 150 -47.42 -64.19 -74.40
CA ILE D 150 -46.32 -63.53 -73.69
C ILE D 150 -45.01 -63.77 -74.42
N ILE D 151 -44.73 -65.03 -74.75
CA ILE D 151 -43.52 -65.35 -75.50
C ILE D 151 -43.63 -64.83 -76.93
N HIS D 152 -44.82 -64.97 -77.54
CA HIS D 152 -45.02 -64.42 -78.88
C HIS D 152 -44.71 -62.94 -78.92
N SER D 153 -45.04 -62.22 -77.85
CA SER D 153 -44.48 -60.89 -77.65
C SER D 153 -43.03 -61.07 -77.27
N LEU D 154 -42.16 -61.16 -78.28
CA LEU D 154 -40.76 -61.52 -78.08
C LEU D 154 -39.92 -60.32 -77.71
N LYS D 155 -40.54 -59.37 -76.99
CA LYS D 155 -39.98 -58.06 -76.70
C LYS D 155 -39.85 -57.28 -78.00
N LYS D 156 -40.99 -57.12 -78.69
CA LYS D 156 -41.09 -56.15 -79.77
C LYS D 156 -41.31 -54.78 -79.14
N CYS D 157 -40.48 -54.47 -78.15
CA CYS D 157 -40.49 -53.28 -77.33
C CYS D 157 -39.32 -53.45 -76.37
N ASP D 158 -39.03 -52.39 -75.61
CA ASP D 158 -37.91 -52.40 -74.70
C ASP D 158 -38.30 -52.82 -73.28
N ILE D 159 -39.35 -53.62 -73.13
CA ILE D 159 -39.71 -54.15 -71.82
C ILE D 159 -38.89 -55.41 -71.59
N SER D 160 -38.57 -55.66 -70.32
CA SER D 160 -37.76 -56.80 -69.94
C SER D 160 -38.33 -57.42 -68.68
N LEU D 161 -37.72 -58.50 -68.22
CA LEU D 161 -38.19 -59.23 -67.07
C LEU D 161 -37.12 -59.24 -65.99
N GLN D 162 -37.56 -59.34 -64.74
CA GLN D 162 -36.65 -59.50 -63.61
C GLN D 162 -37.46 -60.09 -62.46
N PHE D 163 -37.14 -61.32 -62.08
CA PHE D 163 -37.92 -62.05 -61.08
C PHE D 163 -37.16 -62.07 -59.76
N PHE D 164 -37.87 -61.71 -58.68
CA PHE D 164 -37.33 -61.78 -57.32
C PHE D 164 -38.15 -62.81 -56.55
N LEU D 165 -37.47 -63.81 -55.98
CA LEU D 165 -38.16 -64.87 -55.29
C LEU D 165 -37.62 -64.99 -53.87
N PRO D 166 -38.43 -65.48 -52.92
CA PRO D 166 -37.95 -65.61 -51.54
C PRO D 166 -36.90 -66.70 -51.34
N PHE D 167 -36.49 -67.37 -52.41
CA PHE D 167 -35.57 -68.49 -52.33
C PHE D 167 -34.16 -67.99 -52.07
N SER D 168 -33.20 -68.90 -52.18
CA SER D 168 -31.79 -68.54 -52.29
C SER D 168 -31.42 -68.91 -53.73
N LEU D 169 -31.66 -67.96 -54.64
CA LEU D 169 -31.64 -68.24 -56.06
C LEU D 169 -30.26 -68.45 -56.63
N GLY D 170 -29.20 -68.60 -55.84
CA GLY D 170 -27.90 -68.87 -56.41
C GLY D 170 -27.75 -70.34 -56.74
N LYS D 171 -27.88 -70.72 -58.02
CA LYS D 171 -28.25 -72.12 -58.39
C LYS D 171 -27.01 -72.94 -58.77
N GLU D 172 -26.22 -73.22 -57.74
CA GLU D 172 -24.99 -73.98 -57.86
C GLU D 172 -24.80 -74.76 -56.56
N ASP D 173 -23.57 -75.21 -56.31
CA ASP D 173 -23.30 -75.96 -55.08
C ASP D 173 -23.35 -75.01 -53.88
N GLY D 174 -24.52 -74.89 -53.27
CA GLY D 174 -24.72 -74.00 -52.15
C GLY D 174 -25.57 -74.61 -51.06
N SER D 175 -25.40 -75.92 -50.84
CA SER D 175 -26.25 -76.71 -49.96
C SER D 175 -26.61 -75.99 -48.66
N GLY D 176 -25.60 -75.63 -47.87
CA GLY D 176 -25.83 -74.94 -46.63
C GLY D 176 -26.66 -75.75 -45.64
N ASP D 177 -27.91 -75.32 -45.43
CA ASP D 177 -28.85 -76.00 -44.53
C ASP D 177 -28.28 -76.11 -43.11
N ARG D 178 -27.59 -75.07 -42.67
CA ARG D 178 -27.01 -75.03 -41.34
C ARG D 178 -28.02 -74.46 -40.34
N GLY D 179 -27.69 -74.60 -39.05
CA GLY D 179 -28.60 -74.18 -38.00
C GLY D 179 -27.99 -73.24 -36.99
N ASP D 180 -27.12 -72.34 -37.44
CA ASP D 180 -26.49 -71.34 -36.58
C ASP D 180 -27.19 -69.99 -36.69
N GLY D 181 -28.52 -70.00 -36.84
CA GLY D 181 -29.26 -68.82 -37.21
C GLY D 181 -28.76 -68.28 -38.53
N PRO D 182 -28.59 -69.16 -39.53
CA PRO D 182 -27.85 -68.75 -40.74
C PRO D 182 -28.51 -67.63 -41.51
N PHE D 183 -29.83 -67.57 -41.54
CA PHE D 183 -30.50 -66.59 -42.39
C PHE D 183 -30.48 -65.23 -41.71
N ARG D 184 -30.02 -64.22 -42.44
CA ARG D 184 -30.08 -62.84 -42.00
C ARG D 184 -30.40 -61.98 -43.21
N LEU D 185 -31.41 -61.11 -43.10
CA LEU D 185 -31.72 -60.23 -44.21
C LEU D 185 -30.52 -59.35 -44.50
N GLY D 186 -30.17 -59.26 -45.79
CA GLY D 186 -28.91 -58.65 -46.14
C GLY D 186 -27.71 -59.50 -45.81
N GLY D 187 -27.93 -60.76 -45.46
CA GLY D 187 -26.82 -61.64 -45.18
C GLY D 187 -26.07 -62.00 -46.44
N HIS D 188 -24.89 -62.58 -46.25
CA HIS D 188 -23.99 -62.79 -47.38
C HIS D 188 -23.29 -64.13 -47.23
N GLY D 189 -23.36 -64.94 -48.28
CA GLY D 189 -22.86 -66.29 -48.29
C GLY D 189 -23.89 -67.32 -47.87
N PRO D 190 -24.15 -67.44 -46.57
CA PRO D 190 -25.34 -68.18 -46.13
C PRO D 190 -26.61 -67.49 -46.60
N SER D 191 -27.64 -68.29 -46.83
CA SER D 191 -28.90 -67.78 -47.35
C SER D 191 -30.02 -68.70 -46.90
N PHE D 192 -31.19 -68.55 -47.52
CA PHE D 192 -32.29 -69.45 -47.24
C PHE D 192 -31.89 -70.88 -47.59
N PRO D 193 -32.26 -71.87 -46.78
CA PRO D 193 -31.89 -73.25 -47.09
C PRO D 193 -32.44 -73.68 -48.44
N LEU D 194 -31.53 -73.96 -49.37
CA LEU D 194 -31.93 -74.39 -50.69
C LEU D 194 -32.62 -75.75 -50.63
N LYS D 195 -33.41 -76.03 -51.67
CA LYS D 195 -34.26 -77.21 -51.72
C LYS D 195 -35.25 -77.19 -50.56
N GLY D 196 -35.84 -78.34 -50.24
CA GLY D 196 -36.95 -78.32 -49.31
C GLY D 196 -38.09 -77.47 -49.84
N ILE D 197 -38.39 -77.60 -51.13
CA ILE D 197 -39.26 -76.71 -51.86
C ILE D 197 -40.54 -77.45 -52.21
N THR D 198 -41.68 -76.78 -52.02
CA THR D 198 -42.97 -77.40 -52.26
C THR D 198 -43.11 -77.88 -53.70
N GLU D 199 -44.11 -78.73 -53.92
CA GLU D 199 -44.35 -79.33 -55.24
C GLU D 199 -45.07 -78.39 -56.19
N GLN D 200 -45.09 -77.09 -55.90
CA GLN D 200 -45.56 -76.08 -56.83
C GLN D 200 -44.48 -75.05 -57.16
N GLN D 201 -43.70 -74.65 -56.15
CA GLN D 201 -42.60 -73.72 -56.41
C GLN D 201 -41.57 -74.32 -57.34
N LYS D 202 -41.44 -75.65 -57.36
CA LYS D 202 -40.48 -76.28 -58.27
C LYS D 202 -40.83 -76.00 -59.72
N GLU D 203 -42.07 -76.28 -60.12
CA GLU D 203 -42.46 -75.99 -61.50
C GLU D 203 -42.57 -74.50 -61.75
N GLY D 204 -42.89 -73.71 -60.71
CA GLY D 204 -42.87 -72.27 -60.89
C GLY D 204 -41.49 -71.76 -61.27
N LEU D 205 -40.46 -72.22 -60.54
CA LEU D 205 -39.09 -71.84 -60.89
C LEU D 205 -38.69 -72.40 -62.24
N GLU D 206 -39.16 -73.62 -62.57
CA GLU D 206 -38.84 -74.20 -63.86
C GLU D 206 -39.36 -73.34 -65.02
N ILE D 207 -40.64 -72.96 -64.95
CA ILE D 207 -41.21 -72.17 -66.04
C ILE D 207 -40.66 -70.76 -66.02
N VAL D 208 -40.30 -70.23 -64.86
CA VAL D 208 -39.63 -68.93 -64.81
C VAL D 208 -38.29 -69.00 -65.52
N LYS D 209 -37.53 -70.06 -65.27
CA LYS D 209 -36.25 -70.23 -65.94
C LYS D 209 -36.44 -70.38 -67.44
N MET D 210 -37.46 -71.12 -67.86
CA MET D 210 -37.71 -71.28 -69.29
C MET D 210 -38.11 -69.95 -69.93
N VAL D 211 -38.89 -69.14 -69.21
CA VAL D 211 -39.27 -67.83 -69.73
C VAL D 211 -38.04 -66.95 -69.90
N MET D 212 -37.17 -66.92 -68.90
CA MET D 212 -35.97 -66.08 -68.98
C MET D 212 -35.04 -66.56 -70.09
N ILE D 213 -34.91 -67.88 -70.25
CA ILE D 213 -34.06 -68.40 -71.31
C ILE D 213 -34.60 -67.99 -72.68
N SER D 214 -35.90 -68.11 -72.88
CA SER D 214 -36.52 -67.75 -74.14
C SER D 214 -36.57 -66.24 -74.37
N LEU D 215 -36.28 -65.43 -73.34
CA LEU D 215 -36.34 -63.98 -73.45
C LEU D 215 -34.98 -63.36 -73.69
N GLU D 216 -34.03 -63.60 -72.78
CA GLU D 216 -32.70 -63.03 -72.89
C GLU D 216 -31.66 -64.03 -73.37
N GLY D 217 -31.76 -65.28 -72.93
CA GLY D 217 -30.84 -66.32 -73.34
C GLY D 217 -30.21 -66.98 -72.14
N GLU D 218 -29.06 -67.61 -72.36
CA GLU D 218 -28.35 -68.25 -71.27
C GLU D 218 -27.90 -67.24 -70.23
N ASP D 219 -27.51 -66.04 -70.66
CA ASP D 219 -27.08 -65.00 -69.73
C ASP D 219 -28.22 -64.52 -68.85
N GLY D 220 -29.48 -64.80 -69.22
CA GLY D 220 -30.60 -64.40 -68.42
C GLY D 220 -30.82 -65.23 -67.17
N LEU D 221 -30.11 -66.34 -67.04
CA LEU D 221 -30.25 -67.16 -65.84
C LEU D 221 -29.75 -66.41 -64.60
N ASP D 222 -28.71 -65.61 -64.74
CA ASP D 222 -28.16 -64.82 -63.65
C ASP D 222 -28.97 -63.56 -63.38
N GLU D 223 -30.13 -63.41 -64.01
CA GLU D 223 -30.95 -62.20 -63.89
C GLU D 223 -32.04 -62.33 -62.83
N ILE D 224 -32.13 -63.47 -62.15
CA ILE D 224 -33.15 -63.70 -61.12
C ILE D 224 -32.45 -63.75 -59.77
N TYR D 225 -32.96 -62.97 -58.81
CA TYR D 225 -32.29 -62.75 -57.54
C TYR D 225 -33.23 -63.08 -56.38
N SER D 226 -32.64 -63.21 -55.21
CA SER D 226 -33.39 -63.47 -53.99
C SER D 226 -33.67 -62.16 -53.26
N PHE D 227 -34.67 -62.21 -52.37
CA PHE D 227 -35.08 -61.00 -51.66
C PHE D 227 -33.94 -60.44 -50.83
N SER D 228 -33.22 -61.31 -50.12
CA SER D 228 -32.07 -60.86 -49.35
C SER D 228 -30.92 -60.45 -50.23
N GLU D 229 -30.85 -60.95 -51.46
CA GLU D 229 -29.75 -60.61 -52.35
C GLU D 229 -29.88 -59.18 -52.87
N SER D 230 -31.10 -58.76 -53.18
CA SER D 230 -31.30 -57.44 -53.76
C SER D 230 -31.14 -56.33 -52.73
N LEU D 231 -31.17 -56.65 -51.44
CA LEU D 231 -30.89 -55.64 -50.43
C LEU D 231 -29.40 -55.33 -50.34
N ARG D 232 -28.54 -56.21 -50.84
CA ARG D 232 -27.11 -56.00 -50.84
C ARG D 232 -26.54 -55.87 -52.25
N LYS D 233 -27.40 -55.69 -53.25
CA LYS D 233 -26.95 -55.57 -54.63
C LYS D 233 -27.73 -54.45 -55.31
N LEU D 234 -27.11 -53.86 -56.33
CA LEU D 234 -27.79 -52.89 -57.17
C LEU D 234 -28.36 -53.58 -58.41
N CYS D 235 -29.19 -54.58 -58.15
CA CYS D 235 -29.78 -55.36 -59.24
C CYS D 235 -31.16 -54.87 -59.63
N VAL D 236 -31.88 -54.21 -58.71
CA VAL D 236 -33.18 -53.66 -59.07
C VAL D 236 -33.02 -52.55 -60.11
N PHE D 237 -32.05 -51.67 -59.90
CA PHE D 237 -31.81 -50.56 -60.83
C PHE D 237 -31.06 -51.00 -62.09
N LYS D 238 -30.66 -52.26 -62.17
CA LYS D 238 -30.03 -52.76 -63.40
C LYS D 238 -31.00 -52.62 -64.56
N LYS D 239 -30.44 -52.32 -65.74
CA LYS D 239 -31.23 -52.08 -66.94
C LYS D 239 -32.17 -50.89 -66.79
N ILE D 240 -31.86 -49.98 -65.86
CA ILE D 240 -32.55 -48.69 -65.76
C ILE D 240 -31.51 -47.58 -65.75
N GLU D 241 -30.31 -47.90 -65.28
CA GLU D 241 -29.26 -46.90 -65.15
C GLU D 241 -28.84 -46.38 -66.52
N ARG D 242 -28.54 -45.09 -66.58
CA ARG D 242 -28.15 -44.43 -67.82
C ARG D 242 -26.64 -44.56 -68.02
N HIS D 243 -26.24 -44.79 -69.26
CA HIS D 243 -24.84 -44.99 -69.58
C HIS D 243 -24.06 -43.69 -69.41
N SER D 244 -22.75 -43.84 -69.24
CA SER D 244 -21.88 -42.67 -69.18
C SER D 244 -21.90 -41.95 -70.53
N ILE D 245 -21.71 -40.63 -70.49
CA ILE D 245 -21.85 -39.83 -71.69
C ILE D 245 -20.64 -40.02 -72.60
N HIS D 246 -20.87 -39.83 -73.89
CA HIS D 246 -19.81 -39.96 -74.89
C HIS D 246 -18.75 -38.88 -74.69
N TRP D 247 -17.50 -39.24 -74.91
CA TRP D 247 -16.39 -38.29 -74.89
C TRP D 247 -15.50 -38.55 -76.09
N PRO D 248 -15.72 -37.85 -77.20
CA PRO D 248 -14.92 -38.09 -78.39
C PRO D 248 -13.57 -37.41 -78.32
N CYS D 249 -12.58 -38.05 -78.91
CA CYS D 249 -11.24 -37.50 -79.07
C CYS D 249 -10.53 -38.31 -80.14
N ARG D 250 -9.22 -38.11 -80.26
CA ARG D 250 -8.42 -38.82 -81.25
C ARG D 250 -7.08 -39.18 -80.63
N LEU D 251 -6.80 -40.48 -80.52
CA LEU D 251 -5.50 -40.94 -80.05
C LEU D 251 -4.51 -40.84 -81.20
N THR D 252 -3.42 -40.12 -80.99
CA THR D 252 -2.45 -39.87 -82.05
C THR D 252 -1.06 -40.35 -81.62
N ILE D 253 -0.38 -41.00 -82.56
CA ILE D 253 1.02 -41.40 -82.40
C ILE D 253 1.81 -40.71 -83.50
N GLY D 254 2.87 -40.02 -83.11
CA GLY D 254 3.60 -39.23 -84.09
C GLY D 254 2.76 -38.05 -84.55
N SER D 255 2.65 -37.88 -85.85
CA SER D 255 1.88 -36.79 -86.43
C SER D 255 0.77 -37.23 -87.34
N ASN D 256 0.96 -38.28 -88.13
CA ASN D 256 0.00 -38.70 -89.14
C ASN D 256 -0.83 -39.90 -88.72
N LEU D 257 -0.44 -40.61 -87.67
CA LEU D 257 -1.19 -41.78 -87.20
C LEU D 257 -2.21 -41.33 -86.17
N SER D 258 -3.48 -41.35 -86.56
CA SER D 258 -4.57 -40.94 -85.67
C SER D 258 -5.68 -41.97 -85.73
N ILE D 259 -6.25 -42.27 -84.57
CA ILE D 259 -7.36 -43.21 -84.44
C ILE D 259 -8.48 -42.51 -83.70
N ARG D 260 -9.67 -42.50 -84.30
CA ARG D 260 -10.82 -41.91 -83.64
C ARG D 260 -11.19 -42.75 -82.41
N ILE D 261 -11.44 -42.07 -81.29
CA ILE D 261 -11.57 -42.72 -80.00
C ILE D 261 -12.78 -42.16 -79.28
N ALA D 262 -13.26 -42.91 -78.29
CA ALA D 262 -14.38 -42.46 -77.46
C ALA D 262 -14.17 -43.00 -76.06
N ALA D 263 -13.78 -42.12 -75.14
CA ALA D 263 -13.50 -42.52 -73.76
C ALA D 263 -14.77 -42.37 -72.94
N TYR D 264 -15.37 -43.49 -72.57
CA TYR D 264 -16.52 -43.46 -71.68
C TYR D 264 -16.06 -43.44 -70.24
N LYS D 265 -16.84 -42.77 -69.40
CA LYS D 265 -16.52 -42.69 -67.98
C LYS D 265 -16.66 -44.06 -67.34
N SER D 266 -15.90 -44.28 -66.28
CA SER D 266 -15.84 -45.56 -65.58
C SER D 266 -15.87 -45.26 -64.10
N ILE D 267 -15.42 -46.21 -63.29
CA ILE D 267 -15.46 -46.10 -61.84
C ILE D 267 -15.05 -44.70 -61.39
N LEU D 268 -15.91 -44.04 -60.63
CA LEU D 268 -15.61 -42.72 -60.09
C LEU D 268 -16.42 -42.51 -58.83
N GLN D 269 -15.82 -41.85 -57.85
CA GLN D 269 -16.51 -41.60 -56.59
C GLN D 269 -17.74 -40.75 -56.84
N GLU D 270 -18.87 -41.16 -56.29
CA GLU D 270 -20.15 -40.50 -56.54
C GLU D 270 -20.72 -40.01 -55.22
N ARG D 271 -21.23 -38.78 -55.21
CA ARG D 271 -21.76 -38.15 -54.03
C ARG D 271 -23.27 -37.99 -54.16
N VAL D 272 -23.86 -37.30 -53.19
CA VAL D 272 -25.31 -37.08 -53.16
C VAL D 272 -25.61 -35.79 -53.92
N LYS D 273 -26.62 -35.85 -54.78
CA LYS D 273 -26.91 -34.73 -55.67
C LYS D 273 -27.52 -33.56 -54.91
N LYS D 274 -28.49 -33.82 -54.04
CA LYS D 274 -29.21 -32.76 -53.36
C LYS D 274 -28.30 -32.07 -52.35
N THR D 275 -28.76 -30.92 -51.86
CA THR D 275 -27.96 -30.10 -50.97
C THR D 275 -28.83 -29.56 -49.84
N TRP D 276 -28.18 -29.27 -48.72
CA TRP D 276 -28.85 -28.76 -47.52
C TRP D 276 -28.90 -27.24 -47.57
N THR D 277 -30.11 -26.68 -47.56
CA THR D 277 -30.30 -25.24 -47.64
C THR D 277 -30.66 -24.69 -46.27
N VAL D 278 -29.92 -23.67 -45.83
CA VAL D 278 -30.16 -23.07 -44.53
C VAL D 278 -31.51 -22.36 -44.54
N VAL D 279 -32.33 -22.62 -43.53
CA VAL D 279 -33.68 -22.07 -43.45
C VAL D 279 -33.94 -21.62 -42.03
N ASP D 280 -34.53 -20.43 -41.89
CA ASP D 280 -34.87 -19.90 -40.57
C ASP D 280 -35.94 -20.75 -39.91
N ALA D 281 -35.84 -20.89 -38.59
CA ALA D 281 -36.80 -21.68 -37.82
C ALA D 281 -37.95 -20.83 -37.29
N LYS D 282 -38.60 -20.11 -38.17
CA LYS D 282 -39.79 -19.37 -37.78
C LYS D 282 -40.93 -19.52 -38.78
N THR D 283 -40.62 -19.54 -40.08
CA THR D 283 -41.64 -19.70 -41.10
C THR D 283 -41.23 -20.69 -42.18
N LEU D 284 -40.09 -21.35 -42.04
CA LEU D 284 -39.62 -22.37 -42.98
C LEU D 284 -39.52 -21.79 -44.40
N LYS D 285 -38.84 -20.66 -44.52
CA LYS D 285 -38.63 -20.01 -45.81
C LYS D 285 -37.16 -19.68 -45.96
N LYS D 286 -36.61 -19.97 -47.13
CA LYS D 286 -35.21 -19.64 -47.41
C LYS D 286 -35.00 -18.17 -47.70
N GLU D 287 -36.04 -17.49 -48.20
CA GLU D 287 -35.88 -16.09 -48.61
C GLU D 287 -35.58 -15.19 -47.43
N ASP D 288 -36.11 -15.48 -46.26
CA ASP D 288 -35.84 -14.67 -45.08
C ASP D 288 -34.35 -14.70 -44.73
N ILE D 289 -33.73 -15.88 -44.80
CA ILE D 289 -32.31 -15.98 -44.52
C ILE D 289 -31.53 -15.22 -45.59
N GLN D 290 -30.34 -14.74 -45.19
CA GLN D 290 -29.48 -14.01 -46.12
C GLN D 290 -28.08 -13.97 -45.54
N LYS D 291 -27.11 -14.38 -46.35
CA LYS D 291 -25.71 -14.37 -45.94
C LYS D 291 -24.88 -13.69 -47.02
N GLU D 292 -23.82 -13.03 -46.61
CA GLU D 292 -22.95 -12.36 -47.57
C GLU D 292 -21.59 -12.10 -46.94
N THR D 293 -20.54 -12.32 -47.72
CA THR D 293 -19.19 -11.98 -47.27
C THR D 293 -19.06 -10.47 -47.22
N VAL D 294 -18.52 -9.97 -46.11
CA VAL D 294 -18.35 -8.54 -45.90
C VAL D 294 -16.87 -8.31 -45.62
N TYR D 295 -16.13 -7.89 -46.65
CA TYR D 295 -14.71 -7.61 -46.47
C TYR D 295 -14.53 -6.38 -45.61
N CYS D 296 -13.70 -6.49 -44.57
CA CYS D 296 -13.49 -5.40 -43.64
C CYS D 296 -12.00 -5.14 -43.47
N LEU D 297 -11.65 -3.87 -43.39
CA LEU D 297 -10.25 -3.48 -43.25
C LEU D 297 -9.70 -3.94 -41.91
N ASN D 298 -8.41 -3.73 -41.71
CA ASN D 298 -7.72 -4.29 -40.55
C ASN D 298 -7.64 -3.32 -39.37
N ASP D 299 -7.60 -2.02 -39.62
CA ASP D 299 -7.36 -1.04 -38.56
C ASP D 299 -8.68 -0.40 -38.14
N ASP D 300 -9.09 -0.66 -36.90
CA ASP D 300 -10.28 -0.05 -36.29
C ASP D 300 -11.51 -0.24 -37.17
N ASP D 301 -11.61 -1.41 -37.78
CA ASP D 301 -12.67 -1.80 -38.72
C ASP D 301 -12.87 -0.69 -39.76
N GLU D 302 -14.06 -0.60 -40.32
CA GLU D 302 -14.42 0.46 -41.27
C GLU D 302 -15.91 0.36 -41.50
N THR D 303 -16.45 1.34 -42.22
CA THR D 303 -17.85 1.27 -42.63
C THR D 303 -18.02 0.04 -43.52
N GLU D 304 -17.38 0.05 -44.69
CA GLU D 304 -17.39 -1.07 -45.61
C GLU D 304 -16.15 -0.99 -46.50
N VAL D 305 -15.82 -2.12 -47.11
CA VAL D 305 -14.86 -2.17 -48.21
C VAL D 305 -15.53 -2.88 -49.37
N LEU D 306 -15.70 -2.17 -50.48
CA LEU D 306 -16.55 -2.64 -51.56
C LEU D 306 -15.88 -3.76 -52.35
N LYS D 307 -16.69 -4.45 -53.15
CA LYS D 307 -16.17 -5.51 -54.00
C LYS D 307 -15.18 -4.95 -55.02
N GLU D 308 -15.54 -3.84 -55.66
CA GLU D 308 -14.73 -3.31 -56.75
C GLU D 308 -13.37 -2.81 -56.30
N ASP D 309 -13.13 -2.68 -55.00
CA ASP D 309 -11.85 -2.22 -54.48
C ASP D 309 -10.98 -3.37 -53.99
N ILE D 310 -11.23 -4.58 -54.48
CA ILE D 310 -10.53 -5.79 -54.04
C ILE D 310 -9.80 -6.39 -55.22
N ILE D 311 -8.51 -6.68 -55.05
CA ILE D 311 -7.70 -7.32 -56.08
C ILE D 311 -7.07 -8.56 -55.48
N GLN D 312 -6.71 -9.50 -56.36
CA GLN D 312 -6.09 -10.73 -55.93
C GLN D 312 -4.68 -10.48 -55.41
N GLY D 313 -4.14 -11.48 -54.72
CA GLY D 313 -2.78 -11.40 -54.23
C GLY D 313 -2.26 -12.78 -53.90
N PHE D 314 -1.00 -13.03 -54.23
CA PHE D 314 -0.40 -14.35 -54.02
C PHE D 314 0.80 -14.21 -53.11
N ARG D 315 0.84 -15.03 -52.07
CA ARG D 315 2.01 -15.06 -51.21
C ARG D 315 3.19 -15.62 -51.97
N TYR D 316 4.34 -14.97 -51.81
CA TYR D 316 5.55 -15.41 -52.49
C TYR D 316 6.72 -15.05 -51.56
N GLY D 317 7.15 -16.00 -50.75
CA GLY D 317 8.14 -15.72 -49.73
C GLY D 317 7.49 -15.14 -48.50
N SER D 318 8.16 -14.17 -47.87
CA SER D 318 7.60 -13.54 -46.69
C SER D 318 6.64 -12.40 -47.01
N ASP D 319 6.56 -11.97 -48.27
CA ASP D 319 5.75 -10.84 -48.66
C ASP D 319 4.66 -11.29 -49.62
N ILE D 320 3.91 -10.33 -50.17
CA ILE D 320 2.80 -10.60 -51.06
C ILE D 320 3.02 -9.82 -52.34
N VAL D 321 2.89 -10.51 -53.47
CA VAL D 321 2.98 -9.88 -54.79
C VAL D 321 1.56 -9.72 -55.34
N PRO D 322 1.14 -8.50 -55.67
CA PRO D 322 -0.25 -8.33 -56.12
C PRO D 322 -0.45 -8.79 -57.54
N PHE D 323 -1.09 -9.95 -57.69
CA PHE D 323 -1.52 -10.43 -58.98
C PHE D 323 -2.86 -9.79 -59.31
N SER D 324 -3.54 -10.27 -60.34
CA SER D 324 -4.87 -9.77 -60.65
C SER D 324 -5.60 -10.82 -61.46
N LYS D 325 -6.93 -10.71 -61.49
CA LYS D 325 -7.73 -11.67 -62.23
C LYS D 325 -7.42 -11.62 -63.72
N VAL D 326 -7.29 -10.41 -64.28
CA VAL D 326 -7.03 -10.27 -65.70
C VAL D 326 -5.62 -10.75 -66.04
N ASP D 327 -4.66 -10.49 -65.16
CA ASP D 327 -3.29 -10.94 -65.41
C ASP D 327 -3.20 -12.47 -65.37
N GLU D 328 -3.95 -13.10 -64.46
CA GLU D 328 -3.97 -14.56 -64.41
C GLU D 328 -4.51 -15.13 -65.71
N GLU D 329 -5.59 -14.54 -66.23
CA GLU D 329 -6.17 -15.05 -67.47
C GLU D 329 -5.23 -14.79 -68.64
N GLN D 330 -4.51 -13.67 -68.62
CA GLN D 330 -3.63 -13.34 -69.74
C GLN D 330 -2.41 -14.25 -69.79
N MET D 331 -1.60 -14.23 -68.74
CA MET D 331 -0.35 -14.98 -68.72
C MET D 331 -0.53 -16.23 -67.87
N LYS D 332 -0.89 -17.33 -68.53
CA LYS D 332 -0.98 -18.63 -67.87
C LYS D 332 -0.82 -19.69 -68.95
N TYR D 333 -0.78 -20.95 -68.51
CA TYR D 333 -0.61 -22.04 -69.46
C TYR D 333 -1.80 -22.13 -70.40
N LYS D 334 -1.52 -22.34 -71.69
CA LYS D 334 -2.55 -22.44 -72.71
C LYS D 334 -2.30 -23.70 -73.52
N SER D 335 -3.20 -24.67 -73.41
CA SER D 335 -3.09 -25.91 -74.15
C SER D 335 -3.76 -25.75 -75.51
N GLU D 336 -3.97 -26.85 -76.21
CA GLU D 336 -4.59 -26.80 -77.54
C GLU D 336 -5.86 -27.64 -77.58
N GLY D 337 -6.70 -27.52 -76.57
CA GLY D 337 -7.93 -28.27 -76.54
C GLY D 337 -7.72 -29.71 -76.10
N LYS D 338 -8.79 -30.49 -76.21
CA LYS D 338 -8.74 -31.88 -75.80
C LYS D 338 -7.71 -32.64 -76.63
N CYS D 339 -6.88 -33.42 -75.94
CA CYS D 339 -5.82 -34.17 -76.61
C CYS D 339 -5.61 -35.49 -75.87
N PHE D 340 -5.27 -36.52 -76.64
CA PHE D 340 -5.00 -37.85 -76.12
C PHE D 340 -3.73 -38.41 -76.77
N SER D 341 -2.70 -37.57 -76.83
CA SER D 341 -1.46 -37.97 -77.46
C SER D 341 -0.75 -39.04 -76.62
N VAL D 342 0.07 -39.84 -77.29
CA VAL D 342 0.79 -40.93 -76.67
C VAL D 342 2.26 -40.54 -76.60
N LEU D 343 2.78 -40.38 -75.38
CA LEU D 343 4.18 -40.06 -75.21
C LEU D 343 5.07 -41.19 -75.69
N GLY D 344 4.71 -42.42 -75.36
CA GLY D 344 5.56 -43.55 -75.68
C GLY D 344 4.98 -44.82 -75.13
N PHE D 345 5.86 -45.80 -74.89
CA PHE D 345 5.44 -47.10 -74.39
C PHE D 345 6.48 -47.64 -73.42
N CYS D 346 6.04 -47.99 -72.22
CA CYS D 346 6.90 -48.48 -71.17
C CYS D 346 6.41 -49.84 -70.69
N LYS D 347 7.34 -50.65 -70.17
CA LYS D 347 7.00 -51.99 -69.69
C LYS D 347 5.93 -51.92 -68.62
N SER D 348 5.01 -52.89 -68.62
CA SER D 348 3.94 -52.87 -67.64
C SER D 348 4.43 -53.42 -66.32
N SER D 349 5.58 -52.91 -65.87
CA SER D 349 6.12 -53.18 -64.56
C SER D 349 6.71 -51.94 -63.91
N GLN D 350 6.92 -50.86 -64.66
CA GLN D 350 7.42 -49.61 -64.12
C GLN D 350 6.31 -48.71 -63.60
N VAL D 351 5.05 -49.05 -63.85
CA VAL D 351 3.91 -48.38 -63.24
C VAL D 351 3.28 -49.35 -62.25
N GLN D 352 2.91 -48.84 -61.09
CA GLN D 352 2.39 -49.67 -60.01
C GLN D 352 1.09 -49.09 -59.50
N ARG D 353 0.26 -49.95 -58.92
CA ARG D 353 -1.05 -49.51 -58.43
C ARG D 353 -0.94 -48.43 -57.37
N ARG D 354 0.22 -48.31 -56.71
CA ARG D 354 0.37 -47.30 -55.68
C ARG D 354 0.51 -45.91 -56.28
N PHE D 355 1.11 -45.79 -57.45
CA PHE D 355 1.37 -44.49 -58.07
C PHE D 355 0.24 -44.11 -59.02
N PHE D 356 -0.97 -44.04 -58.50
CA PHE D 356 -2.13 -43.60 -59.26
C PHE D 356 -2.71 -42.34 -58.63
N MET D 357 -3.40 -41.54 -59.43
CA MET D 357 -4.08 -40.36 -58.93
C MET D 357 -5.45 -40.24 -59.56
N GLY D 358 -6.08 -39.10 -59.34
CA GLY D 358 -7.38 -38.81 -59.89
C GLY D 358 -8.50 -39.47 -59.10
N ASN D 359 -9.70 -38.95 -59.28
CA ASN D 359 -10.90 -39.50 -58.68
C ASN D 359 -11.71 -40.32 -59.67
N GLN D 360 -11.14 -40.66 -60.82
CA GLN D 360 -11.89 -41.31 -61.88
C GLN D 360 -10.97 -42.25 -62.65
N VAL D 361 -11.60 -43.15 -63.40
CA VAL D 361 -10.93 -44.03 -64.34
C VAL D 361 -11.69 -43.96 -65.65
N LEU D 362 -10.96 -43.96 -66.76
CA LEU D 362 -11.57 -43.89 -68.08
C LEU D 362 -11.35 -45.18 -68.84
N LYS D 363 -12.28 -45.49 -69.75
CA LYS D 363 -12.20 -46.66 -70.60
C LYS D 363 -12.27 -46.19 -72.06
N VAL D 364 -11.12 -45.97 -72.67
CA VAL D 364 -11.07 -45.52 -74.06
C VAL D 364 -11.45 -46.69 -74.94
N PHE D 365 -12.70 -46.69 -75.43
CA PHE D 365 -13.26 -47.88 -76.07
C PHE D 365 -12.80 -48.01 -77.52
N ALA D 366 -13.25 -47.09 -78.36
CA ALA D 366 -13.06 -47.16 -79.80
C ALA D 366 -13.61 -45.90 -80.42
N ALA D 367 -13.71 -45.83 -81.73
CA ALA D 367 -14.51 -44.81 -82.38
C ALA D 367 -15.98 -45.21 -82.25
N ARG D 368 -16.85 -44.53 -83.01
CA ARG D 368 -18.27 -44.85 -83.02
C ARG D 368 -18.48 -46.09 -83.91
N ASP D 369 -19.72 -46.35 -84.29
CA ASP D 369 -20.10 -47.62 -84.91
C ASP D 369 -19.30 -47.93 -86.17
N ASP D 370 -18.76 -46.92 -86.85
CA ASP D 370 -17.94 -47.18 -88.03
C ASP D 370 -16.72 -48.01 -87.65
N GLU D 371 -16.61 -49.20 -88.24
CA GLU D 371 -15.58 -50.16 -87.85
C GLU D 371 -14.29 -49.98 -88.64
N ALA D 372 -13.79 -48.75 -88.69
CA ALA D 372 -12.52 -48.47 -89.33
C ALA D 372 -11.43 -48.21 -88.30
N ALA D 373 -11.66 -47.26 -87.39
CA ALA D 373 -10.72 -47.02 -86.30
C ALA D 373 -10.77 -48.09 -85.24
N ALA D 374 -11.88 -48.82 -85.15
CA ALA D 374 -11.99 -49.91 -84.18
C ALA D 374 -10.96 -50.99 -84.45
N VAL D 375 -10.74 -51.32 -85.73
CA VAL D 375 -9.74 -52.32 -86.09
C VAL D 375 -8.36 -51.86 -85.66
N ALA D 376 -8.02 -50.60 -85.92
CA ALA D 376 -6.71 -50.09 -85.54
C ALA D 376 -6.53 -50.09 -84.03
N LEU D 377 -7.54 -49.66 -83.28
CA LEU D 377 -7.42 -49.65 -81.83
C LEU D 377 -7.33 -51.05 -81.27
N SER D 378 -8.12 -51.99 -81.81
CA SER D 378 -8.03 -53.37 -81.35
C SER D 378 -6.67 -53.97 -81.65
N SER D 379 -6.11 -53.64 -82.82
CA SER D 379 -4.76 -54.07 -83.12
C SER D 379 -3.76 -53.51 -82.12
N LEU D 380 -3.91 -52.24 -81.77
CA LEU D 380 -2.99 -51.64 -80.79
C LEU D 380 -3.10 -52.33 -79.44
N ILE D 381 -4.32 -52.54 -78.95
CA ILE D 381 -4.47 -53.14 -77.62
C ILE D 381 -4.02 -54.60 -77.63
N HIS D 382 -4.25 -55.32 -78.73
CA HIS D 382 -3.77 -56.69 -78.81
C HIS D 382 -2.25 -56.73 -78.86
N ALA D 383 -1.64 -55.81 -79.59
CA ALA D 383 -0.18 -55.75 -79.62
C ALA D 383 0.37 -55.40 -78.24
N LEU D 384 -0.36 -54.62 -77.46
CA LEU D 384 0.07 -54.33 -76.10
C LEU D 384 -0.15 -55.51 -75.16
N ASP D 385 -1.18 -56.33 -75.41
CA ASP D 385 -1.57 -57.36 -74.48
C ASP D 385 -0.85 -58.69 -74.70
N ASP D 386 -0.79 -59.17 -75.94
CA ASP D 386 -0.06 -60.40 -76.21
C ASP D 386 1.43 -60.20 -75.92
N LEU D 387 1.97 -59.04 -76.31
CA LEU D 387 3.28 -58.60 -75.87
C LEU D 387 3.09 -57.98 -74.49
N ASP D 388 4.10 -57.32 -73.97
CA ASP D 388 4.00 -56.60 -72.71
C ASP D 388 4.17 -55.11 -73.02
N MET D 389 4.37 -54.32 -71.97
CA MET D 389 4.53 -52.87 -72.04
C MET D 389 3.19 -52.17 -72.23
N VAL D 390 3.14 -50.90 -71.85
CA VAL D 390 1.90 -50.15 -71.75
C VAL D 390 2.15 -48.74 -72.26
N ALA D 391 1.07 -48.08 -72.67
CA ALA D 391 1.15 -46.78 -73.33
C ALA D 391 0.91 -45.66 -72.33
N ILE D 392 1.86 -44.73 -72.26
CA ILE D 392 1.66 -43.49 -71.51
C ILE D 392 0.91 -42.52 -72.41
N VAL D 393 0.09 -41.66 -71.81
CA VAL D 393 -0.82 -40.80 -72.55
C VAL D 393 -0.81 -39.41 -71.93
N ARG D 394 -0.83 -38.38 -72.77
CA ARG D 394 -1.09 -37.01 -72.35
C ARG D 394 -2.56 -36.71 -72.63
N TYR D 395 -3.35 -36.54 -71.58
CA TYR D 395 -4.79 -36.41 -71.69
C TYR D 395 -5.23 -35.07 -71.10
N ALA D 396 -6.11 -34.39 -71.82
CA ALA D 396 -6.69 -33.13 -71.37
C ALA D 396 -8.16 -33.11 -71.70
N TYR D 397 -8.99 -32.69 -70.75
CA TYR D 397 -10.43 -32.72 -70.95
C TYR D 397 -10.88 -31.65 -71.94
N ASP D 398 -10.64 -30.38 -71.60
CA ASP D 398 -11.02 -29.26 -72.45
C ASP D 398 -9.86 -28.28 -72.58
N LYS D 399 -10.12 -27.14 -73.21
CA LYS D 399 -9.10 -26.11 -73.30
C LYS D 399 -8.72 -25.59 -71.92
N ARG D 400 -9.71 -25.41 -71.04
CA ARG D 400 -9.46 -24.86 -69.72
C ARG D 400 -8.81 -25.90 -68.79
N ALA D 401 -9.22 -27.15 -68.90
CA ALA D 401 -8.74 -28.18 -67.98
C ALA D 401 -7.24 -28.41 -68.16
N ASN D 402 -6.55 -28.65 -67.06
CA ASN D 402 -5.13 -28.89 -67.10
C ASN D 402 -4.83 -30.24 -67.77
N PRO D 403 -3.71 -30.34 -68.47
CA PRO D 403 -3.34 -31.62 -69.08
C PRO D 403 -2.68 -32.53 -68.06
N GLN D 404 -2.97 -33.82 -68.17
CA GLN D 404 -2.48 -34.81 -67.23
C GLN D 404 -1.92 -36.00 -67.98
N VAL D 405 -0.89 -36.61 -67.40
CA VAL D 405 -0.31 -37.83 -67.94
C VAL D 405 -1.00 -39.02 -67.29
N GLY D 406 -0.83 -40.19 -67.90
CA GLY D 406 -1.47 -41.38 -67.35
C GLY D 406 -1.02 -42.63 -68.09
N VAL D 407 -1.67 -43.73 -67.74
CA VAL D 407 -1.36 -45.03 -68.31
C VAL D 407 -2.61 -45.58 -68.97
N ALA D 408 -2.41 -46.33 -70.06
CA ALA D 408 -3.51 -46.97 -70.78
C ALA D 408 -3.22 -48.46 -70.89
N PHE D 409 -3.60 -49.23 -69.87
CA PHE D 409 -3.40 -50.67 -69.92
C PHE D 409 -4.33 -51.30 -70.95
N PRO D 410 -3.88 -52.35 -71.62
CA PRO D 410 -4.82 -53.16 -72.39
C PRO D 410 -5.77 -53.88 -71.46
N HIS D 411 -7.00 -54.08 -71.93
CA HIS D 411 -8.02 -54.74 -71.11
C HIS D 411 -8.92 -55.53 -72.05
N ILE D 412 -8.69 -56.84 -72.12
CA ILE D 412 -9.39 -57.72 -73.05
C ILE D 412 -10.35 -58.59 -72.27
N LYS D 413 -11.59 -58.65 -72.73
CA LYS D 413 -12.61 -59.50 -72.13
C LYS D 413 -13.34 -60.26 -73.23
N HIS D 414 -14.06 -61.30 -72.82
CA HIS D 414 -14.81 -62.12 -73.76
C HIS D 414 -16.00 -61.40 -74.37
N ASN D 415 -16.23 -60.13 -74.02
CA ASN D 415 -17.35 -59.37 -74.55
C ASN D 415 -16.95 -58.08 -75.24
N TYR D 416 -15.90 -57.41 -74.79
CA TYR D 416 -15.44 -56.18 -75.41
C TYR D 416 -13.92 -56.11 -75.28
N GLU D 417 -13.34 -55.06 -75.86
CA GLU D 417 -11.89 -54.89 -75.90
C GLU D 417 -11.58 -53.41 -75.90
N CYS D 418 -10.82 -52.94 -74.90
CA CYS D 418 -10.54 -51.52 -74.78
C CYS D 418 -9.36 -51.32 -73.83
N LEU D 419 -8.85 -50.09 -73.81
CA LEU D 419 -7.86 -49.70 -72.84
C LEU D 419 -8.54 -49.04 -71.65
N VAL D 420 -7.77 -48.73 -70.61
CA VAL D 420 -8.28 -48.03 -69.44
C VAL D 420 -7.26 -46.98 -69.02
N TYR D 421 -7.74 -45.79 -68.67
CA TYR D 421 -6.89 -44.66 -68.35
C TYR D 421 -6.97 -44.33 -66.87
N VAL D 422 -5.81 -44.14 -66.24
CA VAL D 422 -5.70 -43.65 -64.87
C VAL D 422 -4.55 -42.67 -64.79
N GLN D 423 -4.75 -41.59 -64.04
CA GLN D 423 -3.74 -40.54 -63.97
C GLN D 423 -2.49 -41.02 -63.24
N LEU D 424 -1.37 -40.44 -63.61
CA LEU D 424 -0.08 -40.66 -62.97
C LEU D 424 0.33 -39.44 -62.18
N PRO D 425 1.31 -39.56 -61.29
CA PRO D 425 1.76 -38.40 -60.53
C PRO D 425 2.82 -37.58 -61.25
N PHE D 426 2.78 -36.28 -60.98
CA PHE D 426 3.80 -35.35 -61.46
C PHE D 426 4.96 -35.31 -60.47
N MET D 427 5.99 -34.54 -60.82
CA MET D 427 7.19 -34.50 -59.99
C MET D 427 6.90 -33.87 -58.63
N GLU D 428 6.23 -32.73 -58.62
CA GLU D 428 5.87 -32.08 -57.37
C GLU D 428 4.76 -32.83 -56.64
N ASP D 429 4.06 -33.71 -57.33
CA ASP D 429 2.93 -34.47 -56.80
C ASP D 429 3.37 -35.63 -55.94
N LEU D 430 4.67 -35.94 -55.94
CA LEU D 430 5.21 -37.12 -55.29
C LEU D 430 5.83 -36.73 -53.95
N ARG D 431 5.64 -37.59 -52.95
CA ARG D 431 6.21 -37.40 -51.62
C ARG D 431 6.97 -38.64 -51.21
N GLN D 432 8.20 -38.46 -50.76
CA GLN D 432 9.04 -39.55 -50.29
C GLN D 432 9.23 -39.43 -48.78
N TYR D 433 9.01 -40.54 -48.08
CA TYR D 433 9.13 -40.59 -46.63
C TYR D 433 10.18 -41.61 -46.24
N MET D 434 10.65 -41.52 -45.01
CA MET D 434 11.65 -42.42 -44.47
C MET D 434 11.01 -43.22 -43.34
N PHE D 435 11.03 -44.55 -43.47
CA PHE D 435 10.44 -45.43 -42.48
C PHE D 435 11.45 -46.48 -42.07
N SER D 436 11.40 -46.85 -40.79
CA SER D 436 12.29 -47.90 -40.29
C SER D 436 11.89 -49.24 -40.87
N SER D 437 12.88 -50.08 -41.14
CA SER D 437 12.60 -51.40 -41.69
C SER D 437 11.91 -52.28 -40.66
N LEU D 438 10.92 -53.04 -41.11
CA LEU D 438 10.16 -53.94 -40.24
C LEU D 438 10.67 -55.37 -40.26
N LYS D 439 11.75 -55.65 -40.98
CA LYS D 439 12.32 -56.99 -41.03
C LYS D 439 13.68 -57.09 -40.34
N ASN D 440 14.51 -56.05 -40.45
CA ASN D 440 15.80 -56.06 -39.79
C ASN D 440 15.71 -55.73 -38.30
N SER D 441 14.56 -55.27 -37.83
CA SER D 441 14.40 -54.93 -36.43
C SER D 441 14.52 -56.17 -35.56
N LYS D 442 15.08 -56.00 -34.36
CA LYS D 442 15.24 -57.08 -33.42
C LYS D 442 14.22 -57.04 -32.29
N LYS D 443 13.77 -55.86 -31.89
CA LYS D 443 12.80 -55.76 -30.81
C LYS D 443 11.48 -56.39 -31.20
N TYR D 444 11.03 -56.19 -32.43
CA TYR D 444 9.70 -56.58 -32.86
C TYR D 444 9.70 -57.84 -33.72
N ALA D 445 10.81 -58.57 -33.78
CA ALA D 445 10.84 -59.81 -34.53
C ALA D 445 9.94 -60.83 -33.85
N PRO D 446 8.93 -61.36 -34.54
CA PRO D 446 8.01 -62.30 -33.89
C PRO D 446 8.53 -63.72 -33.91
N THR D 447 8.28 -64.44 -32.82
CA THR D 447 8.78 -65.79 -32.66
C THR D 447 7.96 -66.78 -33.48
N GLU D 448 8.42 -68.03 -33.50
CA GLU D 448 7.79 -69.04 -34.34
C GLU D 448 6.36 -69.31 -33.92
N ALA D 449 6.10 -69.33 -32.62
CA ALA D 449 4.74 -69.60 -32.16
C ALA D 449 3.77 -68.53 -32.64
N GLN D 450 4.19 -67.27 -32.57
CA GLN D 450 3.36 -66.18 -33.08
C GLN D 450 3.12 -66.31 -34.58
N LEU D 451 4.17 -66.68 -35.32
CA LEU D 451 4.02 -66.85 -36.76
C LEU D 451 3.01 -67.93 -37.08
N ASN D 452 3.11 -69.08 -36.39
CA ASN D 452 2.16 -70.16 -36.63
C ASN D 452 0.75 -69.76 -36.26
N ALA D 453 0.59 -69.04 -35.14
CA ALA D 453 -0.73 -68.62 -34.72
C ALA D 453 -1.36 -67.69 -35.74
N VAL D 454 -0.60 -66.72 -36.23
CA VAL D 454 -1.17 -65.78 -37.20
C VAL D 454 -1.37 -66.44 -38.55
N ASP D 455 -0.56 -67.44 -38.89
CA ASP D 455 -0.80 -68.20 -40.10
C ASP D 455 -2.12 -68.94 -40.02
N ALA D 456 -2.37 -69.60 -38.90
CA ALA D 456 -3.66 -70.26 -38.71
C ALA D 456 -4.81 -69.24 -38.72
N LEU D 457 -4.57 -68.04 -38.20
CA LEU D 457 -5.59 -67.01 -38.22
C LEU D 457 -5.96 -66.63 -39.64
N ILE D 458 -4.96 -66.29 -40.46
CA ILE D 458 -5.26 -65.86 -41.82
C ILE D 458 -5.80 -67.02 -42.66
N ASP D 459 -5.44 -68.26 -42.32
CA ASP D 459 -6.03 -69.38 -43.04
C ASP D 459 -7.47 -69.61 -42.62
N SER D 460 -7.81 -69.26 -41.37
CA SER D 460 -9.19 -69.41 -40.93
C SER D 460 -10.11 -68.36 -41.53
N MET D 461 -9.64 -67.10 -41.59
CA MET D 461 -10.45 -66.00 -42.09
C MET D 461 -10.20 -65.70 -43.57
N SER D 462 -9.86 -66.71 -44.37
CA SER D 462 -9.75 -66.51 -45.80
C SER D 462 -11.13 -66.26 -46.39
N LEU D 463 -11.23 -65.26 -47.25
CA LEU D 463 -12.50 -64.88 -47.87
C LEU D 463 -12.62 -65.40 -49.30
N ALA D 464 -12.05 -66.57 -49.58
CA ALA D 464 -12.10 -67.14 -50.92
C ALA D 464 -11.82 -68.63 -50.84
N LYS D 465 -12.66 -69.43 -51.47
CA LYS D 465 -12.52 -70.88 -51.45
C LYS D 465 -12.23 -71.38 -52.86
N LYS D 466 -11.24 -72.26 -52.97
CA LYS D 466 -10.88 -72.88 -54.25
C LYS D 466 -11.84 -74.03 -54.55
N ASP D 467 -13.12 -73.69 -54.61
CA ASP D 467 -14.17 -74.70 -54.75
C ASP D 467 -14.06 -75.42 -56.09
N GLU D 468 -14.44 -76.71 -56.07
CA GLU D 468 -14.48 -77.62 -57.20
C GLU D 468 -13.10 -77.93 -57.75
N LYS D 469 -12.04 -77.35 -57.20
CA LYS D 469 -10.65 -77.57 -57.64
C LYS D 469 -10.46 -77.31 -59.13
N THR D 470 -11.31 -76.47 -59.72
CA THR D 470 -11.22 -76.13 -61.13
C THR D 470 -10.34 -74.91 -61.37
N ASP D 471 -9.40 -74.64 -60.46
CA ASP D 471 -8.50 -73.48 -60.55
C ASP D 471 -9.26 -72.17 -60.59
N THR D 472 -10.47 -72.16 -60.01
CA THR D 472 -11.31 -70.98 -59.94
C THR D 472 -11.39 -70.52 -58.49
N LEU D 473 -10.98 -69.29 -58.23
CA LEU D 473 -11.04 -68.72 -56.89
C LEU D 473 -12.46 -68.18 -56.68
N GLU D 474 -13.37 -69.10 -56.37
CA GLU D 474 -14.73 -68.70 -56.05
C GLU D 474 -14.71 -67.75 -54.87
N ASP D 475 -15.40 -66.63 -55.00
CA ASP D 475 -15.26 -65.52 -54.07
C ASP D 475 -16.34 -65.58 -53.00
N LEU D 476 -15.92 -65.44 -51.76
CA LEU D 476 -16.83 -65.18 -50.65
C LEU D 476 -17.18 -63.71 -50.70
N PHE D 477 -17.70 -63.16 -49.60
CA PHE D 477 -18.26 -61.81 -49.51
C PHE D 477 -17.36 -60.81 -50.23
N PRO D 478 -17.80 -60.31 -51.41
CA PRO D 478 -17.04 -59.30 -52.14
C PRO D 478 -17.55 -57.90 -51.89
N THR D 479 -16.66 -56.93 -51.78
CA THR D 479 -17.07 -55.58 -51.39
C THR D 479 -17.32 -54.66 -52.58
N THR D 480 -17.17 -55.13 -53.81
CA THR D 480 -17.35 -54.26 -54.97
C THR D 480 -18.75 -54.33 -55.54
N LYS D 481 -19.68 -55.04 -54.89
CA LYS D 481 -21.05 -55.11 -55.34
C LYS D 481 -22.05 -54.61 -54.31
N ILE D 482 -21.64 -54.43 -53.07
CA ILE D 482 -22.55 -53.85 -52.06
C ILE D 482 -22.77 -52.38 -52.37
N PRO D 483 -24.01 -51.92 -52.46
CA PRO D 483 -24.24 -50.49 -52.66
C PRO D 483 -23.78 -49.70 -51.45
N ASN D 484 -23.43 -48.44 -51.70
CA ASN D 484 -22.99 -47.55 -50.63
C ASN D 484 -24.09 -47.43 -49.60
N PRO D 485 -23.88 -47.92 -48.37
CA PRO D 485 -24.93 -47.87 -47.36
C PRO D 485 -25.30 -46.46 -46.95
N ARG D 486 -24.42 -45.49 -47.20
CA ARG D 486 -24.69 -44.13 -46.78
C ARG D 486 -25.94 -43.58 -47.43
N PHE D 487 -26.12 -43.84 -48.73
CA PHE D 487 -27.27 -43.31 -49.44
C PHE D 487 -28.57 -43.94 -48.96
N GLN D 488 -28.58 -45.26 -48.77
CA GLN D 488 -29.79 -45.92 -48.30
C GLN D 488 -30.14 -45.47 -46.88
N ARG D 489 -29.13 -45.33 -46.02
CA ARG D 489 -29.38 -44.85 -44.66
C ARG D 489 -29.94 -43.44 -44.68
N LEU D 490 -29.36 -42.56 -45.49
CA LEU D 490 -29.85 -41.20 -45.58
C LEU D 490 -31.28 -41.16 -46.12
N PHE D 491 -31.59 -41.99 -47.11
CA PHE D 491 -32.94 -42.01 -47.65
C PHE D 491 -33.94 -42.49 -46.61
N GLN D 492 -33.58 -43.52 -45.84
CA GLN D 492 -34.48 -43.99 -44.80
C GLN D 492 -34.72 -42.91 -43.76
N CYS D 493 -33.65 -42.23 -43.34
CA CYS D 493 -33.81 -41.16 -42.35
C CYS D 493 -34.69 -40.04 -42.88
N LEU D 494 -34.46 -39.62 -44.12
CA LEU D 494 -35.26 -38.54 -44.69
C LEU D 494 -36.72 -38.95 -44.83
N LEU D 495 -36.97 -40.19 -45.26
CA LEU D 495 -38.34 -40.66 -45.40
C LEU D 495 -39.05 -40.69 -44.05
N HIS D 496 -38.38 -41.19 -43.02
CA HIS D 496 -38.99 -41.22 -41.71
C HIS D 496 -39.28 -39.81 -41.20
N ARG D 497 -38.37 -38.88 -41.44
CA ARG D 497 -38.62 -37.50 -41.01
C ARG D 497 -39.76 -36.87 -41.79
N ALA D 498 -39.91 -37.23 -43.07
CA ALA D 498 -41.00 -36.67 -43.85
C ALA D 498 -42.34 -37.28 -43.47
N LEU D 499 -42.34 -38.50 -42.94
CA LEU D 499 -43.57 -39.17 -42.54
C LEU D 499 -43.89 -39.03 -41.06
N HIS D 500 -42.87 -38.95 -40.21
CA HIS D 500 -43.04 -38.82 -38.76
C HIS D 500 -42.20 -37.64 -38.29
N PRO D 501 -42.74 -36.43 -38.40
CA PRO D 501 -41.94 -35.23 -38.10
C PRO D 501 -41.68 -35.02 -36.62
N ARG D 502 -42.04 -35.99 -35.79
CA ARG D 502 -41.87 -35.89 -34.35
C ARG D 502 -40.78 -36.81 -33.80
N GLU D 503 -40.75 -38.06 -34.22
CA GLU D 503 -39.80 -39.02 -33.70
C GLU D 503 -38.37 -38.63 -34.10
N PRO D 504 -37.39 -38.96 -33.26
CA PRO D 504 -36.00 -38.68 -33.64
C PRO D 504 -35.48 -39.62 -34.72
N LEU D 505 -34.20 -39.53 -35.03
CA LEU D 505 -33.62 -40.32 -36.10
C LEU D 505 -33.71 -41.81 -35.78
N PRO D 506 -34.24 -42.63 -36.68
CA PRO D 506 -34.34 -44.07 -36.42
C PRO D 506 -32.97 -44.70 -36.35
N PRO D 507 -32.83 -45.83 -35.64
CA PRO D 507 -31.56 -46.54 -35.64
C PRO D 507 -31.33 -47.24 -36.97
N ILE D 508 -30.05 -47.54 -37.25
CA ILE D 508 -29.67 -48.14 -38.52
C ILE D 508 -30.40 -49.47 -38.68
N GLN D 509 -30.88 -49.72 -39.91
CA GLN D 509 -31.62 -50.93 -40.18
C GLN D 509 -30.71 -52.15 -40.04
N GLN D 510 -31.32 -53.27 -39.62
CA GLN D 510 -30.53 -54.47 -39.36
C GLN D 510 -29.91 -55.03 -40.63
N HIS D 511 -30.65 -54.98 -41.74
CA HIS D 511 -30.12 -55.56 -42.98
C HIS D 511 -28.94 -54.75 -43.51
N ILE D 512 -28.89 -53.46 -43.22
CA ILE D 512 -27.72 -52.67 -43.58
C ILE D 512 -26.51 -53.16 -42.79
N TRP D 513 -26.71 -53.51 -41.51
CA TRP D 513 -25.60 -54.01 -40.71
C TRP D 513 -25.16 -55.38 -41.20
N ASN D 514 -26.11 -56.26 -41.54
CA ASN D 514 -25.73 -57.56 -42.07
C ASN D 514 -25.11 -57.47 -43.45
N MET D 515 -25.39 -56.39 -44.18
CA MET D 515 -24.81 -56.19 -45.49
C MET D 515 -23.29 -56.02 -45.40
N LEU D 516 -22.82 -55.25 -44.42
CA LEU D 516 -21.42 -54.84 -44.34
C LEU D 516 -20.59 -55.73 -43.44
N ASN D 517 -21.10 -56.91 -43.09
CA ASN D 517 -20.37 -57.78 -42.18
C ASN D 517 -20.02 -59.09 -42.85
N PRO D 518 -18.90 -59.70 -42.51
CA PRO D 518 -18.46 -60.92 -43.18
C PRO D 518 -19.41 -62.07 -42.89
N PRO D 519 -19.39 -63.12 -43.70
CA PRO D 519 -20.32 -64.24 -43.48
C PRO D 519 -20.08 -64.90 -42.12
N ALA D 520 -21.15 -65.45 -41.57
CA ALA D 520 -21.09 -66.03 -40.24
C ALA D 520 -20.06 -67.14 -40.14
N GLU D 521 -19.86 -67.89 -41.23
CA GLU D 521 -18.89 -68.98 -41.20
C GLU D 521 -17.49 -68.47 -40.90
N VAL D 522 -17.11 -67.35 -41.52
CA VAL D 522 -15.78 -66.77 -41.29
C VAL D 522 -15.63 -66.35 -39.83
N THR D 523 -16.66 -65.72 -39.27
CA THR D 523 -16.60 -65.30 -37.88
C THR D 523 -16.45 -66.51 -36.95
N THR D 524 -17.25 -67.55 -37.18
CA THR D 524 -17.19 -68.73 -36.31
C THR D 524 -15.86 -69.44 -36.41
N LYS D 525 -15.34 -69.60 -37.62
CA LYS D 525 -14.10 -70.36 -37.81
C LYS D 525 -12.88 -69.62 -37.28
N SER D 526 -13.02 -68.35 -36.91
CA SER D 526 -11.89 -67.56 -36.44
C SER D 526 -11.85 -67.42 -34.92
N GLN D 527 -12.84 -67.96 -34.20
CA GLN D 527 -12.90 -67.74 -32.76
C GLN D 527 -11.67 -68.31 -32.06
N ILE D 528 -11.35 -69.58 -32.31
CA ILE D 528 -10.19 -70.19 -31.67
C ILE D 528 -8.88 -69.52 -32.10
N PRO D 529 -8.63 -69.26 -33.38
CA PRO D 529 -7.40 -68.53 -33.72
C PRO D 529 -7.34 -67.14 -33.11
N LEU D 530 -8.46 -66.44 -33.03
CA LEU D 530 -8.45 -65.13 -32.37
C LEU D 530 -8.09 -65.26 -30.90
N SER D 531 -8.65 -66.26 -30.23
CA SER D 531 -8.32 -66.48 -28.82
C SER D 531 -6.84 -66.81 -28.65
N LYS D 532 -6.30 -67.64 -29.55
CA LYS D 532 -4.88 -67.97 -29.47
C LYS D 532 -4.01 -66.74 -29.68
N ILE D 533 -4.39 -65.88 -30.63
CA ILE D 533 -3.64 -64.65 -30.85
C ILE D 533 -3.70 -63.77 -29.62
N LYS D 534 -4.88 -63.64 -29.01
CA LYS D 534 -5.03 -62.80 -27.82
C LYS D 534 -4.17 -63.32 -26.67
N THR D 535 -4.19 -64.62 -26.43
CA THR D 535 -3.44 -65.18 -25.30
C THR D 535 -1.96 -65.34 -25.60
N LEU D 536 -1.54 -65.22 -26.86
CA LEU D 536 -0.15 -65.41 -27.23
C LEU D 536 0.60 -64.09 -27.42
N PHE D 537 0.03 -63.17 -28.18
CA PHE D 537 0.67 -61.88 -28.39
C PHE D 537 0.53 -61.03 -27.14
N PRO D 538 1.62 -60.49 -26.60
CA PRO D 538 1.54 -59.62 -25.42
C PRO D 538 1.06 -58.21 -25.76
N LEU D 539 0.00 -58.14 -26.56
CA LEU D 539 -0.55 -56.87 -27.03
C LEU D 539 -1.74 -56.52 -26.17
N ILE D 540 -1.44 -55.95 -25.01
CA ILE D 540 -2.47 -55.52 -24.07
C ILE D 540 -2.03 -54.19 -23.49
N GLU D 541 -2.65 -53.10 -23.93
CA GLU D 541 -2.36 -51.78 -23.39
C GLU D 541 -3.65 -50.99 -23.35
N ALA D 542 -4.10 -50.61 -22.15
CA ALA D 542 -5.13 -49.54 -21.94
C ALA D 542 -4.48 -48.19 -21.68
N LYS D 543 -3.38 -47.90 -22.37
CA LYS D 543 -2.73 -46.59 -22.29
C LYS D 543 -3.75 -45.47 -22.31
N LYS D 544 -3.75 -44.65 -21.27
CA LYS D 544 -4.79 -43.65 -21.07
C LYS D 544 -4.69 -42.61 -22.18
N LYS D 545 -5.59 -42.70 -23.16
CA LYS D 545 -5.60 -41.74 -24.26
C LYS D 545 -7.05 -41.58 -24.70
N ASP D 546 -7.72 -40.56 -24.13
CA ASP D 546 -9.03 -40.07 -24.55
C ASP D 546 -10.12 -41.13 -24.51
N GLN D 547 -11.35 -40.71 -24.79
CA GLN D 547 -12.50 -41.60 -24.91
C GLN D 547 -13.59 -40.85 -25.65
N VAL D 548 -14.38 -41.60 -26.42
CA VAL D 548 -15.43 -40.99 -27.24
C VAL D 548 -16.66 -40.75 -26.38
N THR D 549 -16.94 -39.47 -26.11
CA THR D 549 -18.12 -39.07 -25.35
C THR D 549 -18.79 -37.91 -26.07
N ALA D 550 -20.07 -38.09 -26.42
CA ALA D 550 -20.84 -37.04 -27.08
C ALA D 550 -21.98 -36.54 -26.21
N GLN D 551 -22.88 -37.42 -25.79
CA GLN D 551 -24.04 -37.04 -25.00
C GLN D 551 -24.11 -37.71 -23.64
N GLU D 552 -23.50 -38.88 -23.48
CA GLU D 552 -23.55 -39.60 -22.20
C GLU D 552 -22.48 -39.11 -21.23
N ILE D 553 -22.39 -37.78 -21.09
CA ILE D 553 -21.56 -37.19 -20.06
C ILE D 553 -22.29 -36.15 -19.22
N PHE D 554 -23.36 -35.52 -19.73
CA PHE D 554 -24.12 -34.54 -18.98
C PHE D 554 -25.59 -34.88 -18.88
N GLN D 555 -26.04 -35.98 -19.48
CA GLN D 555 -27.45 -36.34 -19.49
C GLN D 555 -27.86 -36.89 -18.13
N ASP D 556 -29.15 -37.18 -17.99
CA ASP D 556 -29.71 -37.72 -16.77
C ASP D 556 -30.06 -39.20 -16.96
N ASN D 557 -30.64 -39.79 -15.93
CA ASN D 557 -31.04 -41.19 -15.94
C ASN D 557 -32.55 -41.35 -16.15
N HIS D 558 -33.35 -40.72 -15.30
CA HIS D 558 -34.80 -40.80 -15.42
C HIS D 558 -35.47 -39.62 -14.72
#